data_3ECQ
#
_entry.id   3ECQ
#
_cell.length_a   210.611
_cell.length_b   158.209
_cell.length_c   112.436
_cell.angle_alpha   90.000
_cell.angle_beta   90.000
_cell.angle_gamma   90.000
#
_symmetry.space_group_name_H-M   'P 21 21 2'
#
loop_
_entity.id
_entity.type
_entity.pdbx_description
1 polymer Endo-alpha-N-acetylgalactosaminidase
2 non-polymer 'CALCIUM ION'
3 non-polymer 'SODIUM ION'
4 non-polymer GLYCEROL
5 water water
#
_entity_poly.entity_id   1
_entity_poly.type   'polypeptide(L)'
_entity_poly.pdbx_seq_one_letter_code
;GS(MSE)SVQSGSTANLPADLATALATAKENDGHDFEAPKVGEDQGSPEVTDGPKTEEELLALEKEKPAEEKPKEDKPAA
AKPETPKTVTPEWQTVEKKEQQGTVTIREEKGVRYNQLSSTAQNDNAGKPALFEKKGLTVDANGNATVDLTFKDDSEKGK
SRFGVFLKFKDTKNNVFVGYDKDGWFWEYKSPTTSTWYRGSRVAAPETGSTNRLSITLKSDGQLNASNNDVNLFDTVTLP
AAVNDHLKNEKKILLKAGSYDDERTVVSVKTDNQEGVKTEDTPAEKETGPEVDDSKVTYDTIQSKVLKAVIDQAFPRVKE
YSLNGHTLPGQVQQFNQVFINNHRITPEVTYKKINETTAEYL(MSE)KLRDDAHLINAE(MSE)TVRLQVVDNQLHFDVT
KIVNHNQVTPGQKIDDERKLLSSISFLGNALVSVSSDQTGAKFDGAT(MSE)SNNTHVSGDDHIDVTNP(MSE)KDLAKG
Y(MSE)YGFVSTDKLAAGVWSNSQNSYGGGSNDWTRLTAYKETVGNANYVGIHSSEWQWEKAYKGIVFPEYTKELPSAKV
VITEDANADKKVDWQDGAIAYRSI(MSE)NNPQGWKKVKDITAYRIA(MSE)NFGSQAQNPFL(MSE)TLDGIKKINLHT
DGLGQGVLLKGYGSEGHDSGHLNYADIGKRIGGVEDFKTLIEKAKKYGAHLGIHVNASETYPESKYFNEKILRKNPDGSY
SYGWNWLDQGINIDAAYDLAHGRLARWEDLKKKLGDGLDFIYVDVWGNGQSGDNGAWATHVLAKEINKQGWRFAIEWGHG
GEYDSTFHHWAADLTYGGYTNKGINSAITRFIRNHQKDAWVGDYRSYGGAANYPLLGGYS(MSE)KDFEGWQGRSDYNGY
VTNLFAHDV(MSE)TKYFQHFTVSKWENGTPVT(MSE)TDNGSTYKWTPE(MSE)RVELVDADNNKVVVTRKSNDVNSPQ
YRERTVTLNGRVIQDGSAYLTPWNWDANGKKLSTDKEK(MSE)YYFNTQAGATTWTLPSDWAKSKVYLYKLTDQGKTEEQ
ELTVKDGKITLDLLANQPYVLYRSKQTNPE(MSE)SWSEG(MSE)HIYDQGFNSGTLKHWTISGDASKAEIVKSQGAND
(MSE)LRIQGNKEKVSLTQKLTGLKPNTKYAVYVGVDNRSNAKASITVNTGEKEVTTYTNKSLALNYVKAYAHNTRRNNA
TVDDTSYFQN(MSE)YAFFTTGSDVSNVTLTLSREAGDEATYFDEIRTFENNSS(MSE)YGDKHDTGKGTFKQDFENVAQ
GIFPFVVGGVEGVEDNRTHLSEKHDPYTQRGWNGKKVDDVIEGNWSLKTNGLVSRRNLVYQTIPQNFRFEAGKTYRVTFE
YEAGSDNTYAFVVGKGEFQSGRRGTQASNLE(MSE)HELPNTWTDSKKAKKATFLVTGAETGDTWVGIYSTGNASNTRGD
SGGNANFRGYNDF(MSE)(MSE)DNLQIEEITLTGK(MSE)LTENALKNYLPTVA(MSE)TNYTKES(MSE)DALKEAVF
NLSQADDDISVEEARAEIAKIEALKNALVQKKTALVADDFASLTAPAQAQEGLANAFDGNLSSLWHTSWGGGDVGKPAT
(MSE)VLKEATEITGLRYVPRGSGSNGNLRDVKLVVT
;
_entity_poly.pdbx_strand_id   A,B
#
loop_
_chem_comp.id
_chem_comp.type
_chem_comp.name
_chem_comp.formula
CA non-polymer 'CALCIUM ION' 'Ca 2'
GOL non-polymer GLYCEROL 'C3 H8 O3'
NA non-polymer 'SODIUM ION' 'Na 1'
#
# COMPACT_ATOMS: atom_id res chain seq x y z
N LYS A 83 15.48 -33.01 -5.95
CA LYS A 83 16.79 -32.47 -5.51
C LYS A 83 16.85 -30.95 -5.67
N THR A 84 17.39 -30.25 -4.68
CA THR A 84 17.48 -28.79 -4.68
C THR A 84 18.62 -28.25 -5.54
N VAL A 85 18.29 -27.42 -6.53
CA VAL A 85 19.29 -26.70 -7.33
C VAL A 85 19.17 -25.19 -7.14
N THR A 86 18.40 -24.76 -6.13
CA THR A 86 18.06 -23.33 -5.94
C THR A 86 18.68 -22.74 -4.68
N PRO A 87 19.70 -21.87 -4.85
CA PRO A 87 20.33 -21.28 -3.66
C PRO A 87 19.42 -20.28 -2.93
N GLU A 88 19.41 -20.37 -1.60
CA GLU A 88 18.72 -19.40 -0.72
C GLU A 88 19.54 -18.10 -0.61
N TRP A 89 20.85 -18.21 -0.80
CA TRP A 89 21.74 -17.07 -0.82
C TRP A 89 22.35 -16.87 -2.20
N GLN A 90 22.65 -15.62 -2.51
CA GLN A 90 23.33 -15.24 -3.76
C GLN A 90 24.26 -14.05 -3.51
N THR A 91 25.30 -13.92 -4.33
CA THR A 91 26.24 -12.81 -4.18
C THR A 91 25.58 -11.53 -4.69
N VAL A 92 26.03 -10.38 -4.18
CA VAL A 92 25.52 -9.07 -4.63
C VAL A 92 25.97 -8.81 -6.08
N GLU A 93 25.40 -7.77 -6.69
CA GLU A 93 25.62 -7.50 -8.09
C GLU A 93 26.88 -6.70 -8.39
N LYS A 94 27.39 -5.95 -7.41
CA LYS A 94 28.66 -5.23 -7.58
C LYS A 94 29.73 -6.26 -7.91
N LYS A 95 30.34 -6.11 -9.08
CA LYS A 95 31.23 -7.13 -9.64
C LYS A 95 32.36 -7.54 -8.68
N GLU A 96 32.92 -6.57 -7.96
CA GLU A 96 34.12 -6.83 -7.16
C GLU A 96 33.82 -7.21 -5.71
N GLN A 97 32.57 -7.05 -5.29
CA GLN A 97 32.10 -7.52 -3.97
C GLN A 97 31.42 -8.88 -4.09
N GLN A 98 31.91 -9.71 -5.02
CA GLN A 98 31.31 -10.99 -5.32
C GLN A 98 32.14 -12.16 -4.82
N GLY A 99 31.48 -13.03 -4.07
CA GLY A 99 32.05 -14.31 -3.67
C GLY A 99 31.32 -15.41 -4.40
N THR A 100 31.54 -16.65 -3.96
CA THR A 100 30.95 -17.83 -4.59
C THR A 100 29.97 -18.57 -3.65
N VAL A 101 28.69 -18.54 -4.03
CA VAL A 101 27.64 -19.32 -3.38
C VAL A 101 27.55 -20.73 -3.99
N THR A 102 27.35 -21.74 -3.15
CA THR A 102 27.21 -23.13 -3.61
C THR A 102 26.40 -24.00 -2.62
N ILE A 103 25.49 -24.82 -3.16
CA ILE A 103 24.63 -25.68 -2.35
C ILE A 103 25.34 -26.98 -1.97
N ARG A 104 25.38 -27.27 -0.68
CA ARG A 104 26.11 -28.41 -0.15
C ARG A 104 25.31 -29.12 0.91
N GLU A 105 25.07 -30.41 0.70
CA GLU A 105 24.29 -31.23 1.62
C GLU A 105 25.25 -32.18 2.36
N GLU A 106 25.45 -31.97 3.67
CA GLU A 106 26.41 -32.79 4.43
C GLU A 106 25.97 -33.14 5.86
N LYS A 107 26.19 -34.40 6.22
CA LYS A 107 25.55 -35.05 7.38
C LYS A 107 24.04 -35.02 7.13
N GLY A 108 23.24 -34.75 8.15
CA GLY A 108 21.79 -34.66 7.98
C GLY A 108 21.42 -33.42 7.18
N VAL A 109 22.15 -32.33 7.42
CA VAL A 109 21.72 -30.99 7.06
C VAL A 109 22.20 -30.46 5.70
N ARG A 110 21.36 -29.64 5.07
CA ARG A 110 21.70 -28.89 3.85
C ARG A 110 22.24 -27.51 4.21
N TYR A 111 23.20 -27.02 3.41
CA TYR A 111 23.76 -25.69 3.64
C TYR A 111 23.87 -24.90 2.32
N ASN A 112 24.23 -23.62 2.45
CA ASN A 112 24.72 -22.81 1.34
C ASN A 112 26.11 -22.32 1.74
N GLN A 113 27.12 -22.80 1.05
CA GLN A 113 28.48 -22.43 1.38
C GLN A 113 28.85 -21.12 0.67
N LEU A 114 29.09 -20.09 1.48
CA LEU A 114 29.54 -18.78 0.97
C LEU A 114 31.07 -18.74 1.09
N SER A 115 31.75 -18.36 0.00
CA SER A 115 33.21 -18.33 -0.03
C SER A 115 33.75 -17.05 -0.68
N SER A 116 34.88 -16.57 -0.17
CA SER A 116 35.58 -15.44 -0.77
C SER A 116 36.58 -15.95 -1.79
N THR A 117 37.00 -15.09 -2.70
CA THR A 117 37.85 -15.48 -3.80
C THR A 117 39.17 -14.72 -3.73
N ALA A 118 40.02 -14.98 -4.70
CA ALA A 118 41.28 -14.26 -4.85
C ALA A 118 41.03 -12.77 -5.08
N GLN A 119 39.99 -12.45 -5.84
CA GLN A 119 39.73 -11.08 -6.25
C GLN A 119 38.83 -10.30 -5.24
N ASN A 120 38.87 -10.75 -3.97
CA ASN A 120 38.23 -10.07 -2.83
C ASN A 120 39.26 -9.59 -1.84
N ASP A 121 38.85 -8.72 -0.91
CA ASP A 121 39.68 -8.30 0.23
C ASP A 121 38.81 -8.14 1.50
N ASN A 122 39.29 -7.43 2.51
CA ASN A 122 38.49 -7.18 3.73
C ASN A 122 38.10 -5.71 3.94
N ALA A 123 38.49 -4.82 3.04
CA ALA A 123 38.16 -3.40 3.14
C ALA A 123 37.00 -3.05 2.20
N GLY A 124 37.29 -2.44 1.07
CA GLY A 124 36.24 -1.98 0.15
C GLY A 124 35.53 -3.06 -0.64
N LYS A 125 36.20 -4.18 -0.86
CA LYS A 125 35.73 -5.17 -1.84
C LYS A 125 35.61 -6.58 -1.26
N PRO A 126 34.98 -6.73 -0.10
CA PRO A 126 34.79 -8.08 0.43
C PRO A 126 33.69 -8.84 -0.32
N ALA A 127 33.70 -10.17 -0.21
CA ALA A 127 32.60 -10.97 -0.75
C ALA A 127 31.34 -10.72 0.10
N LEU A 128 30.33 -10.10 -0.51
CA LEU A 128 29.04 -9.86 0.16
C LEU A 128 27.96 -10.81 -0.38
N PHE A 129 27.05 -11.23 0.51
CA PHE A 129 25.98 -12.15 0.16
C PHE A 129 24.66 -11.66 0.73
N GLU A 130 23.57 -12.22 0.22
CA GLU A 130 22.26 -11.56 0.24
C GLU A 130 21.14 -12.60 0.10
N LYS A 131 20.11 -12.45 0.93
CA LYS A 131 19.00 -13.41 0.97
C LYS A 131 17.66 -12.68 0.80
N LYS A 132 16.80 -13.22 -0.07
CA LYS A 132 15.53 -12.58 -0.35
C LYS A 132 14.63 -12.63 0.89
N GLY A 133 14.05 -11.49 1.23
CA GLY A 133 13.29 -11.32 2.47
C GLY A 133 14.10 -10.70 3.61
N LEU A 134 15.39 -11.04 3.69
CA LEU A 134 16.24 -10.59 4.78
C LEU A 134 16.55 -9.10 4.59
N THR A 135 15.84 -8.26 5.33
CA THR A 135 15.88 -6.82 5.12
C THR A 135 15.28 -6.11 6.34
N VAL A 136 15.78 -4.93 6.69
CA VAL A 136 15.26 -4.18 7.86
C VAL A 136 13.74 -4.07 7.74
N ASP A 137 13.01 -4.34 8.83
CA ASP A 137 11.55 -4.44 8.79
C ASP A 137 10.86 -3.07 8.64
N ALA A 138 9.57 -3.10 8.36
CA ALA A 138 8.81 -1.87 8.15
C ALA A 138 9.12 -0.81 9.21
N ASN A 139 9.34 -1.23 10.46
CA ASN A 139 9.50 -0.29 11.57
C ASN A 139 10.93 0.14 11.86
N GLY A 140 11.88 -0.30 11.04
CA GLY A 140 13.27 0.15 11.17
C GLY A 140 14.15 -0.68 12.09
N ASN A 141 13.74 -1.94 12.32
CA ASN A 141 14.51 -2.89 13.13
C ASN A 141 15.15 -3.93 12.21
N ALA A 142 16.45 -4.17 12.42
CA ALA A 142 17.19 -5.19 11.69
C ALA A 142 17.38 -6.40 12.60
N THR A 143 16.94 -7.56 12.13
CA THR A 143 17.14 -8.80 12.87
C THR A 143 17.82 -9.78 11.94
N VAL A 144 18.71 -10.57 12.50
CA VAL A 144 19.35 -11.67 11.80
C VAL A 144 19.40 -12.82 12.78
N ASP A 145 18.95 -13.99 12.37
CA ASP A 145 18.96 -15.19 13.22
C ASP A 145 19.48 -16.37 12.42
N LEU A 146 20.79 -16.46 12.31
CA LEU A 146 21.46 -17.28 11.33
C LEU A 146 22.22 -18.44 11.99
N THR A 147 21.86 -19.68 11.69
CA THR A 147 22.74 -20.80 12.03
C THR A 147 23.76 -21.06 10.93
N PHE A 148 25.01 -21.28 11.33
CA PHE A 148 26.10 -21.50 10.39
C PHE A 148 27.25 -22.22 11.06
N LYS A 149 28.19 -22.67 10.23
CA LYS A 149 29.49 -23.20 10.69
C LYS A 149 30.61 -22.65 9.81
N ASP A 150 31.75 -22.39 10.45
CA ASP A 150 32.94 -21.87 9.77
C ASP A 150 33.76 -23.03 9.20
N ASP A 151 33.89 -23.05 7.88
CA ASP A 151 34.65 -24.09 7.16
C ASP A 151 36.05 -23.62 6.78
N SER A 152 36.42 -22.40 7.17
CA SER A 152 37.73 -21.85 6.85
C SER A 152 38.80 -22.65 7.56
N GLU A 153 40.03 -22.54 7.06
CA GLU A 153 41.20 -23.03 7.81
C GLU A 153 41.25 -22.32 9.17
N LYS A 154 41.68 -23.04 10.21
CA LYS A 154 41.65 -22.52 11.59
C LYS A 154 42.38 -21.16 11.69
N GLY A 155 41.71 -20.18 12.28
CA GLY A 155 42.28 -18.85 12.49
C GLY A 155 42.46 -17.99 11.23
N LYS A 156 41.75 -18.32 10.15
CA LYS A 156 41.96 -17.65 8.87
C LYS A 156 40.71 -16.93 8.36
N SER A 157 39.66 -16.90 9.17
CA SER A 157 38.35 -16.39 8.75
C SER A 157 38.09 -14.93 9.16
N ARG A 158 37.39 -14.20 8.30
CA ARG A 158 36.91 -12.84 8.60
C ARG A 158 35.45 -12.70 8.14
N PHE A 159 34.54 -13.06 9.03
CA PHE A 159 33.15 -13.19 8.69
C PHE A 159 32.29 -12.27 9.55
N GLY A 160 31.13 -11.87 9.02
CA GLY A 160 30.14 -11.14 9.82
C GLY A 160 28.88 -10.75 9.07
N VAL A 161 27.98 -10.03 9.75
CA VAL A 161 26.81 -9.47 9.11
C VAL A 161 26.84 -7.94 9.09
N PHE A 162 26.53 -7.36 7.93
CA PHE A 162 26.32 -5.92 7.81
C PHE A 162 24.84 -5.68 7.96
N LEU A 163 24.47 -4.72 8.81
CA LEU A 163 23.08 -4.30 8.93
C LEU A 163 22.95 -2.83 8.52
N LYS A 164 21.80 -2.47 8.00
CA LYS A 164 21.52 -1.09 7.52
C LYS A 164 22.68 -0.58 6.65
N PHE A 165 23.03 -1.41 5.67
CA PHE A 165 24.22 -1.22 4.84
C PHE A 165 23.97 -0.23 3.70
N LYS A 166 24.81 0.79 3.63
CA LYS A 166 24.79 1.76 2.56
C LYS A 166 25.97 1.45 1.64
N ASP A 167 27.18 1.45 2.21
CA ASP A 167 28.38 1.03 1.48
C ASP A 167 29.50 0.61 2.44
N THR A 168 30.65 0.27 1.89
CA THR A 168 31.79 -0.21 2.65
C THR A 168 32.21 0.71 3.81
N LYS A 169 32.02 2.02 3.69
CA LYS A 169 32.36 2.99 4.75
C LYS A 169 31.10 3.64 5.39
N ASN A 170 29.94 3.02 5.20
CA ASN A 170 28.67 3.50 5.79
C ASN A 170 27.75 2.32 6.15
N ASN A 171 27.89 1.81 7.37
CA ASN A 171 27.18 0.60 7.79
C ASN A 171 27.33 0.33 9.27
N VAL A 172 26.60 -0.68 9.76
CA VAL A 172 26.85 -1.32 11.06
C VAL A 172 27.30 -2.77 10.78
N PHE A 173 28.21 -3.28 11.61
CA PHE A 173 28.77 -4.61 11.39
C PHE A 173 28.90 -5.39 12.70
N VAL A 174 28.56 -6.67 12.67
CA VAL A 174 28.88 -7.59 13.76
C VAL A 174 29.47 -8.82 13.13
N GLY A 175 30.57 -9.31 13.69
CA GLY A 175 31.30 -10.43 13.12
C GLY A 175 32.55 -10.70 13.91
N TYR A 176 33.41 -11.58 13.37
CA TYR A 176 34.65 -11.98 14.04
C TYR A 176 35.87 -12.04 13.11
N ASP A 177 37.02 -12.31 13.73
CA ASP A 177 38.24 -12.69 13.03
C ASP A 177 39.07 -13.59 13.95
N LYS A 178 40.37 -13.76 13.70
CA LYS A 178 41.29 -14.52 14.59
C LYS A 178 40.96 -14.30 16.06
N ASP A 179 40.89 -13.01 16.42
CA ASP A 179 40.91 -12.58 17.81
C ASP A 179 39.53 -12.41 18.43
N GLY A 180 38.48 -12.87 17.73
CA GLY A 180 37.15 -12.98 18.34
C GLY A 180 36.10 -12.02 17.80
N TRP A 181 34.97 -11.98 18.50
CA TRP A 181 33.77 -11.26 18.05
C TRP A 181 33.79 -9.78 18.41
N PHE A 182 33.47 -8.92 17.45
CA PHE A 182 33.42 -7.47 17.67
C PHE A 182 32.30 -6.82 16.86
N TRP A 183 31.88 -5.62 17.28
CA TRP A 183 31.02 -4.77 16.45
C TRP A 183 31.85 -3.62 15.88
N GLU A 184 31.30 -2.96 14.85
CA GLU A 184 31.97 -1.84 14.19
C GLU A 184 30.95 -1.06 13.38
N TYR A 185 31.03 0.26 13.43
CA TYR A 185 30.20 1.11 12.58
C TYR A 185 31.02 2.19 11.90
N LYS A 186 30.54 2.64 10.74
CA LYS A 186 31.25 3.63 9.92
C LYS A 186 30.29 4.66 9.36
N SER A 187 30.62 5.93 9.54
CA SER A 187 29.85 7.05 8.98
C SER A 187 30.71 8.33 9.03
N PRO A 188 30.45 9.28 8.11
CA PRO A 188 31.19 10.54 8.15
C PRO A 188 31.54 11.05 9.56
N THR A 189 30.52 11.31 10.38
CA THR A 189 30.71 11.85 11.75
C THR A 189 31.63 10.98 12.61
N THR A 190 31.26 9.70 12.73
CA THR A 190 31.87 8.79 13.70
C THR A 190 32.01 7.38 13.13
N SER A 191 33.23 6.84 13.22
CA SER A 191 33.50 5.44 12.91
C SER A 191 34.39 4.86 14.00
N THR A 192 33.87 3.91 14.77
CA THR A 192 34.68 3.12 15.71
C THR A 192 34.20 1.68 15.77
N TRP A 193 34.92 0.88 16.55
CA TRP A 193 34.59 -0.52 16.75
C TRP A 193 34.74 -0.88 18.23
N TYR A 194 34.54 -2.16 18.53
CA TYR A 194 34.58 -2.70 19.89
C TYR A 194 36.01 -3.06 20.35
N ARG A 195 36.50 -2.28 21.31
CA ARG A 195 37.60 -2.68 22.17
C ARG A 195 36.98 -3.43 23.33
N GLY A 196 37.80 -3.99 24.21
CA GLY A 196 37.24 -4.78 25.31
C GLY A 196 37.12 -6.23 24.92
N SER A 197 37.34 -7.11 25.90
CA SER A 197 37.64 -8.52 25.64
C SER A 197 36.53 -9.18 24.84
N ARG A 198 36.93 -9.92 23.80
CA ARG A 198 36.02 -10.53 22.87
C ARG A 198 35.75 -11.96 23.25
N VAL A 199 34.57 -12.46 22.89
CA VAL A 199 34.28 -13.88 22.98
C VAL A 199 35.10 -14.54 21.87
N ALA A 200 35.67 -15.70 22.17
CA ALA A 200 36.52 -16.39 21.19
C ALA A 200 35.73 -16.72 19.91
N ALA A 201 36.42 -16.66 18.77
CA ALA A 201 35.85 -17.04 17.48
C ALA A 201 35.40 -18.50 17.50
N PRO A 202 34.45 -18.87 16.63
CA PRO A 202 34.02 -20.26 16.51
C PRO A 202 35.15 -21.23 16.08
N GLU A 203 35.11 -22.46 16.59
CA GLU A 203 36.06 -23.49 16.19
C GLU A 203 35.61 -24.09 14.86
N THR A 204 36.58 -24.44 14.01
CA THR A 204 36.29 -24.97 12.67
C THR A 204 35.24 -26.09 12.75
N GLY A 205 34.18 -25.98 11.95
CA GLY A 205 33.18 -27.03 11.86
C GLY A 205 32.09 -26.99 12.91
N SER A 206 32.34 -26.35 14.05
CA SER A 206 31.32 -26.19 15.09
C SER A 206 30.12 -25.36 14.59
N THR A 207 28.94 -25.64 15.15
CA THR A 207 27.69 -25.06 14.67
C THR A 207 27.26 -23.84 15.52
N ASN A 208 26.90 -22.75 14.83
CA ASN A 208 26.75 -21.44 15.47
C ASN A 208 25.37 -20.81 15.23
N ARG A 209 24.63 -20.57 16.32
CA ARG A 209 23.33 -19.89 16.26
C ARG A 209 23.53 -18.42 16.60
N LEU A 210 23.57 -17.58 15.57
CA LEU A 210 23.86 -16.17 15.73
C LEU A 210 22.58 -15.38 15.78
N SER A 211 22.46 -14.50 16.75
CA SER A 211 21.36 -13.57 16.81
C SER A 211 21.91 -12.18 16.86
N ILE A 212 21.39 -11.30 16.00
CA ILE A 212 21.80 -9.90 16.00
C ILE A 212 20.54 -9.05 15.94
N THR A 213 20.48 -8.00 16.74
CA THR A 213 19.37 -7.05 16.67
C THR A 213 19.93 -5.63 16.62
N LEU A 214 19.52 -4.87 15.62
CA LEU A 214 19.70 -3.42 15.61
C LEU A 214 18.29 -2.88 15.54
N LYS A 215 17.96 -1.90 16.37
CA LYS A 215 16.61 -1.36 16.40
C LYS A 215 16.58 0.07 15.85
N SER A 216 15.41 0.70 15.91
CA SER A 216 15.28 2.11 15.56
C SER A 216 16.01 3.02 16.55
N ASP A 217 16.14 2.60 17.81
CA ASP A 217 16.91 3.35 18.81
C ASP A 217 18.38 3.41 18.44
N GLY A 218 18.81 2.50 17.56
CA GLY A 218 20.22 2.28 17.31
C GLY A 218 20.80 1.39 18.41
N GLN A 219 19.96 0.55 19.00
CA GLN A 219 20.37 -0.35 20.08
C GLN A 219 20.84 -1.72 19.52
N LEU A 220 22.15 -1.93 19.48
CA LEU A 220 22.75 -3.13 18.90
C LEU A 220 23.09 -4.19 19.94
N ASN A 221 22.49 -5.36 19.80
CA ASN A 221 22.81 -6.53 20.61
C ASN A 221 23.09 -7.73 19.73
N ALA A 222 23.93 -8.64 20.21
CA ALA A 222 24.24 -9.85 19.47
C ALA A 222 24.61 -10.99 20.41
N SER A 223 24.27 -12.21 20.04
CA SER A 223 24.66 -13.40 20.80
C SER A 223 25.04 -14.53 19.86
N ASN A 224 25.95 -15.40 20.30
CA ASN A 224 26.31 -16.62 19.59
C ASN A 224 26.15 -17.83 20.49
N ASN A 225 25.24 -18.73 20.11
CA ASN A 225 24.86 -19.89 20.92
C ASN A 225 24.49 -19.47 22.34
N ASP A 226 23.62 -18.46 22.41
CA ASP A 226 23.14 -17.87 23.68
C ASP A 226 24.25 -17.33 24.61
N VAL A 227 25.35 -16.88 24.01
CA VAL A 227 26.41 -16.17 24.73
C VAL A 227 26.43 -14.73 24.26
N ASN A 228 26.19 -13.81 25.20
CA ASN A 228 26.25 -12.39 24.91
C ASN A 228 27.65 -12.01 24.41
N LEU A 229 27.72 -11.39 23.24
CA LEU A 229 29.00 -11.13 22.61
C LEU A 229 29.61 -9.82 23.10
N PHE A 230 28.77 -8.93 23.61
CA PHE A 230 29.22 -7.64 24.11
C PHE A 230 28.07 -6.92 24.78
N ASP A 231 28.37 -5.90 25.59
CA ASP A 231 27.31 -5.08 26.19
C ASP A 231 26.58 -4.32 25.09
N THR A 232 25.30 -4.02 25.33
CA THR A 232 24.52 -3.26 24.36
C THR A 232 25.24 -1.98 23.98
N VAL A 233 25.28 -1.70 22.68
CA VAL A 233 25.83 -0.46 22.16
C VAL A 233 24.67 0.27 21.53
N THR A 234 24.67 1.59 21.68
CA THR A 234 23.67 2.42 21.02
C THR A 234 24.41 3.32 20.04
N LEU A 235 23.98 3.33 18.79
CA LEU A 235 24.54 4.24 17.81
C LEU A 235 24.25 5.68 18.25
N PRO A 236 25.22 6.60 18.11
CA PRO A 236 24.93 8.03 18.35
C PRO A 236 23.86 8.61 17.40
N ALA A 237 23.15 9.63 17.86
CA ALA A 237 22.13 10.32 17.04
C ALA A 237 22.59 10.46 15.60
N ALA A 238 23.75 11.10 15.40
CA ALA A 238 24.31 11.37 14.07
C ALA A 238 24.41 10.11 13.21
N VAL A 239 24.95 9.04 13.79
CA VAL A 239 25.18 7.79 13.08
C VAL A 239 23.87 7.11 12.72
N ASN A 240 22.92 7.13 13.66
CA ASN A 240 21.65 6.44 13.50
C ASN A 240 20.76 7.15 12.48
N ASP A 241 20.69 8.48 12.59
CA ASP A 241 19.95 9.32 11.64
C ASP A 241 20.40 9.12 10.21
N HIS A 242 21.70 8.92 10.01
CA HIS A 242 22.25 8.74 8.65
C HIS A 242 21.91 7.35 8.06
N LEU A 243 21.94 6.32 8.90
CA LEU A 243 21.64 4.96 8.45
C LEU A 243 20.17 4.55 8.65
N LYS A 244 19.35 5.46 9.19
CA LYS A 244 17.95 5.19 9.51
C LYS A 244 17.16 4.53 8.38
N ASN A 245 17.39 4.99 7.15
CA ASN A 245 16.62 4.54 5.98
C ASN A 245 17.19 3.31 5.27
N GLU A 246 18.44 2.95 5.57
CA GLU A 246 19.09 1.83 4.90
C GLU A 246 18.45 0.51 5.30
N LYS A 247 18.07 -0.29 4.32
CA LYS A 247 17.33 -1.53 4.55
C LYS A 247 18.13 -2.79 4.23
N LYS A 248 19.33 -2.63 3.68
CA LYS A 248 20.16 -3.79 3.27
C LYS A 248 20.73 -4.56 4.48
N ILE A 249 20.63 -5.88 4.41
CA ILE A 249 21.29 -6.77 5.37
C ILE A 249 22.12 -7.77 4.58
N LEU A 250 23.44 -7.72 4.76
CA LEU A 250 24.36 -8.56 3.99
C LEU A 250 25.25 -9.40 4.93
N LEU A 251 25.57 -10.63 4.51
CA LEU A 251 26.66 -11.38 5.12
C LEU A 251 27.95 -11.01 4.39
N LYS A 252 29.04 -10.83 5.12
CA LYS A 252 30.35 -10.60 4.50
C LYS A 252 31.28 -11.80 4.73
N ALA A 253 32.12 -12.04 3.74
CA ALA A 253 33.23 -12.99 3.82
C ALA A 253 34.41 -12.31 3.15
N GLY A 254 35.47 -12.05 3.92
CA GLY A 254 36.63 -11.30 3.42
C GLY A 254 37.87 -12.14 3.19
N SER A 255 38.74 -11.65 2.31
CA SER A 255 40.01 -12.29 2.02
C SER A 255 41.17 -11.41 2.46
N TYR A 256 42.32 -12.02 2.68
CA TYR A 256 43.54 -11.31 3.05
C TYR A 256 44.69 -12.18 2.56
N ASP A 257 45.52 -11.63 1.67
CA ASP A 257 46.54 -12.44 0.98
C ASP A 257 45.92 -13.76 0.50
N ASP A 258 46.56 -14.89 0.81
CA ASP A 258 46.09 -16.22 0.43
C ASP A 258 44.89 -16.71 1.25
N GLU A 259 44.62 -16.07 2.38
CA GLU A 259 43.57 -16.50 3.32
C GLU A 259 42.17 -16.20 2.80
N ARG A 260 41.24 -17.13 3.01
CA ARG A 260 39.86 -16.98 2.55
C ARG A 260 38.87 -17.22 3.68
N THR A 261 37.72 -16.55 3.61
CA THR A 261 36.59 -16.88 4.48
C THR A 261 35.68 -17.85 3.75
N VAL A 262 35.33 -18.96 4.39
CA VAL A 262 34.34 -19.90 3.88
C VAL A 262 33.45 -20.34 5.02
N VAL A 263 32.17 -19.94 4.97
CA VAL A 263 31.19 -20.38 5.98
C VAL A 263 29.98 -21.07 5.32
N SER A 264 29.45 -22.10 5.98
CA SER A 264 28.27 -22.83 5.50
C SER A 264 27.05 -22.44 6.32
N VAL A 265 26.13 -21.70 5.71
CA VAL A 265 24.90 -21.26 6.36
C VAL A 265 23.85 -22.37 6.20
N LYS A 266 23.17 -22.69 7.30
CA LYS A 266 22.14 -23.72 7.33
C LYS A 266 20.87 -23.22 6.59
N THR A 267 20.42 -23.95 5.59
CA THR A 267 19.27 -23.51 4.78
C THR A 267 17.97 -23.63 5.56
N ASP A 268 16.96 -22.84 5.18
CA ASP A 268 15.62 -22.98 5.76
C ASP A 268 15.01 -24.29 5.33
N ASN A 269 15.04 -24.52 4.01
CA ASN A 269 14.47 -25.73 3.43
C ASN A 269 15.36 -26.94 3.68
N GLN A 270 14.77 -28.02 4.23
CA GLN A 270 15.49 -29.27 4.57
C GLN A 270 14.72 -30.52 4.12
N GLU A 271 14.06 -30.45 2.96
CA GLU A 271 13.16 -31.54 2.51
C GLU A 271 13.77 -32.54 1.52
N GLU A 283 17.76 -50.14 25.70
CA GLU A 283 18.59 -49.23 26.52
C GLU A 283 18.61 -49.62 28.02
N THR A 284 19.79 -50.05 28.50
CA THR A 284 19.94 -50.60 29.87
C THR A 284 20.47 -49.58 30.83
N GLY A 285 20.31 -49.86 32.12
CA GLY A 285 20.91 -49.03 33.17
C GLY A 285 20.96 -49.76 34.50
N PRO A 286 21.78 -49.27 35.45
CA PRO A 286 21.92 -49.97 36.73
C PRO A 286 20.59 -50.13 37.45
N GLU A 287 20.38 -51.29 38.07
CA GLU A 287 19.13 -51.56 38.77
C GLU A 287 19.23 -51.05 40.21
N VAL A 288 18.08 -50.80 40.84
CA VAL A 288 18.02 -50.18 42.18
C VAL A 288 18.35 -51.19 43.26
N ASP A 289 18.77 -50.73 44.44
CA ASP A 289 18.90 -51.62 45.60
C ASP A 289 18.46 -51.01 46.93
N ASP A 290 17.24 -51.34 47.33
CA ASP A 290 16.59 -50.77 48.52
C ASP A 290 16.87 -51.55 49.82
N SER A 291 17.67 -52.60 49.73
CA SER A 291 17.86 -53.54 50.85
C SER A 291 18.33 -52.85 52.13
N LYS A 292 19.12 -51.79 51.98
CA LYS A 292 19.64 -51.08 53.15
C LYS A 292 18.85 -49.81 53.45
N VAL A 293 18.04 -49.36 52.50
CA VAL A 293 17.27 -48.15 52.70
C VAL A 293 16.14 -48.44 53.66
N THR A 294 16.00 -47.58 54.67
CA THR A 294 14.85 -47.59 55.56
C THR A 294 13.93 -46.45 55.17
N TYR A 295 12.76 -46.78 54.64
CA TYR A 295 11.80 -45.75 54.23
C TYR A 295 10.78 -45.45 55.34
N ASP A 296 9.92 -44.50 55.05
CA ASP A 296 8.92 -44.01 55.98
C ASP A 296 7.83 -43.39 55.11
N THR A 297 6.73 -42.97 55.71
CA THR A 297 5.68 -42.34 54.93
C THR A 297 5.12 -41.14 55.67
N ILE A 298 4.97 -40.05 54.92
CA ILE A 298 4.18 -38.92 55.37
C ILE A 298 2.99 -38.82 54.44
N GLN A 299 1.84 -38.43 55.00
CA GLN A 299 0.59 -38.44 54.25
C GLN A 299 -0.46 -37.47 54.79
N SER A 300 -1.19 -36.86 53.88
CA SER A 300 -2.37 -36.07 54.19
C SER A 300 -3.56 -36.96 53.95
N LYS A 301 -4.77 -36.39 54.01
CA LYS A 301 -5.98 -37.10 53.63
C LYS A 301 -5.84 -37.76 52.27
N VAL A 302 -5.21 -37.04 51.34
CA VAL A 302 -5.34 -37.30 49.91
C VAL A 302 -4.06 -37.75 49.24
N LEU A 303 -2.89 -37.29 49.72
CA LEU A 303 -1.59 -37.64 49.13
C LEU A 303 -0.69 -38.36 50.12
N LYS A 304 -0.01 -39.40 49.63
CA LYS A 304 0.92 -40.17 50.41
C LYS A 304 2.27 -40.14 49.72
N ALA A 305 3.33 -39.94 50.49
CA ALA A 305 4.68 -39.92 49.93
C ALA A 305 5.57 -40.87 50.71
N VAL A 306 6.23 -41.78 50.01
CA VAL A 306 7.21 -42.67 50.61
C VAL A 306 8.53 -41.93 50.59
N ILE A 307 9.17 -41.81 51.75
CA ILE A 307 10.40 -41.01 51.89
C ILE A 307 11.52 -41.79 52.59
N ASP A 308 12.75 -41.45 52.27
CA ASP A 308 13.92 -42.12 52.83
C ASP A 308 14.27 -41.49 54.17
N GLN A 309 14.62 -42.31 55.15
CA GLN A 309 15.02 -41.78 56.45
C GLN A 309 16.47 -41.30 56.49
N ALA A 310 17.26 -41.55 55.42
CA ALA A 310 18.69 -41.18 55.38
C ALA A 310 18.96 -39.87 54.66
N PHE A 311 17.98 -39.36 53.90
CA PHE A 311 18.19 -38.23 52.99
C PHE A 311 16.81 -37.78 52.45
N PRO A 312 16.58 -36.46 52.35
CA PRO A 312 15.22 -36.00 52.03
C PRO A 312 14.84 -36.20 50.56
N ARG A 313 14.37 -37.40 50.24
CA ARG A 313 13.96 -37.76 48.89
C ARG A 313 12.69 -38.59 48.91
N VAL A 314 11.85 -38.40 47.90
CA VAL A 314 10.60 -39.13 47.76
C VAL A 314 10.79 -40.29 46.80
N LYS A 315 10.50 -41.52 47.25
CA LYS A 315 10.59 -42.70 46.38
C LYS A 315 9.39 -42.73 45.45
N GLU A 316 8.21 -42.52 46.01
CA GLU A 316 7.05 -42.34 45.18
C GLU A 316 5.95 -41.60 45.91
N TYR A 317 5.04 -41.10 45.10
CA TYR A 317 3.82 -40.48 45.55
C TYR A 317 2.72 -41.46 45.25
N SER A 318 1.61 -41.34 45.97
CA SER A 318 0.40 -42.05 45.61
C SER A 318 -0.86 -41.29 46.02
N LEU A 319 -1.69 -41.00 45.03
CA LEU A 319 -2.96 -40.31 45.21
C LEU A 319 -4.07 -41.21 44.69
N ASN A 320 -5.04 -41.54 45.53
CA ASN A 320 -6.15 -42.41 45.15
C ASN A 320 -5.66 -43.67 44.48
N GLY A 321 -4.66 -44.30 45.09
CA GLY A 321 -4.14 -45.58 44.62
C GLY A 321 -3.20 -45.54 43.43
N HIS A 322 -3.22 -44.44 42.66
CA HIS A 322 -2.32 -44.28 41.53
C HIS A 322 -1.00 -43.73 42.02
N THR A 323 0.07 -44.00 41.27
CA THR A 323 1.42 -43.62 41.71
C THR A 323 2.20 -42.80 40.69
N LEU A 324 3.19 -42.06 41.20
CA LEU A 324 4.23 -41.46 40.38
C LEU A 324 5.51 -41.56 41.17
N PRO A 325 6.61 -41.96 40.50
CA PRO A 325 7.90 -42.05 41.18
C PRO A 325 8.48 -40.70 41.52
N GLY A 326 9.39 -40.67 42.49
CA GLY A 326 10.16 -39.47 42.78
C GLY A 326 11.56 -39.73 42.27
N GLN A 327 12.50 -39.93 43.18
CA GLN A 327 13.85 -40.31 42.81
C GLN A 327 14.05 -41.75 43.20
N VAL A 328 14.06 -42.64 42.21
CA VAL A 328 14.14 -44.07 42.48
C VAL A 328 15.53 -44.51 42.95
N GLN A 329 16.58 -44.12 42.24
CA GLN A 329 17.96 -44.42 42.66
C GLN A 329 18.40 -43.50 43.81
N GLN A 330 19.02 -44.06 44.84
CA GLN A 330 19.59 -43.24 45.90
C GLN A 330 20.61 -42.26 45.32
N PHE A 331 20.63 -41.05 45.84
CA PHE A 331 21.69 -40.10 45.58
C PHE A 331 21.86 -39.18 46.78
N ASN A 332 22.64 -39.63 47.74
CA ASN A 332 22.76 -38.93 49.02
C ASN A 332 23.87 -37.91 49.05
N GLN A 333 23.88 -37.08 48.02
CA GLN A 333 24.90 -36.06 47.84
C GLN A 333 24.25 -34.74 47.47
N VAL A 334 24.87 -33.65 47.92
CA VAL A 334 24.45 -32.32 47.54
C VAL A 334 25.65 -31.60 46.94
N PHE A 335 25.42 -30.43 46.37
CA PHE A 335 26.52 -29.59 45.91
C PHE A 335 26.42 -28.24 46.61
N ILE A 336 27.36 -27.98 47.52
CA ILE A 336 27.45 -26.69 48.20
C ILE A 336 28.58 -25.90 47.57
N ASN A 337 28.33 -24.64 47.21
CA ASN A 337 29.34 -23.81 46.54
C ASN A 337 29.95 -24.58 45.39
N ASN A 338 29.06 -25.26 44.68
CA ASN A 338 29.41 -26.10 43.55
C ASN A 338 30.38 -27.25 43.81
N HIS A 339 30.42 -27.76 45.05
CA HIS A 339 31.30 -28.88 45.42
C HIS A 339 30.48 -30.03 45.95
N ARG A 340 30.85 -31.23 45.54
CA ARG A 340 30.10 -32.42 45.91
C ARG A 340 30.36 -32.73 47.36
N ILE A 341 29.30 -33.00 48.11
CA ILE A 341 29.39 -33.22 49.53
C ILE A 341 28.36 -34.27 49.92
N THR A 342 28.79 -35.29 50.67
CA THR A 342 27.88 -36.30 51.21
C THR A 342 27.54 -35.93 52.64
N PRO A 343 26.32 -35.44 52.87
CA PRO A 343 25.98 -34.92 54.19
C PRO A 343 25.80 -35.99 55.26
N GLU A 344 26.16 -35.63 56.48
CA GLU A 344 25.84 -36.37 57.69
C GLU A 344 24.42 -36.00 58.08
N VAL A 345 23.50 -36.94 57.96
CA VAL A 345 22.09 -36.64 58.16
C VAL A 345 21.51 -37.40 59.34
N THR A 346 20.80 -36.67 60.20
CA THR A 346 19.97 -37.29 61.23
C THR A 346 18.51 -36.94 60.93
N TYR A 347 17.60 -37.88 61.17
CA TYR A 347 16.19 -37.78 60.73
C TYR A 347 15.24 -37.87 61.92
N LYS A 348 14.06 -37.25 61.78
CA LYS A 348 13.05 -37.32 62.82
C LYS A 348 11.67 -36.95 62.26
N LYS A 349 10.71 -37.86 62.39
CA LYS A 349 9.33 -37.63 61.91
C LYS A 349 8.56 -36.81 62.94
N ILE A 350 8.19 -35.59 62.56
CA ILE A 350 7.50 -34.68 63.50
C ILE A 350 6.03 -35.07 63.70
N ASN A 351 5.35 -35.43 62.62
CA ASN A 351 3.97 -35.91 62.69
C ASN A 351 3.61 -36.63 61.38
N GLU A 352 2.36 -37.03 61.22
CA GLU A 352 1.97 -37.85 60.08
C GLU A 352 2.18 -37.17 58.74
N THR A 353 2.20 -35.83 58.74
CA THR A 353 2.37 -35.07 57.51
C THR A 353 3.79 -34.58 57.32
N THR A 354 4.59 -34.55 58.38
CA THR A 354 5.85 -33.81 58.38
C THR A 354 7.07 -34.60 58.89
N ALA A 355 8.14 -34.61 58.11
CA ALA A 355 9.41 -35.20 58.52
C ALA A 355 10.50 -34.19 58.31
N GLU A 356 11.50 -34.17 59.18
CA GLU A 356 12.63 -33.26 58.97
C GLU A 356 14.00 -33.89 59.21
N TYR A 357 14.98 -33.33 58.51
CA TYR A 357 16.35 -33.85 58.49
C TYR A 357 17.30 -32.74 58.88
N LEU A 358 18.22 -33.02 59.79
CA LEU A 358 19.31 -32.11 60.05
C LEU A 358 20.47 -32.63 59.24
N MSE A 359 21.11 -31.75 58.46
CA MSE A 359 22.14 -32.17 57.52
C MSE A 359 23.42 -31.38 57.73
O MSE A 359 23.46 -30.19 57.47
CB MSE A 359 21.64 -31.96 56.11
CG MSE A 359 20.40 -32.77 55.78
SE MSE A 359 19.74 -32.33 53.99
CE MSE A 359 21.27 -32.96 52.94
N LYS A 360 24.46 -32.03 58.21
CA LYS A 360 25.75 -31.37 58.38
C LYS A 360 26.61 -31.48 57.13
N LEU A 361 27.31 -30.39 56.82
CA LEU A 361 28.03 -30.25 55.56
C LEU A 361 29.46 -29.74 55.82
N ARG A 362 30.47 -30.55 55.50
CA ARG A 362 31.83 -30.22 55.89
C ARG A 362 32.88 -30.65 54.86
N ASP A 363 33.67 -29.68 54.37
CA ASP A 363 34.74 -29.93 53.39
C ASP A 363 35.85 -28.91 53.59
N ASP A 364 36.85 -29.28 54.36
CA ASP A 364 37.92 -28.34 54.71
C ASP A 364 38.62 -27.74 53.50
N ALA A 365 38.84 -28.55 52.46
CA ALA A 365 39.58 -28.10 51.30
C ALA A 365 38.89 -26.96 50.56
N HIS A 366 37.61 -26.78 50.82
CA HIS A 366 36.84 -25.72 50.18
C HIS A 366 36.16 -24.86 51.23
N LEU A 367 36.74 -24.78 52.43
CA LEU A 367 36.23 -23.93 53.49
C LEU A 367 34.70 -24.03 53.75
N ILE A 368 34.12 -25.20 53.50
CA ILE A 368 32.71 -25.47 53.81
C ILE A 368 32.56 -26.07 55.22
N ASN A 369 31.65 -25.49 56.01
CA ASN A 369 31.40 -25.91 57.37
C ASN A 369 30.07 -25.30 57.82
N ALA A 370 28.98 -25.96 57.42
CA ALA A 370 27.64 -25.47 57.69
C ALA A 370 26.72 -26.62 58.04
N GLU A 371 25.55 -26.30 58.56
CA GLU A 371 24.49 -27.30 58.63
C GLU A 371 23.18 -26.66 58.21
N MSE A 372 22.29 -27.47 57.65
CA MSE A 372 20.97 -26.99 57.28
C MSE A 372 19.92 -28.00 57.66
O MSE A 372 20.19 -29.19 57.74
CB MSE A 372 20.89 -26.71 55.79
CG MSE A 372 21.06 -27.96 54.92
SE MSE A 372 21.30 -27.63 52.98
CE MSE A 372 21.87 -29.45 52.48
N THR A 373 18.71 -27.50 57.89
CA THR A 373 17.56 -28.35 58.16
C THR A 373 16.59 -28.34 56.98
N VAL A 374 16.37 -29.51 56.40
CA VAL A 374 15.36 -29.69 55.37
C VAL A 374 14.12 -30.31 56.00
N ARG A 375 12.97 -29.85 55.53
CA ARG A 375 11.69 -30.29 56.04
C ARG A 375 10.85 -30.74 54.86
N LEU A 376 10.28 -31.93 54.93
CA LEU A 376 9.39 -32.44 53.90
C LEU A 376 7.99 -32.52 54.47
N GLN A 377 7.02 -31.92 53.80
CA GLN A 377 5.67 -31.88 54.35
C GLN A 377 4.62 -32.08 53.28
N VAL A 378 3.60 -32.87 53.61
CA VAL A 378 2.47 -33.08 52.72
C VAL A 378 1.31 -32.25 53.22
N VAL A 379 0.72 -31.49 52.31
CA VAL A 379 -0.47 -30.68 52.59
C VAL A 379 -1.41 -30.90 51.43
N ASP A 380 -2.60 -31.40 51.72
CA ASP A 380 -3.58 -31.74 50.69
C ASP A 380 -2.84 -32.52 49.61
N ASN A 381 -2.79 -32.03 48.38
CA ASN A 381 -2.12 -32.77 47.31
C ASN A 381 -0.77 -32.18 46.92
N GLN A 382 -0.13 -31.51 47.88
CA GLN A 382 1.13 -30.82 47.65
C GLN A 382 2.20 -31.42 48.55
N LEU A 383 3.41 -31.59 48.00
CA LEU A 383 4.58 -31.90 48.82
C LEU A 383 5.44 -30.66 48.88
N HIS A 384 5.77 -30.25 50.10
CA HIS A 384 6.56 -29.06 50.31
C HIS A 384 7.96 -29.50 50.72
N PHE A 385 8.97 -29.08 49.94
CA PHE A 385 10.39 -29.30 50.23
C PHE A 385 10.93 -27.96 50.69
N ASP A 386 11.38 -27.86 51.92
CA ASP A 386 11.78 -26.57 52.48
C ASP A 386 13.05 -26.66 53.29
N VAL A 387 14.06 -25.89 52.90
CA VAL A 387 15.23 -25.71 53.75
C VAL A 387 14.79 -24.64 54.75
N THR A 388 14.59 -25.05 56.00
CA THR A 388 13.98 -24.17 56.99
C THR A 388 14.99 -23.39 57.81
N LYS A 389 16.26 -23.82 57.79
CA LYS A 389 17.31 -23.15 58.56
C LYS A 389 18.68 -23.47 58.00
N ILE A 390 19.53 -22.44 57.89
CA ILE A 390 20.91 -22.57 57.43
C ILE A 390 21.80 -21.96 58.48
N VAL A 391 22.94 -22.60 58.74
CA VAL A 391 23.91 -22.05 59.69
C VAL A 391 25.30 -22.20 59.10
N ASN A 392 25.99 -21.08 58.91
CA ASN A 392 27.35 -21.10 58.41
C ASN A 392 28.29 -20.89 59.57
N HIS A 393 29.09 -21.91 59.88
CA HIS A 393 29.96 -21.84 61.02
C HIS A 393 31.15 -20.92 60.78
N ASN A 394 31.46 -20.63 59.53
CA ASN A 394 32.37 -19.53 59.23
C ASN A 394 31.70 -18.25 59.67
N GLN A 395 32.47 -17.24 60.09
CA GLN A 395 31.88 -15.96 60.51
C GLN A 395 31.62 -15.02 59.32
N VAL A 396 30.35 -14.69 59.13
CA VAL A 396 29.90 -13.88 57.98
C VAL A 396 28.85 -12.86 58.44
N THR A 397 28.98 -11.62 58.02
CA THR A 397 28.03 -10.60 58.47
C THR A 397 27.57 -9.64 57.37
N PRO A 398 26.32 -9.76 56.93
CA PRO A 398 25.79 -8.86 55.93
C PRO A 398 26.21 -7.41 56.18
N GLY A 399 26.75 -6.77 55.15
CA GLY A 399 27.26 -5.41 55.27
C GLY A 399 28.75 -5.38 55.50
N GLN A 400 29.25 -6.32 56.30
CA GLN A 400 30.69 -6.37 56.56
C GLN A 400 31.43 -7.03 55.41
N LYS A 401 32.71 -6.74 55.32
CA LYS A 401 33.53 -7.32 54.27
C LYS A 401 33.98 -8.67 54.76
N ILE A 402 34.42 -9.51 53.83
CA ILE A 402 34.86 -10.86 54.15
C ILE A 402 36.20 -11.13 53.47
N ASP A 403 37.10 -11.76 54.20
CA ASP A 403 38.46 -11.98 53.70
C ASP A 403 38.54 -12.97 52.53
N ASP A 404 37.60 -13.91 52.47
CA ASP A 404 37.65 -14.98 51.49
C ASP A 404 36.25 -15.40 51.05
N GLU A 405 35.86 -15.04 49.83
CA GLU A 405 34.48 -15.30 49.37
C GLU A 405 34.12 -16.80 49.48
N ARG A 406 35.13 -17.67 49.46
CA ARG A 406 34.94 -19.11 49.65
C ARG A 406 34.34 -19.54 51.01
N LYS A 407 34.44 -18.68 52.02
CA LYS A 407 33.84 -18.94 53.33
C LYS A 407 32.33 -18.73 53.35
N LEU A 408 31.78 -18.11 52.31
CA LEU A 408 30.33 -17.91 52.22
C LEU A 408 29.66 -19.20 51.79
N LEU A 409 28.46 -19.42 52.30
CA LEU A 409 27.61 -20.49 51.84
C LEU A 409 26.72 -19.90 50.76
N SER A 410 27.21 -19.96 49.52
CA SER A 410 26.67 -19.21 48.37
C SER A 410 25.58 -19.92 47.59
N SER A 411 25.75 -21.21 47.37
CA SER A 411 24.79 -21.98 46.59
C SER A 411 24.60 -23.38 47.17
N ILE A 412 23.33 -23.80 47.22
CA ILE A 412 22.93 -25.13 47.64
C ILE A 412 22.23 -25.81 46.47
N SER A 413 22.62 -27.03 46.16
CA SER A 413 22.05 -27.73 45.02
C SER A 413 21.69 -29.16 45.38
N PHE A 414 20.40 -29.48 45.25
CA PHE A 414 19.95 -30.86 45.34
C PHE A 414 19.75 -31.46 43.95
N LEU A 415 20.36 -30.84 42.94
CA LEU A 415 20.43 -31.42 41.62
C LEU A 415 20.89 -32.88 41.74
N GLY A 416 20.19 -33.81 41.09
CA GLY A 416 20.46 -35.23 41.24
C GLY A 416 19.42 -35.99 42.05
N ASN A 417 18.55 -35.23 42.74
CA ASN A 417 17.36 -35.76 43.40
C ASN A 417 16.11 -35.19 42.78
N ALA A 418 15.44 -36.01 41.98
CA ALA A 418 14.22 -35.62 41.30
C ALA A 418 13.14 -35.53 42.35
N LEU A 419 12.42 -34.41 42.34
CA LEU A 419 11.33 -34.19 43.27
C LEU A 419 10.07 -34.95 42.79
N VAL A 420 9.95 -35.15 41.48
CA VAL A 420 8.91 -36.01 40.90
C VAL A 420 9.41 -36.48 39.53
N SER A 421 8.93 -37.64 39.08
CA SER A 421 9.37 -38.21 37.78
C SER A 421 8.33 -39.15 37.19
N VAL A 422 8.62 -39.65 35.99
CA VAL A 422 7.73 -40.59 35.30
C VAL A 422 8.55 -41.65 34.54
N SER A 423 8.06 -42.88 34.55
CA SER A 423 8.78 -44.05 34.00
C SER A 423 8.18 -44.49 32.67
N SER A 424 9.06 -44.82 31.73
CA SER A 424 8.64 -45.30 30.42
C SER A 424 7.83 -46.60 30.49
N ASP A 425 7.93 -47.31 31.61
CA ASP A 425 7.03 -48.46 31.88
C ASP A 425 5.58 -48.04 32.06
N GLN A 426 5.34 -46.85 32.62
CA GLN A 426 4.00 -46.34 32.84
C GLN A 426 3.34 -45.92 31.53
N THR A 427 2.04 -46.19 31.40
CA THR A 427 1.28 -45.78 30.21
C THR A 427 1.01 -44.27 30.26
N GLY A 428 1.10 -43.63 29.09
CA GLY A 428 0.91 -42.18 28.96
C GLY A 428 2.10 -41.37 29.43
N ALA A 429 3.23 -42.03 29.67
CA ALA A 429 4.43 -41.36 30.17
C ALA A 429 4.82 -40.21 29.26
N LYS A 430 4.84 -39.01 29.83
CA LYS A 430 5.15 -37.81 29.06
C LYS A 430 5.64 -36.68 29.96
N PHE A 431 6.60 -35.92 29.44
CA PHE A 431 7.14 -34.73 30.10
C PHE A 431 6.89 -33.52 29.20
N ASP A 432 6.58 -32.39 29.81
CA ASP A 432 6.30 -31.17 29.09
C ASP A 432 6.87 -29.98 29.86
N GLY A 433 7.65 -29.15 29.20
CA GLY A 433 8.34 -28.05 29.86
C GLY A 433 8.33 -26.76 29.06
N ALA A 434 8.67 -25.65 29.73
CA ALA A 434 8.69 -24.35 29.09
C ALA A 434 10.03 -23.66 29.35
N THR A 435 10.57 -23.03 28.31
CA THR A 435 11.81 -22.27 28.39
C THR A 435 11.58 -20.90 27.76
N MSE A 436 12.36 -19.90 28.13
CA MSE A 436 12.17 -18.54 27.64
C MSE A 436 12.46 -18.40 26.13
O MSE A 436 13.55 -18.72 25.68
CB MSE A 436 13.06 -17.59 28.41
CG MSE A 436 12.93 -16.10 28.05
SE MSE A 436 11.12 -15.36 28.25
CE MSE A 436 11.08 -14.88 30.17
N SER A 437 11.47 -17.91 25.39
CA SER A 437 11.61 -17.55 23.97
C SER A 437 10.87 -16.25 23.70
N ASN A 438 11.55 -15.30 23.10
CA ASN A 438 10.90 -14.08 22.66
C ASN A 438 10.84 -13.96 21.15
N ASN A 439 11.03 -15.10 20.47
CA ASN A 439 10.98 -15.19 19.02
C ASN A 439 9.64 -15.72 18.63
N THR A 440 8.89 -14.91 17.90
CA THR A 440 7.53 -15.28 17.53
C THR A 440 7.47 -16.57 16.71
N HIS A 441 8.56 -16.93 16.03
CA HIS A 441 8.63 -18.16 15.22
C HIS A 441 8.95 -19.41 16.03
N VAL A 442 9.76 -19.26 17.07
CA VAL A 442 10.20 -20.39 17.86
C VAL A 442 9.43 -20.47 19.16
N SER A 443 8.62 -21.50 19.32
CA SER A 443 8.03 -21.79 20.63
C SER A 443 9.12 -22.19 21.60
N GLY A 444 8.88 -21.89 22.87
CA GLY A 444 9.82 -22.23 23.95
C GLY A 444 9.47 -23.53 24.66
N ASP A 445 8.51 -24.28 24.14
CA ASP A 445 7.96 -25.46 24.82
C ASP A 445 8.51 -26.77 24.27
N ASP A 446 8.78 -27.69 25.19
CA ASP A 446 9.20 -29.04 24.84
C ASP A 446 8.12 -30.03 25.27
N HIS A 447 7.78 -30.94 24.37
CA HIS A 447 6.79 -31.97 24.63
C HIS A 447 7.43 -33.31 24.31
N ILE A 448 7.79 -34.09 25.33
CA ILE A 448 8.58 -35.30 25.11
C ILE A 448 7.92 -36.55 25.67
N ASP A 449 7.72 -37.55 24.80
CA ASP A 449 7.21 -38.84 25.25
C ASP A 449 8.33 -39.62 25.95
N VAL A 450 8.11 -39.96 27.22
CA VAL A 450 9.07 -40.74 27.98
C VAL A 450 8.96 -42.19 27.51
N THR A 451 9.97 -42.62 26.77
CA THR A 451 9.99 -43.94 26.13
C THR A 451 11.37 -44.57 26.25
N ASN A 452 11.46 -45.87 25.96
CA ASN A 452 12.76 -46.54 25.88
C ASN A 452 12.84 -47.34 24.59
N PRO A 453 13.71 -46.94 23.66
CA PRO A 453 14.73 -45.89 23.74
C PRO A 453 14.15 -44.48 23.59
N MSE A 454 14.99 -43.48 23.87
CA MSE A 454 14.61 -42.07 23.69
C MSE A 454 15.83 -41.17 23.74
O MSE A 454 16.90 -41.60 24.17
CB MSE A 454 13.66 -41.61 24.79
CG MSE A 454 14.35 -41.41 26.12
SE MSE A 454 13.13 -40.57 27.38
CE MSE A 454 13.34 -38.65 26.93
N LYS A 455 15.64 -39.90 23.36
CA LYS A 455 16.76 -38.96 23.25
C LYS A 455 17.24 -38.53 24.63
N ASP A 456 18.52 -38.19 24.71
CA ASP A 456 19.09 -37.64 25.93
C ASP A 456 18.31 -36.43 26.39
N LEU A 457 18.30 -36.20 27.69
CA LEU A 457 17.65 -35.02 28.25
C LEU A 457 18.34 -34.58 29.53
N ALA A 458 18.94 -33.40 29.46
CA ALA A 458 19.54 -32.71 30.60
C ALA A 458 19.41 -31.27 30.23
N LYS A 459 18.39 -30.60 30.76
CA LYS A 459 18.03 -29.27 30.30
C LYS A 459 17.38 -28.45 31.40
N GLY A 460 17.63 -27.14 31.38
CA GLY A 460 16.99 -26.24 32.34
C GLY A 460 15.63 -25.82 31.82
N TYR A 461 14.66 -25.67 32.72
CA TYR A 461 13.28 -25.26 32.37
C TYR A 461 12.71 -24.32 33.44
N MSE A 462 11.75 -23.51 33.02
CA MSE A 462 11.05 -22.57 33.90
C MSE A 462 9.87 -23.23 34.59
O MSE A 462 9.61 -23.05 35.78
CB MSE A 462 10.49 -21.44 33.06
CG MSE A 462 11.50 -20.44 32.60
SE MSE A 462 10.63 -19.14 31.42
CE MSE A 462 11.53 -17.50 31.96
N TYR A 463 9.10 -23.95 33.78
CA TYR A 463 7.94 -24.67 34.27
C TYR A 463 8.11 -26.05 33.71
N GLY A 464 7.73 -27.05 34.51
CA GLY A 464 7.89 -28.45 34.10
C GLY A 464 6.83 -29.37 34.67
N PHE A 465 6.39 -30.31 33.86
CA PHE A 465 5.34 -31.22 34.24
C PHE A 465 5.63 -32.62 33.76
N VAL A 466 5.24 -33.62 34.56
CA VAL A 466 5.28 -35.02 34.14
C VAL A 466 3.92 -35.64 34.39
N SER A 467 3.47 -36.48 33.47
CA SER A 467 2.15 -37.11 33.58
C SER A 467 2.08 -38.51 33.00
N THR A 468 1.21 -39.32 33.62
CA THR A 468 0.85 -40.63 33.11
C THR A 468 -0.56 -40.52 32.54
N ASP A 469 -1.19 -41.67 32.30
CA ASP A 469 -2.60 -41.72 31.95
C ASP A 469 -3.51 -41.36 33.11
N LYS A 470 -3.00 -41.49 34.34
CA LYS A 470 -3.80 -41.34 35.55
C LYS A 470 -3.49 -40.10 36.40
N LEU A 471 -2.23 -39.68 36.44
CA LEU A 471 -1.83 -38.53 37.27
C LEU A 471 -0.91 -37.58 36.52
N ALA A 472 -1.01 -36.30 36.86
CA ALA A 472 -0.07 -35.29 36.42
C ALA A 472 0.54 -34.62 37.65
N ALA A 473 1.82 -34.27 37.57
CA ALA A 473 2.46 -33.48 38.62
C ALA A 473 3.20 -32.31 38.01
N GLY A 474 3.30 -31.23 38.79
CA GLY A 474 4.03 -30.04 38.40
C GLY A 474 4.94 -29.61 39.55
N VAL A 475 6.11 -29.07 39.22
CA VAL A 475 7.10 -28.64 40.21
C VAL A 475 7.36 -27.14 40.19
N TRP A 476 7.36 -26.54 41.39
CA TRP A 476 7.74 -25.14 41.59
C TRP A 476 8.99 -25.05 42.46
N SER A 477 9.80 -24.02 42.21
CA SER A 477 10.96 -23.71 43.04
C SER A 477 11.20 -22.21 43.06
N ASN A 478 11.68 -21.68 44.18
CA ASN A 478 12.12 -20.29 44.24
C ASN A 478 13.60 -20.12 43.85
N SER A 479 14.18 -21.13 43.20
CA SER A 479 15.55 -21.00 42.69
C SER A 479 15.66 -19.91 41.64
N GLN A 480 16.62 -19.02 41.83
CA GLN A 480 16.98 -18.06 40.80
C GLN A 480 18.25 -18.46 40.08
N ASN A 481 18.44 -19.76 39.89
CA ASN A 481 19.51 -20.30 39.03
C ASN A 481 19.41 -19.75 37.63
N SER A 482 20.56 -19.67 36.97
CA SER A 482 20.59 -19.43 35.53
C SER A 482 21.69 -20.23 34.86
N TYR A 483 21.37 -20.94 33.79
CA TYR A 483 22.37 -21.74 33.09
C TYR A 483 23.03 -20.94 31.95
N GLY A 484 22.65 -19.68 31.81
CA GLY A 484 23.04 -18.89 30.66
C GLY A 484 21.91 -17.99 30.25
N GLY A 485 22.06 -17.34 29.10
CA GLY A 485 21.05 -16.41 28.58
C GLY A 485 20.07 -17.09 27.64
N GLY A 486 19.02 -16.38 27.27
CA GLY A 486 18.01 -16.96 26.39
C GLY A 486 17.27 -18.09 27.06
N SER A 487 17.17 -19.21 26.35
CA SER A 487 16.44 -20.40 26.82
C SER A 487 17.06 -21.04 28.08
N ASN A 488 18.31 -20.71 28.36
CA ASN A 488 19.02 -21.21 29.53
C ASN A 488 18.75 -20.37 30.78
N ASP A 489 18.00 -19.28 30.62
CA ASP A 489 17.77 -18.35 31.74
C ASP A 489 16.47 -18.68 32.45
N TRP A 490 16.31 -18.16 33.67
CA TRP A 490 15.14 -18.46 34.50
C TRP A 490 14.91 -19.94 34.75
N THR A 491 15.97 -20.71 34.66
CA THR A 491 15.85 -22.16 34.66
C THR A 491 15.83 -22.69 36.09
N ARG A 492 14.71 -22.46 36.77
CA ARG A 492 14.54 -22.83 38.17
C ARG A 492 14.33 -24.32 38.38
N LEU A 493 14.09 -25.04 37.29
CA LEU A 493 14.00 -26.49 37.28
C LEU A 493 15.01 -27.07 36.28
N THR A 494 15.47 -28.29 36.56
CA THR A 494 16.25 -29.03 35.60
C THR A 494 15.62 -30.39 35.42
N ALA A 495 15.41 -30.81 34.17
CA ALA A 495 14.86 -32.14 33.87
C ALA A 495 15.94 -33.10 33.35
N TYR A 496 15.96 -34.33 33.87
CA TYR A 496 16.98 -35.33 33.49
C TYR A 496 16.41 -36.68 33.11
N LYS A 497 16.88 -37.21 31.98
CA LYS A 497 16.71 -38.62 31.67
C LYS A 497 17.64 -39.46 32.57
N GLU A 498 17.13 -40.55 33.13
CA GLU A 498 17.96 -41.49 33.92
C GLU A 498 17.50 -42.92 33.62
N THR A 499 18.38 -43.75 33.06
CA THR A 499 18.03 -45.15 32.77
C THR A 499 18.22 -46.00 34.01
N VAL A 500 17.16 -46.66 34.45
CA VAL A 500 17.20 -47.52 35.62
C VAL A 500 16.62 -48.87 35.19
N GLY A 501 17.46 -49.90 35.18
CA GLY A 501 17.07 -51.19 34.66
C GLY A 501 16.63 -51.12 33.20
N ASN A 502 15.40 -51.56 32.94
CA ASN A 502 14.82 -51.51 31.60
C ASN A 502 14.08 -50.20 31.34
N ALA A 503 13.88 -49.39 32.38
CA ALA A 503 13.06 -48.18 32.30
C ALA A 503 13.91 -46.91 32.09
N ASN A 504 13.40 -46.02 31.24
CA ASN A 504 13.88 -44.64 31.17
C ASN A 504 12.98 -43.77 32.04
N TYR A 505 13.58 -43.02 32.96
CA TYR A 505 12.87 -42.04 33.78
C TYR A 505 13.18 -40.62 33.28
N VAL A 506 12.18 -39.76 33.32
CA VAL A 506 12.42 -38.32 33.20
C VAL A 506 11.92 -37.72 34.49
N GLY A 507 12.80 -37.03 35.21
CA GLY A 507 12.48 -36.44 36.49
C GLY A 507 12.77 -34.95 36.51
N ILE A 508 12.02 -34.23 37.33
CA ILE A 508 12.19 -32.81 37.45
C ILE A 508 12.86 -32.51 38.78
N HIS A 509 14.00 -31.85 38.71
CA HIS A 509 14.77 -31.48 39.89
C HIS A 509 14.71 -29.97 40.02
N SER A 510 14.80 -29.48 41.26
CA SER A 510 15.02 -28.06 41.50
C SER A 510 16.44 -27.70 41.14
N SER A 511 16.58 -26.64 40.36
CA SER A 511 17.88 -26.09 40.06
C SER A 511 18.50 -25.49 41.31
N GLU A 512 19.76 -25.11 41.17
CA GLU A 512 20.54 -24.61 42.28
C GLU A 512 19.93 -23.40 42.97
N TRP A 513 20.07 -23.34 44.29
CA TRP A 513 19.56 -22.24 45.10
C TRP A 513 20.72 -21.32 45.45
N GLN A 514 20.41 -20.08 45.79
CA GLN A 514 21.40 -19.07 46.16
C GLN A 514 21.25 -18.71 47.65
N TRP A 515 22.29 -18.17 48.26
CA TRP A 515 22.24 -17.80 49.68
C TRP A 515 23.21 -16.64 49.97
N GLU A 516 24.28 -16.85 50.76
CA GLU A 516 25.20 -15.76 51.12
C GLU A 516 26.04 -15.37 49.89
N LYS A 517 25.82 -14.18 49.36
CA LYS A 517 26.64 -13.68 48.25
C LYS A 517 27.32 -12.36 48.62
N ALA A 518 28.37 -12.02 47.87
CA ALA A 518 29.16 -10.81 48.15
C ALA A 518 29.69 -10.17 46.86
N TYR A 519 29.91 -8.86 46.89
CA TYR A 519 30.57 -8.18 45.78
C TYR A 519 31.85 -7.50 46.25
N LYS A 520 32.92 -7.71 45.51
CA LYS A 520 34.24 -7.25 45.89
C LYS A 520 34.45 -7.30 47.39
N GLY A 521 34.13 -8.42 48.02
CA GLY A 521 34.39 -8.61 49.43
C GLY A 521 33.27 -8.21 50.37
N ILE A 522 32.41 -7.29 49.95
CA ILE A 522 31.34 -6.84 50.84
C ILE A 522 30.09 -7.72 50.70
N VAL A 523 29.72 -8.36 51.80
CA VAL A 523 28.59 -9.29 51.84
C VAL A 523 27.31 -8.51 51.67
N PHE A 524 26.38 -9.02 50.86
CA PHE A 524 25.14 -8.31 50.57
C PHE A 524 24.23 -8.29 51.78
N PRO A 525 23.25 -7.37 51.81
CA PRO A 525 22.31 -7.26 52.93
C PRO A 525 21.49 -8.53 53.17
N GLU A 526 21.07 -8.75 54.41
CA GLU A 526 20.25 -9.92 54.78
C GLU A 526 19.09 -10.23 53.83
N TYR A 527 18.33 -9.20 53.47
CA TYR A 527 17.13 -9.39 52.67
C TYR A 527 17.37 -10.02 51.30
N THR A 528 18.62 -10.02 50.84
CA THR A 528 19.00 -10.71 49.61
C THR A 528 18.91 -12.22 49.78
N LYS A 529 18.94 -12.72 51.02
CA LYS A 529 18.87 -14.16 51.29
C LYS A 529 17.45 -14.65 51.45
N GLU A 530 17.08 -15.67 50.68
CA GLU A 530 15.73 -16.23 50.75
C GLU A 530 15.81 -17.75 50.86
N LEU A 531 15.23 -18.30 51.92
CA LEU A 531 15.38 -19.72 52.22
C LEU A 531 14.89 -20.56 51.04
N PRO A 532 15.72 -21.53 50.59
CA PRO A 532 15.33 -22.42 49.49
C PRO A 532 13.97 -23.06 49.72
N SER A 533 13.21 -23.26 48.64
CA SER A 533 11.90 -23.87 48.75
C SER A 533 11.44 -24.42 47.42
N ALA A 534 10.83 -25.59 47.44
CA ALA A 534 10.23 -26.16 46.23
C ALA A 534 8.93 -26.83 46.57
N LYS A 535 8.09 -27.02 45.55
CA LYS A 535 6.83 -27.69 45.78
C LYS A 535 6.51 -28.61 44.62
N VAL A 536 5.84 -29.72 44.93
CA VAL A 536 5.23 -30.59 43.93
C VAL A 536 3.74 -30.62 44.18
N VAL A 537 2.95 -30.58 43.10
CA VAL A 537 1.52 -30.79 43.19
C VAL A 537 1.18 -31.99 42.31
N ILE A 538 0.31 -32.87 42.80
CA ILE A 538 -0.15 -34.06 42.07
C ILE A 538 -1.66 -34.00 41.88
N THR A 539 -2.14 -34.36 40.70
CA THR A 539 -3.52 -34.13 40.33
C THR A 539 -4.05 -35.21 39.40
N GLU A 540 -5.29 -35.59 39.61
CA GLU A 540 -6.05 -36.35 38.61
C GLU A 540 -6.66 -35.32 37.64
N ASP A 541 -7.52 -35.77 36.74
CA ASP A 541 -8.13 -34.84 35.78
C ASP A 541 -8.67 -33.61 36.51
N ALA A 542 -8.30 -32.44 35.99
CA ALA A 542 -8.68 -31.17 36.62
C ALA A 542 -9.43 -30.23 35.68
N ASN A 543 -9.67 -30.65 34.43
CA ASN A 543 -10.47 -29.85 33.51
C ASN A 543 -11.53 -30.64 32.81
N ALA A 544 -11.83 -31.83 33.34
CA ALA A 544 -12.96 -32.63 32.88
C ALA A 544 -12.96 -32.88 31.37
N ASP A 545 -11.81 -33.24 30.81
CA ASP A 545 -11.74 -33.69 29.41
C ASP A 545 -11.45 -35.19 29.35
N LYS A 546 -11.53 -35.84 30.52
CA LYS A 546 -11.31 -37.27 30.65
C LYS A 546 -9.96 -37.71 30.08
N LYS A 547 -8.94 -36.90 30.33
CA LYS A 547 -7.56 -37.32 30.13
C LYS A 547 -6.66 -36.47 31.00
N VAL A 548 -5.52 -37.03 31.37
CA VAL A 548 -4.63 -36.40 32.32
C VAL A 548 -3.30 -36.10 31.64
N ASP A 549 -3.03 -34.80 31.46
CA ASP A 549 -1.78 -34.34 30.83
C ASP A 549 -1.21 -33.10 31.57
N TRP A 550 -0.32 -32.35 30.92
CA TRP A 550 0.29 -31.16 31.54
C TRP A 550 -0.71 -30.06 31.90
N GLN A 551 -1.79 -29.94 31.13
CA GLN A 551 -2.78 -28.91 31.41
C GLN A 551 -3.38 -29.11 32.79
N ASP A 552 -3.61 -30.37 33.16
CA ASP A 552 -4.10 -30.68 34.51
C ASP A 552 -3.04 -30.33 35.56
N GLY A 553 -1.77 -30.57 35.24
CA GLY A 553 -0.68 -30.08 36.08
C GLY A 553 -0.71 -28.57 36.23
N ALA A 554 -0.84 -27.88 35.10
CA ALA A 554 -0.89 -26.43 35.06
C ALA A 554 -1.97 -25.88 35.98
N ILE A 555 -3.18 -26.41 35.87
CA ILE A 555 -4.28 -25.91 36.71
C ILE A 555 -3.91 -26.05 38.19
N ALA A 556 -3.44 -27.24 38.57
CA ALA A 556 -3.01 -27.51 39.95
C ALA A 556 -1.85 -26.64 40.36
N TYR A 557 -0.97 -26.33 39.40
CA TYR A 557 0.26 -25.60 39.64
C TYR A 557 0.04 -24.20 40.23
N ARG A 558 -1.13 -23.62 39.97
CA ARG A 558 -1.45 -22.26 40.42
C ARG A 558 -1.57 -22.13 41.93
N SER A 559 -1.78 -23.24 42.63
CA SER A 559 -1.86 -23.20 44.07
C SER A 559 -0.52 -23.41 44.78
N ILE A 560 0.54 -23.71 44.05
CA ILE A 560 1.88 -23.78 44.68
C ILE A 560 2.87 -22.71 44.16
N MSE A 561 2.52 -22.07 43.06
CA MSE A 561 3.46 -21.19 42.41
C MSE A 561 3.56 -19.83 43.07
O MSE A 561 2.69 -19.41 43.84
CB MSE A 561 3.03 -21.00 40.96
CG MSE A 561 1.71 -20.24 40.82
SE MSE A 561 1.18 -20.11 38.96
CE MSE A 561 -0.36 -18.91 39.15
N ASN A 562 4.64 -19.11 42.76
CA ASN A 562 4.74 -17.72 43.13
C ASN A 562 3.76 -16.91 42.29
N ASN A 563 3.39 -15.73 42.76
CA ASN A 563 2.59 -14.81 41.95
C ASN A 563 3.18 -13.39 41.99
N PRO A 564 3.36 -12.76 40.83
CA PRO A 564 3.87 -11.40 40.78
C PRO A 564 3.04 -10.45 41.64
N GLN A 565 3.67 -9.79 42.61
CA GLN A 565 2.94 -8.89 43.48
C GLN A 565 2.18 -7.89 42.66
N GLY A 566 0.92 -7.71 43.05
CA GLY A 566 0.01 -6.78 42.38
C GLY A 566 -0.70 -7.39 41.19
N TRP A 567 -0.49 -8.66 40.94
CA TRP A 567 -1.00 -9.28 39.73
C TRP A 567 -2.49 -9.15 39.58
N LYS A 568 -3.21 -9.12 40.69
CA LYS A 568 -4.66 -9.02 40.61
C LYS A 568 -5.17 -7.79 39.86
N LYS A 569 -4.38 -6.72 39.81
CA LYS A 569 -4.81 -5.49 39.17
C LYS A 569 -4.74 -5.56 37.65
N VAL A 570 -3.90 -6.44 37.11
CA VAL A 570 -3.65 -6.46 35.65
C VAL A 570 -4.96 -6.60 34.86
N LYS A 571 -5.85 -7.49 35.31
CA LYS A 571 -7.13 -7.74 34.62
C LYS A 571 -7.80 -6.49 34.16
N ASP A 572 -7.75 -5.48 35.04
CA ASP A 572 -8.63 -4.34 34.94
C ASP A 572 -7.94 -3.08 34.45
N ILE A 573 -6.63 -3.13 34.25
CA ILE A 573 -5.90 -2.05 33.60
C ILE A 573 -5.99 -2.30 32.09
N THR A 574 -6.90 -1.61 31.43
CA THR A 574 -7.15 -1.83 30.02
C THR A 574 -6.43 -0.80 29.14
N ALA A 575 -6.26 0.40 29.67
CA ALA A 575 -5.64 1.52 28.95
C ALA A 575 -4.28 1.98 29.56
N TYR A 576 -3.19 1.33 29.17
CA TYR A 576 -1.85 1.79 29.49
C TYR A 576 -1.40 2.90 28.55
N ARG A 577 -0.49 3.74 29.03
CA ARG A 577 -0.20 5.01 28.40
C ARG A 577 1.03 5.61 29.09
N ILE A 578 1.83 6.37 28.35
CA ILE A 578 2.96 7.08 28.94
C ILE A 578 2.65 8.58 28.88
N ALA A 579 2.86 9.29 30.00
CA ALA A 579 2.71 10.74 30.06
C ALA A 579 4.13 11.29 30.25
N MSE A 580 4.64 12.02 29.27
CA MSE A 580 6.07 12.33 29.25
C MSE A 580 6.49 13.78 29.52
O MSE A 580 5.88 14.72 29.06
CB MSE A 580 6.69 11.87 27.94
CG MSE A 580 8.18 12.08 27.93
SE MSE A 580 9.11 11.22 26.46
CE MSE A 580 10.84 12.19 26.50
N ASN A 581 7.58 13.92 30.26
CA ASN A 581 8.21 15.21 30.47
C ASN A 581 9.70 15.15 30.13
N PHE A 582 10.25 16.23 29.60
CA PHE A 582 11.62 16.21 29.14
C PHE A 582 12.22 17.61 29.01
N GLY A 583 13.45 17.75 29.48
CA GLY A 583 14.26 18.92 29.18
C GLY A 583 13.77 20.21 29.79
N SER A 584 13.23 20.13 31.01
CA SER A 584 12.76 21.32 31.76
C SER A 584 11.49 21.93 31.16
N GLN A 585 10.83 21.19 30.29
CA GLN A 585 9.76 21.74 29.45
C GLN A 585 8.38 21.59 30.08
N ALA A 586 8.21 20.67 31.01
CA ALA A 586 6.94 20.46 31.70
C ALA A 586 5.82 20.33 30.69
N GLN A 587 5.97 19.35 29.80
CA GLN A 587 5.00 19.06 28.74
C GLN A 587 3.73 18.49 29.30
N ASN A 588 3.85 17.68 30.35
CA ASN A 588 2.70 17.05 30.97
C ASN A 588 2.71 17.17 32.50
N PRO A 589 2.29 18.36 33.01
CA PRO A 589 2.12 18.60 34.44
C PRO A 589 1.19 17.57 35.08
N PHE A 590 1.40 17.33 36.36
CA PHE A 590 0.71 16.24 37.07
C PHE A 590 -0.81 16.41 37.05
N LEU A 591 -1.29 17.59 37.44
CA LEU A 591 -2.71 17.86 37.48
C LEU A 591 -3.30 17.80 36.10
N MSE A 592 -2.54 18.20 35.09
CA MSE A 592 -3.00 18.12 33.71
C MSE A 592 -3.24 16.67 33.27
O MSE A 592 -4.12 16.40 32.47
CB MSE A 592 -2.05 18.87 32.77
CG MSE A 592 -1.43 18.01 31.64
SE MSE A 592 -1.64 18.80 29.83
CE MSE A 592 -2.09 17.10 28.86
N THR A 593 -2.45 15.74 33.80
CA THR A 593 -2.64 14.33 33.47
C THR A 593 -4.01 13.83 33.93
N LEU A 594 -4.51 14.42 35.01
CA LEU A 594 -5.83 14.08 35.51
C LEU A 594 -6.93 14.38 34.50
N ASP A 595 -6.77 15.43 33.70
CA ASP A 595 -7.73 15.75 32.65
C ASP A 595 -7.76 14.65 31.59
N GLY A 596 -6.60 14.10 31.26
CA GLY A 596 -6.52 13.01 30.29
C GLY A 596 -7.11 11.72 30.82
N ILE A 597 -6.98 11.52 32.13
CA ILE A 597 -7.61 10.37 32.80
C ILE A 597 -9.11 10.52 32.73
N LYS A 598 -9.60 11.70 33.09
CA LYS A 598 -11.03 11.99 32.99
C LYS A 598 -11.57 11.82 31.57
N LYS A 599 -10.76 12.19 30.58
CA LYS A 599 -11.16 12.13 29.18
C LYS A 599 -11.33 10.68 28.73
N ILE A 600 -10.37 9.85 29.07
CA ILE A 600 -10.45 8.43 28.69
C ILE A 600 -11.56 7.75 29.48
N ASN A 601 -11.79 8.21 30.70
CA ASN A 601 -12.86 7.66 31.53
C ASN A 601 -14.21 7.78 30.81
N LEU A 602 -14.45 8.94 30.23
CA LEU A 602 -15.66 9.18 29.47
C LEU A 602 -15.74 8.32 28.21
N HIS A 603 -14.69 8.35 27.39
CA HIS A 603 -14.70 7.67 26.10
C HIS A 603 -14.81 6.14 26.25
N THR A 604 -14.31 5.60 27.36
CA THR A 604 -14.37 4.15 27.57
C THR A 604 -15.48 3.70 28.54
N ASP A 605 -16.23 4.65 29.09
CA ASP A 605 -17.25 4.37 30.11
C ASP A 605 -16.66 3.63 31.29
N GLY A 606 -15.62 4.19 31.89
CA GLY A 606 -15.07 3.70 33.13
C GLY A 606 -14.20 2.47 33.06
N LEU A 607 -13.57 2.18 31.93
CA LEU A 607 -12.54 1.12 31.91
C LEU A 607 -11.30 1.61 32.66
N GLY A 608 -10.55 0.68 33.24
CA GLY A 608 -9.37 1.01 34.04
C GLY A 608 -8.16 1.46 33.22
N GLN A 609 -7.34 2.30 33.85
CA GLN A 609 -6.23 2.95 33.16
C GLN A 609 -4.92 2.73 33.90
N GLY A 610 -3.84 2.82 33.15
CA GLY A 610 -2.48 2.75 33.71
C GLY A 610 -1.66 3.83 33.04
N VAL A 611 -1.31 4.86 33.81
CA VAL A 611 -0.50 5.95 33.28
C VAL A 611 0.87 5.90 33.92
N LEU A 612 1.87 5.71 33.06
CA LEU A 612 3.29 5.67 33.44
C LEU A 612 3.90 7.05 33.23
N LEU A 613 4.36 7.65 34.33
CA LEU A 613 4.94 8.98 34.31
C LEU A 613 6.44 8.89 34.01
N LYS A 614 6.80 9.09 32.75
CA LYS A 614 8.20 9.04 32.28
C LYS A 614 8.77 10.44 32.27
N GLY A 615 9.60 10.77 33.27
CA GLY A 615 10.04 12.14 33.51
C GLY A 615 9.32 12.84 34.64
N TYR A 616 8.77 12.04 35.55
CA TYR A 616 8.15 12.52 36.79
C TYR A 616 9.14 13.26 37.68
N GLY A 617 10.42 12.93 37.57
CA GLY A 617 11.44 13.48 38.46
C GLY A 617 12.38 14.43 37.77
N SER A 618 13.06 15.24 38.57
CA SER A 618 14.12 16.12 38.08
C SER A 618 13.56 17.07 37.00
N GLU A 619 14.25 17.17 35.87
CA GLU A 619 13.82 17.97 34.72
C GLU A 619 12.97 17.18 33.76
N GLY A 620 12.87 15.88 34.00
CA GLY A 620 12.14 15.00 33.12
C GLY A 620 12.90 13.73 32.86
N HIS A 621 12.57 13.10 31.74
CA HIS A 621 13.06 11.79 31.35
C HIS A 621 14.57 11.83 31.03
N ASP A 622 15.28 10.84 31.55
CA ASP A 622 16.75 10.79 31.48
C ASP A 622 17.40 12.04 32.06
N SER A 623 16.84 12.54 33.17
CA SER A 623 17.48 13.54 34.02
C SER A 623 17.48 13.03 35.48
N GLY A 624 18.44 13.51 36.26
CA GLY A 624 18.58 13.14 37.68
C GLY A 624 18.25 11.69 38.05
N HIS A 625 18.89 10.74 37.37
CA HIS A 625 18.63 9.32 37.64
C HIS A 625 19.22 8.89 38.99
N LEU A 626 18.58 7.91 39.60
CA LEU A 626 18.92 7.38 40.94
C LEU A 626 18.26 8.13 42.10
N ASN A 627 18.16 9.45 42.03
CA ASN A 627 17.39 10.18 43.04
C ASN A 627 15.90 10.07 42.74
N TYR A 628 15.35 8.94 43.17
CA TYR A 628 13.99 8.61 42.86
C TYR A 628 13.04 9.53 43.60
N ALA A 629 13.46 10.01 44.76
CA ALA A 629 12.60 10.88 45.60
C ALA A 629 12.48 12.30 45.04
N ASP A 630 13.31 12.67 44.06
CA ASP A 630 13.33 14.03 43.51
C ASP A 630 12.20 14.23 42.49
N ILE A 631 10.98 14.31 43.01
CA ILE A 631 9.81 14.65 42.21
C ILE A 631 10.03 16.04 41.62
N GLY A 632 9.67 16.18 40.35
CA GLY A 632 10.01 17.35 39.57
C GLY A 632 9.14 18.55 39.90
N LYS A 633 9.77 19.69 40.16
CA LYS A 633 9.05 20.88 40.61
C LYS A 633 8.32 21.62 39.49
N ARG A 634 8.88 21.63 38.28
CA ARG A 634 8.28 22.37 37.17
C ARG A 634 6.99 21.74 36.66
N ILE A 635 6.68 20.53 37.12
CA ILE A 635 5.41 19.89 36.79
C ILE A 635 4.44 19.79 38.00
N GLY A 636 4.80 20.42 39.12
CA GLY A 636 3.93 20.55 40.29
C GLY A 636 4.44 20.01 41.61
N GLY A 637 5.64 19.45 41.64
CA GLY A 637 6.25 18.94 42.87
C GLY A 637 5.47 17.79 43.50
N VAL A 638 5.82 17.43 44.76
CA VAL A 638 5.14 16.32 45.46
C VAL A 638 3.65 16.60 45.69
N GLU A 639 3.32 17.87 45.96
CA GLU A 639 1.97 18.23 46.30
C GLU A 639 1.04 17.73 45.21
N ASP A 640 1.34 18.13 43.97
CA ASP A 640 0.52 17.77 42.81
C ASP A 640 0.55 16.30 42.47
N PHE A 641 1.65 15.63 42.73
CA PHE A 641 1.76 14.22 42.42
C PHE A 641 0.88 13.43 43.38
N LYS A 642 0.87 13.84 44.65
CA LYS A 642 -0.06 13.25 45.62
C LYS A 642 -1.52 13.46 45.21
N THR A 643 -1.89 14.68 44.82
CA THR A 643 -3.26 14.94 44.37
C THR A 643 -3.63 14.04 43.19
N LEU A 644 -2.75 13.99 42.20
CA LEU A 644 -2.98 13.15 41.03
C LEU A 644 -3.28 11.71 41.46
N ILE A 645 -2.52 11.17 42.42
CA ILE A 645 -2.73 9.77 42.83
C ILE A 645 -4.09 9.58 43.50
N GLU A 646 -4.43 10.46 44.45
CA GLU A 646 -5.71 10.34 45.17
C GLU A 646 -6.89 10.44 44.23
N LYS A 647 -6.94 11.50 43.44
CA LYS A 647 -8.08 11.74 42.59
C LYS A 647 -8.20 10.76 41.43
N ALA A 648 -7.09 10.18 41.00
CA ALA A 648 -7.08 9.15 39.95
C ALA A 648 -7.81 7.87 40.36
N LYS A 649 -7.82 7.55 41.65
CA LYS A 649 -8.48 6.33 42.14
C LYS A 649 -9.94 6.30 41.71
N LYS A 650 -10.64 7.43 41.92
CA LYS A 650 -12.03 7.57 41.50
C LYS A 650 -12.30 7.14 40.04
N TYR A 651 -11.30 7.21 39.16
CA TYR A 651 -11.48 6.81 37.74
C TYR A 651 -10.79 5.51 37.35
N GLY A 652 -10.35 4.77 38.36
CA GLY A 652 -9.63 3.54 38.13
C GLY A 652 -8.30 3.79 37.44
N ALA A 653 -7.72 4.97 37.65
CA ALA A 653 -6.43 5.32 37.06
C ALA A 653 -5.32 4.96 38.05
N HIS A 654 -4.54 3.94 37.69
CA HIS A 654 -3.36 3.54 38.45
C HIS A 654 -2.12 4.20 37.89
N LEU A 655 -1.24 4.68 38.77
CA LEU A 655 -0.07 5.43 38.31
C LEU A 655 1.24 4.71 38.58
N GLY A 656 2.19 4.91 37.69
CA GLY A 656 3.53 4.37 37.87
C GLY A 656 4.55 5.40 37.50
N ILE A 657 5.80 5.16 37.88
CA ILE A 657 6.87 6.05 37.54
C ILE A 657 7.97 5.28 36.85
N HIS A 658 8.61 5.92 35.91
CA HIS A 658 9.72 5.36 35.14
C HIS A 658 11.01 5.68 35.89
N VAL A 659 11.72 4.64 36.33
CA VAL A 659 13.02 4.81 36.99
C VAL A 659 14.14 4.05 36.28
N ASN A 660 15.35 4.31 36.71
CA ASN A 660 16.54 3.71 36.12
C ASN A 660 17.46 3.32 37.25
N ALA A 661 17.89 2.07 37.28
CA ALA A 661 18.82 1.64 38.31
C ALA A 661 20.15 1.22 37.70
N SER A 662 20.42 1.70 36.49
CA SER A 662 21.62 1.33 35.76
C SER A 662 22.60 2.46 35.37
N GLU A 663 22.22 3.71 35.62
CA GLU A 663 22.94 4.84 35.03
C GLU A 663 22.60 6.12 35.78
N THR A 664 23.52 7.06 35.80
CA THR A 664 23.26 8.35 36.45
C THR A 664 24.07 9.49 35.83
N TYR A 665 23.58 10.70 36.02
CA TYR A 665 24.21 11.89 35.45
C TYR A 665 24.74 12.72 36.58
N PRO A 666 25.76 13.53 36.30
CA PRO A 666 26.43 14.24 37.38
C PRO A 666 25.48 15.10 38.20
N GLU A 667 24.52 15.74 37.51
CA GLU A 667 23.51 16.57 38.17
C GLU A 667 22.92 15.88 39.42
N SER A 668 22.70 14.57 39.36
CA SER A 668 22.00 13.85 40.43
C SER A 668 22.67 13.98 41.79
N LYS A 669 21.86 13.86 42.84
CA LYS A 669 22.36 13.93 44.21
C LYS A 669 23.19 12.70 44.57
N TYR A 670 22.73 11.52 44.17
CA TYR A 670 23.45 10.28 44.52
C TYR A 670 24.64 10.03 43.60
N PHE A 671 24.89 10.93 42.66
CA PHE A 671 26.04 10.76 41.77
C PHE A 671 27.30 10.95 42.59
N ASN A 672 28.25 10.05 42.38
CA ASN A 672 29.42 9.94 43.25
C ASN A 672 30.35 8.85 42.72
N GLU A 673 31.66 9.08 42.78
CA GLU A 673 32.66 8.18 42.17
C GLU A 673 32.59 6.71 42.59
N LYS A 674 32.27 6.46 43.85
CA LYS A 674 32.25 5.09 44.37
C LYS A 674 31.21 4.21 43.69
N ILE A 675 30.08 4.81 43.34
CA ILE A 675 28.95 4.08 42.76
C ILE A 675 29.14 3.86 41.24
N LEU A 676 30.04 4.61 40.62
CA LEU A 676 30.26 4.53 39.18
C LEU A 676 30.91 3.21 38.77
N ARG A 677 30.56 2.74 37.57
CA ARG A 677 31.09 1.51 37.02
C ARG A 677 32.32 1.82 36.22
N LYS A 678 33.38 1.04 36.42
CA LYS A 678 34.60 1.22 35.66
C LYS A 678 34.98 -0.03 34.89
N ASN A 679 35.60 0.15 33.75
CA ASN A 679 36.18 -0.98 32.99
C ASN A 679 37.48 -1.45 33.65
N PRO A 680 37.86 -2.74 33.43
CA PRO A 680 39.15 -3.32 33.84
C PRO A 680 40.28 -2.31 33.87
N ASP A 681 40.47 -1.55 32.79
CA ASP A 681 41.57 -0.57 32.70
C ASP A 681 41.39 0.70 33.55
N GLY A 682 40.31 0.76 34.32
CA GLY A 682 40.08 1.90 35.21
C GLY A 682 39.34 3.10 34.62
N SER A 683 39.08 3.08 33.30
CA SER A 683 38.25 4.09 32.65
C SER A 683 36.78 3.86 33.03
N TYR A 684 35.97 4.92 32.91
CA TYR A 684 34.55 4.87 33.24
C TYR A 684 33.75 4.11 32.19
N SER A 685 32.69 3.44 32.62
CA SER A 685 31.75 2.82 31.71
C SER A 685 30.67 3.85 31.42
N TYR A 686 30.90 4.67 30.39
CA TYR A 686 29.95 5.70 30.02
C TYR A 686 28.64 5.13 29.48
N GLY A 687 27.52 5.63 29.97
CA GLY A 687 26.22 5.37 29.38
C GLY A 687 25.99 6.26 28.17
N TRP A 688 24.74 6.68 27.96
CA TRP A 688 24.41 7.40 26.72
C TRP A 688 24.46 8.92 26.83
N ASN A 689 24.90 9.55 25.74
CA ASN A 689 25.02 10.98 25.68
C ASN A 689 23.80 11.57 25.02
N TRP A 690 23.06 12.38 25.78
CA TRP A 690 21.90 13.08 25.23
C TRP A 690 21.75 14.52 25.75
N LEU A 691 21.12 14.70 26.92
CA LEU A 691 21.04 16.02 27.56
C LEU A 691 22.39 16.31 28.19
N ASP A 692 22.89 15.29 28.91
CA ASP A 692 24.25 15.25 29.41
C ASP A 692 24.77 13.83 29.18
N GLN A 693 26.09 13.67 29.22
CA GLN A 693 26.74 12.37 29.09
C GLN A 693 26.63 11.67 30.43
N GLY A 694 25.95 10.52 30.47
CA GLY A 694 25.80 9.76 31.70
C GLY A 694 26.94 8.78 31.91
N ILE A 695 26.94 8.15 33.09
CA ILE A 695 27.91 7.11 33.41
C ILE A 695 27.16 5.96 34.09
N ASN A 696 27.48 4.73 33.69
CA ASN A 696 26.83 3.54 34.24
C ASN A 696 27.23 3.38 35.66
N ILE A 697 26.43 2.66 36.41
CA ILE A 697 26.78 2.40 37.78
C ILE A 697 26.85 0.90 38.00
N ASP A 698 27.59 0.50 39.02
CA ASP A 698 27.75 -0.90 39.37
C ASP A 698 26.59 -1.29 40.25
N ALA A 699 25.62 -1.98 39.68
CA ALA A 699 24.43 -2.34 40.42
C ALA A 699 24.76 -3.23 41.63
N ALA A 700 25.74 -4.11 41.47
CA ALA A 700 26.23 -4.94 42.58
C ALA A 700 26.76 -4.06 43.73
N TYR A 701 27.62 -3.11 43.41
CA TYR A 701 28.08 -2.18 44.43
C TYR A 701 26.90 -1.47 45.08
N ASP A 702 25.98 -1.02 44.24
CA ASP A 702 24.82 -0.25 44.67
C ASP A 702 23.97 -1.02 45.67
N LEU A 703 23.70 -2.28 45.35
CA LEU A 703 23.01 -3.18 46.26
C LEU A 703 23.77 -3.31 47.58
N ALA A 704 25.06 -3.53 47.48
CA ALA A 704 25.93 -3.70 48.64
C ALA A 704 26.06 -2.42 49.48
N HIS A 705 25.65 -1.29 48.93
CA HIS A 705 25.85 0.01 49.57
C HIS A 705 24.59 0.86 49.56
N GLY A 706 23.52 0.29 50.06
CA GLY A 706 22.36 1.06 50.48
C GLY A 706 21.33 1.48 49.44
N ARG A 707 21.25 0.77 48.33
CA ARG A 707 20.23 1.07 47.30
C ARG A 707 18.81 1.03 47.86
N LEU A 708 18.56 0.16 48.81
CA LEU A 708 17.25 0.07 49.42
C LEU A 708 16.81 1.41 50.00
N ALA A 709 17.76 2.14 50.61
CA ALA A 709 17.47 3.43 51.24
C ALA A 709 16.77 4.37 50.25
N ARG A 710 17.21 4.32 48.99
CA ARG A 710 16.66 5.18 47.96
C ARG A 710 15.18 4.91 47.65
N TRP A 711 14.77 3.64 47.63
CA TRP A 711 13.35 3.30 47.47
C TRP A 711 12.54 3.80 48.66
N GLU A 712 13.06 3.58 49.85
CA GLU A 712 12.36 3.96 51.05
C GLU A 712 12.16 5.47 51.13
N ASP A 713 13.12 6.25 50.64
CA ASP A 713 12.94 7.71 50.56
C ASP A 713 11.80 8.08 49.64
N LEU A 714 11.74 7.46 48.46
CA LEU A 714 10.65 7.71 47.53
C LEU A 714 9.34 7.43 48.23
N LYS A 715 9.26 6.28 48.91
CA LYS A 715 8.05 5.89 49.65
C LYS A 715 7.68 6.91 50.72
N LYS A 716 8.65 7.31 51.54
CA LYS A 716 8.42 8.30 52.57
C LYS A 716 7.90 9.60 51.99
N LYS A 717 8.38 9.96 50.82
CA LYS A 717 8.04 11.22 50.19
C LYS A 717 6.65 11.19 49.57
N LEU A 718 6.32 10.08 48.93
CA LEU A 718 5.07 9.99 48.18
C LEU A 718 3.93 9.52 49.04
N GLY A 719 4.22 8.59 49.94
CA GLY A 719 3.16 7.97 50.73
C GLY A 719 2.50 6.84 49.96
N ASP A 720 1.41 6.32 50.49
CA ASP A 720 0.71 5.21 49.83
C ASP A 720 0.01 5.76 48.62
N GLY A 721 -0.37 4.89 47.69
CA GLY A 721 -1.10 5.31 46.51
C GLY A 721 -0.51 4.83 45.21
N LEU A 722 0.80 4.87 45.06
CA LEU A 722 1.41 4.58 43.79
C LEU A 722 1.21 3.11 43.45
N ASP A 723 0.93 2.80 42.19
CA ASP A 723 0.69 1.43 41.82
C ASP A 723 2.00 0.71 41.49
N PHE A 724 2.73 1.17 40.48
CA PHE A 724 3.88 0.38 39.97
C PHE A 724 5.14 1.16 39.69
N ILE A 725 6.26 0.44 39.62
CA ILE A 725 7.56 1.02 39.21
C ILE A 725 8.06 0.31 37.96
N TYR A 726 8.29 1.10 36.92
CA TYR A 726 8.82 0.61 35.66
C TYR A 726 10.30 0.87 35.65
N VAL A 727 11.08 -0.21 35.64
CA VAL A 727 12.53 -0.11 35.64
C VAL A 727 13.02 -0.23 34.22
N ASP A 728 13.55 0.87 33.70
CA ASP A 728 13.98 0.95 32.31
C ASP A 728 15.36 0.34 32.25
N VAL A 729 15.77 -0.10 31.06
CA VAL A 729 17.16 -0.46 30.78
C VAL A 729 17.62 -1.77 31.43
N TRP A 730 17.18 -2.01 32.67
CA TRP A 730 17.60 -3.15 33.46
C TRP A 730 17.43 -4.43 32.67
N GLY A 731 18.53 -5.13 32.44
CA GLY A 731 18.52 -6.29 31.56
C GLY A 731 19.58 -6.23 30.48
N ASN A 732 20.03 -5.02 30.14
CA ASN A 732 20.97 -4.85 29.05
C ASN A 732 22.42 -4.94 29.50
N GLY A 733 22.65 -5.24 30.78
CA GLY A 733 24.01 -5.37 31.31
C GLY A 733 24.86 -4.10 31.37
N GLN A 734 24.24 -2.94 31.15
CA GLN A 734 24.91 -1.63 31.38
C GLN A 734 25.50 -1.60 32.80
N SER A 735 24.67 -1.92 33.80
CA SER A 735 25.06 -1.84 35.21
C SER A 735 25.63 -3.15 35.76
N GLY A 736 25.96 -4.08 34.87
CA GLY A 736 26.58 -5.33 35.25
C GLY A 736 25.60 -6.47 35.19
N ASP A 737 25.61 -7.29 36.24
CA ASP A 737 24.75 -8.44 36.33
C ASP A 737 23.32 -7.98 36.54
N ASN A 738 22.44 -8.27 35.58
CA ASN A 738 21.00 -8.03 35.73
C ASN A 738 20.27 -9.36 35.51
N GLY A 739 20.84 -10.42 36.07
CA GLY A 739 20.25 -11.76 35.93
C GLY A 739 19.04 -12.01 36.78
N ALA A 740 18.61 -13.27 36.78
CA ALA A 740 17.45 -13.70 37.57
C ALA A 740 17.63 -13.27 39.01
N TRP A 741 18.78 -13.60 39.58
CA TRP A 741 19.03 -13.35 40.98
C TRP A 741 18.99 -11.86 41.30
N ALA A 742 19.81 -11.09 40.59
CA ALA A 742 19.88 -9.64 40.75
C ALA A 742 18.50 -8.97 40.54
N THR A 743 17.73 -9.47 39.56
CA THR A 743 16.42 -8.93 39.28
C THR A 743 15.41 -9.27 40.39
N HIS A 744 15.46 -10.50 40.91
CA HIS A 744 14.60 -10.86 42.04
C HIS A 744 14.83 -9.91 43.22
N VAL A 745 16.09 -9.58 43.46
CA VAL A 745 16.44 -8.76 44.61
C VAL A 745 15.89 -7.34 44.42
N LEU A 746 16.03 -6.81 43.21
CA LEU A 746 15.51 -5.49 42.87
C LEU A 746 14.00 -5.49 43.03
N ALA A 747 13.33 -6.49 42.45
CA ALA A 747 11.89 -6.58 42.57
C ALA A 747 11.43 -6.62 44.04
N LYS A 748 12.18 -7.28 44.92
CA LYS A 748 11.78 -7.38 46.31
C LYS A 748 11.91 -6.04 46.97
N GLU A 749 12.95 -5.29 46.62
CA GLU A 749 13.09 -3.94 47.15
C GLU A 749 11.88 -3.08 46.78
N ILE A 750 11.49 -3.14 45.51
CA ILE A 750 10.34 -2.38 45.00
C ILE A 750 9.03 -2.89 45.61
N ASN A 751 8.84 -4.20 45.58
CA ASN A 751 7.61 -4.82 46.08
C ASN A 751 7.37 -4.50 47.55
N LYS A 752 8.45 -4.47 48.31
CA LYS A 752 8.41 -4.26 49.74
C LYS A 752 7.88 -2.89 50.09
N GLN A 753 7.94 -1.95 49.17
CA GLN A 753 7.36 -0.62 49.37
C GLN A 753 5.88 -0.60 49.03
N GLY A 754 5.37 -1.71 48.52
CA GLY A 754 3.97 -1.81 48.14
C GLY A 754 3.75 -1.61 46.66
N TRP A 755 4.81 -1.60 45.87
CA TRP A 755 4.70 -1.32 44.45
C TRP A 755 4.83 -2.57 43.57
N ARG A 756 4.13 -2.50 42.44
CA ARG A 756 4.15 -3.52 41.41
C ARG A 756 5.39 -3.35 40.58
N PHE A 757 5.84 -4.40 39.91
CA PHE A 757 7.08 -4.40 39.15
C PHE A 757 6.77 -4.50 37.64
N ALA A 758 7.39 -3.63 36.84
CA ALA A 758 7.30 -3.67 35.37
C ALA A 758 8.68 -3.39 34.81
N ILE A 759 9.03 -3.99 33.68
CA ILE A 759 10.35 -3.79 33.08
C ILE A 759 10.27 -3.57 31.57
N GLU A 760 11.35 -3.05 31.00
CA GLU A 760 11.42 -2.82 29.55
C GLU A 760 11.55 -4.17 28.84
N TRP A 761 12.62 -4.87 29.18
CA TRP A 761 12.94 -6.22 28.68
C TRP A 761 11.79 -7.23 28.73
N GLY A 762 11.66 -8.05 27.70
CA GLY A 762 10.67 -9.14 27.70
C GLY A 762 11.27 -10.46 28.17
N HIS A 763 12.58 -10.60 27.95
CA HIS A 763 13.35 -11.68 28.55
C HIS A 763 13.26 -11.54 30.06
N GLY A 764 13.14 -10.29 30.54
CA GLY A 764 13.47 -9.95 31.91
C GLY A 764 12.37 -10.20 32.91
N GLY A 765 12.79 -10.23 34.18
CA GLY A 765 11.90 -10.29 35.35
C GLY A 765 10.73 -11.24 35.29
N GLU A 766 10.98 -12.47 34.84
CA GLU A 766 9.91 -13.44 34.67
C GLU A 766 9.24 -13.82 36.00
N TYR A 767 9.99 -13.79 37.09
CA TYR A 767 9.48 -14.25 38.39
C TYR A 767 8.59 -13.21 39.05
N ASP A 768 8.84 -11.94 38.79
CA ASP A 768 8.16 -10.87 39.52
C ASP A 768 7.42 -9.85 38.67
N SER A 769 7.79 -9.66 37.41
CA SER A 769 7.18 -8.57 36.63
C SER A 769 5.73 -8.84 36.22
N THR A 770 4.96 -7.78 36.07
CA THR A 770 3.58 -7.86 35.61
C THR A 770 3.36 -7.10 34.30
N PHE A 771 4.44 -6.58 33.72
CA PHE A 771 4.33 -5.78 32.51
C PHE A 771 5.69 -5.68 31.81
N HIS A 772 5.72 -5.99 30.52
CA HIS A 772 6.93 -5.87 29.72
C HIS A 772 6.68 -5.02 28.49
N HIS A 773 7.38 -3.88 28.40
CA HIS A 773 7.28 -2.99 27.25
C HIS A 773 7.47 -3.72 25.92
N TRP A 774 8.41 -4.63 25.85
CA TRP A 774 8.65 -5.36 24.61
C TRP A 774 7.45 -6.16 24.15
N ALA A 775 6.64 -6.59 25.12
CA ALA A 775 5.47 -7.41 24.86
C ALA A 775 4.34 -6.52 24.42
N ALA A 776 4.23 -5.39 25.11
CA ALA A 776 3.09 -4.49 25.01
C ALA A 776 3.16 -3.60 23.78
N ASP A 777 4.34 -3.12 23.44
CA ASP A 777 4.51 -2.21 22.31
C ASP A 777 4.84 -3.05 21.09
N LEU A 778 3.82 -3.47 20.37
CA LEU A 778 4.04 -4.45 19.31
C LEU A 778 5.07 -4.04 18.22
N THR A 779 5.13 -2.75 17.90
CA THR A 779 5.97 -2.27 16.77
C THR A 779 7.32 -1.83 17.26
N TYR A 780 8.11 -2.74 17.81
CA TYR A 780 9.36 -2.32 18.46
C TYR A 780 10.32 -3.47 18.78
N GLY A 781 11.42 -3.55 18.05
CA GLY A 781 12.39 -4.63 18.22
C GLY A 781 12.27 -5.80 17.25
N GLY A 782 11.15 -5.88 16.53
CA GLY A 782 10.97 -6.94 15.55
C GLY A 782 10.58 -8.26 16.20
N TYR A 783 10.47 -9.29 15.38
CA TYR A 783 9.90 -10.56 15.81
C TYR A 783 10.65 -11.35 16.88
N THR A 784 11.92 -11.02 17.14
CA THR A 784 12.72 -11.76 18.10
C THR A 784 12.85 -11.05 19.44
N ASN A 785 12.08 -10.00 19.65
CA ASN A 785 12.14 -9.22 20.89
C ASN A 785 10.77 -8.96 21.50
N LYS A 786 9.87 -9.92 21.38
CA LYS A 786 8.52 -9.70 21.84
C LYS A 786 8.28 -10.44 23.15
N GLY A 787 7.05 -10.88 23.39
CA GLY A 787 6.70 -11.52 24.65
C GLY A 787 7.08 -12.98 24.71
N ILE A 788 6.64 -13.62 25.80
CA ILE A 788 6.96 -15.01 26.06
C ILE A 788 6.18 -15.90 25.09
N ASN A 789 6.90 -16.56 24.17
CA ASN A 789 6.30 -17.47 23.22
C ASN A 789 6.32 -18.88 23.79
N SER A 790 5.37 -19.14 24.69
CA SER A 790 5.21 -20.43 25.33
C SER A 790 3.73 -20.63 25.64
N ALA A 791 3.11 -21.65 25.03
CA ALA A 791 1.71 -21.98 25.40
C ALA A 791 1.60 -22.38 26.88
N ILE A 792 2.56 -23.15 27.37
CA ILE A 792 2.55 -23.60 28.77
C ILE A 792 2.53 -22.40 29.70
N THR A 793 3.51 -21.51 29.55
CA THR A 793 3.61 -20.33 30.43
C THR A 793 2.39 -19.42 30.35
N ARG A 794 1.93 -19.15 29.15
CA ARG A 794 0.75 -18.34 29.00
C ARG A 794 -0.48 -19.06 29.55
N PHE A 795 -0.58 -20.37 29.36
CA PHE A 795 -1.67 -21.16 29.97
C PHE A 795 -1.72 -20.81 31.45
N ILE A 796 -0.57 -20.91 32.10
CA ILE A 796 -0.48 -20.81 33.54
C ILE A 796 -0.76 -19.38 34.03
N ARG A 797 -0.23 -18.36 33.34
CA ARG A 797 -0.18 -17.01 33.92
C ARG A 797 -0.82 -15.90 33.10
N ASN A 798 -1.60 -16.24 32.10
CA ASN A 798 -2.11 -15.22 31.20
C ASN A 798 -2.84 -14.13 31.93
N HIS A 799 -3.47 -14.50 33.05
CA HIS A 799 -4.32 -13.60 33.82
C HIS A 799 -3.56 -12.68 34.79
N GLN A 800 -2.25 -12.86 34.92
CA GLN A 800 -1.48 -12.20 35.96
C GLN A 800 -0.54 -11.10 35.44
N LYS A 801 -0.31 -11.05 34.14
CA LYS A 801 0.67 -10.12 33.59
C LYS A 801 0.41 -9.85 32.11
N ASP A 802 0.99 -8.76 31.62
CA ASP A 802 0.98 -8.45 30.19
C ASP A 802 2.41 -8.67 29.71
N ALA A 803 2.65 -9.86 29.17
CA ALA A 803 3.99 -10.35 28.93
C ALA A 803 4.04 -11.29 27.73
N TRP A 804 3.06 -11.17 26.84
CA TRP A 804 2.78 -12.22 25.88
C TRP A 804 2.93 -11.74 24.45
N VAL A 805 2.68 -12.64 23.52
CA VAL A 805 2.77 -12.33 22.10
C VAL A 805 1.39 -11.87 21.69
N GLY A 806 1.29 -10.59 21.33
CA GLY A 806 0.03 -10.02 20.85
C GLY A 806 -0.05 -10.15 19.35
N ASP A 807 -1.11 -9.60 18.76
CA ASP A 807 -1.36 -9.73 17.33
C ASP A 807 -0.53 -8.73 16.56
N TYR A 808 0.38 -9.26 15.74
CA TYR A 808 1.13 -8.44 14.80
C TYR A 808 1.46 -9.31 13.58
N ARG A 809 0.56 -9.30 12.62
CA ARG A 809 0.64 -10.19 11.47
C ARG A 809 2.04 -10.32 10.87
N SER A 810 2.71 -9.17 10.74
CA SER A 810 4.08 -9.11 10.19
C SER A 810 5.02 -10.14 10.78
N TYR A 811 5.02 -10.24 12.11
CA TYR A 811 5.95 -11.08 12.83
C TYR A 811 5.67 -12.58 12.69
N GLY A 812 4.48 -12.94 12.21
CA GLY A 812 4.15 -14.35 11.98
C GLY A 812 4.17 -15.18 13.25
N GLY A 813 4.13 -16.50 13.10
CA GLY A 813 4.13 -17.43 14.24
C GLY A 813 3.03 -17.13 15.24
N ALA A 814 3.39 -17.20 16.51
CA ALA A 814 2.47 -16.89 17.62
C ALA A 814 1.81 -15.53 17.47
N ALA A 815 2.47 -14.62 16.76
CA ALA A 815 2.01 -13.25 16.58
C ALA A 815 0.96 -13.11 15.49
N ASN A 816 0.71 -14.19 14.75
CA ASN A 816 -0.38 -14.20 13.76
C ASN A 816 -1.72 -14.50 14.44
N TYR A 817 -2.33 -13.46 15.00
CA TYR A 817 -3.65 -13.54 15.63
C TYR A 817 -3.77 -14.58 16.76
N PRO A 818 -3.05 -14.35 17.87
CA PRO A 818 -3.17 -15.19 19.06
C PRO A 818 -4.57 -15.16 19.58
N LEU A 819 -5.10 -16.31 19.95
CA LEU A 819 -6.50 -16.41 20.35
C LEU A 819 -6.78 -15.68 21.65
N LEU A 820 -5.81 -15.65 22.58
CA LEU A 820 -5.99 -14.88 23.82
C LEU A 820 -5.69 -13.39 23.64
N GLY A 821 -5.36 -12.99 22.42
CA GLY A 821 -5.08 -11.62 22.09
C GLY A 821 -3.73 -11.24 22.64
N GLY A 822 -3.67 -10.16 23.43
CA GLY A 822 -2.41 -9.73 24.03
C GLY A 822 -2.28 -8.24 23.91
N TYR A 823 -1.87 -7.60 25.01
CA TYR A 823 -1.95 -6.15 25.13
C TYR A 823 -1.16 -5.46 24.05
N SER A 824 -1.82 -4.54 23.35
CA SER A 824 -1.17 -3.70 22.35
C SER A 824 -1.30 -2.27 22.77
N MSE A 825 -0.17 -1.58 22.86
CA MSE A 825 -0.12 -0.29 23.47
C MSE A 825 0.10 0.79 22.45
O MSE A 825 0.78 0.59 21.45
CB MSE A 825 0.99 -0.23 24.48
CG MSE A 825 0.97 1.07 25.23
SE MSE A 825 2.24 1.14 26.70
CE MSE A 825 3.94 1.41 25.67
N LYS A 826 -0.51 1.93 22.76
CA LYS A 826 -0.30 3.19 22.05
C LYS A 826 -0.28 4.29 23.12
N ASP A 827 -0.17 5.55 22.69
CA ASP A 827 -0.34 6.68 23.60
C ASP A 827 -0.53 8.01 22.87
N PHE A 828 -0.97 9.00 23.61
CA PHE A 828 -1.21 10.32 23.06
C PHE A 828 -0.62 11.45 23.92
N GLU A 829 0.00 11.12 25.05
CA GLU A 829 0.59 12.13 25.95
C GLU A 829 2.14 12.17 25.82
N GLY A 830 2.64 12.21 24.58
CA GLY A 830 4.05 12.54 24.33
C GLY A 830 5.06 11.50 23.87
N TRP A 831 4.94 10.25 24.33
CA TRP A 831 5.96 9.18 24.05
C TRP A 831 6.24 8.90 22.55
N GLN A 832 7.50 9.05 22.17
CA GLN A 832 7.98 8.88 20.79
C GLN A 832 7.32 9.85 19.80
N GLY A 833 6.96 11.04 20.27
CA GLY A 833 6.39 12.10 19.41
C GLY A 833 4.94 11.88 19.02
N ARG A 834 4.32 10.90 19.69
CA ARG A 834 2.98 10.47 19.38
C ARG A 834 2.02 11.14 20.35
N SER A 835 1.13 11.94 19.78
CA SER A 835 0.06 12.54 20.54
C SER A 835 -1.27 12.50 19.77
N ASP A 836 -1.56 11.39 19.06
CA ASP A 836 -2.88 11.20 18.39
C ASP A 836 -3.87 10.35 19.21
N TYR A 837 -4.97 11.01 19.56
CA TYR A 837 -5.91 10.52 20.54
C TYR A 837 -6.88 9.52 19.93
N ASN A 838 -7.31 9.73 18.70
CA ASN A 838 -8.35 8.85 18.14
C ASN A 838 -7.84 7.42 18.05
N GLY A 839 -6.67 7.26 17.44
CA GLY A 839 -6.08 5.96 17.27
C GLY A 839 -5.78 5.24 18.58
N TYR A 840 -5.67 6.00 19.67
CA TYR A 840 -5.44 5.40 20.99
C TYR A 840 -6.67 4.63 21.42
N VAL A 841 -7.84 5.29 21.38
CA VAL A 841 -9.08 4.66 21.82
C VAL A 841 -9.48 3.53 20.89
N THR A 842 -9.33 3.73 19.58
CA THR A 842 -9.68 2.70 18.63
C THR A 842 -8.91 1.44 18.90
N ASN A 843 -7.61 1.57 19.06
CA ASN A 843 -6.74 0.44 19.35
C ASN A 843 -7.19 -0.27 20.62
N LEU A 844 -7.57 0.52 21.62
CA LEU A 844 -8.02 0.01 22.91
C LEU A 844 -9.17 -0.98 22.75
N PHE A 845 -10.13 -0.65 21.91
CA PHE A 845 -11.26 -1.55 21.72
C PHE A 845 -10.92 -2.64 20.74
N ALA A 846 -10.10 -2.33 19.75
CA ALA A 846 -9.77 -3.29 18.73
C ALA A 846 -9.04 -4.48 19.35
N HIS A 847 -8.12 -4.24 20.28
CA HIS A 847 -7.24 -5.30 20.79
C HIS A 847 -7.27 -5.54 22.30
N ASP A 848 -7.49 -4.50 23.09
CA ASP A 848 -7.24 -4.60 24.53
C ASP A 848 -8.47 -5.01 25.35
N VAL A 849 -9.65 -4.60 24.94
CA VAL A 849 -10.86 -4.96 25.69
C VAL A 849 -10.99 -6.48 25.77
N MSE A 850 -10.93 -7.18 24.64
CA MSE A 850 -11.03 -8.64 24.68
C MSE A 850 -9.84 -9.28 25.41
O MSE A 850 -10.01 -10.24 26.15
CB MSE A 850 -11.18 -9.24 23.27
CG MSE A 850 -12.54 -9.02 22.65
SE MSE A 850 -14.15 -9.44 23.80
CE MSE A 850 -13.82 -11.38 24.06
N THR A 851 -8.63 -8.75 25.18
CA THR A 851 -7.45 -9.26 25.85
C THR A 851 -7.66 -9.24 27.35
N LYS A 852 -8.23 -8.16 27.84
CA LYS A 852 -8.46 -8.00 29.28
C LYS A 852 -9.65 -8.78 29.79
N TYR A 853 -10.65 -8.97 28.94
CA TYR A 853 -11.77 -9.84 29.28
C TYR A 853 -11.25 -11.22 29.66
N PHE A 854 -10.46 -11.81 28.79
CA PHE A 854 -9.93 -13.13 29.06
C PHE A 854 -9.15 -13.19 30.37
N GLN A 855 -8.55 -12.08 30.77
CA GLN A 855 -7.75 -12.06 32.01
C GLN A 855 -8.62 -12.09 33.28
N HIS A 856 -9.92 -11.91 33.13
CA HIS A 856 -10.84 -12.15 34.22
C HIS A 856 -11.17 -13.64 34.42
N PHE A 857 -10.47 -14.51 33.70
CA PHE A 857 -10.64 -15.96 33.79
C PHE A 857 -9.29 -16.60 33.80
N THR A 858 -9.22 -17.85 34.23
CA THR A 858 -8.00 -18.63 34.10
C THR A 858 -8.19 -19.69 33.01
N VAL A 859 -7.14 -19.90 32.22
CA VAL A 859 -7.16 -20.94 31.18
C VAL A 859 -7.30 -22.34 31.83
N SER A 860 -8.08 -23.21 31.19
CA SER A 860 -8.26 -24.59 31.66
C SER A 860 -8.07 -25.65 30.58
N LYS A 861 -8.16 -25.24 29.31
CA LYS A 861 -7.89 -26.13 28.18
C LYS A 861 -7.29 -25.35 27.00
N TRP A 862 -6.32 -25.98 26.33
CA TRP A 862 -5.57 -25.42 25.23
C TRP A 862 -5.35 -26.51 24.20
N GLU A 863 -5.90 -26.34 23.01
CA GLU A 863 -5.89 -27.38 21.98
C GLU A 863 -5.21 -26.78 20.75
N ASN A 864 -4.21 -27.48 20.22
CA ASN A 864 -3.52 -27.02 19.01
C ASN A 864 -3.97 -27.71 17.74
N GLY A 865 -3.61 -27.11 16.61
CA GLY A 865 -4.04 -27.60 15.31
C GLY A 865 -2.91 -28.17 14.48
N THR A 866 -3.12 -28.18 13.18
CA THR A 866 -2.14 -28.73 12.26
C THR A 866 -1.02 -27.73 12.05
N PRO A 867 0.22 -28.22 11.99
CA PRO A 867 1.33 -27.36 11.60
C PRO A 867 1.03 -26.63 10.29
N VAL A 868 1.52 -25.40 10.17
CA VAL A 868 1.27 -24.61 8.97
C VAL A 868 2.57 -23.91 8.57
N THR A 869 2.74 -23.67 7.27
CA THR A 869 3.94 -23.01 6.79
C THR A 869 3.73 -21.52 6.58
N MSE A 870 4.67 -20.73 7.09
CA MSE A 870 4.69 -19.30 6.86
C MSE A 870 6.04 -18.87 6.31
O MSE A 870 7.01 -19.64 6.30
CB MSE A 870 4.39 -18.55 8.16
CG MSE A 870 2.93 -18.71 8.56
SE MSE A 870 2.38 -17.66 10.13
CE MSE A 870 2.25 -15.85 9.34
N THR A 871 6.07 -17.64 5.80
CA THR A 871 7.29 -17.01 5.30
C THR A 871 7.31 -15.54 5.67
N ASP A 872 8.18 -15.16 6.60
CA ASP A 872 8.42 -13.75 6.90
C ASP A 872 9.75 -13.49 7.61
N ASN A 873 10.08 -12.19 7.70
CA ASN A 873 11.32 -11.69 8.32
C ASN A 873 12.55 -12.45 7.88
N GLY A 874 12.60 -12.75 6.59
CA GLY A 874 13.76 -13.42 6.02
C GLY A 874 13.86 -14.91 6.26
N SER A 875 12.75 -15.57 6.59
CA SER A 875 12.76 -17.03 6.71
C SER A 875 11.43 -17.74 6.37
N THR A 876 11.52 -19.05 6.21
CA THR A 876 10.38 -19.92 6.01
C THR A 876 10.47 -21.00 7.06
N TYR A 877 9.40 -21.15 7.82
CA TYR A 877 9.41 -21.90 9.07
C TYR A 877 8.04 -22.49 9.25
N LYS A 878 7.94 -23.55 10.05
CA LYS A 878 6.67 -24.23 10.30
C LYS A 878 6.15 -23.91 11.71
N TRP A 879 4.83 -23.76 11.83
CA TRP A 879 4.22 -23.30 13.07
C TRP A 879 2.88 -24.00 13.36
N THR A 880 2.76 -24.51 14.59
CA THR A 880 1.51 -25.13 15.07
C THR A 880 0.69 -24.10 15.84
N PRO A 881 -0.43 -23.65 15.26
CA PRO A 881 -1.21 -22.65 15.96
C PRO A 881 -2.13 -23.24 17.01
N GLU A 882 -2.57 -22.39 17.94
CA GLU A 882 -3.62 -22.78 18.87
C GLU A 882 -5.00 -22.67 18.17
N MSE A 883 -5.87 -23.63 18.41
CA MSE A 883 -7.15 -23.67 17.75
C MSE A 883 -8.31 -23.39 18.68
O MSE A 883 -9.28 -22.72 18.30
CB MSE A 883 -7.35 -25.02 17.08
CG MSE A 883 -6.46 -25.22 15.87
SE MSE A 883 -6.77 -23.95 14.40
CE MSE A 883 -8.74 -24.16 14.16
N ARG A 884 -8.23 -23.91 19.90
CA ARG A 884 -9.29 -23.76 20.86
C ARG A 884 -8.66 -23.52 22.22
N VAL A 885 -9.10 -22.46 22.90
CA VAL A 885 -8.74 -22.24 24.29
C VAL A 885 -10.03 -22.13 25.11
N GLU A 886 -10.04 -22.78 26.27
CA GLU A 886 -11.16 -22.65 27.20
C GLU A 886 -10.65 -22.00 28.46
N LEU A 887 -11.45 -21.07 28.99
CA LEU A 887 -11.11 -20.40 30.24
C LEU A 887 -12.24 -20.58 31.23
N VAL A 888 -11.95 -20.39 32.51
CA VAL A 888 -12.89 -20.65 33.58
C VAL A 888 -12.78 -19.62 34.71
N ASP A 889 -13.80 -19.59 35.53
CA ASP A 889 -14.14 -18.51 36.44
C ASP A 889 -14.36 -19.16 37.80
N ALA A 890 -14.18 -18.40 38.87
CA ALA A 890 -14.52 -18.93 40.20
C ALA A 890 -16.00 -19.32 40.31
N ASP A 891 -16.88 -18.64 39.58
CA ASP A 891 -18.31 -18.94 39.60
C ASP A 891 -18.76 -19.85 38.46
N ASN A 892 -17.84 -20.68 37.97
CA ASN A 892 -18.15 -21.72 36.97
C ASN A 892 -18.56 -21.19 35.59
N ASN A 893 -18.43 -19.89 35.35
CA ASN A 893 -18.55 -19.38 33.99
C ASN A 893 -17.48 -20.02 33.09
N LYS A 894 -17.82 -20.15 31.82
CA LYS A 894 -16.98 -20.87 30.89
C LYS A 894 -16.89 -20.09 29.58
N VAL A 895 -15.69 -19.66 29.22
CA VAL A 895 -15.45 -18.95 27.97
C VAL A 895 -14.76 -19.93 27.03
N VAL A 896 -15.12 -19.88 25.76
CA VAL A 896 -14.50 -20.74 24.75
C VAL A 896 -14.14 -19.94 23.52
N VAL A 897 -12.84 -19.82 23.28
CA VAL A 897 -12.30 -19.09 22.15
C VAL A 897 -11.88 -20.11 21.11
N THR A 898 -12.32 -19.92 19.87
CA THR A 898 -12.01 -20.87 18.79
C THR A 898 -11.60 -20.13 17.52
N ARG A 899 -10.51 -20.56 16.90
CA ARG A 899 -10.08 -20.00 15.64
C ARG A 899 -10.93 -20.60 14.54
N LYS A 900 -11.34 -19.78 13.58
CA LYS A 900 -12.31 -20.17 12.55
C LYS A 900 -11.72 -20.90 11.36
N SER A 901 -10.40 -21.03 11.30
CA SER A 901 -9.74 -21.82 10.27
C SER A 901 -8.33 -22.21 10.67
N ASN A 902 -7.94 -23.43 10.31
CA ASN A 902 -6.54 -23.89 10.49
C ASN A 902 -5.66 -23.45 9.31
N ASP A 903 -6.29 -22.96 8.23
CA ASP A 903 -5.61 -22.65 6.98
C ASP A 903 -5.02 -21.24 7.00
N VAL A 904 -3.69 -21.12 7.03
CA VAL A 904 -3.03 -19.80 7.09
C VAL A 904 -3.34 -18.92 5.91
N ASN A 905 -3.61 -19.51 4.74
CA ASN A 905 -4.02 -18.71 3.58
C ASN A 905 -5.45 -18.16 3.70
N SER A 906 -6.29 -18.77 4.53
CA SER A 906 -7.65 -18.29 4.74
C SER A 906 -7.67 -17.04 5.62
N PRO A 907 -8.59 -16.11 5.31
CA PRO A 907 -8.74 -14.94 6.20
C PRO A 907 -9.31 -15.31 7.58
N GLN A 908 -9.99 -16.44 7.65
CA GLN A 908 -10.63 -16.89 8.88
C GLN A 908 -9.63 -17.52 9.85
N TYR A 909 -8.42 -17.74 9.36
CA TYR A 909 -7.31 -18.05 10.23
C TYR A 909 -7.14 -16.92 11.23
N ARG A 910 -7.36 -15.69 10.77
CA ARG A 910 -7.19 -14.53 11.63
C ARG A 910 -8.50 -14.12 12.32
N GLU A 911 -9.45 -15.03 12.42
CA GLU A 911 -10.73 -14.73 13.06
C GLU A 911 -11.02 -15.77 14.14
N ARG A 912 -11.83 -15.36 15.12
CA ARG A 912 -12.24 -16.27 16.18
C ARG A 912 -13.70 -16.08 16.56
N THR A 913 -14.27 -17.08 17.22
CA THR A 913 -15.55 -16.93 17.88
C THR A 913 -15.26 -17.08 19.35
N VAL A 914 -15.91 -16.29 20.18
CA VAL A 914 -15.84 -16.50 21.62
C VAL A 914 -17.25 -16.76 22.12
N THR A 915 -17.42 -17.83 22.89
CA THR A 915 -18.69 -18.05 23.57
C THR A 915 -18.49 -17.93 25.08
N LEU A 916 -19.41 -17.22 25.72
CA LEU A 916 -19.51 -17.17 27.19
C LEU A 916 -20.68 -18.05 27.58
N ASN A 917 -20.40 -19.14 28.29
CA ASN A 917 -21.44 -20.08 28.73
C ASN A 917 -22.31 -20.55 27.58
N GLY A 918 -21.72 -20.80 26.42
CA GLY A 918 -22.46 -21.32 25.28
C GLY A 918 -22.98 -20.25 24.34
N ARG A 919 -23.01 -19.00 24.81
CA ARG A 919 -23.58 -17.87 24.05
C ARG A 919 -22.47 -17.07 23.40
N VAL A 920 -22.67 -16.70 22.14
CA VAL A 920 -21.62 -16.02 21.35
C VAL A 920 -21.48 -14.53 21.72
N ILE A 921 -20.29 -14.13 22.14
CA ILE A 921 -19.99 -12.71 22.45
C ILE A 921 -19.02 -12.07 21.46
N GLN A 922 -18.27 -12.89 20.71
CA GLN A 922 -17.49 -12.40 19.58
C GLN A 922 -17.55 -13.41 18.44
N ASP A 923 -17.58 -12.87 17.22
CA ASP A 923 -17.45 -13.66 15.99
C ASP A 923 -16.80 -12.78 14.95
N GLY A 924 -15.56 -13.07 14.60
CA GLY A 924 -14.88 -12.34 13.54
C GLY A 924 -14.61 -10.92 13.98
N SER A 925 -15.09 -9.95 13.20
CA SER A 925 -14.75 -8.53 13.37
C SER A 925 -15.53 -7.80 14.44
N ALA A 926 -16.62 -8.42 14.91
CA ALA A 926 -17.49 -7.77 15.88
C ALA A 926 -17.52 -8.57 17.17
N TYR A 927 -17.71 -7.87 18.28
CA TYR A 927 -18.00 -8.51 19.55
C TYR A 927 -19.02 -7.71 20.32
N LEU A 928 -19.77 -8.39 21.21
CA LEU A 928 -20.70 -7.75 22.14
C LEU A 928 -20.49 -8.37 23.53
N THR A 929 -19.53 -7.80 24.28
CA THR A 929 -19.04 -8.40 25.51
C THR A 929 -19.72 -7.86 26.74
N PRO A 930 -20.07 -8.73 27.67
CA PRO A 930 -20.45 -8.20 28.95
C PRO A 930 -19.23 -7.61 29.59
N TRP A 931 -19.41 -6.56 30.38
CA TRP A 931 -18.36 -6.05 31.23
C TRP A 931 -18.99 -5.71 32.55
N ASN A 932 -18.84 -6.58 33.52
CA ASN A 932 -19.56 -6.45 34.78
C ASN A 932 -18.69 -5.99 35.94
N TRP A 933 -17.65 -5.22 35.60
CA TRP A 933 -16.72 -4.72 36.58
C TRP A 933 -16.53 -3.24 36.38
N ASP A 934 -16.35 -2.53 37.49
CA ASP A 934 -16.10 -1.10 37.47
C ASP A 934 -14.61 -0.84 37.16
N ALA A 935 -14.24 0.44 37.12
CA ALA A 935 -12.87 0.80 36.77
C ALA A 935 -11.86 0.02 37.59
N ASN A 936 -12.14 -0.15 38.88
CA ASN A 936 -11.20 -0.81 39.79
C ASN A 936 -11.39 -2.33 39.88
N GLY A 937 -12.26 -2.89 39.05
CA GLY A 937 -12.46 -4.34 38.99
C GLY A 937 -13.45 -4.95 39.96
N LYS A 938 -14.18 -4.09 40.69
CA LYS A 938 -15.23 -4.53 41.60
C LYS A 938 -16.48 -4.89 40.80
N LYS A 939 -17.24 -5.88 41.27
CA LYS A 939 -18.51 -6.25 40.61
C LYS A 939 -19.45 -5.06 40.54
N LEU A 940 -19.89 -4.74 39.32
CA LEU A 940 -20.92 -3.74 39.12
C LEU A 940 -22.26 -4.25 39.63
N SER A 941 -22.99 -3.34 40.30
CA SER A 941 -24.34 -3.62 40.71
C SER A 941 -25.19 -3.92 39.48
N THR A 942 -26.25 -4.70 39.70
CA THR A 942 -27.17 -5.09 38.63
C THR A 942 -27.48 -3.94 37.69
N ASP A 943 -28.06 -2.88 38.23
CA ASP A 943 -28.50 -1.75 37.40
C ASP A 943 -27.41 -1.10 36.55
N LYS A 944 -26.14 -1.40 36.84
CA LYS A 944 -25.00 -0.79 36.16
C LYS A 944 -24.24 -1.76 35.24
N GLU A 945 -24.72 -3.00 35.15
CA GLU A 945 -24.12 -4.00 34.28
C GLU A 945 -24.28 -3.58 32.84
N LYS A 946 -23.34 -3.94 31.99
CA LYS A 946 -23.31 -3.40 30.65
C LYS A 946 -22.68 -4.33 29.65
N MSE A 947 -22.78 -3.95 28.38
CA MSE A 947 -22.07 -4.61 27.29
C MSE A 947 -21.47 -3.57 26.34
O MSE A 947 -22.01 -2.50 26.14
CB MSE A 947 -23.01 -5.54 26.54
CG MSE A 947 -23.42 -6.73 27.36
SE MSE A 947 -25.02 -7.63 26.61
CE MSE A 947 -25.39 -8.98 28.02
N TYR A 948 -20.31 -3.91 25.78
CA TYR A 948 -19.64 -3.07 24.80
C TYR A 948 -19.79 -3.70 23.43
N TYR A 949 -19.96 -2.87 22.41
CA TYR A 949 -20.02 -3.33 21.04
C TYR A 949 -18.97 -2.63 20.23
N PHE A 950 -18.21 -3.39 19.47
CA PHE A 950 -17.22 -2.81 18.60
C PHE A 950 -17.06 -3.68 17.37
N ASN A 951 -16.99 -3.06 16.20
CA ASN A 951 -16.93 -3.78 14.94
C ASN A 951 -15.99 -3.11 13.95
N THR A 952 -14.90 -3.80 13.57
CA THR A 952 -13.91 -3.20 12.68
C THR A 952 -14.37 -3.11 11.20
N GLN A 953 -15.58 -3.60 10.89
CA GLN A 953 -16.22 -3.33 9.60
C GLN A 953 -17.65 -2.86 9.75
N ALA A 954 -18.21 -2.34 8.66
CA ALA A 954 -19.64 -2.04 8.62
C ALA A 954 -20.38 -3.35 8.48
N GLY A 955 -21.69 -3.30 8.67
CA GLY A 955 -22.53 -4.47 8.47
C GLY A 955 -23.38 -4.75 9.70
N ALA A 956 -24.60 -5.26 9.46
CA ALA A 956 -25.46 -5.70 10.55
C ALA A 956 -24.87 -6.96 11.21
N THR A 957 -25.06 -7.06 12.53
CA THR A 957 -24.71 -8.25 13.29
C THR A 957 -25.85 -8.52 14.27
N THR A 958 -26.19 -9.80 14.47
CA THR A 958 -27.26 -10.18 15.40
C THR A 958 -26.70 -10.97 16.56
N TRP A 959 -27.23 -10.68 17.75
CA TRP A 959 -26.67 -11.16 19.01
C TRP A 959 -27.78 -11.70 19.89
N THR A 960 -27.58 -12.87 20.46
CA THR A 960 -28.52 -13.43 21.40
C THR A 960 -28.23 -12.88 22.78
N LEU A 961 -29.24 -12.32 23.43
CA LEU A 961 -29.07 -11.78 24.78
C LEU A 961 -29.17 -12.89 25.81
N PRO A 962 -28.48 -12.74 26.94
CA PRO A 962 -28.63 -13.73 28.02
C PRO A 962 -30.00 -13.57 28.61
N SER A 963 -30.43 -14.54 29.40
CA SER A 963 -31.80 -14.57 29.92
C SER A 963 -32.19 -13.32 30.72
N ASP A 964 -31.25 -12.76 31.48
CA ASP A 964 -31.53 -11.58 32.31
C ASP A 964 -31.53 -10.27 31.53
N TRP A 965 -31.09 -10.29 30.28
CA TRP A 965 -31.27 -9.13 29.41
C TRP A 965 -32.44 -9.32 28.45
N ALA A 966 -32.80 -10.57 28.20
CA ALA A 966 -33.69 -10.93 27.10
C ALA A 966 -35.06 -10.27 27.19
N LYS A 967 -35.69 -10.29 28.36
CA LYS A 967 -37.05 -9.74 28.52
C LYS A 967 -37.03 -8.30 29.04
N SER A 968 -36.03 -7.53 28.60
CA SER A 968 -35.79 -6.22 29.18
C SER A 968 -35.82 -5.12 28.12
N LYS A 969 -35.82 -3.87 28.57
CA LYS A 969 -35.51 -2.75 27.69
C LYS A 969 -33.98 -2.69 27.56
N VAL A 970 -33.51 -2.13 26.44
CA VAL A 970 -32.10 -2.09 26.11
C VAL A 970 -31.78 -0.78 25.40
N TYR A 971 -30.77 -0.07 25.90
CA TYR A 971 -30.38 1.23 25.38
C TYR A 971 -28.94 1.26 24.87
N LEU A 972 -28.77 1.76 23.65
CA LEU A 972 -27.49 1.82 22.99
C LEU A 972 -26.99 3.23 23.11
N TYR A 973 -25.70 3.37 23.43
CA TYR A 973 -25.04 4.66 23.48
C TYR A 973 -23.78 4.62 22.62
N LYS A 974 -23.51 5.73 21.95
CA LYS A 974 -22.27 5.93 21.23
C LYS A 974 -21.30 6.60 22.19
N LEU A 975 -20.10 6.02 22.30
CA LEU A 975 -19.09 6.51 23.22
C LEU A 975 -18.14 7.45 22.48
N THR A 976 -18.09 8.71 22.90
CA THR A 976 -17.20 9.72 22.33
C THR A 976 -16.39 10.32 23.45
N ASP A 977 -15.59 11.33 23.16
CA ASP A 977 -14.82 11.98 24.22
C ASP A 977 -15.68 12.82 25.18
N GLN A 978 -16.99 12.95 24.89
CA GLN A 978 -17.94 13.58 25.82
C GLN A 978 -18.76 12.55 26.59
N GLY A 979 -18.46 11.27 26.38
CA GLY A 979 -19.14 10.20 27.10
C GLY A 979 -20.21 9.53 26.27
N LYS A 980 -21.26 9.08 26.94
CA LYS A 980 -22.36 8.40 26.28
C LYS A 980 -23.19 9.42 25.49
N THR A 981 -23.45 9.12 24.22
CA THR A 981 -24.22 10.03 23.36
C THR A 981 -25.21 9.26 22.49
N GLU A 982 -26.14 9.99 21.89
CA GLU A 982 -27.08 9.40 20.94
C GLU A 982 -27.84 8.19 21.51
N GLU A 983 -28.36 8.33 22.73
CA GLU A 983 -29.21 7.31 23.34
C GLU A 983 -30.21 6.79 22.34
N GLN A 984 -30.45 5.48 22.34
CA GLN A 984 -31.28 4.83 21.33
C GLN A 984 -31.85 3.55 21.92
N GLU A 985 -33.18 3.42 22.01
CA GLU A 985 -33.77 2.18 22.51
C GLU A 985 -33.76 1.15 21.39
N LEU A 986 -33.20 -0.03 21.67
CA LEU A 986 -33.14 -1.10 20.67
C LEU A 986 -34.39 -1.97 20.75
N THR A 987 -34.66 -2.72 19.68
CA THR A 987 -35.75 -3.69 19.63
C THR A 987 -35.24 -5.09 19.91
N VAL A 988 -35.80 -5.74 20.92
CA VAL A 988 -35.43 -7.13 21.24
C VAL A 988 -36.46 -8.03 20.57
N LYS A 989 -36.00 -9.09 19.91
CA LYS A 989 -36.90 -9.99 19.21
C LYS A 989 -36.56 -11.46 19.52
N ASP A 990 -37.47 -12.12 20.25
CA ASP A 990 -37.19 -13.38 20.96
C ASP A 990 -35.72 -13.45 21.35
N GLY A 991 -35.37 -12.64 22.33
CA GLY A 991 -34.05 -12.67 22.95
C GLY A 991 -32.89 -12.32 22.06
N LYS A 992 -33.13 -11.55 20.99
CA LYS A 992 -32.07 -11.15 20.06
C LYS A 992 -32.16 -9.69 19.69
N ILE A 993 -31.00 -9.09 19.44
CA ILE A 993 -30.91 -7.72 18.96
C ILE A 993 -30.00 -7.64 17.73
N THR A 994 -30.26 -6.67 16.85
CA THR A 994 -29.44 -6.46 15.68
C THR A 994 -28.80 -5.10 15.69
N LEU A 995 -27.48 -5.07 15.55
CA LEU A 995 -26.76 -3.81 15.57
C LEU A 995 -26.19 -3.58 14.19
N ASP A 996 -26.65 -2.51 13.54
CA ASP A 996 -26.05 -2.01 12.30
C ASP A 996 -25.47 -0.60 12.56
N LEU A 997 -24.18 -0.52 12.91
CA LEU A 997 -23.59 0.71 13.44
C LEU A 997 -22.31 1.14 12.71
N LEU A 998 -21.66 2.21 13.17
CA LEU A 998 -20.45 2.71 12.51
C LEU A 998 -19.29 1.79 12.81
N ALA A 999 -18.53 1.42 11.78
CA ALA A 999 -17.32 0.62 11.98
C ALA A 999 -16.28 1.41 12.76
N ASN A 1000 -15.53 0.70 13.60
CA ASN A 1000 -14.44 1.26 14.42
C ASN A 1000 -14.83 2.39 15.38
N GLN A 1001 -16.02 2.24 15.94
CA GLN A 1001 -16.59 3.19 16.86
C GLN A 1001 -17.17 2.41 18.04
N PRO A 1002 -16.72 2.68 19.27
CA PRO A 1002 -17.25 1.97 20.42
C PRO A 1002 -18.65 2.41 20.85
N TYR A 1003 -19.47 1.44 21.22
CA TYR A 1003 -20.81 1.66 21.78
C TYR A 1003 -20.96 0.90 23.09
N VAL A 1004 -21.82 1.38 24.00
CA VAL A 1004 -22.08 0.64 25.23
C VAL A 1004 -23.58 0.46 25.38
N LEU A 1005 -24.01 -0.74 25.78
CA LEU A 1005 -25.45 -1.03 26.02
C LEU A 1005 -25.75 -1.16 27.50
N TYR A 1006 -26.90 -0.63 27.88
CA TYR A 1006 -27.36 -0.68 29.25
C TYR A 1006 -28.83 -1.09 29.28
N ARG A 1007 -29.22 -1.68 30.39
CA ARG A 1007 -30.57 -2.17 30.57
C ARG A 1007 -31.56 -1.04 30.92
N SER A 1008 -31.05 0.10 31.39
CA SER A 1008 -31.85 1.29 31.69
C SER A 1008 -31.12 2.60 31.28
N LYS A 1009 -31.87 3.69 31.11
CA LYS A 1009 -31.28 4.98 30.67
C LYS A 1009 -30.19 5.46 31.63
N GLN A 1010 -29.08 5.96 31.06
CA GLN A 1010 -27.91 6.42 31.82
C GLN A 1010 -27.51 7.85 31.44
N THR A 1011 -26.74 8.51 32.30
CA THR A 1011 -26.28 9.87 32.02
C THR A 1011 -24.78 10.01 32.33
N ASN A 1012 -24.13 11.00 31.72
CA ASN A 1012 -22.70 11.23 32.03
C ASN A 1012 -22.62 12.11 33.27
N PRO A 1013 -21.57 11.94 34.08
CA PRO A 1013 -21.42 12.76 35.27
C PRO A 1013 -20.58 14.00 35.01
N GLU A 1014 -20.59 14.94 35.96
CA GLU A 1014 -19.78 16.15 35.87
C GLU A 1014 -18.36 15.76 36.23
N MSE A 1015 -17.42 16.10 35.35
CA MSE A 1015 -16.02 15.68 35.53
C MSE A 1015 -15.17 16.62 36.39
O MSE A 1015 -14.07 16.27 36.74
CB MSE A 1015 -15.34 15.55 34.17
CG MSE A 1015 -16.06 14.67 33.19
SE MSE A 1015 -16.36 12.84 33.86
CE MSE A 1015 -14.52 12.29 34.26
N SER A 1016 -15.67 17.80 36.70
CA SER A 1016 -14.85 18.76 37.40
C SER A 1016 -13.50 18.92 36.69
N TRP A 1017 -13.56 19.42 35.46
CA TRP A 1017 -12.37 19.53 34.63
C TRP A 1017 -11.35 20.48 35.22
N SER A 1018 -10.09 20.02 35.15
CA SER A 1018 -8.91 20.82 35.44
C SER A 1018 -8.85 21.25 36.89
N GLU A 1019 -9.37 20.40 37.77
CA GLU A 1019 -9.58 20.78 39.17
C GLU A 1019 -8.25 20.95 39.87
N GLY A 1020 -8.13 22.01 40.65
CA GLY A 1020 -6.87 22.35 41.27
C GLY A 1020 -5.99 23.27 40.44
N MSE A 1021 -6.32 23.44 39.16
CA MSE A 1021 -5.49 24.24 38.24
C MSE A 1021 -5.91 25.69 38.14
O MSE A 1021 -5.38 26.43 37.33
CB MSE A 1021 -5.50 23.63 36.85
CG MSE A 1021 -5.09 22.18 36.87
SE MSE A 1021 -4.62 21.41 35.15
CE MSE A 1021 -3.15 22.62 34.62
N HIS A 1022 -6.89 26.05 38.96
CA HIS A 1022 -7.39 27.43 39.12
C HIS A 1022 -8.27 27.94 38.00
N ILE A 1023 -8.63 27.07 37.07
CA ILE A 1023 -9.45 27.44 35.92
C ILE A 1023 -10.22 26.20 35.49
N TYR A 1024 -11.38 26.38 34.86
CA TYR A 1024 -12.20 25.25 34.45
C TYR A 1024 -11.87 24.86 33.03
N ASP A 1025 -11.65 23.58 32.79
CA ASP A 1025 -11.42 23.06 31.45
C ASP A 1025 -10.26 23.75 30.72
N GLN A 1026 -9.15 23.86 31.45
CA GLN A 1026 -7.85 24.32 30.98
C GLN A 1026 -7.51 23.95 29.52
N GLY A 1027 -7.87 22.73 29.10
CA GLY A 1027 -7.60 22.26 27.74
C GLY A 1027 -8.79 22.04 26.82
N PHE A 1028 -9.92 22.65 27.15
CA PHE A 1028 -11.03 22.73 26.21
C PHE A 1028 -11.57 21.37 25.84
N ASN A 1029 -11.70 20.51 26.84
CA ASN A 1029 -12.24 19.16 26.67
C ASN A 1029 -13.73 18.95 26.98
N SER A 1030 -14.39 19.98 27.50
CA SER A 1030 -15.76 19.81 27.99
C SER A 1030 -16.86 20.00 26.94
N GLY A 1031 -16.47 20.25 25.69
CA GLY A 1031 -17.41 20.44 24.59
C GLY A 1031 -18.19 21.74 24.61
N THR A 1032 -17.78 22.69 25.45
CA THR A 1032 -18.55 23.91 25.66
C THR A 1032 -17.69 25.07 26.16
N LEU A 1033 -18.04 26.29 25.76
CA LEU A 1033 -17.38 27.47 26.29
C LEU A 1033 -18.26 28.23 27.30
N LYS A 1034 -19.31 27.57 27.80
CA LYS A 1034 -20.32 28.26 28.63
C LYS A 1034 -19.70 28.90 29.87
N HIS A 1035 -18.69 28.21 30.42
CA HIS A 1035 -17.98 28.66 31.61
CA HIS A 1035 -17.97 28.66 31.60
C HIS A 1035 -17.20 29.97 31.41
N TRP A 1036 -17.02 30.40 30.16
CA TRP A 1036 -16.30 31.64 29.87
C TRP A 1036 -17.27 32.77 29.66
N THR A 1037 -17.00 33.94 30.24
CA THR A 1037 -17.76 35.14 29.86
C THR A 1037 -17.19 35.58 28.53
N ILE A 1038 -17.98 35.47 27.47
CA ILE A 1038 -17.58 35.95 26.15
C ILE A 1038 -18.05 37.38 26.02
N SER A 1039 -17.26 38.21 25.36
CA SER A 1039 -17.66 39.60 25.07
C SER A 1039 -17.20 39.93 23.65
N GLY A 1040 -18.15 40.35 22.84
CA GLY A 1040 -17.92 40.43 21.43
C GLY A 1040 -18.86 39.44 20.77
N ASP A 1041 -18.58 39.14 19.51
CA ASP A 1041 -19.39 38.22 18.68
C ASP A 1041 -19.05 36.76 19.02
N ALA A 1042 -19.81 36.16 19.94
CA ALA A 1042 -19.51 34.82 20.47
C ALA A 1042 -19.46 33.73 19.41
N SER A 1043 -20.01 33.98 18.23
CA SER A 1043 -19.93 33.02 17.14
C SER A 1043 -18.51 32.93 16.59
N LYS A 1044 -17.66 33.91 16.91
CA LYS A 1044 -16.33 33.95 16.35
C LYS A 1044 -15.34 33.14 17.16
N ALA A 1045 -15.78 32.62 18.31
CA ALA A 1045 -14.97 31.69 19.11
C ALA A 1045 -15.63 30.33 19.13
N GLU A 1046 -14.83 29.27 19.06
CA GLU A 1046 -15.33 27.91 19.17
C GLU A 1046 -14.21 26.90 19.36
N ILE A 1047 -14.54 25.74 19.89
CA ILE A 1047 -13.56 24.69 20.08
C ILE A 1047 -13.43 23.92 18.78
N VAL A 1048 -12.20 23.64 18.38
CA VAL A 1048 -11.95 22.90 17.16
C VAL A 1048 -10.86 21.87 17.44
N LYS A 1049 -10.73 20.86 16.58
CA LYS A 1049 -9.71 19.84 16.77
C LYS A 1049 -8.49 20.07 15.89
N SER A 1050 -7.30 19.88 16.47
CA SER A 1050 -6.08 19.97 15.72
C SER A 1050 -6.04 18.79 14.79
N GLN A 1051 -5.04 18.73 13.92
CA GLN A 1051 -4.80 17.54 13.11
C GLN A 1051 -4.53 16.30 13.98
N GLY A 1052 -4.32 16.48 15.28
CA GLY A 1052 -4.10 15.37 16.21
C GLY A 1052 -5.29 15.01 17.08
N ALA A 1053 -6.47 15.44 16.66
CA ALA A 1053 -7.73 15.20 17.41
C ALA A 1053 -7.69 15.88 18.78
N ASN A 1054 -6.82 16.87 18.92
CA ASN A 1054 -6.61 17.59 20.16
C ASN A 1054 -7.42 18.89 20.18
N ASP A 1055 -8.33 19.03 21.14
CA ASP A 1055 -9.21 20.20 21.21
C ASP A 1055 -8.50 21.54 21.50
N MSE A 1056 -8.93 22.59 20.80
CA MSE A 1056 -8.39 23.94 20.99
C MSE A 1056 -9.48 25.01 20.84
O MSE A 1056 -10.44 24.83 20.09
CB MSE A 1056 -7.35 24.31 19.96
CG MSE A 1056 -6.23 23.31 19.78
SE MSE A 1056 -5.32 23.62 18.06
CE MSE A 1056 -6.83 23.33 16.82
N LEU A 1057 -9.28 26.13 21.51
CA LEU A 1057 -10.07 27.33 21.27
C LEU A 1057 -9.55 28.02 20.01
N ARG A 1058 -10.46 28.43 19.14
CA ARG A 1058 -10.09 29.19 17.96
C ARG A 1058 -10.92 30.44 17.84
N ILE A 1059 -10.27 31.57 17.58
CA ILE A 1059 -10.99 32.78 17.23
C ILE A 1059 -10.58 33.23 15.84
N GLN A 1060 -11.56 33.53 14.99
CA GLN A 1060 -11.27 33.99 13.61
C GLN A 1060 -12.42 34.77 12.98
N GLY A 1061 -12.09 35.55 11.96
CA GLY A 1061 -13.08 36.29 11.18
C GLY A 1061 -13.93 37.26 11.97
N ASN A 1062 -13.34 37.84 13.01
CA ASN A 1062 -14.02 38.83 13.84
C ASN A 1062 -13.66 40.23 13.37
N LYS A 1063 -14.67 41.06 13.15
CA LYS A 1063 -14.44 42.43 12.70
C LYS A 1063 -14.29 43.37 13.88
N GLU A 1064 -14.60 42.87 15.08
CA GLU A 1064 -14.36 43.60 16.34
C GLU A 1064 -13.76 42.68 17.38
N LYS A 1065 -13.18 43.26 18.42
CA LYS A 1065 -12.49 42.51 19.46
C LYS A 1065 -13.42 41.47 20.05
N VAL A 1066 -12.88 40.27 20.25
CA VAL A 1066 -13.56 39.17 20.92
C VAL A 1066 -12.73 38.78 22.11
N SER A 1067 -13.35 38.55 23.25
CA SER A 1067 -12.59 38.15 24.43
C SER A 1067 -13.40 37.23 25.33
N LEU A 1068 -12.70 36.30 25.98
CA LEU A 1068 -13.29 35.29 26.82
C LEU A 1068 -12.65 35.40 28.21
N THR A 1069 -13.49 35.45 29.26
CA THR A 1069 -12.99 35.62 30.63
C THR A 1069 -13.52 34.57 31.62
N GLN A 1070 -12.63 34.09 32.48
CA GLN A 1070 -12.99 33.25 33.63
C GLN A 1070 -12.31 33.83 34.86
N LYS A 1071 -12.86 33.55 36.03
CA LYS A 1071 -12.14 33.90 37.24
C LYS A 1071 -11.18 32.77 37.62
N LEU A 1072 -9.98 33.16 38.03
CA LEU A 1072 -9.02 32.21 38.54
C LEU A 1072 -9.45 31.79 39.97
N THR A 1073 -9.62 30.48 40.15
CA THR A 1073 -10.07 29.85 41.40
C THR A 1073 -8.95 29.44 42.33
N GLY A 1074 -9.25 29.35 43.62
CA GLY A 1074 -8.41 28.65 44.60
C GLY A 1074 -6.98 29.15 44.71
N LEU A 1075 -6.78 30.44 44.45
CA LEU A 1075 -5.48 31.08 44.57
C LEU A 1075 -5.19 31.46 46.00
N LYS A 1076 -3.93 31.69 46.28
CA LYS A 1076 -3.48 32.02 47.63
C LYS A 1076 -3.30 33.51 47.68
N PRO A 1077 -3.77 34.12 48.76
CA PRO A 1077 -3.52 35.55 48.87
C PRO A 1077 -2.03 35.92 48.99
N ASN A 1078 -1.71 37.10 48.51
CA ASN A 1078 -0.35 37.66 48.53
C ASN A 1078 0.70 36.70 48.04
N THR A 1079 0.45 36.12 46.88
CA THR A 1079 1.33 35.10 46.35
C THR A 1079 1.67 35.39 44.91
N LYS A 1080 2.92 35.14 44.57
CA LYS A 1080 3.41 35.33 43.24
C LYS A 1080 3.03 34.14 42.37
N TYR A 1081 2.51 34.42 41.18
CA TYR A 1081 2.04 33.40 40.27
C TYR A 1081 2.58 33.65 38.87
N ALA A 1082 2.52 32.60 38.05
CA ALA A 1082 2.74 32.69 36.61
C ALA A 1082 1.53 32.02 35.98
N VAL A 1083 1.12 32.52 34.81
CA VAL A 1083 0.14 31.82 34.01
C VAL A 1083 0.62 31.86 32.58
N TYR A 1084 0.49 30.75 31.88
CA TYR A 1084 0.68 30.74 30.43
C TYR A 1084 -0.53 30.11 29.73
N VAL A 1085 -0.85 30.63 28.56
CA VAL A 1085 -1.69 29.91 27.62
C VAL A 1085 -0.82 29.60 26.42
N GLY A 1086 -0.95 28.41 25.84
CA GLY A 1086 -0.24 28.07 24.63
C GLY A 1086 -0.99 28.74 23.52
N VAL A 1087 -0.27 29.46 22.65
CA VAL A 1087 -0.92 30.18 21.56
C VAL A 1087 -0.16 30.04 20.23
N ASP A 1088 -0.93 29.87 19.17
CA ASP A 1088 -0.45 29.73 17.81
C ASP A 1088 -1.32 30.69 16.98
N ASN A 1089 -0.77 31.86 16.68
CA ASN A 1089 -1.53 32.94 16.05
C ASN A 1089 -1.18 33.09 14.57
N ARG A 1090 -2.13 32.77 13.69
CA ARG A 1090 -1.88 32.85 12.26
C ARG A 1090 -2.27 34.21 11.67
N SER A 1091 -2.82 35.08 12.52
CA SER A 1091 -3.22 36.43 12.13
C SER A 1091 -2.20 37.44 12.62
N ASN A 1092 -2.16 38.60 11.99
CA ASN A 1092 -1.37 39.72 12.52
C ASN A 1092 -2.06 40.42 13.69
N ALA A 1093 -3.38 40.24 13.81
CA ALA A 1093 -4.14 40.81 14.91
C ALA A 1093 -3.56 40.42 16.28
N LYS A 1094 -3.76 41.25 17.30
CA LYS A 1094 -3.20 41.00 18.62
C LYS A 1094 -3.97 39.95 19.37
N ALA A 1095 -3.27 38.92 19.82
CA ALA A 1095 -3.84 37.86 20.63
C ALA A 1095 -3.17 38.01 21.96
N SER A 1096 -3.97 38.16 23.01
CA SER A 1096 -3.43 38.55 24.32
C SER A 1096 -4.00 37.74 25.47
N ILE A 1097 -3.19 37.58 26.50
CA ILE A 1097 -3.61 37.03 27.79
C ILE A 1097 -3.51 38.17 28.82
N THR A 1098 -4.54 38.29 29.68
CA THR A 1098 -4.60 39.37 30.66
C THR A 1098 -5.08 38.84 32.00
N VAL A 1099 -4.33 39.13 33.05
CA VAL A 1099 -4.77 38.85 34.40
C VAL A 1099 -5.08 40.16 35.08
N ASN A 1100 -6.13 40.14 35.88
CA ASN A 1100 -6.50 41.29 36.67
C ASN A 1100 -6.70 40.81 38.08
N THR A 1101 -5.86 41.29 38.98
CA THR A 1101 -5.82 40.75 40.32
C THR A 1101 -6.89 41.38 41.20
N GLY A 1102 -7.56 42.43 40.70
CA GLY A 1102 -8.40 43.29 41.55
C GLY A 1102 -7.66 44.57 41.91
N GLU A 1103 -6.34 44.48 42.05
CA GLU A 1103 -5.48 45.63 42.34
C GLU A 1103 -4.64 46.08 41.14
N LYS A 1104 -4.50 45.26 40.12
CA LYS A 1104 -3.56 45.53 39.05
C LYS A 1104 -3.95 44.70 37.85
N GLU A 1105 -3.49 45.09 36.66
CA GLU A 1105 -3.79 44.33 35.42
C GLU A 1105 -2.53 44.12 34.58
N VAL A 1106 -2.09 42.88 34.41
CA VAL A 1106 -0.93 42.61 33.56
C VAL A 1106 -1.38 41.99 32.25
N THR A 1107 -0.75 42.40 31.16
CA THR A 1107 -1.11 41.89 29.83
C THR A 1107 0.12 41.52 29.00
N THR A 1108 -0.03 40.50 28.17
CA THR A 1108 1.03 40.05 27.28
C THR A 1108 0.33 39.68 26.01
N TYR A 1109 0.95 39.94 24.87
CA TYR A 1109 0.30 39.69 23.61
C TYR A 1109 1.24 39.24 22.53
N THR A 1110 0.66 38.64 21.50
CA THR A 1110 1.39 38.25 20.31
C THR A 1110 0.68 38.70 19.06
N ASN A 1111 1.46 39.02 18.04
CA ASN A 1111 0.93 39.14 16.68
C ASN A 1111 1.23 37.78 16.03
N LYS A 1112 1.29 37.74 14.70
CA LYS A 1112 1.51 36.49 13.96
C LYS A 1112 2.69 35.76 14.55
N SER A 1113 2.49 34.49 14.89
CA SER A 1113 3.54 33.68 15.48
C SER A 1113 4.61 33.41 14.46
N LEU A 1114 5.85 33.39 14.90
CA LEU A 1114 6.98 33.22 13.98
C LEU A 1114 8.00 32.10 14.35
N ALA A 1115 7.68 31.28 15.36
CA ALA A 1115 8.56 30.16 15.80
C ALA A 1115 7.82 28.81 15.79
N LEU A 1116 8.20 27.92 14.87
CA LEU A 1116 7.64 26.58 14.87
C LEU A 1116 7.97 25.86 16.19
N ASN A 1117 7.12 24.92 16.61
CA ASN A 1117 7.33 24.21 17.87
C ASN A 1117 8.02 22.89 17.64
N TYR A 1118 9.19 22.71 18.25
CA TYR A 1118 10.02 21.53 18.02
C TYR A 1118 10.22 20.65 19.26
N VAL A 1119 9.27 20.71 20.20
CA VAL A 1119 9.39 19.91 21.40
C VAL A 1119 8.66 18.58 21.23
N LYS A 1120 9.44 17.49 21.16
CA LYS A 1120 8.88 16.22 20.70
C LYS A 1120 7.78 15.72 21.64
N ALA A 1121 7.98 15.83 22.96
CA ALA A 1121 7.02 15.26 23.89
C ALA A 1121 5.78 16.15 24.06
N TYR A 1122 5.78 17.33 23.46
CA TYR A 1122 4.69 18.31 23.61
C TYR A 1122 3.53 18.01 22.67
N ALA A 1123 2.31 18.23 23.15
CA ALA A 1123 1.09 17.87 22.41
C ALA A 1123 1.00 18.57 21.09
N HIS A 1124 1.40 19.85 21.07
CA HIS A 1124 1.26 20.71 19.89
C HIS A 1124 2.59 21.03 19.23
N ASN A 1125 3.45 20.03 19.10
CA ASN A 1125 4.60 20.21 18.21
C ASN A 1125 4.19 20.11 16.73
N THR A 1126 5.15 20.39 15.86
CA THR A 1126 4.87 20.61 14.45
C THR A 1126 4.93 19.38 13.56
N ARG A 1127 4.97 18.19 14.17
CA ARG A 1127 4.81 16.97 13.39
C ARG A 1127 3.40 16.92 12.81
N ARG A 1128 3.25 16.28 11.66
CA ARG A 1128 1.95 16.20 11.00
C ARG A 1128 0.87 15.73 11.95
N ASN A 1129 1.11 14.60 12.61
CA ASN A 1129 0.12 13.99 13.50
C ASN A 1129 -0.25 14.87 14.71
N ASN A 1130 0.51 15.94 14.95
CA ASN A 1130 0.20 16.92 16.01
C ASN A 1130 -0.10 18.33 15.53
N ALA A 1131 0.17 18.64 14.26
CA ALA A 1131 0.03 20.00 13.74
C ALA A 1131 -1.33 20.63 14.04
N THR A 1132 -1.30 21.94 14.30
CA THR A 1132 -2.50 22.74 14.51
C THR A 1132 -3.39 22.75 13.29
N VAL A 1133 -2.83 23.17 12.17
CA VAL A 1133 -3.55 23.24 10.90
C VAL A 1133 -2.53 23.45 9.80
N ASP A 1134 -2.86 22.95 8.62
CA ASP A 1134 -2.02 23.08 7.44
C ASP A 1134 -0.65 22.48 7.68
N ASP A 1135 -0.61 21.37 8.41
CA ASP A 1135 0.63 20.66 8.65
C ASP A 1135 1.72 21.48 9.35
N THR A 1136 1.33 22.47 10.12
CA THR A 1136 2.31 23.24 10.90
C THR A 1136 1.74 23.55 12.28
N SER A 1137 2.63 23.84 13.21
CA SER A 1137 2.25 24.32 14.54
C SER A 1137 3.30 25.32 14.99
N TYR A 1138 2.80 26.50 15.35
CA TYR A 1138 3.64 27.55 15.88
C TYR A 1138 3.32 27.78 17.35
N PHE A 1139 2.72 26.79 18.01
CA PHE A 1139 2.37 26.89 19.43
C PHE A 1139 3.57 27.17 20.33
N GLN A 1140 3.49 28.25 21.09
CA GLN A 1140 4.45 28.56 22.13
C GLN A 1140 3.70 29.20 23.32
N ASN A 1141 4.19 28.94 24.53
CA ASN A 1141 3.51 29.38 25.73
C ASN A 1141 3.66 30.87 25.86
N MSE A 1142 2.56 31.56 26.12
CA MSE A 1142 2.54 33.00 26.31
C MSE A 1142 2.27 33.23 27.78
O MSE A 1142 1.31 32.68 28.32
CB MSE A 1142 1.45 33.64 25.46
CG MSE A 1142 1.30 35.14 25.59
SE MSE A 1142 0.34 35.96 24.07
CE MSE A 1142 -1.53 35.44 24.41
N TYR A 1143 3.09 34.07 28.39
CA TYR A 1143 3.09 34.21 29.83
C TYR A 1143 2.60 35.57 30.32
N ALA A 1144 2.11 35.56 31.57
CA ALA A 1144 1.85 36.77 32.33
C ALA A 1144 2.18 36.44 33.78
N PHE A 1145 3.05 37.23 34.38
CA PHE A 1145 3.43 37.04 35.78
C PHE A 1145 2.69 38.06 36.62
N PHE A 1146 2.24 37.63 37.79
CA PHE A 1146 1.44 38.50 38.65
C PHE A 1146 1.52 38.10 40.12
N THR A 1147 0.97 38.97 40.97
CA THR A 1147 0.88 38.70 42.39
C THR A 1147 -0.52 39.01 42.92
N THR A 1148 -1.07 38.05 43.65
CA THR A 1148 -2.36 38.25 44.26
C THR A 1148 -2.18 39.23 45.42
N GLY A 1149 -3.23 39.98 45.73
CA GLY A 1149 -3.27 40.77 46.94
C GLY A 1149 -3.89 39.92 48.04
N SER A 1150 -4.41 40.56 49.07
CA SER A 1150 -5.01 39.83 50.18
C SER A 1150 -6.41 39.31 49.87
N ASP A 1151 -6.99 39.76 48.75
CA ASP A 1151 -8.34 39.36 48.33
C ASP A 1151 -8.27 38.59 47.02
N VAL A 1152 -8.58 37.30 47.07
CA VAL A 1152 -8.45 36.45 45.90
C VAL A 1152 -9.80 36.16 45.20
N SER A 1153 -10.89 36.73 45.71
CA SER A 1153 -12.23 36.40 45.23
C SER A 1153 -12.60 36.97 43.85
N ASN A 1154 -11.76 37.84 43.28
CA ASN A 1154 -12.09 38.47 42.01
C ASN A 1154 -10.89 38.64 41.09
N VAL A 1155 -10.08 37.59 41.00
CA VAL A 1155 -8.97 37.51 40.05
C VAL A 1155 -9.51 36.85 38.77
N THR A 1156 -9.35 37.52 37.61
CA THR A 1156 -9.86 36.97 36.36
C THR A 1156 -8.79 36.86 35.31
N LEU A 1157 -8.94 35.88 34.44
CA LEU A 1157 -8.07 35.70 33.28
C LEU A 1157 -8.87 35.95 32.01
N THR A 1158 -8.25 36.64 31.06
CA THR A 1158 -8.94 36.94 29.81
C THR A 1158 -8.05 36.66 28.61
N LEU A 1159 -8.54 35.78 27.73
CA LEU A 1159 -7.95 35.57 26.41
C LEU A 1159 -8.72 36.46 25.49
N SER A 1160 -8.06 37.16 24.59
CA SER A 1160 -8.76 38.07 23.69
C SER A 1160 -8.06 38.17 22.35
N ARG A 1161 -8.85 38.48 21.32
CA ARG A 1161 -8.29 38.76 20.03
C ARG A 1161 -8.94 39.95 19.36
N GLU A 1162 -8.09 40.77 18.76
CA GLU A 1162 -8.51 41.98 18.07
C GLU A 1162 -8.97 41.58 16.67
N ALA A 1163 -9.44 42.57 15.89
CA ALA A 1163 -10.03 42.29 14.59
C ALA A 1163 -9.02 41.60 13.68
N GLY A 1164 -9.47 40.56 13.00
CA GLY A 1164 -8.66 39.86 12.00
C GLY A 1164 -9.46 38.79 11.28
N ASP A 1165 -8.99 38.38 10.11
CA ASP A 1165 -9.66 37.34 9.35
C ASP A 1165 -9.12 35.98 9.74
N GLU A 1166 -7.80 35.86 9.79
CA GLU A 1166 -7.17 34.58 10.07
C GLU A 1166 -7.40 34.15 11.51
N ALA A 1167 -6.98 32.93 11.83
CA ALA A 1167 -7.31 32.30 13.10
C ALA A 1167 -6.20 32.45 14.14
N THR A 1168 -6.60 32.51 15.41
CA THR A 1168 -5.69 32.26 16.53
C THR A 1168 -6.18 31.02 17.23
N TYR A 1169 -5.24 30.17 17.63
CA TYR A 1169 -5.58 28.95 18.34
C TYR A 1169 -4.97 29.03 19.72
N PHE A 1170 -5.74 28.70 20.75
CA PHE A 1170 -5.21 28.56 22.12
C PHE A 1170 -5.46 27.16 22.69
N ASP A 1171 -4.59 26.73 23.58
CA ASP A 1171 -4.81 25.51 24.36
C ASP A 1171 -3.97 25.58 25.62
N GLU A 1172 -4.47 24.93 26.67
CA GLU A 1172 -3.67 24.64 27.84
C GLU A 1172 -3.30 25.88 28.60
N ILE A 1173 -4.23 26.37 29.42
CA ILE A 1173 -3.95 27.50 30.30
C ILE A 1173 -3.46 26.94 31.63
N ARG A 1174 -2.23 27.25 32.01
CA ARG A 1174 -1.64 26.74 33.23
C ARG A 1174 -1.22 27.88 34.17
N THR A 1175 -1.68 27.80 35.41
CA THR A 1175 -1.48 28.86 36.40
C THR A 1175 -0.79 28.22 37.59
N PHE A 1176 0.34 28.75 38.02
CA PHE A 1176 1.08 28.09 39.07
C PHE A 1176 2.06 29.03 39.79
N GLU A 1177 2.33 28.73 41.07
CA GLU A 1177 3.23 29.54 41.89
C GLU A 1177 4.60 29.69 41.21
N ASN A 1178 5.16 30.89 41.23
CA ASN A 1178 6.44 31.18 40.60
C ASN A 1178 7.10 32.36 41.29
N ASN A 1179 8.41 32.24 41.52
CA ASN A 1179 9.15 33.17 42.33
C ASN A 1179 10.28 33.82 41.52
N SER A 1180 10.03 34.09 40.25
CA SER A 1180 10.96 34.83 39.43
C SER A 1180 10.76 36.32 39.64
N SER A 1181 11.73 37.11 39.21
CA SER A 1181 11.63 38.59 39.28
C SER A 1181 12.48 39.20 38.20
N MSE A 1182 11.97 39.19 36.98
CA MSE A 1182 12.74 39.51 35.83
C MSE A 1182 12.55 40.94 35.33
O MSE A 1182 13.27 41.37 34.43
CB MSE A 1182 12.35 38.56 34.71
CG MSE A 1182 12.44 37.09 35.09
SE MSE A 1182 11.79 35.94 33.62
CE MSE A 1182 9.84 36.18 33.82
N TYR A 1183 11.59 41.67 35.89
CA TYR A 1183 11.15 42.94 35.31
C TYR A 1183 11.47 44.08 36.23
N GLY A 1184 12.60 44.72 35.99
CA GLY A 1184 13.11 45.74 36.89
C GLY A 1184 13.19 45.17 38.28
N ASP A 1185 13.78 43.99 38.37
CA ASP A 1185 13.95 43.30 39.67
C ASP A 1185 12.62 43.10 40.42
N LYS A 1186 11.54 42.90 39.67
CA LYS A 1186 10.24 42.59 40.26
C LYS A 1186 9.57 41.46 39.50
N HIS A 1187 8.59 40.83 40.14
CA HIS A 1187 7.96 39.62 39.60
C HIS A 1187 6.96 39.90 38.50
N ASP A 1188 6.05 40.84 38.74
CA ASP A 1188 4.94 41.08 37.82
C ASP A 1188 5.43 41.55 36.45
N THR A 1189 4.78 41.05 35.40
CA THR A 1189 5.01 41.50 34.04
C THR A 1189 4.96 43.02 34.00
N GLY A 1190 6.04 43.63 33.53
CA GLY A 1190 6.06 45.07 33.39
C GLY A 1190 7.36 45.66 32.88
N LYS A 1191 7.41 46.98 32.93
CA LYS A 1191 8.53 47.75 32.43
C LYS A 1191 9.73 47.62 33.36
N GLY A 1192 10.91 47.91 32.81
CA GLY A 1192 12.17 47.82 33.56
C GLY A 1192 13.09 46.85 32.87
N THR A 1193 14.37 46.94 33.22
CA THR A 1193 15.38 46.06 32.66
C THR A 1193 14.99 44.60 32.84
N PHE A 1194 15.13 43.83 31.77
CA PHE A 1194 14.87 42.41 31.80
C PHE A 1194 16.08 41.65 32.27
N LYS A 1195 15.90 40.73 33.23
CA LYS A 1195 16.98 39.83 33.66
C LYS A 1195 16.50 38.37 33.86
N GLN A 1196 17.24 37.43 33.27
CA GLN A 1196 17.02 36.00 33.51
C GLN A 1196 18.30 35.38 34.05
N ASP A 1197 18.26 35.01 35.32
CA ASP A 1197 19.34 34.24 35.93
C ASP A 1197 19.07 32.74 35.88
N PHE A 1198 17.90 32.38 35.34
CA PHE A 1198 17.47 30.97 35.19
C PHE A 1198 17.16 30.21 36.48
N GLU A 1199 17.14 30.94 37.59
CA GLU A 1199 16.95 30.33 38.91
C GLU A 1199 15.48 30.08 39.23
N ASN A 1200 14.56 30.76 38.56
CA ASN A 1200 13.15 30.60 38.91
C ASN A 1200 12.25 30.48 37.67
N VAL A 1201 12.70 29.68 36.72
CA VAL A 1201 11.99 29.47 35.45
C VAL A 1201 10.79 28.62 35.74
N ALA A 1202 9.60 29.12 35.37
CA ALA A 1202 8.35 28.36 35.51
C ALA A 1202 8.46 27.03 34.75
N GLN A 1203 8.81 27.15 33.47
CA GLN A 1203 8.85 26.02 32.55
C GLN A 1203 9.66 26.41 31.32
N GLY A 1204 10.34 25.46 30.70
CA GLY A 1204 11.03 25.71 29.44
C GLY A 1204 12.34 26.45 29.55
N ILE A 1205 12.72 27.15 28.49
CA ILE A 1205 13.95 27.93 28.47
C ILE A 1205 13.67 29.44 28.22
N PHE A 1206 12.62 29.92 28.86
CA PHE A 1206 12.11 31.29 28.70
C PHE A 1206 13.22 32.31 29.00
N PRO A 1207 13.31 33.39 28.22
CA PRO A 1207 12.42 33.84 27.17
C PRO A 1207 12.71 33.23 25.82
N PHE A 1208 13.61 32.25 25.73
CA PHE A 1208 13.87 31.56 24.48
C PHE A 1208 12.84 30.44 24.27
N VAL A 1209 12.66 30.03 23.03
CA VAL A 1209 11.98 28.78 22.70
C VAL A 1209 12.93 27.94 21.84
N VAL A 1210 12.89 26.61 21.95
CA VAL A 1210 13.80 25.78 21.19
C VAL A 1210 13.58 25.92 19.69
N GLY A 1211 14.68 25.87 18.96
CA GLY A 1211 14.65 26.02 17.51
C GLY A 1211 14.71 24.70 16.77
N GLY A 1212 14.82 24.79 15.44
CA GLY A 1212 14.76 23.64 14.59
C GLY A 1212 16.07 22.90 14.40
N VAL A 1213 17.09 23.19 15.19
CA VAL A 1213 18.41 22.56 14.96
C VAL A 1213 18.41 21.02 14.87
N GLU A 1214 17.52 20.32 15.58
CA GLU A 1214 17.42 18.85 15.43
C GLU A 1214 16.01 18.42 15.05
N GLY A 1215 15.26 19.30 14.40
CA GLY A 1215 13.86 19.04 14.10
C GLY A 1215 13.03 18.83 15.37
N VAL A 1216 11.87 18.21 15.22
CA VAL A 1216 11.06 17.88 16.39
C VAL A 1216 11.79 16.77 17.10
N GLU A 1217 12.19 17.04 18.33
CA GLU A 1217 13.09 16.16 19.02
C GLU A 1217 13.03 16.40 20.51
N ASP A 1218 13.38 15.37 21.27
CA ASP A 1218 13.76 15.53 22.65
C ASP A 1218 14.98 16.46 22.69
N ASN A 1219 14.70 17.75 22.71
CA ASN A 1219 15.71 18.77 22.44
C ASN A 1219 16.86 18.69 23.43
N ARG A 1220 18.09 18.86 22.94
CA ARG A 1220 19.26 18.76 23.78
C ARG A 1220 19.69 20.12 24.32
N THR A 1221 18.71 20.97 24.62
CA THR A 1221 18.94 22.22 25.33
C THR A 1221 18.00 22.24 26.49
N HIS A 1222 18.50 22.55 27.68
CA HIS A 1222 17.69 22.50 28.89
C HIS A 1222 18.34 23.27 30.04
N LEU A 1223 17.61 23.36 31.15
CA LEU A 1223 18.14 24.00 32.35
C LEU A 1223 19.01 22.99 33.09
N SER A 1224 20.30 23.32 33.23
CA SER A 1224 21.26 22.45 33.89
C SER A 1224 21.34 22.82 35.35
N GLU A 1225 21.58 21.83 36.20
CA GLU A 1225 21.58 22.02 37.65
C GLU A 1225 22.97 21.82 38.22
N LYS A 1226 23.32 22.66 39.18
CA LYS A 1226 24.62 22.57 39.82
C LYS A 1226 24.64 21.42 40.82
N HIS A 1227 25.67 20.60 40.73
CA HIS A 1227 26.05 19.66 41.78
C HIS A 1227 27.57 19.63 41.76
N ASP A 1228 28.17 20.45 42.62
CA ASP A 1228 29.62 20.64 42.66
C ASP A 1228 30.21 19.44 43.39
N PRO A 1229 31.40 18.97 42.97
CA PRO A 1229 32.26 19.36 41.87
C PRO A 1229 31.92 18.77 40.52
N TYR A 1230 30.99 17.82 40.49
CA TYR A 1230 30.86 16.90 39.35
C TYR A 1230 30.40 17.58 38.08
N THR A 1231 29.55 18.58 38.23
CA THR A 1231 29.00 19.31 37.10
C THR A 1231 29.86 20.52 36.70
N GLN A 1232 30.96 20.77 37.40
CA GLN A 1232 31.75 21.98 37.17
C GLN A 1232 33.13 21.69 36.61
N ARG A 1233 33.82 22.75 36.21
CA ARG A 1233 35.18 22.62 35.68
C ARG A 1233 36.00 21.71 36.54
N GLY A 1234 36.84 20.88 35.90
CA GLY A 1234 37.84 20.13 36.60
C GLY A 1234 37.49 18.69 36.87
N TRP A 1235 36.24 18.38 37.19
CA TRP A 1235 35.91 17.01 37.53
C TRP A 1235 35.95 16.16 36.27
N ASN A 1236 36.62 15.02 36.33
CA ASN A 1236 36.78 14.14 35.20
C ASN A 1236 37.28 14.89 33.97
N GLY A 1237 38.02 15.97 34.20
CA GLY A 1237 38.66 16.73 33.13
C GLY A 1237 37.75 17.69 32.43
N LYS A 1238 36.60 17.94 33.03
CA LYS A 1238 35.54 18.73 32.40
C LYS A 1238 36.09 20.14 32.23
N LYS A 1239 35.86 20.72 31.05
CA LYS A 1239 36.49 21.99 30.64
C LYS A 1239 35.65 23.22 30.95
N VAL A 1240 34.33 23.08 31.00
CA VAL A 1240 33.44 24.22 31.21
C VAL A 1240 32.47 23.90 32.33
N ASP A 1241 31.88 24.93 32.94
CA ASP A 1241 30.85 24.73 33.98
C ASP A 1241 29.51 24.40 33.34
N ASP A 1242 28.76 23.50 33.96
CA ASP A 1242 27.33 23.31 33.61
C ASP A 1242 26.52 24.54 34.07
N VAL A 1243 26.83 25.04 35.26
CA VAL A 1243 26.16 26.18 35.83
C VAL A 1243 27.17 27.29 36.04
N ILE A 1244 26.89 28.45 35.43
CA ILE A 1244 27.78 29.62 35.53
C ILE A 1244 27.58 30.38 36.84
N GLU A 1245 26.34 30.69 37.21
CA GLU A 1245 26.06 31.30 38.51
C GLU A 1245 24.76 30.76 39.10
N GLY A 1246 24.72 30.65 40.42
CA GLY A 1246 23.54 30.14 41.13
C GLY A 1246 23.48 28.64 41.04
N ASN A 1247 22.28 28.09 40.95
CA ASN A 1247 22.08 26.64 40.81
C ASN A 1247 21.65 26.21 39.42
N TRP A 1248 21.41 27.16 38.53
CA TRP A 1248 20.84 26.86 37.21
C TRP A 1248 21.45 27.69 36.09
N SER A 1249 21.68 27.04 34.94
CA SER A 1249 22.07 27.73 33.73
C SER A 1249 21.38 27.07 32.53
N LEU A 1250 21.53 27.67 31.36
CA LEU A 1250 20.91 27.15 30.14
C LEU A 1250 21.95 26.42 29.29
N LYS A 1251 21.88 25.10 29.26
CA LYS A 1251 22.93 24.29 28.64
C LYS A 1251 22.48 23.69 27.32
N THR A 1252 23.31 23.82 26.28
CA THR A 1252 23.15 23.02 25.06
C THR A 1252 24.24 21.97 24.98
N ASN A 1253 23.89 20.74 24.63
CA ASN A 1253 24.83 19.64 24.67
C ASN A 1253 25.06 19.04 23.30
N GLY A 1254 26.27 19.24 22.78
CA GLY A 1254 26.74 18.48 21.64
C GLY A 1254 26.18 18.90 20.29
N LEU A 1255 25.42 20.00 20.22
CA LEU A 1255 24.82 20.43 18.95
C LEU A 1255 25.79 21.32 18.10
N VAL A 1256 26.93 20.74 17.74
CA VAL A 1256 27.92 21.47 16.97
C VAL A 1256 27.85 21.04 15.51
N SER A 1257 28.10 22.00 14.63
CA SER A 1257 28.21 21.78 13.18
C SER A 1257 26.88 21.46 12.51
N ARG A 1258 25.79 22.03 13.01
CA ARG A 1258 24.44 21.75 12.45
C ARG A 1258 23.90 22.79 11.48
N ARG A 1259 24.55 23.95 11.37
CA ARG A 1259 24.01 25.03 10.56
C ARG A 1259 22.51 25.26 10.83
N ASN A 1260 22.17 25.61 12.07
CA ASN A 1260 20.80 25.95 12.41
C ASN A 1260 20.61 26.56 13.80
N LEU A 1261 19.43 27.11 14.01
CA LEU A 1261 19.10 27.84 15.22
C LEU A 1261 18.88 26.89 16.39
N VAL A 1262 19.67 27.05 17.45
CA VAL A 1262 19.52 26.24 18.64
C VAL A 1262 18.33 26.73 19.47
N TYR A 1263 18.24 28.02 19.71
CA TYR A 1263 17.03 28.62 20.24
C TYR A 1263 16.96 30.09 19.91
N GLN A 1264 15.80 30.68 20.14
CA GLN A 1264 15.55 32.08 19.83
C GLN A 1264 14.48 32.65 20.70
N THR A 1265 14.54 33.95 20.93
CA THR A 1265 13.43 34.67 21.56
C THR A 1265 12.30 34.75 20.53
N ILE A 1266 11.10 35.02 21.04
CA ILE A 1266 9.95 35.31 20.20
C ILE A 1266 9.29 36.51 20.87
N PRO A 1267 8.67 37.40 20.08
CA PRO A 1267 8.15 38.66 20.62
C PRO A 1267 7.25 38.56 21.85
N GLN A 1268 6.42 37.55 21.94
CA GLN A 1268 5.54 37.34 23.10
C GLN A 1268 6.27 37.05 24.42
N ASN A 1269 7.51 36.56 24.36
CA ASN A 1269 8.37 36.34 25.56
C ASN A 1269 9.28 37.52 25.80
N PHE A 1270 9.78 38.12 24.73
CA PHE A 1270 10.44 39.42 24.81
C PHE A 1270 10.35 40.12 23.48
N ARG A 1271 9.82 41.35 23.48
CA ARG A 1271 9.65 42.10 22.24
C ARG A 1271 10.68 43.21 22.14
N PHE A 1272 11.51 43.17 21.11
CA PHE A 1272 12.40 44.27 20.81
C PHE A 1272 11.59 45.27 20.03
N GLU A 1273 11.03 46.26 20.72
CA GLU A 1273 10.08 47.18 20.08
C GLU A 1273 10.61 48.00 18.91
N ALA A 1274 9.70 48.26 17.98
CA ALA A 1274 10.03 48.93 16.73
C ALA A 1274 10.76 50.25 16.97
N GLY A 1275 12.00 50.31 16.50
CA GLY A 1275 12.78 51.53 16.55
C GLY A 1275 13.63 51.73 17.78
N LYS A 1276 13.40 50.92 18.80
CA LYS A 1276 14.16 51.05 20.02
C LYS A 1276 15.38 50.15 19.97
N THR A 1277 16.44 50.60 20.64
CA THR A 1277 17.70 49.87 20.71
C THR A 1277 17.87 49.30 22.12
N TYR A 1278 18.38 48.09 22.20
CA TYR A 1278 18.58 47.42 23.49
C TYR A 1278 20.04 46.94 23.64
N ARG A 1279 20.49 46.82 24.88
CA ARG A 1279 21.78 46.18 25.13
C ARG A 1279 21.57 44.78 25.68
N VAL A 1280 21.86 43.77 24.87
CA VAL A 1280 21.74 42.37 25.28
C VAL A 1280 23.08 41.92 25.82
N THR A 1281 23.05 41.28 26.97
CA THR A 1281 24.25 40.94 27.71
C THR A 1281 24.06 39.60 28.39
N PHE A 1282 25.04 38.73 28.29
CA PHE A 1282 24.97 37.45 29.03
C PHE A 1282 26.34 36.88 29.25
N GLU A 1283 26.45 35.98 30.21
CA GLU A 1283 27.67 35.24 30.43
C GLU A 1283 27.50 33.87 29.80
N TYR A 1284 28.59 33.30 29.30
CA TYR A 1284 28.50 32.04 28.56
C TYR A 1284 29.77 31.20 28.67
N GLU A 1285 29.61 29.87 28.58
CA GLU A 1285 30.75 28.96 28.42
C GLU A 1285 30.62 28.32 27.07
N ALA A 1286 31.74 28.08 26.41
CA ALA A 1286 31.75 27.35 25.12
C ALA A 1286 33.05 26.58 25.04
N GLY A 1287 32.98 25.31 24.69
CA GLY A 1287 34.18 24.47 24.76
C GLY A 1287 34.97 24.42 23.47
N SER A 1288 34.56 25.17 22.46
CA SER A 1288 35.30 25.22 21.22
C SER A 1288 35.11 26.58 20.58
N ASP A 1289 36.11 27.01 19.82
CA ASP A 1289 36.04 28.31 19.17
C ASP A 1289 35.02 28.28 18.04
N ASN A 1290 34.12 29.26 18.01
CA ASN A 1290 33.23 29.48 16.87
C ASN A 1290 32.29 28.34 16.45
N THR A 1291 31.92 27.48 17.39
CA THR A 1291 30.95 26.43 17.12
C THR A 1291 29.54 26.97 17.32
N TYR A 1292 29.36 27.87 18.27
CA TYR A 1292 28.08 28.51 18.52
C TYR A 1292 28.21 30.00 18.24
N ALA A 1293 27.13 30.62 17.80
CA ALA A 1293 27.15 32.06 17.50
C ALA A 1293 25.88 32.75 18.01
N PHE A 1294 26.03 34.00 18.44
CA PHE A 1294 24.90 34.84 18.82
C PHE A 1294 24.40 35.48 17.56
N VAL A 1295 23.08 35.47 17.38
CA VAL A 1295 22.49 35.92 16.14
C VAL A 1295 21.32 36.85 16.41
N VAL A 1296 21.16 37.85 15.55
CA VAL A 1296 20.01 38.73 15.59
C VAL A 1296 19.29 38.49 14.29
N GLY A 1297 17.98 38.20 14.38
CA GLY A 1297 17.16 37.87 13.21
C GLY A 1297 15.84 38.60 13.32
N LYS A 1298 14.96 38.37 12.34
CA LYS A 1298 13.62 38.93 12.38
C LYS A 1298 12.68 38.10 11.51
N GLY A 1299 11.42 38.06 11.89
CA GLY A 1299 10.46 37.27 11.15
C GLY A 1299 10.65 35.79 11.42
N GLU A 1300 10.05 34.95 10.58
CA GLU A 1300 10.10 33.52 10.74
C GLU A 1300 11.36 33.01 10.05
N PHE A 1301 12.27 32.45 10.84
CA PHE A 1301 13.53 32.00 10.29
C PHE A 1301 13.37 30.88 9.25
N GLN A 1302 14.00 31.07 8.09
CA GLN A 1302 14.01 30.09 7.00
C GLN A 1302 12.59 29.66 6.61
N SER A 1303 11.76 30.67 6.40
CA SER A 1303 10.37 30.45 5.98
C SER A 1303 10.14 30.65 4.48
N GLY A 1304 11.21 30.86 3.71
CA GLY A 1304 11.12 31.01 2.26
C GLY A 1304 10.74 32.42 1.83
N ARG A 1305 10.65 33.32 2.80
CA ARG A 1305 10.38 34.73 2.51
C ARG A 1305 11.70 35.51 2.53
N ARG A 1306 11.81 36.47 1.63
CA ARG A 1306 13.01 37.29 1.45
C ARG A 1306 13.71 37.64 2.76
N GLY A 1307 15.02 37.40 2.81
CA GLY A 1307 15.86 37.81 3.92
C GLY A 1307 15.68 37.06 5.21
N THR A 1308 14.95 35.96 5.20
CA THR A 1308 14.79 35.14 6.41
C THR A 1308 15.85 34.02 6.43
N GLN A 1309 16.84 34.11 5.55
CA GLN A 1309 17.79 33.03 5.40
C GLN A 1309 19.00 33.23 6.32
N ALA A 1310 19.70 32.14 6.60
CA ALA A 1310 20.84 32.15 7.53
C ALA A 1310 21.84 33.26 7.17
N SER A 1311 22.17 33.38 5.89
CA SER A 1311 23.10 34.41 5.44
C SER A 1311 22.71 35.78 5.99
N ASN A 1312 21.42 36.07 5.98
CA ASN A 1312 20.94 37.41 6.32
C ASN A 1312 20.82 37.71 7.81
N LEU A 1313 21.06 36.73 8.68
CA LEU A 1313 21.16 36.99 10.12
C LEU A 1313 22.41 37.80 10.39
N GLU A 1314 22.37 38.64 11.42
CA GLU A 1314 23.57 39.25 11.97
C GLU A 1314 24.16 38.20 12.89
N MSE A 1315 25.42 37.84 12.66
CA MSE A 1315 26.01 36.72 13.34
C MSE A 1315 27.30 37.04 14.04
O MSE A 1315 28.23 37.61 13.46
CB MSE A 1315 26.27 35.63 12.33
CG MSE A 1315 26.63 34.32 12.98
SE MSE A 1315 26.27 32.85 11.76
CE MSE A 1315 24.29 32.74 11.81
N HIS A 1316 27.39 36.63 15.29
CA HIS A 1316 28.59 36.87 16.08
C HIS A 1316 29.09 35.56 16.65
N GLU A 1317 30.12 34.99 16.02
CA GLU A 1317 30.68 33.71 16.44
C GLU A 1317 31.39 33.92 17.78
N LEU A 1318 31.18 33.01 18.73
CA LEU A 1318 31.72 33.16 20.09
C LEU A 1318 32.92 32.25 20.30
N PRO A 1319 34.02 32.78 20.86
CA PRO A 1319 35.20 31.95 21.11
C PRO A 1319 35.02 31.02 22.29
N ASN A 1320 35.95 30.08 22.46
CA ASN A 1320 35.91 29.17 23.59
C ASN A 1320 36.23 29.96 24.85
N THR A 1321 35.86 29.43 26.02
CA THR A 1321 35.91 30.18 27.26
C THR A 1321 36.82 29.54 28.31
N TRP A 1322 37.63 28.57 27.91
CA TRP A 1322 38.52 27.90 28.87
C TRP A 1322 40.01 27.92 28.56
N THR A 1323 40.39 27.93 27.29
CA THR A 1323 41.82 27.93 26.92
C THR A 1323 42.60 29.09 27.52
N ASP A 1324 41.92 30.24 27.71
CA ASP A 1324 42.55 31.45 28.28
C ASP A 1324 41.66 32.16 29.34
N SER A 1325 40.91 31.37 30.11
CA SER A 1325 40.01 31.94 31.13
C SER A 1325 39.59 30.86 32.13
N LYS A 1326 39.42 31.26 33.38
CA LYS A 1326 38.98 30.34 34.45
C LYS A 1326 37.47 30.37 34.68
N LYS A 1327 36.77 31.32 34.04
CA LYS A 1327 35.33 31.50 34.23
C LYS A 1327 34.67 31.78 32.89
N ALA A 1328 33.34 31.71 32.87
CA ALA A 1328 32.56 32.08 31.70
C ALA A 1328 32.95 33.47 31.26
N LYS A 1329 33.05 33.66 29.95
CA LYS A 1329 33.26 34.97 29.37
C LYS A 1329 31.90 35.71 29.32
N LYS A 1330 31.95 36.99 28.99
CA LYS A 1330 30.76 37.84 28.92
C LYS A 1330 30.64 38.47 27.53
N ALA A 1331 29.41 38.56 27.04
CA ALA A 1331 29.12 39.07 25.71
C ALA A 1331 28.18 40.29 25.78
N THR A 1332 28.38 41.26 24.90
CA THR A 1332 27.54 42.45 24.86
C THR A 1332 27.23 42.78 23.42
N PHE A 1333 25.95 43.00 23.14
CA PHE A 1333 25.48 43.29 21.80
C PHE A 1333 24.44 44.40 21.85
N LEU A 1334 24.41 45.23 20.81
CA LEU A 1334 23.37 46.22 20.65
C LEU A 1334 22.44 45.76 19.54
N VAL A 1335 21.16 45.65 19.87
CA VAL A 1335 20.12 45.14 18.97
C VAL A 1335 19.02 46.21 18.83
N THR A 1336 18.70 46.60 17.61
CA THR A 1336 17.62 47.57 17.38
C THR A 1336 16.43 46.92 16.71
N GLY A 1337 15.26 47.08 17.33
CA GLY A 1337 14.04 46.45 16.84
C GLY A 1337 13.55 46.92 15.49
N ALA A 1338 13.39 45.96 14.57
CA ALA A 1338 12.87 46.22 13.26
C ALA A 1338 11.49 46.83 13.38
N GLU A 1339 11.11 47.64 12.40
CA GLU A 1339 9.84 48.37 12.48
C GLU A 1339 8.60 47.47 12.35
N THR A 1340 8.81 46.25 11.88
CA THR A 1340 7.79 45.23 11.88
C THR A 1340 7.56 44.56 13.26
N GLY A 1341 8.27 45.02 14.31
CA GLY A 1341 8.04 44.57 15.70
C GLY A 1341 8.35 43.10 15.88
N ASP A 1342 9.31 42.68 15.08
CA ASP A 1342 9.43 41.35 14.48
C ASP A 1342 10.73 40.62 14.89
N THR A 1343 11.62 41.36 15.56
CA THR A 1343 13.01 40.99 15.73
C THR A 1343 13.16 40.05 16.91
N TRP A 1344 14.17 39.20 16.84
CA TRP A 1344 14.49 38.30 17.92
C TRP A 1344 16.00 38.05 17.91
N VAL A 1345 16.49 37.47 19.00
CA VAL A 1345 17.89 37.09 19.11
C VAL A 1345 17.93 35.64 19.51
N GLY A 1346 19.06 34.98 19.31
CA GLY A 1346 19.18 33.59 19.71
C GLY A 1346 20.60 33.07 19.56
N ILE A 1347 20.75 31.74 19.72
CA ILE A 1347 22.02 31.08 19.48
C ILE A 1347 21.90 30.12 18.29
N TYR A 1348 22.92 30.16 17.43
CA TYR A 1348 22.96 29.40 16.19
C TYR A 1348 24.14 28.43 16.21
N SER A 1349 23.96 27.23 15.69
CA SER A 1349 25.05 26.26 15.58
C SER A 1349 25.70 26.45 14.23
N THR A 1350 26.95 26.90 14.22
CA THR A 1350 27.62 27.23 12.98
C THR A 1350 27.95 25.96 12.20
N GLY A 1351 28.59 26.13 11.05
CA GLY A 1351 29.14 25.00 10.30
C GLY A 1351 30.58 24.64 10.67
N ASN A 1352 31.17 25.36 11.62
CA ASN A 1352 32.54 25.08 12.03
C ASN A 1352 32.63 23.80 12.84
N ALA A 1353 33.73 23.08 12.66
CA ALA A 1353 34.00 21.88 13.45
C ALA A 1353 34.40 22.25 14.86
N SER A 1354 34.09 21.38 15.81
CA SER A 1354 34.57 21.57 17.18
C SER A 1354 35.99 21.01 17.29
N ASN A 1355 36.60 21.19 18.46
CA ASN A 1355 37.97 20.74 18.68
C ASN A 1355 38.04 20.02 20.02
N THR A 1356 38.13 18.69 19.97
CA THR A 1356 38.02 17.88 21.16
C THR A 1356 39.38 17.53 21.73
N ARG A 1357 40.42 18.18 21.21
CA ARG A 1357 41.74 18.19 21.86
C ARG A 1357 42.32 16.80 22.06
N GLY A 1358 42.04 15.91 21.12
CA GLY A 1358 42.55 14.55 21.19
C GLY A 1358 41.70 13.58 21.98
N ASP A 1359 40.65 14.07 22.63
CA ASP A 1359 39.72 13.17 23.29
C ASP A 1359 38.73 12.64 22.30
N SER A 1360 37.94 11.67 22.75
CA SER A 1360 36.91 11.04 21.95
C SER A 1360 35.91 10.31 22.84
N GLY A 1361 34.92 9.70 22.21
CA GLY A 1361 33.92 8.92 22.94
C GLY A 1361 33.31 9.75 24.03
N GLY A 1362 32.99 9.10 25.15
CA GLY A 1362 32.36 9.75 26.30
C GLY A 1362 33.22 10.81 26.93
N ASN A 1363 34.52 10.56 27.05
CA ASN A 1363 35.41 11.60 27.53
C ASN A 1363 35.11 12.89 26.77
N ALA A 1364 35.14 12.81 25.44
CA ALA A 1364 34.85 13.96 24.58
C ALA A 1364 33.50 14.58 24.91
N ASN A 1365 32.47 13.75 24.99
CA ASN A 1365 31.14 14.27 25.30
C ASN A 1365 31.08 14.92 26.66
N PHE A 1366 31.61 14.24 27.65
CA PHE A 1366 31.48 14.69 29.02
C PHE A 1366 32.12 16.06 29.24
N ARG A 1367 33.25 16.30 28.56
CA ARG A 1367 34.11 17.42 28.90
C ARG A 1367 33.72 18.76 28.26
N GLY A 1368 32.73 18.73 27.38
CA GLY A 1368 32.07 19.95 26.96
C GLY A 1368 32.70 20.70 25.79
N TYR A 1369 33.71 20.09 25.16
CA TYR A 1369 34.20 20.64 23.88
C TYR A 1369 33.04 21.04 22.96
N ASN A 1370 31.99 20.21 22.96
CA ASN A 1370 30.85 20.42 22.05
C ASN A 1370 29.64 21.10 22.69
N ASP A 1371 29.85 21.70 23.86
CA ASP A 1371 28.76 22.28 24.64
C ASP A 1371 28.74 23.81 24.64
N PHE A 1372 27.61 24.35 25.07
CA PHE A 1372 27.45 25.79 25.18
C PHE A 1372 26.50 26.07 26.34
N MSE A 1373 26.89 26.97 27.23
CA MSE A 1373 26.07 27.31 28.39
C MSE A 1373 25.86 28.81 28.44
O MSE A 1373 26.73 29.58 28.10
CB MSE A 1373 26.76 26.86 29.69
CG MSE A 1373 26.81 25.31 29.95
SE MSE A 1373 28.12 24.31 28.82
CE MSE A 1373 28.37 22.56 29.79
N MSE A 1374 24.67 29.21 28.87
CA MSE A 1374 24.35 30.62 29.06
C MSE A 1374 23.79 30.83 30.45
O MSE A 1374 23.19 29.92 31.02
CB MSE A 1374 23.32 31.06 28.04
CG MSE A 1374 23.02 32.54 28.13
SE MSE A 1374 21.75 33.23 26.81
CE MSE A 1374 22.17 32.07 25.28
N ASP A 1375 24.01 32.03 30.99
CA ASP A 1375 23.43 32.43 32.27
C ASP A 1375 23.44 33.95 32.34
N ASN A 1376 22.66 34.50 33.26
CA ASN A 1376 22.64 35.94 33.54
C ASN A 1376 22.38 36.81 32.32
N LEU A 1377 21.31 36.47 31.61
CA LEU A 1377 20.82 37.30 30.54
C LEU A 1377 20.32 38.64 31.07
N GLN A 1378 20.66 39.70 30.36
CA GLN A 1378 20.10 41.02 30.61
C GLN A 1378 19.84 41.75 29.30
N ILE A 1379 18.65 42.29 29.17
CA ILE A 1379 18.28 43.10 28.03
C ILE A 1379 17.80 44.41 28.60
N GLU A 1380 18.36 45.51 28.12
CA GLU A 1380 18.10 46.84 28.69
C GLU A 1380 17.98 47.89 27.60
N GLU A 1381 16.87 48.62 27.59
CA GLU A 1381 16.65 49.66 26.58
C GLU A 1381 17.62 50.80 26.80
N ILE A 1382 18.17 51.34 25.72
CA ILE A 1382 19.08 52.46 25.82
C ILE A 1382 18.83 53.43 24.68
N THR A 1383 19.50 54.58 24.72
CA THR A 1383 19.41 55.60 23.67
C THR A 1383 20.56 55.40 22.70
N LEU A 1384 20.27 54.99 21.49
CA LEU A 1384 21.30 54.71 20.50
C LEU A 1384 21.99 56.00 20.12
N THR A 1385 23.31 55.98 20.16
CA THR A 1385 24.13 57.09 19.68
C THR A 1385 25.33 56.50 18.93
N GLY A 1386 25.91 57.28 18.04
CA GLY A 1386 27.11 56.83 17.33
C GLY A 1386 28.24 56.40 18.27
N LYS A 1387 28.51 57.21 19.28
CA LYS A 1387 29.58 56.89 20.23
C LYS A 1387 29.32 55.51 20.87
N MSE A 1388 28.11 55.36 21.39
CA MSE A 1388 27.61 54.11 21.92
C MSE A 1388 27.97 52.89 21.09
O MSE A 1388 28.32 51.85 21.63
CB MSE A 1388 26.11 54.19 21.93
CG MSE A 1388 25.40 53.12 22.68
SE MSE A 1388 25.03 53.77 24.46
CE MSE A 1388 24.13 55.50 24.11
N LEU A 1389 27.80 53.02 19.78
CA LEU A 1389 28.14 51.96 18.84
C LEU A 1389 29.64 51.73 18.77
N THR A 1390 30.42 52.80 18.64
CA THR A 1390 31.88 52.66 18.50
C THR A 1390 32.51 52.06 19.76
N GLU A 1391 31.93 52.35 20.93
CA GLU A 1391 32.40 51.77 22.19
C GLU A 1391 32.16 50.28 22.25
N ASN A 1392 30.94 49.86 21.92
CA ASN A 1392 30.57 48.45 21.92
C ASN A 1392 31.40 47.70 20.89
N ALA A 1393 31.61 48.32 19.73
CA ALA A 1393 32.48 47.74 18.69
C ALA A 1393 33.90 47.53 19.20
N LEU A 1394 34.46 48.54 19.87
CA LEU A 1394 35.80 48.43 20.45
C LEU A 1394 35.91 47.17 21.31
N LYS A 1395 35.00 47.03 22.27
CA LYS A 1395 35.00 45.89 23.17
C LYS A 1395 34.94 44.58 22.40
N ASN A 1396 34.12 44.55 21.34
CA ASN A 1396 33.95 43.34 20.54
C ASN A 1396 35.11 43.05 19.61
N TYR A 1397 35.96 44.03 19.31
CA TYR A 1397 37.12 43.81 18.44
C TYR A 1397 38.45 43.63 19.18
N LEU A 1398 38.50 44.01 20.44
CA LEU A 1398 39.73 43.84 21.23
C LEU A 1398 40.21 42.38 21.32
N PRO A 1399 39.32 41.42 21.63
CA PRO A 1399 39.86 40.06 21.76
C PRO A 1399 40.71 39.61 20.56
N THR A 1400 40.36 40.07 19.36
CA THR A 1400 41.17 39.80 18.16
C THR A 1400 42.56 40.41 18.25
N VAL A 1401 42.66 41.59 18.88
CA VAL A 1401 43.92 42.34 18.94
C VAL A 1401 45.03 41.72 19.83
N ALA A 1402 44.70 40.70 20.62
CA ALA A 1402 45.70 40.08 21.50
C ALA A 1402 46.33 38.79 20.93
N MSE A 1403 47.01 38.87 19.78
CA MSE A 1403 47.71 37.72 19.18
C MSE A 1403 48.64 38.07 18.01
O MSE A 1403 49.23 37.10 17.36
CB MSE A 1403 46.71 36.61 18.75
CG MSE A 1403 45.36 37.10 18.14
SE MSE A 1403 43.96 35.69 18.12
CE MSE A 1403 45.04 34.23 17.31
N LYS A 1415 44.77 47.08 14.41
CA LYS A 1415 45.17 47.82 15.60
C LYS A 1415 44.85 49.31 15.44
N GLU A 1416 45.60 49.97 14.55
CA GLU A 1416 45.51 51.43 14.37
C GLU A 1416 44.08 51.87 14.08
N ALA A 1417 43.36 51.07 13.31
CA ALA A 1417 41.95 51.31 13.05
C ALA A 1417 41.14 51.30 14.36
N VAL A 1418 41.47 50.35 15.24
CA VAL A 1418 40.75 50.15 16.50
C VAL A 1418 41.09 51.22 17.55
N PHE A 1419 42.35 51.64 17.62
CA PHE A 1419 42.74 52.78 18.46
C PHE A 1419 41.94 54.03 18.06
N ASN A 1420 41.83 54.26 16.76
CA ASN A 1420 41.07 55.41 16.22
C ASN A 1420 39.59 55.34 16.53
N LEU A 1421 39.08 54.11 16.69
CA LEU A 1421 37.72 53.89 17.13
C LEU A 1421 37.57 54.40 18.55
N SER A 1422 38.53 54.06 19.41
CA SER A 1422 38.47 54.42 20.83
C SER A 1422 38.50 55.93 21.08
N GLN A 1423 39.00 56.72 20.14
CA GLN A 1423 38.91 58.18 20.27
C GLN A 1423 38.02 58.82 19.20
N ALA A 1424 36.89 58.16 18.96
CA ALA A 1424 35.86 58.72 18.10
C ALA A 1424 35.19 59.89 18.82
N ASP A 1425 34.82 60.91 18.06
CA ASP A 1425 34.14 62.07 18.61
C ASP A 1425 33.01 61.61 19.52
N ASP A 1426 32.86 62.25 20.68
CA ASP A 1426 31.74 61.95 21.58
C ASP A 1426 30.38 62.04 20.89
N ASP A 1427 30.32 62.80 19.79
CA ASP A 1427 29.09 62.98 19.04
C ASP A 1427 29.18 62.44 17.61
N ILE A 1428 29.85 61.33 17.38
CA ILE A 1428 29.79 60.71 16.06
C ILE A 1428 28.33 60.42 15.78
N SER A 1429 27.92 60.54 14.52
CA SER A 1429 26.56 60.14 14.12
C SER A 1429 26.52 58.61 13.98
N VAL A 1430 25.33 58.05 14.14
CA VAL A 1430 25.16 56.60 13.97
C VAL A 1430 25.68 56.15 12.58
N GLU A 1431 25.56 57.02 11.57
CA GLU A 1431 26.03 56.72 10.23
C GLU A 1431 27.55 56.58 10.15
N GLU A 1432 28.27 57.61 10.60
CA GLU A 1432 29.74 57.61 10.63
C GLU A 1432 30.28 56.46 11.51
N ALA A 1433 29.60 56.21 12.62
CA ALA A 1433 29.95 55.08 13.49
C ALA A 1433 29.91 53.81 12.66
N ARG A 1434 28.73 53.46 12.15
CA ARG A 1434 28.59 52.29 11.28
C ARG A 1434 29.59 52.31 10.13
N ALA A 1435 29.87 53.49 9.59
CA ALA A 1435 30.88 53.64 8.55
C ALA A 1435 32.22 53.08 9.01
N GLU A 1436 32.73 53.62 10.13
CA GLU A 1436 34.03 53.21 10.66
C GLU A 1436 34.05 51.76 11.11
N ILE A 1437 33.01 51.32 11.81
CA ILE A 1437 32.96 49.96 12.30
C ILE A 1437 32.94 48.97 11.13
N ALA A 1438 32.24 49.35 10.05
CA ALA A 1438 32.20 48.56 8.82
C ALA A 1438 33.60 48.37 8.24
N LYS A 1439 34.40 49.42 8.30
CA LYS A 1439 35.75 49.42 7.73
C LYS A 1439 36.75 48.60 8.56
N ILE A 1440 36.44 48.37 9.84
CA ILE A 1440 37.23 47.45 10.67
C ILE A 1440 36.80 46.01 10.37
N THR B 86 -40.48 30.89 -27.71
CA THR B 86 -40.49 29.46 -28.14
C THR B 86 -39.63 28.61 -27.21
N PRO B 87 -40.25 27.88 -26.28
CA PRO B 87 -39.48 26.99 -25.38
C PRO B 87 -38.71 25.85 -26.09
N GLU B 88 -37.43 25.71 -25.77
CA GLU B 88 -36.61 24.59 -26.26
C GLU B 88 -36.93 23.31 -25.46
N TRP B 89 -37.37 23.49 -24.21
CA TRP B 89 -37.79 22.40 -23.33
C TRP B 89 -39.29 22.47 -23.10
N GLN B 90 -39.89 21.29 -22.92
CA GLN B 90 -41.32 21.18 -22.62
C GLN B 90 -41.53 20.02 -21.64
N THR B 91 -42.60 20.09 -20.85
CA THR B 91 -42.90 19.02 -19.91
C THR B 91 -43.52 17.84 -20.66
N VAL B 92 -43.38 16.63 -20.11
CA VAL B 92 -43.93 15.41 -20.73
C VAL B 92 -45.45 15.45 -20.69
N GLU B 93 -46.08 14.53 -21.41
CA GLU B 93 -47.54 14.52 -21.54
C GLU B 93 -48.27 13.84 -20.40
N LYS B 94 -47.59 12.94 -19.68
CA LYS B 94 -48.19 12.30 -18.51
C LYS B 94 -48.58 13.40 -17.51
N LYS B 95 -49.88 13.53 -17.23
CA LYS B 95 -50.42 14.68 -16.48
C LYS B 95 -49.69 14.94 -15.17
N GLU B 96 -49.34 13.86 -14.46
CA GLU B 96 -48.80 13.98 -13.10
C GLU B 96 -47.29 14.06 -13.01
N GLN B 97 -46.61 13.77 -14.13
CA GLN B 97 -45.17 13.97 -14.24
C GLN B 97 -44.86 15.31 -14.92
N GLN B 98 -45.69 16.32 -14.64
CA GLN B 98 -45.57 17.63 -15.27
C GLN B 98 -45.04 18.68 -14.31
N GLY B 99 -44.02 19.40 -14.78
CA GLY B 99 -43.53 20.60 -14.12
C GLY B 99 -43.85 21.79 -14.99
N THR B 100 -43.27 22.94 -14.64
CA THR B 100 -43.54 24.19 -15.34
C THR B 100 -42.27 24.72 -16.04
N VAL B 101 -42.29 24.72 -17.38
CA VAL B 101 -41.22 25.32 -18.18
C VAL B 101 -41.53 26.80 -18.46
N THR B 102 -40.49 27.63 -18.42
CA THR B 102 -40.64 29.07 -18.67
C THR B 102 -39.33 29.72 -19.21
N ILE B 103 -39.47 30.60 -20.20
CA ILE B 103 -38.35 31.29 -20.86
C ILE B 103 -37.90 32.52 -20.04
N ARG B 104 -36.61 32.55 -19.67
CA ARG B 104 -36.06 33.59 -18.80
C ARG B 104 -34.70 34.07 -19.29
N GLU B 105 -34.59 35.37 -19.56
CA GLU B 105 -33.34 35.97 -20.03
C GLU B 105 -32.69 36.73 -18.88
N GLU B 106 -31.55 36.23 -18.42
CA GLU B 106 -30.88 36.81 -17.25
C GLU B 106 -29.35 36.95 -17.41
N LYS B 107 -28.84 38.15 -17.09
CA LYS B 107 -27.46 38.58 -17.40
C LYS B 107 -27.31 38.57 -18.93
N GLY B 108 -26.19 38.09 -19.44
CA GLY B 108 -26.04 37.98 -20.89
C GLY B 108 -26.96 36.92 -21.46
N VAL B 109 -27.13 35.83 -20.71
CA VAL B 109 -27.61 34.57 -21.25
C VAL B 109 -29.14 34.33 -21.14
N ARG B 110 -29.70 33.62 -22.14
CA ARG B 110 -31.09 33.14 -22.11
C ARG B 110 -31.15 31.72 -21.52
N TYR B 111 -32.22 31.43 -20.79
CA TYR B 111 -32.41 30.13 -20.17
C TYR B 111 -33.82 29.60 -20.39
N ASN B 112 -34.03 28.34 -20.03
CA ASN B 112 -35.36 27.77 -19.86
C ASN B 112 -35.44 27.22 -18.44
N GLN B 113 -36.26 27.88 -17.61
CA GLN B 113 -36.36 27.48 -16.21
C GLN B 113 -37.36 26.35 -16.06
N LEU B 114 -36.85 25.20 -15.63
CA LEU B 114 -37.67 24.03 -15.34
C LEU B 114 -37.96 24.00 -13.83
N SER B 115 -39.23 23.88 -13.46
CA SER B 115 -39.65 23.91 -12.05
C SER B 115 -40.59 22.74 -11.74
N SER B 116 -40.48 22.22 -10.52
CA SER B 116 -41.46 21.26 -10.00
C SER B 116 -42.55 22.03 -9.23
N THR B 117 -43.71 21.40 -9.09
CA THR B 117 -44.88 22.05 -8.49
C THR B 117 -45.29 21.30 -7.23
N ALA B 118 -46.38 21.74 -6.62
CA ALA B 118 -46.95 21.07 -5.45
C ALA B 118 -47.41 19.65 -5.78
N GLN B 119 -47.92 19.45 -7.00
CA GLN B 119 -48.47 18.15 -7.44
C GLN B 119 -47.42 17.17 -7.99
N ASN B 120 -46.15 17.40 -7.63
CA ASN B 120 -45.05 16.49 -7.97
C ASN B 120 -44.47 15.85 -6.71
N ASP B 121 -43.69 14.79 -6.89
CA ASP B 121 -42.87 14.22 -5.80
C ASP B 121 -41.50 13.76 -6.34
N ASN B 122 -40.79 12.87 -5.65
CA ASN B 122 -39.48 12.38 -6.14
C ASN B 122 -39.47 10.91 -6.54
N ALA B 123 -40.60 10.22 -6.36
CA ALA B 123 -40.70 8.80 -6.67
C ALA B 123 -41.36 8.59 -8.03
N GLY B 124 -42.64 8.21 -8.05
CA GLY B 124 -43.34 7.89 -9.30
C GLY B 124 -43.70 9.09 -10.17
N LYS B 125 -43.87 10.25 -9.54
CA LYS B 125 -44.47 11.41 -10.22
C LYS B 125 -43.61 12.67 -10.16
N PRO B 126 -42.32 12.57 -10.53
CA PRO B 126 -41.51 13.79 -10.57
C PRO B 126 -41.81 14.64 -11.80
N ALA B 127 -41.44 15.92 -11.75
CA ALA B 127 -41.53 16.80 -12.91
C ALA B 127 -40.47 16.38 -13.93
N LEU B 128 -40.93 15.83 -15.06
CA LEU B 128 -40.04 15.42 -16.14
C LEU B 128 -40.11 16.41 -17.31
N PHE B 129 -38.96 16.63 -17.95
CA PHE B 129 -38.83 17.57 -19.07
C PHE B 129 -38.09 16.92 -20.25
N GLU B 130 -38.22 17.53 -21.43
CA GLU B 130 -38.05 16.83 -22.69
C GLU B 130 -37.69 17.83 -23.80
N LYS B 131 -36.64 17.51 -24.57
CA LYS B 131 -36.13 18.39 -25.65
C LYS B 131 -36.10 17.66 -26.99
N LYS B 132 -36.62 18.32 -28.03
CA LYS B 132 -36.73 17.72 -29.34
C LYS B 132 -35.33 17.50 -29.91
N GLY B 133 -35.08 16.27 -30.38
CA GLY B 133 -33.76 15.86 -30.83
C GLY B 133 -32.96 15.08 -29.79
N LEU B 134 -33.14 15.42 -28.50
CA LEU B 134 -32.39 14.76 -27.43
C LEU B 134 -32.95 13.35 -27.20
N THR B 135 -32.24 12.37 -27.76
CA THR B 135 -32.70 11.00 -27.83
C THR B 135 -31.50 10.08 -28.03
N VAL B 136 -31.54 8.87 -27.50
CA VAL B 136 -30.47 7.90 -27.73
C VAL B 136 -30.23 7.78 -29.24
N ASP B 137 -28.96 7.80 -29.65
CA ASP B 137 -28.60 7.84 -31.08
C ASP B 137 -28.83 6.50 -31.79
N ALA B 138 -28.76 6.51 -33.12
CA ALA B 138 -29.02 5.32 -33.93
C ALA B 138 -28.29 4.10 -33.40
N ASN B 139 -27.07 4.29 -32.88
CA ASN B 139 -26.21 3.18 -32.43
C ASN B 139 -26.41 2.73 -30.98
N GLY B 140 -27.35 3.37 -30.26
CA GLY B 140 -27.67 2.97 -28.88
C GLY B 140 -26.80 3.62 -27.80
N ASN B 141 -26.23 4.78 -28.13
CA ASN B 141 -25.47 5.58 -27.15
C ASN B 141 -26.31 6.79 -26.72
N ALA B 142 -26.40 7.01 -25.41
CA ALA B 142 -27.08 8.18 -24.85
C ALA B 142 -26.06 9.22 -24.42
N THR B 143 -26.19 10.44 -24.96
CA THR B 143 -25.32 11.55 -24.59
C THR B 143 -26.20 12.68 -24.09
N VAL B 144 -25.71 13.36 -23.06
CA VAL B 144 -26.29 14.60 -22.61
C VAL B 144 -25.11 15.55 -22.31
N ASP B 145 -25.17 16.76 -22.87
CA ASP B 145 -24.15 17.78 -22.63
C ASP B 145 -24.84 19.11 -22.30
N LEU B 146 -25.24 19.24 -21.04
CA LEU B 146 -26.19 20.27 -20.59
C LEU B 146 -25.55 21.32 -19.67
N THR B 147 -25.48 22.57 -20.13
CA THR B 147 -25.12 23.71 -19.28
C THR B 147 -26.36 24.17 -18.52
N PHE B 148 -26.23 24.37 -17.20
CA PHE B 148 -27.34 24.82 -16.37
C PHE B 148 -26.89 25.46 -15.07
N LYS B 149 -27.83 26.04 -14.35
CA LYS B 149 -27.59 26.52 -12.99
C LYS B 149 -28.79 26.14 -12.11
N ASP B 150 -28.51 25.81 -10.85
CA ASP B 150 -29.58 25.47 -9.89
C ASP B 150 -30.06 26.74 -9.18
N ASP B 151 -31.35 27.06 -9.36
CA ASP B 151 -31.96 28.25 -8.75
C ASP B 151 -32.78 27.89 -7.51
N SER B 152 -32.74 26.63 -7.10
CA SER B 152 -33.45 26.19 -5.91
C SER B 152 -32.89 26.86 -4.67
N GLU B 153 -33.70 26.90 -3.61
CA GLU B 153 -33.22 27.32 -2.30
C GLU B 153 -32.12 26.33 -1.87
N LYS B 154 -31.06 26.85 -1.25
CA LYS B 154 -29.85 26.08 -0.94
C LYS B 154 -30.17 24.74 -0.25
N GLY B 155 -29.60 23.64 -0.77
CA GLY B 155 -29.80 22.30 -0.19
C GLY B 155 -31.21 21.73 -0.27
N LYS B 156 -32.01 22.22 -1.23
CA LYS B 156 -33.41 21.80 -1.35
C LYS B 156 -33.74 21.19 -2.72
N SER B 157 -32.71 20.95 -3.55
CA SER B 157 -32.91 20.47 -4.92
C SER B 157 -32.73 18.96 -5.04
N ARG B 158 -33.49 18.38 -5.98
CA ARG B 158 -33.32 16.96 -6.36
C ARG B 158 -33.47 16.84 -7.89
N PHE B 159 -32.34 17.03 -8.58
CA PHE B 159 -32.31 17.20 -10.03
C PHE B 159 -31.44 16.11 -10.67
N GLY B 160 -31.71 15.79 -11.94
CA GLY B 160 -30.86 14.89 -12.72
C GLY B 160 -31.36 14.57 -14.11
N VAL B 161 -30.64 13.70 -14.82
CA VAL B 161 -31.02 13.22 -16.14
C VAL B 161 -31.36 11.72 -16.11
N PHE B 162 -32.52 11.36 -16.67
CA PHE B 162 -32.88 9.96 -16.94
C PHE B 162 -32.42 9.63 -18.37
N LEU B 163 -31.67 8.53 -18.52
CA LEU B 163 -31.25 8.04 -19.83
C LEU B 163 -31.87 6.67 -20.08
N LYS B 164 -32.21 6.38 -21.34
CA LYS B 164 -32.87 5.12 -21.72
C LYS B 164 -34.11 4.84 -20.83
N PHE B 165 -34.98 5.84 -20.75
CA PHE B 165 -36.08 5.89 -19.81
C PHE B 165 -37.28 5.11 -20.34
N LYS B 166 -37.74 4.13 -19.56
CA LYS B 166 -38.97 3.38 -19.86
C LYS B 166 -40.07 3.91 -18.93
N ASP B 167 -39.83 3.83 -17.63
CA ASP B 167 -40.72 4.47 -16.64
C ASP B 167 -40.01 4.71 -15.30
N THR B 168 -40.76 5.20 -14.31
CA THR B 168 -40.25 5.52 -12.98
C THR B 168 -39.37 4.43 -12.34
N LYS B 169 -39.71 3.15 -12.55
CA LYS B 169 -38.96 2.02 -11.99
C LYS B 169 -38.19 1.21 -13.06
N ASN B 170 -37.96 1.80 -14.23
CA ASN B 170 -37.18 1.18 -15.33
C ASN B 170 -36.38 2.21 -16.11
N ASN B 171 -35.16 2.53 -15.65
CA ASN B 171 -34.36 3.61 -16.22
C ASN B 171 -32.92 3.62 -15.71
N VAL B 172 -32.10 4.48 -16.29
CA VAL B 172 -30.79 4.85 -15.72
C VAL B 172 -30.84 6.35 -15.37
N PHE B 173 -30.19 6.72 -14.27
CA PHE B 173 -30.28 8.08 -13.73
C PHE B 173 -28.91 8.59 -13.29
N VAL B 174 -28.63 9.86 -13.58
CA VAL B 174 -27.50 10.57 -12.97
C VAL B 174 -28.04 11.92 -12.52
N GLY B 175 -27.66 12.34 -11.32
CA GLY B 175 -28.16 13.58 -10.74
C GLY B 175 -27.73 13.70 -9.30
N TYR B 176 -28.23 14.72 -8.60
CA TYR B 176 -27.82 15.00 -7.22
C TYR B 176 -28.99 15.28 -6.30
N ASP B 177 -28.65 15.47 -5.02
CA ASP B 177 -29.55 16.06 -4.02
C ASP B 177 -28.69 16.78 -2.96
N LYS B 178 -29.24 17.03 -1.76
CA LYS B 178 -28.48 17.60 -0.64
C LYS B 178 -27.04 17.11 -0.56
N ASP B 179 -26.88 15.79 -0.59
CA ASP B 179 -25.63 15.12 -0.25
C ASP B 179 -24.76 14.76 -1.47
N GLY B 180 -25.05 15.33 -2.64
CA GLY B 180 -24.14 15.29 -3.79
C GLY B 180 -24.57 14.41 -4.94
N TRP B 181 -23.63 14.19 -5.87
CA TRP B 181 -23.90 13.50 -7.15
C TRP B 181 -23.84 11.98 -7.04
N PHE B 182 -24.86 11.31 -7.59
CA PHE B 182 -24.95 9.84 -7.59
C PHE B 182 -25.54 9.32 -8.92
N TRP B 183 -25.27 8.05 -9.22
CA TRP B 183 -26.01 7.34 -10.28
C TRP B 183 -26.98 6.34 -9.65
N GLU B 184 -27.97 5.91 -10.43
CA GLU B 184 -28.97 4.93 -9.98
C GLU B 184 -29.61 4.29 -11.18
N TYR B 185 -29.85 2.99 -11.13
CA TYR B 185 -30.64 2.33 -12.17
C TYR B 185 -31.70 1.43 -11.54
N LYS B 186 -32.78 1.18 -12.29
CA LYS B 186 -33.92 0.41 -11.80
C LYS B 186 -34.47 -0.58 -12.84
N THR B 190 -32.40 -6.15 -11.17
CA THR B 190 -31.44 -5.41 -10.34
C THR B 190 -31.77 -3.92 -10.34
N SER B 191 -31.85 -3.35 -9.14
CA SER B 191 -31.95 -1.91 -8.96
C SER B 191 -31.05 -1.47 -7.80
N THR B 192 -30.02 -0.71 -8.11
CA THR B 192 -29.10 -0.17 -7.09
C THR B 192 -28.66 1.24 -7.49
N TRP B 193 -27.94 1.88 -6.57
CA TRP B 193 -27.44 3.24 -6.76
C TRP B 193 -26.00 3.34 -6.29
N TYR B 194 -25.44 4.55 -6.39
CA TYR B 194 -24.05 4.83 -6.02
C TYR B 194 -23.91 5.12 -4.51
N ARG B 195 -23.25 4.20 -3.81
CA ARG B 195 -22.62 4.46 -2.52
C ARG B 195 -21.20 4.93 -2.84
N GLY B 196 -20.45 5.32 -1.82
CA GLY B 196 -19.12 5.89 -2.05
C GLY B 196 -19.18 7.39 -2.24
N SER B 197 -18.14 8.07 -1.76
CA SER B 197 -18.18 9.53 -1.56
C SER B 197 -18.54 10.28 -2.84
N ARG B 198 -19.50 11.19 -2.72
CA ARG B 198 -20.03 11.93 -3.86
C ARG B 198 -19.31 13.27 -3.99
N VAL B 199 -19.27 13.79 -5.21
CA VAL B 199 -18.85 15.16 -5.44
C VAL B 199 -19.97 16.05 -4.90
N ALA B 200 -19.61 17.16 -4.25
CA ALA B 200 -20.60 18.05 -3.65
C ALA B 200 -21.55 18.59 -4.72
N ALA B 201 -22.82 18.76 -4.33
CA ALA B 201 -23.85 19.34 -5.21
C ALA B 201 -23.50 20.78 -5.60
N PRO B 202 -24.05 21.29 -6.70
CA PRO B 202 -23.76 22.66 -7.15
C PRO B 202 -24.25 23.73 -6.18
N GLU B 203 -23.50 24.83 -6.07
CA GLU B 203 -23.91 25.97 -5.23
C GLU B 203 -24.97 26.81 -5.97
N THR B 204 -25.93 27.35 -5.23
CA THR B 204 -27.02 28.16 -5.81
C THR B 204 -26.49 29.20 -6.81
N GLY B 205 -27.01 29.18 -8.03
CA GLY B 205 -26.65 30.18 -9.04
C GLY B 205 -25.40 29.88 -9.87
N SER B 206 -24.50 29.03 -9.35
CA SER B 206 -23.27 28.67 -10.09
C SER B 206 -23.60 27.91 -11.37
N THR B 207 -22.74 28.06 -12.37
CA THR B 207 -22.99 27.55 -13.73
C THR B 207 -22.31 26.17 -13.94
N ASN B 208 -23.08 25.22 -14.46
CA ASN B 208 -22.69 23.81 -14.50
C ASN B 208 -22.70 23.19 -15.90
N ARG B 209 -21.54 22.73 -16.37
CA ARG B 209 -21.45 21.99 -17.64
C ARG B 209 -21.45 20.49 -17.32
N LEU B 210 -22.59 19.85 -17.55
CA LEU B 210 -22.79 18.43 -17.23
C LEU B 210 -22.61 17.59 -18.48
N SER B 211 -21.77 16.57 -18.39
CA SER B 211 -21.64 15.60 -19.47
C SER B 211 -21.96 14.22 -18.93
N ILE B 212 -22.86 13.51 -19.63
CA ILE B 212 -23.23 12.14 -19.26
C ILE B 212 -23.16 11.29 -20.52
N THR B 213 -22.58 10.11 -20.39
CA THR B 213 -22.47 9.16 -21.50
C THR B 213 -22.92 7.77 -20.99
N LEU B 214 -23.95 7.23 -21.63
CA LEU B 214 -24.31 5.82 -21.48
C LEU B 214 -24.18 5.23 -22.88
N LYS B 215 -23.48 4.11 -23.01
CA LYS B 215 -23.22 3.53 -24.33
C LYS B 215 -23.99 2.22 -24.54
N SER B 216 -23.75 1.56 -25.67
CA SER B 216 -24.32 0.24 -25.94
C SER B 216 -23.75 -0.82 -24.97
N ASP B 217 -22.50 -0.63 -24.53
CA ASP B 217 -21.85 -1.51 -23.55
C ASP B 217 -22.60 -1.50 -22.20
N GLY B 218 -23.36 -0.43 -21.96
CA GLY B 218 -23.89 -0.12 -20.63
C GLY B 218 -22.84 0.59 -19.79
N GLN B 219 -21.91 1.27 -20.44
CA GLN B 219 -20.82 1.99 -19.76
C GLN B 219 -21.23 3.43 -19.45
N LEU B 220 -21.55 3.69 -18.18
CA LEU B 220 -22.00 5.00 -17.73
C LEU B 220 -20.86 5.84 -17.14
N ASN B 221 -20.62 7.00 -17.75
CA ASN B 221 -19.70 8.00 -17.21
C ASN B 221 -20.40 9.35 -17.13
N ALA B 222 -19.97 10.18 -16.17
CA ALA B 222 -20.54 11.52 -16.00
C ALA B 222 -19.54 12.49 -15.37
N SER B 223 -19.59 13.74 -15.82
CA SER B 223 -18.71 14.79 -15.33
C SER B 223 -19.49 16.10 -15.15
N ASN B 224 -19.12 16.88 -14.13
CA ASN B 224 -19.65 18.23 -13.96
C ASN B 224 -18.52 19.25 -13.84
N ASN B 225 -18.48 20.18 -14.80
CA ASN B 225 -17.39 21.15 -14.94
C ASN B 225 -16.02 20.45 -14.97
N ASP B 226 -15.95 19.41 -15.82
CA ASP B 226 -14.76 18.58 -16.02
C ASP B 226 -14.22 17.90 -14.73
N VAL B 227 -15.13 17.62 -13.80
CA VAL B 227 -14.83 16.84 -12.59
C VAL B 227 -15.56 15.51 -12.71
N ASN B 228 -14.80 14.41 -12.71
CA ASN B 228 -15.37 13.08 -12.76
C ASN B 228 -16.24 12.84 -11.53
N LEU B 229 -17.49 12.45 -11.76
CA LEU B 229 -18.48 12.32 -10.68
C LEU B 229 -18.40 10.97 -9.98
N PHE B 230 -17.89 9.96 -10.67
CA PHE B 230 -17.77 8.61 -10.13
C PHE B 230 -16.96 7.75 -11.10
N ASP B 231 -16.48 6.61 -10.61
CA ASP B 231 -15.82 5.61 -11.45
C ASP B 231 -16.82 5.06 -12.46
N THR B 232 -16.35 4.73 -13.67
CA THR B 232 -17.22 4.15 -14.70
C THR B 232 -18.00 2.98 -14.13
N VAL B 233 -19.29 2.97 -14.41
CA VAL B 233 -20.15 1.87 -14.01
C VAL B 233 -20.66 1.19 -15.28
N THR B 234 -20.72 -0.13 -15.24
CA THR B 234 -21.23 -0.91 -16.35
C THR B 234 -22.53 -1.56 -15.92
N LEU B 235 -23.61 -1.31 -16.65
CA LEU B 235 -24.88 -1.99 -16.40
C LEU B 235 -24.69 -3.51 -16.59
N PRO B 236 -25.28 -4.34 -15.69
CA PRO B 236 -25.23 -5.78 -15.94
C PRO B 236 -25.97 -6.19 -17.23
N ALA B 237 -25.56 -7.32 -17.81
CA ALA B 237 -26.20 -7.87 -19.00
C ALA B 237 -27.73 -7.74 -18.92
N ALA B 238 -28.31 -8.28 -17.84
CA ALA B 238 -29.76 -8.26 -17.62
C ALA B 238 -30.37 -6.86 -17.71
N VAL B 239 -29.73 -5.89 -17.03
CA VAL B 239 -30.23 -4.52 -16.97
C VAL B 239 -30.10 -3.81 -18.32
N ASN B 240 -28.99 -4.05 -19.01
CA ASN B 240 -28.69 -3.38 -20.28
C ASN B 240 -29.57 -3.92 -21.42
N ASP B 241 -29.72 -5.25 -21.48
CA ASP B 241 -30.60 -5.91 -22.47
C ASP B 241 -32.06 -5.45 -22.37
N HIS B 242 -32.53 -5.17 -21.15
CA HIS B 242 -33.91 -4.69 -20.90
C HIS B 242 -34.11 -3.23 -21.36
N LEU B 243 -33.11 -2.38 -21.11
CA LEU B 243 -33.18 -0.95 -21.47
C LEU B 243 -32.54 -0.64 -22.84
N LYS B 244 -32.02 -1.66 -23.53
CA LYS B 244 -31.32 -1.49 -24.82
C LYS B 244 -32.10 -0.68 -25.87
N ASN B 245 -33.41 -0.91 -25.96
CA ASN B 245 -34.27 -0.26 -26.97
C ASN B 245 -34.77 1.14 -26.59
N GLU B 246 -34.77 1.46 -25.29
CA GLU B 246 -35.39 2.69 -24.80
C GLU B 246 -34.59 3.89 -25.31
N LYS B 247 -35.27 4.84 -25.93
CA LYS B 247 -34.60 5.99 -26.55
C LYS B 247 -34.90 7.31 -25.85
N LYS B 248 -35.74 7.29 -24.80
CA LYS B 248 -36.10 8.51 -24.08
C LYS B 248 -34.95 9.07 -23.22
N ILE B 249 -34.71 10.38 -23.32
CA ILE B 249 -33.78 11.09 -22.43
C ILE B 249 -34.55 12.25 -21.81
N LEU B 250 -34.74 12.23 -20.49
CA LEU B 250 -35.51 13.26 -19.78
C LEU B 250 -34.70 13.91 -18.65
N LEU B 251 -34.90 15.21 -18.44
CA LEU B 251 -34.43 15.86 -17.22
C LEU B 251 -35.50 15.66 -16.16
N LYS B 252 -35.10 15.41 -14.91
CA LYS B 252 -36.06 15.32 -13.80
C LYS B 252 -35.86 16.48 -12.82
N ALA B 253 -36.98 16.95 -12.26
CA ALA B 253 -37.00 17.89 -11.14
C ALA B 253 -38.05 17.39 -10.17
N GLY B 254 -37.63 17.02 -8.97
CA GLY B 254 -38.51 16.42 -7.97
C GLY B 254 -38.87 17.34 -6.82
N SER B 255 -40.03 17.08 -6.21
CA SER B 255 -40.46 17.79 -5.01
C SER B 255 -40.49 16.86 -3.80
N TYR B 256 -40.45 17.45 -2.62
CA TYR B 256 -40.56 16.72 -1.35
C TYR B 256 -41.11 17.69 -0.32
N ASP B 257 -42.29 17.39 0.24
CA ASP B 257 -43.03 18.35 1.07
C ASP B 257 -43.09 19.73 0.37
N ASP B 258 -42.73 20.81 1.07
CA ASP B 258 -42.74 22.17 0.51
C ASP B 258 -41.56 22.46 -0.44
N GLU B 259 -40.53 21.61 -0.43
CA GLU B 259 -39.32 21.85 -1.21
C GLU B 259 -39.55 21.60 -2.70
N ARG B 260 -38.92 22.43 -3.54
CA ARG B 260 -39.05 22.33 -5.00
C ARG B 260 -37.69 22.33 -5.68
N THR B 261 -37.60 21.62 -6.81
CA THR B 261 -36.44 21.72 -7.71
C THR B 261 -36.73 22.79 -8.74
N VAL B 262 -35.82 23.74 -8.90
CA VAL B 262 -35.90 24.75 -9.97
C VAL B 262 -34.51 24.94 -10.57
N VAL B 263 -34.32 24.51 -11.82
CA VAL B 263 -33.04 24.67 -12.53
C VAL B 263 -33.23 25.44 -13.83
N SER B 264 -32.26 26.29 -14.16
CA SER B 264 -32.29 27.07 -15.42
C SER B 264 -31.28 26.50 -16.44
N VAL B 265 -31.80 25.83 -17.47
CA VAL B 265 -30.96 25.25 -18.53
C VAL B 265 -30.64 26.34 -19.56
N LYS B 266 -29.37 26.43 -19.94
CA LYS B 266 -28.89 27.41 -20.94
C LYS B 266 -29.39 27.01 -22.31
N THR B 267 -30.10 27.91 -22.99
CA THR B 267 -30.69 27.60 -24.31
C THR B 267 -29.62 27.55 -25.40
N ASP B 268 -29.88 26.79 -26.46
CA ASP B 268 -29.00 26.71 -27.62
C ASP B 268 -28.97 28.04 -28.34
N ASN B 269 -30.17 28.57 -28.60
CA ASN B 269 -30.34 29.85 -29.27
C ASN B 269 -30.09 31.03 -28.30
N GLN B 270 -29.23 31.98 -28.71
CA GLN B 270 -28.87 33.16 -27.90
C GLN B 270 -28.86 34.47 -28.75
N GLU B 271 -29.79 34.59 -29.69
CA GLU B 271 -29.76 35.71 -30.66
C GLU B 271 -30.65 36.90 -30.27
N LYS B 282 -11.85 50.69 -20.14
CA LYS B 282 -10.45 50.30 -20.24
C LYS B 282 -9.85 50.02 -18.88
N GLU B 283 -8.93 49.06 -18.81
CA GLU B 283 -8.41 48.54 -17.53
C GLU B 283 -7.01 49.06 -17.16
N THR B 284 -6.85 49.38 -15.88
CA THR B 284 -5.61 49.93 -15.33
C THR B 284 -4.85 48.86 -14.60
N GLY B 285 -3.52 48.89 -14.70
CA GLY B 285 -2.64 48.04 -13.90
C GLY B 285 -1.66 48.87 -13.10
N PRO B 286 -1.01 48.27 -12.10
CA PRO B 286 0.22 48.88 -11.62
C PRO B 286 1.27 48.87 -12.74
N GLU B 287 2.00 49.97 -12.90
CA GLU B 287 3.00 50.07 -13.98
C GLU B 287 4.30 49.37 -13.60
N VAL B 288 5.22 49.30 -14.55
CA VAL B 288 6.46 48.56 -14.34
C VAL B 288 7.47 49.42 -13.56
N ASP B 289 8.01 48.84 -12.48
CA ASP B 289 9.04 49.48 -11.68
C ASP B 289 10.25 48.58 -11.58
N ASP B 290 11.12 48.64 -12.60
CA ASP B 290 12.36 47.87 -12.62
C ASP B 290 13.57 48.80 -12.47
N SER B 291 13.47 49.79 -11.60
CA SER B 291 14.60 50.68 -11.33
C SER B 291 15.64 50.00 -10.44
N LYS B 292 15.26 48.89 -9.79
CA LYS B 292 16.21 48.11 -9.01
C LYS B 292 16.63 46.83 -9.72
N VAL B 293 16.38 46.72 -11.03
CA VAL B 293 16.70 45.50 -11.76
C VAL B 293 17.81 45.66 -12.80
N THR B 294 18.73 44.70 -12.83
CA THR B 294 19.82 44.69 -13.80
C THR B 294 19.60 43.60 -14.84
N TYR B 295 19.44 44.01 -16.09
CA TYR B 295 19.23 43.04 -17.16
C TYR B 295 20.55 42.68 -17.85
N ASP B 296 20.44 41.77 -18.81
CA ASP B 296 21.57 41.27 -19.57
C ASP B 296 20.95 40.77 -20.86
N THR B 297 21.76 40.31 -21.81
CA THR B 297 21.23 39.79 -23.06
C THR B 297 22.01 38.58 -23.48
N ILE B 298 21.28 37.54 -23.87
CA ILE B 298 21.83 36.39 -24.57
C ILE B 298 21.25 36.44 -25.97
N GLN B 299 22.03 36.01 -26.95
CA GLN B 299 21.57 36.05 -28.34
C GLN B 299 22.30 35.09 -29.26
N SER B 300 21.58 34.62 -30.26
CA SER B 300 22.14 33.84 -31.35
C SER B 300 22.34 34.79 -32.51
N LYS B 301 22.62 34.27 -33.70
CA LYS B 301 22.65 35.07 -34.91
C LYS B 301 21.33 35.81 -35.15
N VAL B 302 20.22 35.17 -34.77
CA VAL B 302 18.91 35.55 -35.27
C VAL B 302 17.94 36.02 -34.17
N LEU B 303 18.10 35.50 -32.95
CA LEU B 303 17.22 35.86 -31.83
C LEU B 303 18.01 36.47 -30.67
N LYS B 304 17.43 37.50 -30.08
CA LYS B 304 18.02 38.17 -28.94
C LYS B 304 16.98 38.23 -27.84
N ALA B 305 17.40 37.91 -26.62
CA ALA B 305 16.51 37.93 -25.47
C ALA B 305 17.13 38.79 -24.37
N VAL B 306 16.37 39.74 -23.84
CA VAL B 306 16.80 40.48 -22.66
C VAL B 306 16.31 39.75 -21.43
N ILE B 307 17.24 39.47 -20.52
CA ILE B 307 16.98 38.60 -19.37
C ILE B 307 17.41 39.31 -18.09
N ASP B 308 16.76 38.97 -16.98
CA ASP B 308 17.04 39.56 -15.67
C ASP B 308 18.16 38.76 -15.03
N GLN B 309 19.08 39.45 -14.37
CA GLN B 309 20.19 38.80 -13.68
C GLN B 309 19.80 38.28 -12.28
N ALA B 310 18.59 38.58 -11.81
CA ALA B 310 18.13 38.20 -10.47
C ALA B 310 17.25 36.95 -10.47
N PHE B 311 16.78 36.53 -11.64
CA PHE B 311 15.75 35.49 -11.73
C PHE B 311 15.58 35.11 -13.21
N PRO B 312 15.46 33.82 -13.54
CA PRO B 312 15.42 33.43 -14.97
C PRO B 312 14.11 33.79 -15.68
N ARG B 313 14.05 35.02 -16.17
CA ARG B 313 12.88 35.56 -16.83
C ARG B 313 13.28 36.44 -18.02
N VAL B 314 12.56 36.33 -19.12
CA VAL B 314 12.87 37.13 -20.29
C VAL B 314 11.95 38.35 -20.30
N LYS B 315 12.53 39.55 -20.42
CA LYS B 315 11.72 40.79 -20.50
C LYS B 315 11.15 40.96 -21.89
N GLU B 316 11.98 40.73 -22.90
CA GLU B 316 11.49 40.63 -24.26
C GLU B 316 12.43 39.88 -25.16
N TYR B 317 11.87 39.47 -26.27
CA TYR B 317 12.57 38.86 -27.36
C TYR B 317 12.64 39.88 -28.47
N SER B 318 13.62 39.75 -29.34
CA SER B 318 13.62 40.54 -30.56
C SER B 318 14.29 39.81 -31.69
N LEU B 319 13.53 39.63 -32.76
CA LEU B 319 13.96 38.94 -33.95
C LEU B 319 13.89 39.97 -35.06
N ASN B 320 15.03 40.25 -35.70
CA ASN B 320 15.03 40.97 -36.96
C ASN B 320 14.41 42.37 -36.85
N GLY B 321 14.59 43.01 -35.69
CA GLY B 321 14.03 44.35 -35.43
C GLY B 321 12.77 44.33 -34.56
N HIS B 322 12.00 43.25 -34.69
CA HIS B 322 10.69 43.14 -34.07
C HIS B 322 10.78 42.57 -32.69
N THR B 323 9.76 42.80 -31.87
CA THR B 323 9.79 42.43 -30.47
C THR B 323 8.50 41.79 -29.95
N LEU B 324 8.68 40.87 -29.00
CA LEU B 324 7.57 40.29 -28.25
C LEU B 324 8.00 40.30 -26.80
N PRO B 325 7.11 40.72 -25.90
CA PRO B 325 7.46 40.67 -24.48
C PRO B 325 7.55 39.26 -23.94
N GLY B 326 8.18 39.12 -22.78
CA GLY B 326 8.16 37.87 -22.02
C GLY B 326 7.32 38.11 -20.79
N GLN B 327 7.97 38.22 -19.64
CA GLN B 327 7.30 38.60 -18.40
C GLN B 327 7.75 40.03 -18.06
N VAL B 328 6.86 40.99 -18.23
CA VAL B 328 7.26 42.39 -18.03
C VAL B 328 7.38 42.76 -16.53
N GLN B 329 6.37 42.39 -15.73
CA GLN B 329 6.40 42.61 -14.28
C GLN B 329 7.29 41.57 -13.60
N GLN B 330 8.19 42.02 -12.74
CA GLN B 330 9.05 41.12 -11.97
C GLN B 330 8.20 40.18 -11.11
N PHE B 331 8.54 38.90 -11.06
CA PHE B 331 7.88 37.97 -10.16
C PHE B 331 8.90 36.91 -9.71
N ASN B 332 9.65 37.25 -8.67
CA ASN B 332 10.78 36.45 -8.26
C ASN B 332 10.42 35.40 -7.21
N GLN B 333 9.39 34.64 -7.54
CA GLN B 333 8.87 33.58 -6.69
C GLN B 333 8.60 32.34 -7.49
N VAL B 334 8.78 31.19 -6.85
CA VAL B 334 8.40 29.90 -7.41
C VAL B 334 7.51 29.18 -6.42
N PHE B 335 6.88 28.10 -6.87
CA PHE B 335 6.10 27.25 -5.96
C PHE B 335 6.66 25.84 -5.95
N ILE B 336 7.27 25.49 -4.82
CA ILE B 336 7.78 24.14 -4.62
C ILE B 336 6.83 23.39 -3.73
N ASN B 337 6.44 22.17 -4.16
CA ASN B 337 5.47 21.37 -3.42
C ASN B 337 4.24 22.17 -3.11
N ASN B 338 3.85 22.98 -4.07
CA ASN B 338 2.73 23.89 -3.94
C ASN B 338 2.87 24.97 -2.87
N HIS B 339 4.09 25.39 -2.53
CA HIS B 339 4.30 26.43 -1.52
C HIS B 339 5.14 27.56 -2.09
N ARG B 340 4.73 28.78 -1.81
CA ARG B 340 5.35 29.95 -2.37
C ARG B 340 6.70 30.14 -1.71
N ILE B 341 7.73 30.39 -2.51
CA ILE B 341 9.09 30.50 -2.00
C ILE B 341 9.84 31.52 -2.83
N THR B 342 10.54 32.43 -2.17
CA THR B 342 11.39 33.41 -2.82
C THR B 342 12.82 32.91 -2.84
N PRO B 343 13.30 32.46 -4.00
CA PRO B 343 14.62 31.84 -4.03
C PRO B 343 15.77 32.82 -3.90
N GLU B 344 16.83 32.36 -3.24
CA GLU B 344 18.13 33.03 -3.25
C GLU B 344 18.79 32.64 -4.56
N VAL B 345 19.04 33.62 -5.41
CA VAL B 345 19.57 33.38 -6.73
C VAL B 345 20.94 34.00 -6.92
N THR B 346 21.90 33.22 -7.42
CA THR B 346 23.16 33.77 -7.92
C THR B 346 23.19 33.49 -9.42
N TYR B 347 23.76 34.41 -10.19
CA TYR B 347 23.68 34.41 -11.67
C TYR B 347 25.07 34.45 -12.29
N LYS B 348 25.20 33.89 -13.49
CA LYS B 348 26.48 33.80 -14.17
C LYS B 348 26.26 33.58 -15.65
N LYS B 349 26.76 34.51 -16.48
CA LYS B 349 26.62 34.39 -17.93
C LYS B 349 27.74 33.49 -18.48
N ILE B 350 27.36 32.33 -19.03
CA ILE B 350 28.32 31.33 -19.51
C ILE B 350 28.96 31.74 -20.84
N ASN B 351 28.14 32.23 -21.77
CA ASN B 351 28.60 32.74 -23.05
C ASN B 351 27.50 33.58 -23.71
N GLU B 352 27.70 34.03 -24.94
CA GLU B 352 26.74 34.99 -25.55
C GLU B 352 25.36 34.40 -25.76
N THR B 353 25.26 33.08 -25.80
CA THR B 353 23.97 32.43 -26.00
C THR B 353 23.38 31.92 -24.68
N THR B 354 24.22 31.75 -23.65
CA THR B 354 23.81 30.98 -22.47
C THR B 354 24.04 31.67 -21.12
N ALA B 355 23.01 31.71 -20.29
CA ALA B 355 23.11 32.25 -18.93
C ALA B 355 22.52 31.25 -17.98
N GLU B 356 23.12 31.11 -16.80
CA GLU B 356 22.58 30.20 -15.80
C GLU B 356 22.49 30.76 -14.38
N TYR B 357 21.52 30.24 -13.64
CA TYR B 357 21.15 30.71 -12.32
C TYR B 357 21.16 29.54 -11.35
N LEU B 358 21.85 29.68 -10.23
CA LEU B 358 21.76 28.73 -9.13
C LEU B 358 20.69 29.29 -8.21
N MSE B 359 19.72 28.47 -7.85
CA MSE B 359 18.58 28.92 -7.05
C MSE B 359 18.41 28.08 -5.79
O MSE B 359 18.01 26.94 -5.85
CB MSE B 359 17.29 28.85 -7.86
CG MSE B 359 17.35 29.61 -9.18
SE MSE B 359 15.63 29.51 -10.16
CE MSE B 359 14.60 30.80 -9.07
N LYS B 360 18.69 28.67 -4.63
CA LYS B 360 18.48 28.02 -3.36
C LYS B 360 17.01 28.18 -2.88
N LEU B 361 16.46 27.08 -2.34
CA LEU B 361 15.05 26.99 -1.96
C LEU B 361 14.88 26.42 -0.55
N ARG B 362 14.36 27.24 0.37
CA ARG B 362 14.29 26.83 1.76
C ARG B 362 13.06 27.32 2.53
N ASP B 363 12.31 26.39 3.12
CA ASP B 363 11.11 26.69 3.91
C ASP B 363 10.94 25.60 4.94
N ASP B 364 11.47 25.84 6.13
CA ASP B 364 11.45 24.82 7.18
C ASP B 364 10.07 24.32 7.56
N ALA B 365 9.07 25.20 7.56
CA ALA B 365 7.72 24.82 7.97
C ALA B 365 7.14 23.75 7.06
N HIS B 366 7.68 23.63 5.85
CA HIS B 366 7.21 22.65 4.89
C HIS B 366 8.32 21.70 4.47
N LEU B 367 9.32 21.56 5.31
CA LEU B 367 10.41 20.64 5.06
C LEU B 367 11.05 20.77 3.69
N ILE B 368 11.06 21.98 3.12
CA ILE B 368 11.74 22.22 1.84
C ILE B 368 13.17 22.72 2.07
N ASN B 369 14.12 22.10 1.37
CA ASN B 369 15.54 22.44 1.47
C ASN B 369 16.29 21.84 0.30
N ALA B 370 16.25 22.55 -0.83
CA ALA B 370 16.84 22.09 -2.07
C ALA B 370 17.50 23.24 -2.79
N GLU B 371 18.21 22.92 -3.85
CA GLU B 371 18.66 23.94 -4.78
C GLU B 371 18.57 23.40 -6.18
N MSE B 372 18.34 24.28 -7.13
CA MSE B 372 18.24 23.89 -8.53
C MSE B 372 18.93 24.89 -9.42
O MSE B 372 18.93 26.09 -9.14
CB MSE B 372 16.77 23.76 -8.94
CG MSE B 372 15.95 25.05 -8.80
SE MSE B 372 14.04 24.86 -9.34
CE MSE B 372 13.35 26.58 -8.61
N THR B 373 19.49 24.39 -10.52
CA THR B 373 20.12 25.23 -11.52
C THR B 373 19.23 25.34 -12.73
N VAL B 374 18.83 26.57 -13.04
CA VAL B 374 18.11 26.87 -14.27
C VAL B 374 19.06 27.49 -15.27
N ARG B 375 18.90 27.11 -16.53
CA ARG B 375 19.75 27.54 -17.62
C ARG B 375 18.88 28.11 -18.72
N LEU B 376 19.18 29.33 -19.17
CA LEU B 376 18.47 29.95 -20.30
C LEU B 376 19.38 30.03 -21.51
N GLN B 377 18.96 29.47 -22.63
CA GLN B 377 19.82 29.39 -23.80
C GLN B 377 19.09 29.76 -25.06
N VAL B 378 19.74 30.56 -25.92
CA VAL B 378 19.21 30.85 -27.24
C VAL B 378 19.93 29.99 -28.26
N VAL B 379 19.14 29.33 -29.11
CA VAL B 379 19.65 28.54 -30.22
C VAL B 379 18.77 28.89 -31.42
N ASP B 380 19.40 29.39 -32.50
CA ASP B 380 18.69 29.91 -33.66
C ASP B 380 17.56 30.80 -33.17
N ASN B 381 16.32 30.42 -33.47
CA ASN B 381 15.16 31.21 -33.09
C ASN B 381 14.41 30.61 -31.92
N GLN B 382 15.12 29.88 -31.06
CA GLN B 382 14.51 29.17 -29.94
C GLN B 382 15.14 29.66 -28.65
N LEU B 383 14.32 29.82 -27.61
CA LEU B 383 14.82 30.02 -26.25
C LEU B 383 14.52 28.77 -25.47
N HIS B 384 15.55 28.20 -24.87
CA HIS B 384 15.43 26.98 -24.10
C HIS B 384 15.51 27.34 -22.64
N PHE B 385 14.49 26.95 -21.88
CA PHE B 385 14.43 27.11 -20.43
C PHE B 385 14.62 25.73 -19.88
N ASP B 386 15.70 25.50 -19.15
CA ASP B 386 16.01 24.16 -18.66
C ASP B 386 16.46 24.15 -17.21
N VAL B 387 15.76 23.37 -16.39
CA VAL B 387 16.27 23.02 -15.07
C VAL B 387 17.26 21.90 -15.28
N THR B 388 18.54 22.21 -15.13
CA THR B 388 19.61 21.30 -15.50
C THR B 388 20.07 20.42 -14.36
N LYS B 389 19.70 20.77 -13.13
CA LYS B 389 20.14 20.04 -11.94
C LYS B 389 19.23 20.34 -10.76
N ILE B 390 18.85 19.32 -10.01
CA ILE B 390 18.06 19.48 -8.78
C ILE B 390 18.79 18.75 -7.69
N VAL B 391 18.80 19.31 -6.50
CA VAL B 391 19.40 18.66 -5.34
C VAL B 391 18.43 18.79 -4.16
N ASN B 392 18.03 17.66 -3.58
CA ASN B 392 17.18 17.65 -2.40
C ASN B 392 18.08 17.36 -1.20
N HIS B 393 18.27 18.32 -0.33
CA HIS B 393 19.10 18.08 0.85
C HIS B 393 18.48 17.10 1.82
N ASN B 394 17.16 16.94 1.78
CA ASN B 394 16.53 15.84 2.49
C ASN B 394 17.04 14.54 1.88
N GLN B 395 17.19 13.49 2.71
CA GLN B 395 17.68 12.21 2.19
C GLN B 395 16.53 11.37 1.62
N VAL B 396 16.61 11.10 0.33
CA VAL B 396 15.55 10.44 -0.43
C VAL B 396 16.19 9.43 -1.36
N THR B 397 15.67 8.21 -1.42
CA THR B 397 16.26 7.19 -2.31
C THR B 397 15.21 6.34 -3.04
N PRO B 398 15.15 6.52 -4.37
CA PRO B 398 14.24 5.76 -5.22
C PRO B 398 14.25 4.28 -4.87
N GLY B 399 13.06 3.71 -4.63
CA GLY B 399 12.94 2.33 -4.20
C GLY B 399 12.76 2.23 -2.70
N GLN B 400 13.45 3.08 -1.95
CA GLN B 400 13.33 3.08 -0.50
C GLN B 400 12.06 3.78 -0.02
N LYS B 401 11.67 3.45 1.19
CA LYS B 401 10.56 4.10 1.86
C LYS B 401 11.01 5.48 2.32
N ILE B 402 10.03 6.33 2.61
CA ILE B 402 10.30 7.62 3.17
C ILE B 402 9.33 7.88 4.32
N ASP B 403 9.86 8.44 5.41
CA ASP B 403 9.08 8.65 6.63
C ASP B 403 8.03 9.75 6.48
N ASP B 404 8.28 10.73 5.61
CA ASP B 404 7.38 11.87 5.41
C ASP B 404 7.37 12.30 3.93
N GLU B 405 6.25 12.09 3.25
CA GLU B 405 6.17 12.43 1.83
C GLU B 405 6.55 13.91 1.57
N ARG B 406 6.31 14.79 2.55
CA ARG B 406 6.68 16.21 2.46
C ARG B 406 8.14 16.50 2.24
N LYS B 407 9.02 15.57 2.63
CA LYS B 407 10.46 15.71 2.41
C LYS B 407 10.86 15.51 0.94
N LEU B 408 9.92 15.05 0.10
CA LEU B 408 10.20 14.90 -1.33
C LEU B 408 10.08 16.26 -2.00
N LEU B 409 10.91 16.50 -3.02
CA LEU B 409 10.75 17.66 -3.88
C LEU B 409 9.90 17.20 -5.05
N SER B 410 8.59 17.36 -4.88
CA SER B 410 7.59 16.73 -5.77
C SER B 410 7.18 17.53 -6.99
N SER B 411 6.99 18.83 -6.81
CA SER B 411 6.53 19.68 -7.89
C SER B 411 7.27 21.00 -7.86
N ILE B 412 7.69 21.45 -9.04
CA ILE B 412 8.31 22.76 -9.20
C ILE B 412 7.44 23.58 -10.14
N SER B 413 7.13 24.82 -9.76
CA SER B 413 6.26 25.66 -10.56
C SER B 413 6.82 27.05 -10.76
N PHE B 414 7.04 27.42 -12.01
CA PHE B 414 7.36 28.79 -12.38
C PHE B 414 6.13 29.53 -12.89
N LEU B 415 4.95 29.02 -12.56
CA LEU B 415 3.71 29.71 -12.83
C LEU B 415 3.81 31.12 -12.26
N GLY B 416 3.48 32.12 -13.07
CA GLY B 416 3.68 33.52 -12.69
C GLY B 416 4.79 34.22 -13.46
N ASN B 417 5.60 33.44 -14.18
CA ASN B 417 6.58 33.99 -15.12
C ASN B 417 6.29 33.52 -16.54
N ALA B 418 5.72 34.42 -17.34
CA ALA B 418 5.35 34.08 -18.69
C ALA B 418 6.63 33.93 -19.46
N LEU B 419 6.72 32.85 -20.24
CA LEU B 419 7.88 32.60 -21.09
C LEU B 419 7.80 33.45 -22.35
N VAL B 420 6.58 33.74 -22.81
CA VAL B 420 6.37 34.69 -23.90
C VAL B 420 4.99 35.29 -23.72
N SER B 421 4.77 36.49 -24.23
CA SER B 421 3.48 37.15 -24.11
C SER B 421 3.25 38.17 -25.23
N VAL B 422 2.05 38.77 -25.24
CA VAL B 422 1.68 39.76 -26.24
C VAL B 422 0.86 40.87 -25.58
N SER B 423 1.07 42.10 -26.03
CA SER B 423 0.49 43.31 -25.45
C SER B 423 -0.64 43.86 -26.30
N SER B 424 -1.73 44.29 -25.65
CA SER B 424 -2.85 44.91 -26.35
C SER B 424 -2.45 46.18 -27.09
N ASP B 425 -1.35 46.81 -26.67
CA ASP B 425 -0.77 47.95 -27.39
C ASP B 425 -0.20 47.56 -28.76
N GLN B 426 0.27 46.31 -28.92
CA GLN B 426 0.79 45.82 -30.20
C GLN B 426 -0.33 45.53 -31.21
N THR B 427 -0.06 45.86 -32.48
CA THR B 427 -0.98 45.59 -33.58
C THR B 427 -1.05 44.10 -33.86
N GLY B 428 -2.26 43.59 -34.09
CA GLY B 428 -2.48 42.18 -34.37
C GLY B 428 -2.41 41.27 -33.16
N ALA B 429 -2.40 41.87 -31.97
CA ALA B 429 -2.29 41.14 -30.71
C ALA B 429 -3.37 40.05 -30.62
N LYS B 430 -2.91 38.79 -30.56
CA LYS B 430 -3.83 37.66 -30.52
C LYS B 430 -3.20 36.44 -29.83
N PHE B 431 -4.01 35.73 -29.08
CA PHE B 431 -3.59 34.48 -28.48
C PHE B 431 -4.52 33.38 -28.98
N ASP B 432 -3.96 32.19 -29.23
CA ASP B 432 -4.72 31.03 -29.70
C ASP B 432 -4.18 29.80 -29.02
N GLY B 433 -5.08 28.99 -28.47
CA GLY B 433 -4.70 27.80 -27.69
C GLY B 433 -5.61 26.63 -27.95
N ALA B 434 -5.15 25.45 -27.54
CA ALA B 434 -5.89 24.20 -27.76
C ALA B 434 -6.06 23.47 -26.43
N THR B 435 -7.24 22.91 -26.22
CA THR B 435 -7.50 22.06 -25.06
C THR B 435 -8.17 20.77 -25.53
N MSE B 436 -8.12 19.72 -24.71
CA MSE B 436 -8.68 18.42 -25.06
C MSE B 436 -10.21 18.45 -25.20
O MSE B 436 -10.90 18.86 -24.27
CB MSE B 436 -8.29 17.39 -24.00
CG MSE B 436 -8.79 15.96 -24.24
SE MSE B 436 -8.25 15.19 -25.99
CE MSE B 436 -6.36 14.73 -25.63
N SER B 437 -10.69 18.03 -26.37
CA SER B 437 -12.12 17.83 -26.60
C SER B 437 -12.35 16.59 -27.46
N ASN B 438 -13.15 15.66 -26.98
CA ASN B 438 -13.49 14.46 -27.74
C ASN B 438 -14.94 14.49 -28.23
N ASN B 439 -15.54 15.67 -28.17
CA ASN B 439 -16.92 15.93 -28.59
C ASN B 439 -16.93 16.57 -29.98
N THR B 440 -17.46 15.86 -30.94
CA THR B 440 -17.45 16.28 -32.33
C THR B 440 -18.10 17.65 -32.51
N HIS B 441 -19.02 18.01 -31.61
CA HIS B 441 -19.71 19.30 -31.65
C HIS B 441 -18.85 20.46 -31.16
N VAL B 442 -18.11 20.23 -30.08
CA VAL B 442 -17.37 21.31 -29.41
C VAL B 442 -15.90 21.26 -29.74
N SER B 443 -15.44 22.25 -30.48
CA SER B 443 -14.01 22.44 -30.71
C SER B 443 -13.34 22.69 -29.38
N GLY B 444 -12.08 22.30 -29.29
CA GLY B 444 -11.30 22.54 -28.07
C GLY B 444 -10.41 23.76 -28.15
N ASP B 445 -10.58 24.57 -29.20
CA ASP B 445 -9.66 25.67 -29.50
C ASP B 445 -10.22 27.02 -29.10
N ASP B 446 -9.35 27.86 -28.53
CA ASP B 446 -9.69 29.22 -28.12
C ASP B 446 -8.91 30.20 -29.00
N HIS B 447 -9.61 31.18 -29.54
CA HIS B 447 -9.01 32.25 -30.34
C HIS B 447 -9.40 33.59 -29.74
N ILE B 448 -8.45 34.26 -29.09
CA ILE B 448 -8.76 35.45 -28.30
C ILE B 448 -7.92 36.66 -28.73
N ASP B 449 -8.61 37.74 -29.10
CA ASP B 449 -7.94 39.00 -29.39
C ASP B 449 -7.51 39.63 -28.08
N VAL B 450 -6.20 39.83 -27.95
CA VAL B 450 -5.64 40.54 -26.81
C VAL B 450 -5.92 42.03 -26.97
N THR B 451 -6.88 42.53 -26.18
CA THR B 451 -7.33 43.92 -26.26
C THR B 451 -7.54 44.50 -24.85
N ASN B 452 -7.80 45.80 -24.79
CA ASN B 452 -8.12 46.44 -23.52
C ASN B 452 -9.35 47.34 -23.73
N PRO B 453 -10.49 47.00 -23.09
CA PRO B 453 -10.74 45.90 -22.15
C PRO B 453 -10.85 44.55 -22.81
N MSE B 454 -10.91 43.50 -22.00
CA MSE B 454 -11.09 42.14 -22.50
C MSE B 454 -11.44 41.22 -21.35
O MSE B 454 -11.26 41.58 -20.19
CB MSE B 454 -9.81 41.62 -23.17
CG MSE B 454 -8.66 41.35 -22.18
SE MSE B 454 -7.21 40.23 -22.93
CE MSE B 454 -7.92 38.41 -22.65
N LYS B 455 -11.91 40.02 -21.68
CA LYS B 455 -12.42 39.10 -20.66
C LYS B 455 -11.26 38.45 -19.94
N ASP B 456 -11.49 38.07 -18.70
CA ASP B 456 -10.45 37.45 -17.88
C ASP B 456 -9.97 36.18 -18.54
N LEU B 457 -8.73 35.81 -18.22
CA LEU B 457 -8.12 34.61 -18.77
C LEU B 457 -7.10 34.04 -17.78
N ALA B 458 -7.38 32.81 -17.33
CA ALA B 458 -6.51 32.03 -16.47
C ALA B 458 -6.92 30.59 -16.70
N LYS B 459 -6.24 29.92 -17.64
CA LYS B 459 -6.72 28.64 -18.14
C LYS B 459 -5.55 27.76 -18.53
N GLY B 460 -5.76 26.44 -18.43
CA GLY B 460 -4.74 25.48 -18.84
C GLY B 460 -4.91 25.14 -20.31
N TYR B 461 -3.80 24.93 -21.00
CA TYR B 461 -3.78 24.61 -22.41
C TYR B 461 -2.73 23.55 -22.73
N MSE B 462 -2.96 22.81 -23.81
CA MSE B 462 -2.03 21.82 -24.33
C MSE B 462 -1.01 22.49 -25.25
O MSE B 462 0.17 22.22 -25.16
CB MSE B 462 -2.77 20.77 -25.14
CG MSE B 462 -3.34 19.61 -24.33
SE MSE B 462 -4.60 18.57 -25.42
CE MSE B 462 -4.58 16.88 -24.49
N TYR B 463 -1.52 23.33 -26.14
CA TYR B 463 -0.73 24.05 -27.11
C TYR B 463 -1.13 25.50 -27.03
N GLY B 464 -0.17 26.41 -27.15
CA GLY B 464 -0.44 27.83 -26.99
C GLY B 464 0.44 28.70 -27.84
N PHE B 465 -0.17 29.72 -28.45
CA PHE B 465 0.53 30.63 -29.35
C PHE B 465 0.11 32.07 -29.14
N VAL B 466 1.07 32.99 -29.21
CA VAL B 466 0.78 34.42 -29.18
C VAL B 466 1.41 35.02 -30.42
N SER B 467 0.72 35.98 -31.04
CA SER B 467 1.27 36.64 -32.23
C SER B 467 0.81 38.10 -32.40
N THR B 468 1.69 38.89 -33.02
CA THR B 468 1.38 40.24 -33.43
C THR B 468 1.28 40.23 -34.95
N ASP B 469 1.24 41.42 -35.53
CA ASP B 469 1.28 41.62 -36.96
C ASP B 469 2.59 41.09 -37.57
N LYS B 470 3.66 41.09 -36.78
CA LYS B 470 5.03 40.86 -37.27
C LYS B 470 5.64 39.53 -36.83
N LEU B 471 5.34 39.08 -35.61
CA LEU B 471 5.95 37.86 -35.08
C LEU B 471 4.89 36.96 -34.47
N ALA B 472 5.13 35.64 -34.53
CA ALA B 472 4.37 34.63 -33.77
C ALA B 472 5.33 33.81 -32.95
N ALA B 473 4.90 33.44 -31.75
CA ALA B 473 5.69 32.56 -30.89
C ALA B 473 4.81 31.43 -30.39
N GLY B 474 5.46 30.29 -30.12
CA GLY B 474 4.79 29.12 -29.55
C GLY B 474 5.63 28.54 -28.41
N VAL B 475 4.95 28.01 -27.39
CA VAL B 475 5.63 27.42 -26.23
C VAL B 475 5.41 25.90 -26.07
N TRP B 476 6.50 25.22 -25.77
CA TRP B 476 6.47 23.82 -25.42
C TRP B 476 6.95 23.64 -23.99
N SER B 477 6.42 22.61 -23.33
CA SER B 477 6.85 22.21 -21.99
C SER B 477 6.68 20.71 -21.84
N ASN B 478 7.61 20.06 -21.13
CA ASN B 478 7.48 18.63 -20.78
C ASN B 478 6.67 18.44 -19.48
N SER B 479 6.02 19.51 -19.01
CA SER B 479 5.16 19.41 -17.83
C SER B 479 4.02 18.43 -18.06
N GLN B 480 3.91 17.44 -17.18
CA GLN B 480 2.74 16.55 -17.14
C GLN B 480 1.72 17.01 -16.05
N ASN B 481 1.61 18.32 -15.86
CA ASN B 481 0.57 18.90 -15.02
C ASN B 481 -0.80 18.46 -15.48
N SER B 482 -1.75 18.42 -14.56
CA SER B 482 -3.15 18.30 -14.88
C SER B 482 -4.01 19.14 -13.92
N TYR B 483 -4.91 19.95 -14.46
CA TYR B 483 -5.78 20.75 -13.59
C TYR B 483 -7.09 20.03 -13.32
N GLY B 484 -7.22 18.77 -13.74
CA GLY B 484 -8.49 18.06 -13.74
C GLY B 484 -8.66 17.29 -15.03
N GLY B 485 -9.85 16.74 -15.24
CA GLY B 485 -10.12 15.88 -16.41
C GLY B 485 -10.72 16.68 -17.54
N GLY B 486 -10.90 16.06 -18.70
CA GLY B 486 -11.43 16.75 -19.87
C GLY B 486 -10.51 17.86 -20.33
N SER B 487 -11.10 19.04 -20.56
CA SER B 487 -10.38 20.22 -21.04
C SER B 487 -9.28 20.71 -20.06
N ASN B 488 -9.39 20.30 -18.80
CA ASN B 488 -8.38 20.65 -17.80
C ASN B 488 -7.17 19.72 -17.84
N ASP B 489 -7.25 18.67 -18.65
CA ASP B 489 -6.15 17.69 -18.65
C ASP B 489 -5.10 17.98 -19.72
N TRP B 490 -3.94 17.33 -19.59
CA TRP B 490 -2.80 17.57 -20.47
C TRP B 490 -2.42 19.03 -20.58
N THR B 491 -2.72 19.79 -19.53
CA THR B 491 -2.58 21.23 -19.57
C THR B 491 -1.15 21.61 -19.18
N ARG B 492 -0.22 21.36 -20.10
CA ARG B 492 1.21 21.61 -19.88
C ARG B 492 1.59 23.09 -19.91
N LEU B 493 0.66 23.92 -20.40
CA LEU B 493 0.80 25.36 -20.43
C LEU B 493 -0.36 25.99 -19.67
N THR B 494 -0.13 27.17 -19.12
CA THR B 494 -1.20 27.99 -18.55
C THR B 494 -1.12 29.38 -19.16
N ALA B 495 -2.24 29.93 -19.61
CA ALA B 495 -2.27 31.30 -20.17
C ALA B 495 -2.96 32.28 -19.21
N TYR B 496 -2.33 33.44 -19.01
CA TYR B 496 -2.85 34.43 -18.06
C TYR B 496 -2.99 35.83 -18.65
N LYS B 497 -4.14 36.45 -18.41
CA LYS B 497 -4.30 37.90 -18.58
C LYS B 497 -3.60 38.61 -17.42
N GLU B 498 -2.85 39.66 -17.72
CA GLU B 498 -2.24 40.52 -16.68
C GLU B 498 -2.28 41.99 -17.13
N THR B 499 -2.96 42.83 -16.37
CA THR B 499 -3.06 44.26 -16.72
C THR B 499 -1.85 44.99 -16.14
N VAL B 500 -1.09 45.64 -17.02
CA VAL B 500 0.10 46.41 -16.63
C VAL B 500 -0.01 47.79 -17.25
N GLY B 501 -0.17 48.81 -16.40
CA GLY B 501 -0.45 50.16 -16.86
C GLY B 501 -1.73 50.23 -17.67
N ASN B 502 -1.63 50.71 -18.90
CA ASN B 502 -2.75 50.79 -19.86
C ASN B 502 -2.95 49.49 -20.65
N ALA B 503 -1.95 48.62 -20.63
CA ALA B 503 -1.94 47.46 -21.51
C ALA B 503 -2.42 46.19 -20.79
N ASN B 504 -3.20 45.38 -21.53
CA ASN B 504 -3.50 44.01 -21.16
C ASN B 504 -2.50 43.10 -21.84
N TYR B 505 -1.86 42.24 -21.05
CA TYR B 505 -0.99 41.22 -21.57
C TYR B 505 -1.68 39.87 -21.48
N VAL B 506 -1.43 39.02 -22.47
CA VAL B 506 -1.72 37.60 -22.33
C VAL B 506 -0.39 36.89 -22.54
N GLY B 507 0.01 36.12 -21.53
CA GLY B 507 1.28 35.43 -21.52
C GLY B 507 1.09 33.96 -21.30
N ILE B 508 2.00 33.17 -21.86
CA ILE B 508 1.97 31.72 -21.75
C ILE B 508 3.03 31.29 -20.76
N HIS B 509 2.60 30.59 -19.74
CA HIS B 509 3.49 30.08 -18.71
C HIS B 509 3.56 28.58 -18.85
N SER B 510 4.68 27.98 -18.45
CA SER B 510 4.69 26.53 -18.30
C SER B 510 3.90 26.20 -17.06
N SER B 511 3.07 25.18 -17.16
CA SER B 511 2.42 24.63 -16.00
C SER B 511 3.43 23.89 -15.12
N GLU B 512 2.96 23.47 -13.95
CA GLU B 512 3.79 22.88 -12.93
C GLU B 512 4.49 21.61 -13.41
N TRP B 513 5.73 21.41 -12.96
CA TRP B 513 6.51 20.25 -13.31
C TRP B 513 6.49 19.27 -12.16
N GLN B 514 6.79 18.01 -12.44
CA GLN B 514 6.80 16.94 -11.43
C GLN B 514 8.22 16.41 -11.23
N TRP B 515 8.52 15.82 -10.07
CA TRP B 515 9.87 15.37 -9.80
C TRP B 515 9.84 14.15 -8.84
N GLU B 516 10.28 14.26 -7.59
CA GLU B 516 10.33 13.09 -6.69
C GLU B 516 8.94 12.78 -6.18
N LYS B 517 8.36 11.66 -6.61
CA LYS B 517 7.05 11.24 -6.11
C LYS B 517 7.14 9.90 -5.41
N ALA B 518 6.12 9.57 -4.62
CA ALA B 518 6.07 8.29 -3.89
C ALA B 518 4.64 7.79 -3.78
N TYR B 519 4.50 6.48 -3.56
CA TYR B 519 3.21 5.88 -3.27
C TYR B 519 3.27 5.15 -1.94
N LYS B 520 2.28 5.39 -1.09
CA LYS B 520 2.22 4.86 0.27
C LYS B 520 3.60 4.76 0.89
N GLY B 521 4.38 5.82 0.77
CA GLY B 521 5.69 5.89 1.40
C GLY B 521 6.85 5.44 0.54
N ILE B 522 6.59 4.61 -0.47
CA ILE B 522 7.68 4.06 -1.28
C ILE B 522 7.98 4.97 -2.45
N VAL B 523 9.21 5.52 -2.49
CA VAL B 523 9.62 6.43 -3.55
C VAL B 523 9.74 5.70 -4.86
N PHE B 524 9.23 6.31 -5.93
CA PHE B 524 9.22 5.68 -7.25
C PHE B 524 10.62 5.60 -7.83
N PRO B 525 10.83 4.71 -8.81
CA PRO B 525 12.14 4.54 -9.46
C PRO B 525 12.66 5.81 -10.12
N GLU B 526 13.99 5.92 -10.22
CA GLU B 526 14.65 7.10 -10.83
C GLU B 526 14.08 7.53 -12.18
N TYR B 527 13.81 6.56 -13.04
CA TYR B 527 13.39 6.87 -14.41
C TYR B 527 12.07 7.64 -14.50
N THR B 528 11.27 7.58 -13.43
CA THR B 528 10.06 8.40 -13.36
C THR B 528 10.39 9.88 -13.27
N LYS B 529 11.62 10.25 -12.89
CA LYS B 529 12.02 11.64 -12.79
C LYS B 529 12.57 12.19 -14.10
N GLU B 530 12.02 13.29 -14.61
CA GLU B 530 12.43 13.88 -15.87
C GLU B 530 12.68 15.38 -15.65
N LEU B 531 13.89 15.85 -15.94
CA LEU B 531 14.26 17.24 -15.64
C LEU B 531 13.31 18.19 -16.36
N PRO B 532 12.72 19.16 -15.63
CA PRO B 532 11.86 20.17 -16.23
C PRO B 532 12.50 20.86 -17.41
N SER B 533 11.67 21.14 -18.42
CA SER B 533 12.15 21.73 -19.66
C SER B 533 11.05 22.45 -20.40
N ALA B 534 11.34 23.65 -20.92
CA ALA B 534 10.38 24.34 -21.77
C ALA B 534 11.08 25.05 -22.92
N LYS B 535 10.33 25.34 -23.98
CA LYS B 535 10.93 26.02 -25.10
C LYS B 535 9.99 27.03 -25.69
N VAL B 536 10.55 28.13 -26.20
CA VAL B 536 9.79 29.11 -26.96
C VAL B 536 10.43 29.19 -28.34
N VAL B 537 9.60 29.26 -29.37
CA VAL B 537 10.10 29.49 -30.74
C VAL B 537 9.43 30.75 -31.28
N ILE B 538 10.24 31.61 -31.89
CA ILE B 538 9.74 32.87 -32.43
C ILE B 538 9.97 32.90 -33.95
N THR B 539 8.98 33.38 -34.68
CA THR B 539 8.94 33.20 -36.12
C THR B 539 8.25 34.35 -36.85
N GLU B 540 8.85 34.78 -37.96
CA GLU B 540 8.15 35.66 -38.90
C GLU B 540 7.31 34.75 -39.82
N ASP B 541 6.67 35.32 -40.83
CA ASP B 541 5.85 34.54 -41.77
C ASP B 541 6.57 33.24 -42.15
N ALA B 542 5.87 32.12 -41.98
CA ALA B 542 6.46 30.80 -42.23
C ALA B 542 5.68 29.95 -43.26
N ASN B 543 4.57 30.48 -43.75
CA ASN B 543 3.80 29.80 -44.79
C ASN B 543 3.50 30.70 -45.99
N ALA B 544 4.22 31.82 -46.08
CA ALA B 544 4.13 32.70 -47.25
C ALA B 544 2.69 33.06 -47.63
N ASP B 545 1.89 33.50 -46.65
CA ASP B 545 0.57 34.08 -46.94
C ASP B 545 0.56 35.54 -46.54
N LYS B 546 1.75 36.09 -46.30
CA LYS B 546 1.96 37.50 -45.97
C LYS B 546 1.12 37.97 -44.79
N LYS B 547 0.97 37.09 -43.81
CA LYS B 547 0.44 37.47 -42.51
C LYS B 547 1.02 36.51 -41.46
N VAL B 548 1.11 37.00 -40.23
CA VAL B 548 1.75 36.28 -39.15
C VAL B 548 0.70 35.98 -38.09
N ASP B 549 0.37 34.70 -37.93
CA ASP B 549 -0.66 34.26 -36.99
C ASP B 549 -0.19 32.96 -36.28
N TRP B 550 -1.10 32.25 -35.62
CA TRP B 550 -0.74 31.02 -34.91
C TRP B 550 -0.24 29.90 -35.82
N GLN B 551 -0.70 29.88 -37.05
CA GLN B 551 -0.28 28.84 -37.96
C GLN B 551 1.24 28.93 -38.19
N ASP B 552 1.77 30.15 -38.24
CA ASP B 552 3.23 30.34 -38.36
C ASP B 552 3.95 29.86 -37.10
N GLY B 553 3.31 30.08 -35.95
CA GLY B 553 3.76 29.51 -34.69
C GLY B 553 3.78 27.99 -34.79
N ALA B 554 2.66 27.42 -35.20
CA ALA B 554 2.52 25.97 -35.33
C ALA B 554 3.62 25.36 -36.20
N ILE B 555 3.91 25.94 -37.35
CA ILE B 555 4.95 25.39 -38.23
C ILE B 555 6.32 25.37 -37.51
N ALA B 556 6.69 26.50 -36.88
CA ALA B 556 7.95 26.60 -36.12
C ALA B 556 7.94 25.67 -34.90
N TYR B 557 6.75 25.45 -34.33
CA TYR B 557 6.58 24.64 -33.12
C TYR B 557 7.10 23.22 -33.27
N ARG B 558 7.07 22.70 -34.49
CA ARG B 558 7.49 21.33 -34.71
C ARG B 558 8.97 21.07 -34.45
N SER B 559 9.78 22.12 -34.43
CA SER B 559 11.21 21.95 -34.16
C SER B 559 11.55 22.06 -32.65
N ILE B 560 10.57 22.41 -31.82
CA ILE B 560 10.80 22.39 -30.37
C ILE B 560 9.99 21.32 -29.63
N MSE B 561 8.94 20.81 -30.27
CA MSE B 561 7.98 19.95 -29.59
C MSE B 561 8.51 18.52 -29.39
O MSE B 561 9.45 18.08 -30.05
CB MSE B 561 6.65 19.92 -30.36
CG MSE B 561 6.72 19.16 -31.68
SE MSE B 561 5.03 19.15 -32.67
CE MSE B 561 5.53 17.99 -34.20
N ASN B 562 7.88 17.81 -28.44
CA ASN B 562 8.08 16.37 -28.28
C ASN B 562 7.40 15.66 -29.44
N ASN B 563 7.89 14.47 -29.78
CA ASN B 563 7.26 13.66 -30.83
C ASN B 563 7.06 12.24 -30.32
N PRO B 564 5.85 11.71 -30.45
CA PRO B 564 5.58 10.34 -30.04
C PRO B 564 6.54 9.37 -30.68
N GLN B 565 7.24 8.59 -29.89
CA GLN B 565 8.16 7.59 -30.45
C GLN B 565 7.42 6.71 -31.46
N GLY B 566 8.06 6.47 -32.59
CA GLY B 566 7.55 5.61 -33.64
C GLY B 566 6.67 6.31 -34.63
N TRP B 567 6.48 7.61 -34.44
CA TRP B 567 5.49 8.35 -35.19
C TRP B 567 5.72 8.30 -36.69
N LYS B 568 6.97 8.17 -37.13
CA LYS B 568 7.25 8.12 -38.55
C LYS B 568 6.55 6.98 -39.27
N LYS B 569 6.24 5.90 -38.55
CA LYS B 569 5.62 4.74 -39.17
C LYS B 569 4.13 4.91 -39.48
N VAL B 570 3.47 5.84 -38.80
CA VAL B 570 2.02 5.99 -38.91
C VAL B 570 1.54 6.26 -40.34
N LYS B 571 2.26 7.14 -41.09
CA LYS B 571 1.92 7.49 -42.49
C LYS B 571 1.62 6.28 -43.33
N ASP B 572 2.37 5.21 -43.10
CA ASP B 572 2.44 4.07 -43.99
C ASP B 572 1.70 2.81 -43.49
N ILE B 573 1.15 2.87 -42.30
CA ILE B 573 0.22 1.86 -41.82
C ILE B 573 -1.18 2.24 -42.28
N THR B 574 -1.62 1.65 -43.38
CA THR B 574 -2.93 1.99 -43.94
C THR B 574 -4.03 1.05 -43.45
N ALA B 575 -3.67 -0.21 -43.28
CA ALA B 575 -4.62 -1.25 -42.88
C ALA B 575 -4.39 -1.78 -41.43
N TYR B 576 -5.01 -1.13 -40.45
CA TYR B 576 -5.11 -1.67 -39.09
C TYR B 576 -6.21 -2.72 -38.97
N ARG B 577 -6.05 -3.60 -38.01
CA ARG B 577 -6.80 -4.84 -37.96
C ARG B 577 -6.49 -5.57 -36.66
N ILE B 578 -7.47 -6.23 -36.08
CA ILE B 578 -7.23 -7.08 -34.90
C ILE B 578 -7.33 -8.56 -35.31
N ALA B 579 -6.39 -9.35 -34.84
CA ALA B 579 -6.41 -10.80 -35.06
C ALA B 579 -6.60 -11.47 -33.69
N MSE B 580 -7.77 -12.04 -33.47
CA MSE B 580 -8.20 -12.35 -32.10
C MSE B 580 -8.20 -13.82 -31.71
O MSE B 580 -8.62 -14.68 -32.48
CB MSE B 580 -9.60 -11.81 -31.85
CG MSE B 580 -10.01 -12.02 -30.41
SE MSE B 580 -11.54 -10.95 -29.84
CE MSE B 580 -12.16 -12.03 -28.29
N ASN B 581 -7.77 -14.08 -30.48
CA ASN B 581 -7.84 -15.41 -29.87
C ASN B 581 -8.53 -15.35 -28.51
N PHE B 582 -9.29 -16.39 -28.18
CA PHE B 582 -10.10 -16.34 -26.97
C PHE B 582 -10.50 -17.73 -26.49
N GLY B 583 -10.35 -17.95 -25.18
CA GLY B 583 -10.94 -19.11 -24.51
C GLY B 583 -10.36 -20.45 -24.89
N SER B 584 -9.05 -20.50 -25.09
CA SER B 584 -8.35 -21.74 -25.41
C SER B 584 -8.65 -22.25 -26.83
N GLN B 585 -9.24 -21.38 -27.66
CA GLN B 585 -9.80 -21.82 -28.93
C GLN B 585 -8.84 -21.72 -30.11
N ALA B 586 -7.80 -20.90 -29.99
CA ALA B 586 -6.82 -20.73 -31.06
C ALA B 586 -7.50 -20.46 -32.38
N GLN B 587 -8.31 -19.39 -32.40
CA GLN B 587 -9.05 -18.97 -33.60
C GLN B 587 -8.13 -18.46 -34.69
N ASN B 588 -7.10 -17.73 -34.26
CA ASN B 588 -6.11 -17.13 -35.16
C ASN B 588 -4.67 -17.44 -34.73
N PRO B 589 -4.18 -18.64 -35.09
CA PRO B 589 -2.77 -19.00 -34.88
C PRO B 589 -1.83 -18.05 -35.57
N PHE B 590 -0.62 -17.93 -35.04
CA PHE B 590 0.33 -16.89 -35.49
C PHE B 590 0.69 -17.02 -36.97
N LEU B 591 1.07 -18.22 -37.39
CA LEU B 591 1.45 -18.47 -38.76
C LEU B 591 0.26 -18.30 -39.70
N MSE B 592 -0.95 -18.58 -39.24
CA MSE B 592 -2.15 -18.31 -40.04
C MSE B 592 -2.33 -16.80 -40.29
O MSE B 592 -2.80 -16.40 -41.35
CB MSE B 592 -3.41 -18.90 -39.42
CG MSE B 592 -4.71 -18.07 -39.67
SE MSE B 592 -6.46 -18.98 -39.42
CE MSE B 592 -7.54 -17.42 -38.79
N THR B 593 -1.99 -15.97 -39.31
CA THR B 593 -2.14 -14.54 -39.51
C THR B 593 -1.28 -14.05 -40.70
N LEU B 594 -0.18 -14.73 -40.97
CA LEU B 594 0.69 -14.40 -42.11
C LEU B 594 -0.02 -14.61 -43.45
N ASP B 595 -0.94 -15.57 -43.52
CA ASP B 595 -1.72 -15.74 -44.74
C ASP B 595 -2.67 -14.57 -44.97
N GLY B 596 -3.22 -13.99 -43.92
CA GLY B 596 -4.09 -12.84 -44.05
C GLY B 596 -3.33 -11.60 -44.45
N ILE B 597 -2.10 -11.49 -43.95
CA ILE B 597 -1.17 -10.42 -44.34
C ILE B 597 -0.86 -10.50 -45.82
N LYS B 598 -0.48 -11.69 -46.28
CA LYS B 598 -0.22 -11.94 -47.68
C LYS B 598 -1.45 -11.66 -48.55
N LYS B 599 -2.64 -11.93 -48.03
CA LYS B 599 -3.89 -11.74 -48.75
C LYS B 599 -4.18 -10.24 -48.95
N ILE B 600 -4.02 -9.46 -47.89
CA ILE B 600 -4.21 -8.01 -47.97
C ILE B 600 -3.08 -7.36 -48.78
N ASN B 601 -1.90 -7.97 -48.75
CA ASN B 601 -0.80 -7.49 -49.54
C ASN B 601 -1.15 -7.50 -51.02
N LEU B 602 -1.76 -8.59 -51.48
CA LEU B 602 -2.19 -8.71 -52.87
C LEU B 602 -3.31 -7.73 -53.23
N HIS B 603 -4.36 -7.69 -52.42
CA HIS B 603 -5.54 -6.88 -52.69
C HIS B 603 -5.24 -5.38 -52.66
N THR B 604 -4.26 -4.96 -51.86
CA THR B 604 -3.92 -3.54 -51.77
C THR B 604 -2.67 -3.16 -52.59
N ASP B 605 -2.05 -4.12 -53.26
CA ASP B 605 -0.80 -3.89 -53.98
C ASP B 605 0.24 -3.26 -53.05
N GLY B 606 0.51 -3.94 -51.94
CA GLY B 606 1.63 -3.62 -51.08
C GLY B 606 1.47 -2.42 -50.17
N LEU B 607 0.25 -2.02 -49.84
CA LEU B 607 0.06 -0.97 -48.83
C LEU B 607 0.43 -1.55 -47.47
N GLY B 608 0.86 -0.71 -46.55
CA GLY B 608 1.30 -1.17 -45.24
C GLY B 608 0.15 -1.54 -44.31
N GLN B 609 0.45 -2.47 -43.41
CA GLN B 609 -0.54 -3.07 -42.52
C GLN B 609 -0.16 -2.94 -41.05
N GLY B 610 -1.17 -2.98 -40.20
CA GLY B 610 -0.97 -2.99 -38.76
C GLY B 610 -1.88 -4.05 -38.19
N VAL B 611 -1.29 -5.13 -37.70
CA VAL B 611 -2.04 -6.24 -37.13
C VAL B 611 -1.84 -6.29 -35.62
N LEU B 612 -2.92 -6.04 -34.89
CA LEU B 612 -2.91 -6.09 -33.43
C LEU B 612 -3.36 -7.46 -32.95
N LEU B 613 -2.49 -8.14 -32.21
CA LEU B 613 -2.76 -9.49 -31.72
C LEU B 613 -3.42 -9.46 -30.35
N LYS B 614 -4.75 -9.51 -30.34
CA LYS B 614 -5.57 -9.47 -29.12
C LYS B 614 -5.81 -10.90 -28.69
N GLY B 615 -5.15 -11.31 -27.62
CA GLY B 615 -5.17 -12.71 -27.18
C GLY B 615 -3.94 -13.49 -27.59
N TYR B 616 -2.85 -12.77 -27.89
CA TYR B 616 -1.54 -13.37 -28.20
C TYR B 616 -1.02 -14.27 -27.07
N GLY B 617 -1.38 -13.94 -25.84
CA GLY B 617 -0.81 -14.58 -24.69
C GLY B 617 -1.82 -15.44 -23.96
N SER B 618 -1.31 -16.34 -23.12
CA SER B 618 -2.15 -17.20 -22.29
C SER B 618 -3.13 -17.99 -23.16
N GLU B 619 -4.41 -18.00 -22.76
CA GLU B 619 -5.48 -18.66 -23.51
C GLU B 619 -6.14 -17.80 -24.58
N GLY B 620 -5.88 -16.50 -24.56
CA GLY B 620 -6.54 -15.54 -25.44
C GLY B 620 -6.94 -14.31 -24.64
N HIS B 621 -7.58 -13.36 -25.34
CA HIS B 621 -8.07 -12.09 -24.76
C HIS B 621 -8.75 -12.29 -23.38
N ASP B 622 -8.40 -11.43 -22.43
CA ASP B 622 -8.97 -11.44 -21.06
C ASP B 622 -8.67 -12.74 -20.26
N SER B 623 -7.46 -13.28 -20.51
CA SER B 623 -6.89 -14.43 -19.79
C SER B 623 -5.39 -14.13 -19.48
N GLY B 624 -4.96 -14.50 -18.28
CA GLY B 624 -3.56 -14.33 -17.86
C GLY B 624 -2.95 -12.96 -18.14
N HIS B 625 -3.59 -11.91 -17.60
CA HIS B 625 -3.12 -10.51 -17.73
C HIS B 625 -1.92 -10.27 -16.82
N LEU B 626 -1.07 -9.31 -17.22
CA LEU B 626 0.17 -8.94 -16.48
C LEU B 626 1.39 -9.75 -16.92
N ASN B 627 1.26 -11.07 -17.05
CA ASN B 627 2.36 -11.89 -17.59
C ASN B 627 2.45 -11.67 -19.08
N TYR B 628 3.05 -10.56 -19.44
CA TYR B 628 3.13 -10.17 -20.83
C TYR B 628 4.02 -11.15 -21.63
N ALA B 629 5.02 -11.73 -20.95
CA ALA B 629 5.96 -12.64 -21.60
C ALA B 629 5.35 -14.03 -21.90
N ASP B 630 4.16 -14.31 -21.37
CA ASP B 630 3.52 -15.64 -21.56
C ASP B 630 2.81 -15.76 -22.92
N ILE B 631 3.60 -15.81 -23.99
CA ILE B 631 3.11 -16.07 -25.35
C ILE B 631 2.32 -17.39 -25.33
N GLY B 632 1.18 -17.39 -26.01
CA GLY B 632 0.23 -18.50 -25.96
C GLY B 632 0.67 -19.70 -26.77
N LYS B 633 0.67 -20.87 -26.14
CA LYS B 633 1.17 -22.11 -26.77
C LYS B 633 0.22 -22.75 -27.80
N ARG B 634 -1.10 -22.62 -27.59
CA ARG B 634 -2.08 -23.25 -28.49
C ARG B 634 -2.20 -22.52 -29.82
N ILE B 635 -1.56 -21.36 -29.95
CA ILE B 635 -1.49 -20.64 -31.22
C ILE B 635 -0.07 -20.65 -31.85
N GLY B 636 0.86 -21.37 -31.21
CA GLY B 636 2.21 -21.59 -31.76
C GLY B 636 3.43 -21.21 -30.93
N GLY B 637 3.20 -20.68 -29.72
CA GLY B 637 4.30 -20.29 -28.83
C GLY B 637 5.19 -19.17 -29.37
N VAL B 638 6.31 -18.93 -28.68
CA VAL B 638 7.28 -17.90 -29.11
C VAL B 638 7.84 -18.16 -30.50
N GLU B 639 8.08 -19.43 -30.83
CA GLU B 639 8.69 -19.78 -32.11
C GLU B 639 7.93 -19.13 -33.26
N ASP B 640 6.63 -19.44 -33.30
CA ASP B 640 5.74 -18.96 -34.37
C ASP B 640 5.51 -17.46 -34.34
N PHE B 641 5.55 -16.87 -33.15
CA PHE B 641 5.36 -15.44 -33.01
C PHE B 641 6.58 -14.72 -33.61
N LYS B 642 7.78 -15.24 -33.32
CA LYS B 642 9.00 -14.72 -33.93
C LYS B 642 8.96 -14.85 -35.45
N THR B 643 8.58 -16.01 -35.96
CA THR B 643 8.45 -16.20 -37.41
C THR B 643 7.52 -15.16 -38.02
N LEU B 644 6.35 -15.03 -37.43
CA LEU B 644 5.36 -14.10 -37.92
C LEU B 644 5.97 -12.70 -38.02
N ILE B 645 6.76 -12.29 -37.02
CA ILE B 645 7.36 -10.94 -37.05
C ILE B 645 8.36 -10.77 -38.19
N GLU B 646 9.26 -11.74 -38.35
CA GLU B 646 10.27 -11.67 -39.41
C GLU B 646 9.62 -11.56 -40.76
N LYS B 647 8.80 -12.55 -41.08
CA LYS B 647 8.24 -12.67 -42.41
C LYS B 647 7.23 -11.57 -42.74
N ALA B 648 6.63 -11.00 -41.71
CA ALA B 648 5.71 -9.88 -41.86
C ALA B 648 6.38 -8.65 -42.46
N LYS B 649 7.68 -8.46 -42.14
CA LYS B 649 8.44 -7.29 -42.61
C LYS B 649 8.35 -7.19 -44.13
N LYS B 650 8.63 -8.30 -44.80
CA LYS B 650 8.58 -8.39 -46.24
C LYS B 650 7.30 -7.83 -46.87
N TYR B 651 6.19 -7.79 -46.12
CA TYR B 651 4.91 -7.30 -46.64
C TYR B 651 4.46 -6.01 -45.97
N GLY B 652 5.36 -5.35 -45.28
CA GLY B 652 5.02 -4.11 -44.60
C GLY B 652 3.97 -4.33 -43.55
N ALA B 653 3.98 -5.52 -42.95
CA ALA B 653 3.07 -5.84 -41.86
C ALA B 653 3.79 -5.56 -40.55
N HIS B 654 3.32 -4.54 -39.84
CA HIS B 654 3.78 -4.24 -38.48
C HIS B 654 2.87 -4.90 -37.46
N LEU B 655 3.45 -5.48 -36.42
CA LEU B 655 2.66 -6.23 -35.43
C LEU B 655 2.67 -5.57 -34.08
N GLY B 656 1.55 -5.70 -33.38
CA GLY B 656 1.47 -5.24 -32.00
C GLY B 656 0.76 -6.27 -31.15
N ILE B 657 0.83 -6.07 -29.84
CA ILE B 657 0.11 -6.95 -28.93
C ILE B 657 -0.73 -6.12 -27.99
N HIS B 658 -1.88 -6.67 -27.65
CA HIS B 658 -2.84 -6.07 -26.77
C HIS B 658 -2.47 -6.47 -25.34
N VAL B 659 -2.15 -5.51 -24.49
CA VAL B 659 -1.90 -5.79 -23.07
C VAL B 659 -2.84 -5.01 -22.13
N ASN B 660 -2.78 -5.36 -20.85
CA ASN B 660 -3.57 -4.72 -19.81
C ASN B 660 -2.67 -4.47 -18.59
N ALA B 661 -2.63 -3.24 -18.13
CA ALA B 661 -1.84 -2.90 -16.95
C ALA B 661 -2.75 -2.49 -15.78
N SER B 662 -4.02 -2.84 -15.87
CA SER B 662 -5.02 -2.41 -14.91
C SER B 662 -5.76 -3.52 -14.14
N GLU B 663 -5.53 -4.78 -14.50
CA GLU B 663 -6.38 -5.86 -14.07
C GLU B 663 -5.66 -7.18 -14.22
N THR B 664 -5.96 -8.14 -13.35
CA THR B 664 -5.34 -9.44 -13.45
C THR B 664 -6.26 -10.54 -12.93
N TYR B 665 -6.03 -11.77 -13.41
CA TYR B 665 -6.83 -12.91 -13.06
C TYR B 665 -5.98 -13.88 -12.27
N PRO B 666 -6.60 -14.69 -11.41
CA PRO B 666 -5.82 -15.51 -10.50
C PRO B 666 -4.85 -16.41 -11.24
N GLU B 667 -5.30 -16.96 -12.37
CA GLU B 667 -4.48 -17.86 -13.19
C GLU B 667 -3.07 -17.30 -13.50
N SER B 668 -2.95 -15.98 -13.65
CA SER B 668 -1.66 -15.38 -14.03
C SER B 668 -0.54 -15.68 -13.03
N LYS B 669 0.70 -15.61 -13.53
CA LYS B 669 1.91 -15.83 -12.70
C LYS B 669 2.17 -14.65 -11.73
N TYR B 670 2.00 -13.42 -12.22
CA TYR B 670 2.23 -12.23 -11.39
C TYR B 670 1.04 -11.90 -10.46
N PHE B 671 0.00 -12.76 -10.46
CA PHE B 671 -1.11 -12.54 -9.54
C PHE B 671 -0.64 -12.80 -8.14
N ASN B 672 -1.02 -11.89 -7.24
CA ASN B 672 -0.47 -11.88 -5.90
C ASN B 672 -1.14 -10.77 -5.07
N GLU B 673 -1.47 -11.04 -3.81
CA GLU B 673 -2.27 -10.09 -3.03
C GLU B 673 -1.69 -8.68 -2.90
N LYS B 674 -0.37 -8.55 -2.83
CA LYS B 674 0.28 -7.26 -2.69
C LYS B 674 -0.08 -6.29 -3.81
N ILE B 675 -0.17 -6.82 -5.02
CA ILE B 675 -0.39 -6.02 -6.23
C ILE B 675 -1.86 -5.63 -6.41
N LEU B 676 -2.76 -6.34 -5.72
CA LEU B 676 -4.18 -6.11 -5.92
C LEU B 676 -4.60 -4.76 -5.35
N ARG B 677 -5.64 -4.18 -5.93
CA ARG B 677 -6.19 -2.91 -5.47
C ARG B 677 -7.35 -3.16 -4.54
N LYS B 678 -7.36 -2.45 -3.42
CA LYS B 678 -8.42 -2.58 -2.45
C LYS B 678 -9.13 -1.26 -2.23
N ASN B 679 -10.40 -1.32 -1.90
CA ASN B 679 -11.11 -0.11 -1.52
C ASN B 679 -10.82 0.23 -0.03
N PRO B 680 -11.03 1.50 0.36
CA PRO B 680 -10.97 1.98 1.75
C PRO B 680 -11.28 0.95 2.81
N ASP B 681 -12.41 0.27 2.67
CA ASP B 681 -12.84 -0.71 3.67
C ASP B 681 -12.09 -2.04 3.64
N GLY B 682 -11.09 -2.13 2.76
CA GLY B 682 -10.22 -3.31 2.68
C GLY B 682 -10.69 -4.43 1.76
N SER B 683 -11.91 -4.31 1.20
CA SER B 683 -12.42 -5.24 0.20
C SER B 683 -11.64 -5.04 -1.09
N TYR B 684 -11.66 -6.05 -1.95
CA TYR B 684 -11.00 -5.99 -3.26
C TYR B 684 -11.78 -5.14 -4.26
N SER B 685 -11.02 -4.45 -5.12
CA SER B 685 -11.58 -3.71 -6.24
C SER B 685 -11.70 -4.63 -7.46
N TYR B 686 -12.86 -5.25 -7.61
CA TYR B 686 -13.07 -6.18 -8.69
C TYR B 686 -13.23 -5.50 -10.02
N GLY B 687 -12.45 -5.91 -11.00
CA GLY B 687 -12.65 -5.46 -12.35
C GLY B 687 -13.79 -6.25 -12.96
N TRP B 688 -13.52 -6.98 -14.05
CA TRP B 688 -14.56 -7.67 -14.83
C TRP B 688 -14.60 -9.21 -14.77
N ASN B 689 -15.84 -9.73 -14.75
CA ASN B 689 -16.15 -11.15 -14.76
C ASN B 689 -16.69 -11.64 -16.09
N TRP B 690 -15.79 -12.17 -16.92
CA TRP B 690 -16.18 -12.81 -18.18
C TRP B 690 -15.73 -14.29 -18.25
N LEU B 691 -14.43 -14.56 -18.52
CA LEU B 691 -13.91 -15.94 -18.46
C LEU B 691 -13.82 -16.37 -16.99
N ASP B 692 -13.23 -15.49 -16.18
CA ASP B 692 -13.26 -15.54 -14.71
C ASP B 692 -13.39 -14.11 -14.20
N GLN B 693 -13.87 -13.93 -12.96
CA GLN B 693 -13.87 -12.60 -12.33
C GLN B 693 -12.42 -12.18 -12.07
N GLY B 694 -12.05 -11.02 -12.59
CA GLY B 694 -10.72 -10.45 -12.38
C GLY B 694 -10.73 -9.52 -11.20
N ILE B 695 -9.54 -9.05 -10.84
CA ILE B 695 -9.38 -8.07 -9.78
C ILE B 695 -8.44 -6.97 -10.27
N ASN B 696 -8.79 -5.71 -10.01
CA ASN B 696 -8.00 -4.59 -10.46
C ASN B 696 -6.74 -4.55 -9.66
N ILE B 697 -5.74 -3.88 -10.20
CA ILE B 697 -4.49 -3.78 -9.53
C ILE B 697 -4.13 -2.32 -9.31
N ASP B 698 -3.30 -2.07 -8.29
CA ASP B 698 -2.88 -0.73 -7.94
C ASP B 698 -1.71 -0.40 -8.84
N ALA B 699 -1.97 0.40 -9.87
CA ALA B 699 -0.93 0.75 -10.83
C ALA B 699 0.22 1.49 -10.17
N ALA B 700 -0.08 2.36 -9.19
CA ALA B 700 0.96 3.07 -8.43
C ALA B 700 1.84 2.09 -7.66
N TYR B 701 1.22 1.16 -6.93
CA TYR B 701 1.98 0.09 -6.28
C TYR B 701 2.85 -0.64 -7.29
N ASP B 702 2.26 -0.98 -8.43
CA ASP B 702 2.93 -1.77 -9.48
C ASP B 702 4.17 -1.07 -10.00
N LEU B 703 4.04 0.23 -10.28
CA LEU B 703 5.17 1.06 -10.70
C LEU B 703 6.25 1.08 -9.64
N ALA B 704 5.84 1.25 -8.38
CA ALA B 704 6.79 1.27 -7.26
C ALA B 704 7.39 -0.09 -7.00
N HIS B 705 6.86 -1.17 -7.60
CA HIS B 705 7.32 -2.51 -7.29
C HIS B 705 7.60 -3.33 -8.55
N GLY B 706 8.44 -2.76 -9.41
CA GLY B 706 9.07 -3.51 -10.48
C GLY B 706 8.29 -3.82 -11.72
N ARG B 707 7.30 -3.01 -12.05
CA ARG B 707 6.54 -3.21 -13.30
C ARG B 707 7.43 -3.21 -14.53
N LEU B 708 8.50 -2.42 -14.50
CA LEU B 708 9.40 -2.34 -15.63
C LEU B 708 9.94 -3.71 -16.00
N ALA B 709 10.22 -4.52 -14.97
CA ALA B 709 10.80 -5.86 -15.16
C ALA B 709 9.95 -6.68 -16.11
N ARG B 710 8.63 -6.53 -15.97
CA ARG B 710 7.68 -7.25 -16.79
C ARG B 710 7.81 -6.94 -18.30
N TRP B 711 8.01 -5.67 -18.64
CA TRP B 711 8.24 -5.29 -20.05
C TRP B 711 9.55 -5.86 -20.54
N GLU B 712 10.57 -5.76 -19.71
CA GLU B 712 11.89 -6.27 -20.07
C GLU B 712 11.86 -7.77 -20.35
N ASP B 713 11.07 -8.53 -19.58
CA ASP B 713 10.90 -9.95 -19.82
C ASP B 713 10.28 -10.23 -21.17
N LEU B 714 9.23 -9.48 -21.52
CA LEU B 714 8.58 -9.61 -22.83
C LEU B 714 9.59 -9.34 -23.92
N LYS B 715 10.37 -8.27 -23.75
CA LYS B 715 11.45 -7.94 -24.69
C LYS B 715 12.50 -9.04 -24.81
N LYS B 716 12.98 -9.54 -23.68
CA LYS B 716 13.97 -10.61 -23.73
C LYS B 716 13.42 -11.84 -24.46
N LYS B 717 12.13 -12.10 -24.30
CA LYS B 717 11.51 -13.31 -24.84
C LYS B 717 11.26 -13.21 -26.36
N LEU B 718 10.83 -12.03 -26.77
CA LEU B 718 10.38 -11.76 -28.11
C LEU B 718 11.54 -11.38 -29.01
N GLY B 719 12.43 -10.53 -28.48
CA GLY B 719 13.54 -9.97 -29.24
C GLY B 719 13.07 -8.78 -30.03
N ASP B 720 13.90 -8.30 -30.95
CA ASP B 720 13.54 -7.13 -31.74
C ASP B 720 12.52 -7.53 -32.76
N GLY B 721 11.79 -6.57 -33.30
CA GLY B 721 10.82 -6.87 -34.33
C GLY B 721 9.45 -6.27 -34.10
N LEU B 722 8.96 -6.31 -32.86
CA LEU B 722 7.60 -5.89 -32.58
C LEU B 722 7.48 -4.39 -32.79
N ASP B 723 6.34 -3.95 -33.34
CA ASP B 723 6.14 -2.54 -33.62
C ASP B 723 5.61 -1.85 -32.40
N PHE B 724 4.39 -2.21 -31.97
CA PHE B 724 3.66 -1.41 -30.96
C PHE B 724 3.02 -2.21 -29.83
N ILE B 725 2.73 -1.51 -28.73
CA ILE B 725 1.99 -2.08 -27.62
C ILE B 725 0.72 -1.28 -27.47
N TYR B 726 -0.41 -1.97 -27.47
CA TYR B 726 -1.70 -1.37 -27.26
C TYR B 726 -2.11 -1.68 -25.84
N VAL B 727 -2.26 -0.62 -25.04
CA VAL B 727 -2.62 -0.77 -23.64
C VAL B 727 -4.11 -0.51 -23.50
N ASP B 728 -4.83 -1.57 -23.14
CA ASP B 728 -6.28 -1.53 -23.08
C ASP B 728 -6.65 -1.00 -21.73
N VAL B 729 -7.84 -0.42 -21.64
CA VAL B 729 -8.46 -0.03 -20.37
C VAL B 729 -7.84 1.20 -19.71
N TRP B 730 -6.52 1.31 -19.79
CA TRP B 730 -5.79 2.37 -19.09
C TRP B 730 -6.36 3.73 -19.44
N GLY B 731 -6.81 4.46 -18.43
CA GLY B 731 -7.56 5.71 -18.61
C GLY B 731 -8.89 5.73 -17.86
N ASN B 732 -9.46 4.56 -17.57
CA ASN B 732 -10.75 4.53 -16.93
C ASN B 732 -10.65 4.56 -15.41
N GLY B 733 -9.43 4.62 -14.88
CA GLY B 733 -9.22 4.65 -13.44
C GLY B 733 -9.47 3.37 -12.66
N GLN B 734 -9.64 2.24 -13.36
CA GLN B 734 -9.74 0.93 -12.72
C GLN B 734 -8.56 0.72 -11.79
N SER B 735 -7.37 0.98 -12.31
CA SER B 735 -6.12 0.73 -11.60
C SER B 735 -5.61 1.94 -10.83
N GLY B 736 -6.45 2.95 -10.68
CA GLY B 736 -6.09 4.15 -9.93
C GLY B 736 -5.82 5.33 -10.84
N ASP B 737 -4.76 6.07 -10.53
CA ASP B 737 -4.39 7.24 -11.26
C ASP B 737 -3.87 6.80 -12.61
N ASN B 738 -4.59 7.18 -13.65
CA ASN B 738 -4.16 6.96 -15.03
C ASN B 738 -4.01 8.30 -15.74
N GLY B 739 -3.56 9.32 -15.02
CA GLY B 739 -3.46 10.65 -15.57
C GLY B 739 -2.25 10.85 -16.46
N ALA B 740 -2.01 12.12 -16.81
CA ALA B 740 -0.91 12.50 -17.71
C ALA B 740 0.41 11.94 -17.22
N TRP B 741 0.68 12.12 -15.93
CA TRP B 741 1.96 11.77 -15.36
C TRP B 741 2.17 10.26 -15.37
N ALA B 742 1.20 9.54 -14.79
CA ALA B 742 1.19 8.08 -14.78
C ALA B 742 1.31 7.51 -16.21
N THR B 743 0.61 8.09 -17.17
CA THR B 743 0.66 7.61 -18.53
C THR B 743 2.02 7.83 -19.16
N HIS B 744 2.57 9.01 -18.96
CA HIS B 744 3.88 9.31 -19.50
C HIS B 744 4.88 8.26 -19.00
N VAL B 745 4.73 7.86 -17.75
CA VAL B 745 5.71 6.97 -17.16
C VAL B 745 5.57 5.60 -17.76
N LEU B 746 4.32 5.15 -17.97
CA LEU B 746 4.01 3.88 -18.65
C LEU B 746 4.56 3.90 -20.08
N ALA B 747 4.24 4.95 -20.81
CA ALA B 747 4.73 5.12 -22.17
C ALA B 747 6.25 4.97 -22.26
N LYS B 748 6.97 5.53 -21.29
CA LYS B 748 8.43 5.49 -21.33
C LYS B 748 8.90 4.07 -21.14
N GLU B 749 8.27 3.35 -20.21
CA GLU B 749 8.59 1.95 -19.99
C GLU B 749 8.51 1.16 -21.30
N ILE B 750 7.39 1.32 -21.99
CA ILE B 750 7.13 0.66 -23.26
C ILE B 750 8.07 1.13 -24.37
N ASN B 751 8.23 2.45 -24.49
CA ASN B 751 9.10 3.04 -25.51
C ASN B 751 10.52 2.61 -25.37
N LYS B 752 10.95 2.44 -24.13
CA LYS B 752 12.33 2.07 -23.85
C LYS B 752 12.70 0.71 -24.38
N GLN B 753 11.72 -0.16 -24.58
CA GLN B 753 12.00 -1.48 -25.14
C GLN B 753 11.99 -1.42 -26.68
N GLY B 754 11.73 -0.22 -27.22
CA GLY B 754 11.70 -0.01 -28.66
C GLY B 754 10.31 -0.11 -29.27
N TRP B 755 9.27 -0.03 -28.45
CA TRP B 755 7.92 -0.18 -28.94
C TRP B 755 7.12 1.13 -28.99
N ARG B 756 6.20 1.19 -29.94
CA ARG B 756 5.30 2.31 -30.11
C ARG B 756 4.16 2.17 -29.12
N PHE B 757 3.53 3.28 -28.78
CA PHE B 757 2.48 3.33 -27.77
C PHE B 757 1.13 3.60 -28.43
N ALA B 758 0.12 2.80 -28.08
CA ALA B 758 -1.27 2.99 -28.55
C ALA B 758 -2.18 2.74 -27.34
N ILE B 759 -3.32 3.42 -27.25
CA ILE B 759 -4.24 3.24 -26.13
C ILE B 759 -5.68 3.17 -26.62
N GLU B 760 -6.55 2.70 -25.74
CA GLU B 760 -7.96 2.61 -26.01
C GLU B 760 -8.59 4.00 -26.20
N TRP B 761 -8.43 4.91 -25.26
CA TRP B 761 -9.29 6.10 -25.26
C TRP B 761 -8.79 7.26 -26.07
N GLY B 762 -9.70 7.97 -26.73
CA GLY B 762 -9.38 9.21 -27.44
C GLY B 762 -8.73 10.27 -26.56
N HIS B 763 -9.17 10.40 -25.32
CA HIS B 763 -8.62 11.41 -24.40
C HIS B 763 -7.25 11.03 -23.82
N GLY B 764 -6.88 9.76 -23.89
CA GLY B 764 -5.66 9.27 -23.25
C GLY B 764 -4.37 9.46 -24.03
N GLY B 765 -3.25 9.41 -23.28
CA GLY B 765 -1.90 9.42 -23.82
C GLY B 765 -1.61 10.42 -24.94
N GLU B 766 -1.99 11.67 -24.72
CA GLU B 766 -1.79 12.72 -25.71
C GLU B 766 -0.32 13.01 -26.01
N TYR B 767 0.55 12.80 -25.03
CA TYR B 767 1.96 13.13 -25.17
C TYR B 767 2.75 12.04 -25.89
N ASP B 768 2.29 10.81 -25.82
CA ASP B 768 3.08 9.69 -26.30
C ASP B 768 2.39 8.73 -27.28
N SER B 769 1.06 8.70 -27.27
CA SER B 769 0.35 7.75 -28.12
C SER B 769 0.36 8.12 -29.62
N THR B 770 0.33 7.08 -30.46
CA THR B 770 0.25 7.21 -31.91
C THR B 770 -1.02 6.61 -32.49
N PHE B 771 -1.90 6.10 -31.64
CA PHE B 771 -3.11 5.43 -32.09
C PHE B 771 -4.11 5.32 -30.96
N HIS B 772 -5.34 5.73 -31.22
CA HIS B 772 -6.42 5.72 -30.25
C HIS B 772 -7.63 4.94 -30.78
N HIS B 773 -7.92 3.79 -30.17
CA HIS B 773 -9.03 2.93 -30.60
C HIS B 773 -10.34 3.65 -30.87
N TRP B 774 -10.76 4.49 -29.93
CA TRP B 774 -12.10 5.06 -30.01
C TRP B 774 -12.12 6.22 -31.01
N ALA B 775 -10.95 6.70 -31.40
CA ALA B 775 -10.80 7.61 -32.56
C ALA B 775 -10.98 6.84 -33.86
N ALA B 776 -10.34 5.67 -33.93
CA ALA B 776 -10.31 4.80 -35.12
C ALA B 776 -11.61 4.07 -35.44
N ASP B 777 -12.25 3.51 -34.42
CA ASP B 777 -13.55 2.86 -34.59
C ASP B 777 -14.65 3.88 -34.32
N LEU B 778 -15.21 4.41 -35.40
CA LEU B 778 -16.16 5.51 -35.29
C LEU B 778 -17.52 5.09 -34.71
N THR B 779 -17.86 3.80 -34.79
CA THR B 779 -19.18 3.33 -34.33
C THR B 779 -19.34 3.40 -32.79
N TYR B 780 -18.21 3.29 -32.08
CA TYR B 780 -18.18 2.90 -30.66
C TYR B 780 -18.92 3.82 -29.68
N GLY B 781 -18.32 4.93 -29.28
CA GLY B 781 -18.81 5.67 -28.12
C GLY B 781 -19.93 6.68 -28.30
N GLY B 782 -20.30 6.91 -29.54
CA GLY B 782 -21.12 8.07 -29.85
C GLY B 782 -20.27 9.33 -29.94
N TYR B 783 -20.95 10.44 -30.21
CA TYR B 783 -20.27 11.66 -30.65
C TYR B 783 -19.36 12.34 -29.62
N THR B 784 -19.42 11.93 -28.35
CA THR B 784 -18.60 12.59 -27.33
C THR B 784 -17.41 11.76 -26.88
N ASN B 785 -17.08 10.68 -27.61
CA ASN B 785 -15.96 9.82 -27.22
C ASN B 785 -15.05 9.49 -28.37
N LYS B 786 -14.87 10.46 -29.24
CA LYS B 786 -14.11 10.23 -30.45
C LYS B 786 -12.72 10.88 -30.33
N GLY B 787 -12.14 11.30 -31.44
CA GLY B 787 -10.79 11.83 -31.42
C GLY B 787 -10.71 13.27 -30.95
N ILE B 788 -9.49 13.82 -31.06
CA ILE B 788 -9.20 15.18 -30.63
C ILE B 788 -9.84 16.15 -31.62
N ASN B 789 -10.84 16.88 -31.13
CA ASN B 789 -11.54 17.89 -31.90
C ASN B 789 -10.84 19.24 -31.69
N SER B 790 -9.73 19.42 -32.39
CA SER B 790 -8.94 20.66 -32.32
C SER B 790 -8.23 20.92 -33.64
N ALA B 791 -8.59 21.99 -34.33
CA ALA B 791 -7.88 22.34 -35.56
C ALA B 791 -6.39 22.57 -35.28
N ILE B 792 -6.08 23.24 -34.18
CA ILE B 792 -4.69 23.55 -33.85
C ILE B 792 -3.91 22.25 -33.69
N THR B 793 -4.40 21.41 -32.80
CA THR B 793 -3.73 20.15 -32.50
C THR B 793 -3.52 19.32 -33.77
N ARG B 794 -4.58 19.18 -34.55
CA ARG B 794 -4.52 18.40 -35.76
C ARG B 794 -3.59 19.05 -36.78
N PHE B 795 -3.61 20.38 -36.88
CA PHE B 795 -2.67 21.12 -37.73
C PHE B 795 -1.26 20.63 -37.44
N ILE B 796 -0.93 20.62 -36.15
CA ILE B 796 0.43 20.40 -35.71
C ILE B 796 0.87 18.96 -35.92
N ARG B 797 -0.02 18.01 -35.66
CA ARG B 797 0.38 16.61 -35.51
C ARG B 797 -0.33 15.57 -36.38
N ASN B 798 -1.08 16.02 -37.38
CA ASN B 798 -1.90 15.10 -38.13
C ASN B 798 -1.09 13.94 -38.71
N HIS B 799 0.17 14.21 -39.00
CA HIS B 799 1.05 13.27 -39.68
C HIS B 799 1.70 12.24 -38.74
N GLN B 800 1.48 12.40 -37.45
CA GLN B 800 2.23 11.63 -36.45
C GLN B 800 1.39 10.57 -35.75
N LYS B 801 0.07 10.64 -35.89
CA LYS B 801 -0.77 9.76 -35.10
C LYS B 801 -2.15 9.63 -35.72
N ASP B 802 -2.84 8.56 -35.34
CA ASP B 802 -4.24 8.39 -35.71
C ASP B 802 -5.07 8.62 -34.44
N ALA B 803 -5.53 9.85 -34.29
CA ALA B 803 -6.08 10.32 -33.02
C ALA B 803 -7.14 11.40 -33.22
N TRP B 804 -7.75 11.41 -34.41
CA TRP B 804 -8.52 12.56 -34.85
C TRP B 804 -9.96 12.17 -35.11
N VAL B 805 -10.74 13.15 -35.58
CA VAL B 805 -12.15 13.00 -35.84
C VAL B 805 -12.26 12.59 -37.27
N GLY B 806 -12.70 11.36 -37.53
CA GLY B 806 -12.87 10.86 -38.89
C GLY B 806 -14.28 11.15 -39.36
N ASP B 807 -14.60 10.71 -40.57
CA ASP B 807 -15.91 10.96 -41.16
C ASP B 807 -16.97 10.02 -40.59
N TYR B 808 -17.94 10.61 -39.89
CA TYR B 808 -19.12 9.89 -39.42
C TYR B 808 -20.27 10.89 -39.41
N ARG B 809 -20.98 10.99 -40.53
CA ARG B 809 -22.00 12.02 -40.72
C ARG B 809 -22.97 12.14 -39.55
N SER B 810 -23.33 10.99 -38.98
CA SER B 810 -24.19 10.88 -37.81
C SER B 810 -23.81 11.85 -36.67
N TYR B 811 -22.53 11.82 -36.30
CA TYR B 811 -22.04 12.59 -35.15
C TYR B 811 -21.99 14.11 -35.39
N GLY B 812 -22.09 14.56 -36.63
CA GLY B 812 -22.08 15.99 -36.92
C GLY B 812 -20.78 16.69 -36.58
N GLY B 813 -20.80 18.03 -36.64
CA GLY B 813 -19.63 18.88 -36.35
C GLY B 813 -18.38 18.53 -37.14
N ALA B 814 -17.26 18.42 -36.45
CA ALA B 814 -15.99 18.02 -37.07
C ALA B 814 -16.08 16.65 -37.75
N ALA B 815 -17.01 15.80 -37.32
CA ALA B 815 -17.20 14.46 -37.89
C ALA B 815 -17.98 14.46 -39.22
N ASN B 816 -18.51 15.62 -39.60
CA ASN B 816 -19.21 15.77 -40.89
C ASN B 816 -18.21 16.01 -42.03
N TYR B 817 -17.61 14.93 -42.50
CA TYR B 817 -16.66 14.98 -43.61
C TYR B 817 -15.48 15.93 -43.39
N PRO B 818 -14.62 15.60 -42.41
CA PRO B 818 -13.35 16.30 -42.20
C PRO B 818 -12.47 16.24 -43.45
N LEU B 819 -11.88 17.36 -43.83
CA LEU B 819 -11.12 17.43 -45.09
C LEU B 819 -9.86 16.57 -45.06
N LEU B 820 -9.24 16.43 -43.89
CA LEU B 820 -8.06 15.58 -43.76
C LEU B 820 -8.43 14.09 -43.60
N GLY B 821 -9.71 13.78 -43.61
CA GLY B 821 -10.20 12.42 -43.47
C GLY B 821 -10.08 11.97 -42.03
N GLY B 822 -9.42 10.84 -41.81
CA GLY B 822 -9.21 10.32 -40.47
C GLY B 822 -9.48 8.83 -40.44
N TYR B 823 -8.56 8.09 -39.82
CA TYR B 823 -8.56 6.63 -39.92
C TYR B 823 -9.84 6.03 -39.40
N SER B 824 -10.52 5.25 -40.23
CA SER B 824 -11.75 4.56 -39.85
C SER B 824 -11.54 3.06 -39.97
N MSE B 825 -11.93 2.33 -38.93
CA MSE B 825 -11.48 0.96 -38.77
C MSE B 825 -12.58 -0.10 -38.81
O MSE B 825 -13.68 0.09 -38.25
CB MSE B 825 -10.70 0.80 -37.48
CG MSE B 825 -10.01 -0.53 -37.40
SE MSE B 825 -8.80 -0.67 -35.87
CE MSE B 825 -8.18 -2.55 -36.02
N LYS B 826 -12.22 -1.22 -39.47
CA LYS B 826 -12.97 -2.50 -39.54
C LYS B 826 -11.97 -3.67 -39.33
N ASP B 827 -12.47 -4.91 -39.42
CA ASP B 827 -11.65 -6.14 -39.17
C ASP B 827 -12.25 -7.31 -39.95
N PHE B 828 -11.44 -8.32 -40.29
CA PHE B 828 -11.99 -9.58 -40.88
C PHE B 828 -11.51 -10.87 -40.18
N GLU B 829 -10.78 -10.74 -39.08
CA GLU B 829 -10.20 -11.88 -38.37
C GLU B 829 -10.80 -12.06 -36.95
N GLY B 830 -12.11 -11.85 -36.79
CA GLY B 830 -12.80 -12.18 -35.53
C GLY B 830 -13.29 -11.10 -34.54
N TRP B 831 -12.62 -9.95 -34.45
CA TRP B 831 -12.98 -8.90 -33.45
C TRP B 831 -14.39 -8.36 -33.61
N GLN B 832 -15.21 -8.51 -32.55
CA GLN B 832 -16.64 -8.11 -32.53
C GLN B 832 -17.54 -9.10 -33.28
N GLY B 833 -17.02 -10.30 -33.53
CA GLY B 833 -17.69 -11.29 -34.39
C GLY B 833 -17.55 -10.93 -35.86
N ARG B 834 -16.60 -10.05 -36.14
CA ARG B 834 -16.56 -9.37 -37.40
C ARG B 834 -15.45 -9.96 -38.22
N SER B 835 -15.88 -10.74 -39.22
CA SER B 835 -15.00 -11.33 -40.21
C SER B 835 -15.69 -11.31 -41.59
N ASP B 836 -15.99 -10.08 -42.07
CA ASP B 836 -16.40 -9.85 -43.46
C ASP B 836 -15.28 -9.15 -44.23
N TYR B 837 -14.60 -9.90 -45.07
CA TYR B 837 -13.37 -9.45 -45.72
C TYR B 837 -13.60 -8.36 -46.78
N ASN B 838 -14.70 -8.42 -47.54
CA ASN B 838 -14.96 -7.45 -48.60
C ASN B 838 -15.02 -6.04 -48.08
N GLY B 839 -15.89 -5.83 -47.10
CA GLY B 839 -16.09 -4.53 -46.50
C GLY B 839 -14.86 -3.97 -45.81
N TYR B 840 -13.92 -4.83 -45.46
CA TYR B 840 -12.65 -4.38 -44.90
C TYR B 840 -11.83 -3.62 -45.94
N VAL B 841 -11.65 -4.24 -47.12
CA VAL B 841 -10.87 -3.65 -48.19
C VAL B 841 -11.57 -2.42 -48.75
N THR B 842 -12.88 -2.51 -48.94
CA THR B 842 -13.66 -1.39 -49.45
C THR B 842 -13.44 -0.14 -48.61
N ASN B 843 -13.63 -0.31 -47.29
CA ASN B 843 -13.46 0.76 -46.31
C ASN B 843 -12.06 1.36 -46.40
N LEU B 844 -11.08 0.48 -46.58
CA LEU B 844 -9.68 0.86 -46.66
C LEU B 844 -9.45 1.91 -47.73
N PHE B 845 -10.03 1.69 -48.91
CA PHE B 845 -9.87 2.62 -50.01
C PHE B 845 -10.83 3.78 -49.92
N ALA B 846 -12.02 3.54 -49.37
CA ALA B 846 -13.01 4.59 -49.18
C ALA B 846 -12.51 5.74 -48.29
N HIS B 847 -11.83 5.40 -47.21
CA HIS B 847 -11.45 6.42 -46.21
C HIS B 847 -9.96 6.49 -45.86
N ASP B 848 -9.26 5.36 -45.92
CA ASP B 848 -7.95 5.30 -45.28
C ASP B 848 -6.81 5.67 -46.22
N VAL B 849 -6.91 5.28 -47.49
CA VAL B 849 -5.86 5.61 -48.46
C VAL B 849 -5.61 7.14 -48.49
N MSE B 850 -6.67 7.92 -48.68
CA MSE B 850 -6.51 9.38 -48.68
C MSE B 850 -6.07 9.93 -47.33
O MSE B 850 -5.25 10.85 -47.23
CB MSE B 850 -7.80 10.05 -49.12
CG MSE B 850 -8.11 9.88 -50.60
SE MSE B 850 -6.57 10.27 -51.81
CE MSE B 850 -6.05 12.02 -51.09
N THR B 851 -6.62 9.37 -46.25
CA THR B 851 -6.23 9.78 -44.92
C THR B 851 -4.72 9.66 -44.76
N LYS B 852 -4.16 8.55 -45.23
CA LYS B 852 -2.74 8.27 -45.02
C LYS B 852 -1.90 9.03 -46.03
N TYR B 853 -2.48 9.29 -47.20
CA TYR B 853 -1.81 10.14 -48.19
C TYR B 853 -1.44 11.47 -47.55
N PHE B 854 -2.43 12.13 -46.97
CA PHE B 854 -2.18 13.40 -46.30
C PHE B 854 -1.09 13.31 -45.23
N GLN B 855 -0.96 12.18 -44.56
CA GLN B 855 0.02 12.07 -43.48
C GLN B 855 1.47 11.99 -44.01
N HIS B 856 1.62 11.84 -45.33
CA HIS B 856 2.92 11.97 -45.98
C HIS B 856 3.36 13.44 -46.19
N PHE B 857 2.58 14.38 -45.64
CA PHE B 857 2.88 15.81 -45.71
C PHE B 857 2.57 16.45 -44.36
N THR B 858 3.15 17.61 -44.08
CA THR B 858 2.78 18.39 -42.89
C THR B 858 1.89 19.54 -43.30
N VAL B 859 0.88 19.83 -42.49
CA VAL B 859 -0.01 20.98 -42.71
C VAL B 859 0.76 22.32 -42.61
N SER B 860 0.42 23.27 -43.49
CA SER B 860 1.04 24.60 -43.46
C SER B 860 0.03 25.75 -43.50
N LYS B 861 -1.20 25.47 -43.93
CA LYS B 861 -2.24 26.47 -43.95
C LYS B 861 -3.59 25.81 -43.72
N TRP B 862 -4.42 26.48 -42.93
CA TRP B 862 -5.73 25.98 -42.55
C TRP B 862 -6.67 27.18 -42.52
N GLU B 863 -7.69 27.15 -43.36
CA GLU B 863 -8.58 28.29 -43.57
C GLU B 863 -10.00 27.86 -43.25
N ASN B 864 -10.68 28.59 -42.37
CA ASN B 864 -12.05 28.28 -42.02
C ASN B 864 -13.08 29.04 -42.85
N GLY B 865 -14.33 28.57 -42.79
CA GLY B 865 -15.42 29.20 -43.51
C GLY B 865 -16.42 29.83 -42.57
N THR B 866 -17.64 29.97 -43.07
CA THR B 866 -18.72 30.60 -42.32
C THR B 866 -19.32 29.61 -41.34
N PRO B 867 -19.68 30.08 -40.13
CA PRO B 867 -20.41 29.24 -39.20
C PRO B 867 -21.66 28.66 -39.85
N VAL B 868 -21.99 27.42 -39.47
CA VAL B 868 -23.13 26.72 -40.03
C VAL B 868 -23.93 26.10 -38.90
N THR B 869 -25.24 25.99 -39.09
CA THR B 869 -26.11 25.39 -38.08
C THR B 869 -26.37 23.93 -38.40
N MSE B 870 -26.21 23.07 -37.39
CA MSE B 870 -26.56 21.66 -37.50
C MSE B 870 -27.48 21.25 -36.34
O MSE B 870 -27.60 21.97 -35.35
CB MSE B 870 -25.30 20.80 -37.51
CG MSE B 870 -24.48 20.87 -38.82
SE MSE B 870 -23.03 19.51 -38.96
CE MSE B 870 -24.12 17.89 -39.34
N THR B 871 -28.11 20.09 -36.50
CA THR B 871 -28.95 19.49 -35.44
C THR B 871 -28.77 17.99 -35.45
N ASP B 872 -28.25 17.48 -34.35
CA ASP B 872 -28.13 16.03 -34.18
C ASP B 872 -27.86 15.75 -32.71
N ASN B 873 -28.15 14.53 -32.28
CA ASN B 873 -27.93 14.15 -30.91
C ASN B 873 -28.50 15.20 -29.94
N GLY B 874 -29.60 15.82 -30.36
CA GLY B 874 -30.37 16.70 -29.51
C GLY B 874 -29.89 18.10 -29.29
N SER B 875 -29.35 18.76 -30.32
CA SER B 875 -29.04 20.18 -30.18
C SER B 875 -28.86 20.87 -31.50
N THR B 876 -29.34 22.10 -31.58
CA THR B 876 -29.00 22.99 -32.67
C THR B 876 -27.77 23.77 -32.24
N TYR B 877 -26.63 23.31 -32.70
CA TYR B 877 -25.37 23.94 -32.40
C TYR B 877 -24.83 24.63 -33.63
N LYS B 878 -23.94 25.59 -33.40
CA LYS B 878 -23.28 26.29 -34.50
C LYS B 878 -21.83 25.81 -34.65
N TRP B 879 -21.40 25.63 -35.90
CA TRP B 879 -20.08 25.06 -36.17
C TRP B 879 -19.40 25.72 -37.36
N THR B 880 -18.13 26.08 -37.17
CA THR B 880 -17.29 26.70 -38.20
C THR B 880 -16.40 25.66 -38.88
N PRO B 881 -16.68 25.30 -40.14
CA PRO B 881 -15.97 24.20 -40.73
C PRO B 881 -14.67 24.63 -41.36
N GLU B 882 -13.78 23.68 -41.59
CA GLU B 882 -12.57 23.95 -42.39
C GLU B 882 -12.99 24.05 -43.85
N MSE B 883 -12.36 24.94 -44.59
CA MSE B 883 -12.67 25.10 -46.00
C MSE B 883 -11.50 24.72 -46.90
O MSE B 883 -11.68 24.12 -47.96
CB MSE B 883 -13.08 26.54 -46.27
CG MSE B 883 -14.48 26.84 -45.78
SE MSE B 883 -15.87 25.80 -46.72
CE MSE B 883 -16.14 26.92 -48.33
N ARG B 884 -10.30 25.08 -46.49
CA ARG B 884 -9.12 24.86 -47.29
C ARG B 884 -7.98 24.50 -46.36
N VAL B 885 -7.33 23.37 -46.65
CA VAL B 885 -6.12 22.97 -45.96
C VAL B 885 -4.99 22.79 -46.96
N GLU B 886 -3.81 23.33 -46.62
CA GLU B 886 -2.65 23.15 -47.46
C GLU B 886 -1.63 22.35 -46.68
N LEU B 887 -1.01 21.40 -47.36
CA LEU B 887 0.06 20.61 -46.77
C LEU B 887 1.33 20.70 -47.60
N VAL B 888 2.47 20.40 -47.01
CA VAL B 888 3.76 20.52 -47.69
C VAL B 888 4.67 19.34 -47.36
N ASP B 889 5.76 19.26 -48.11
CA ASP B 889 6.62 18.10 -48.22
C ASP B 889 8.05 18.64 -48.11
N ALA B 890 8.99 17.82 -47.65
CA ALA B 890 10.40 18.24 -47.63
C ALA B 890 10.92 18.64 -49.05
N ASP B 891 10.37 18.02 -50.09
CA ASP B 891 10.76 18.33 -51.49
C ASP B 891 9.86 19.38 -52.16
N ASN B 892 9.26 20.26 -51.35
CA ASN B 892 8.45 21.39 -51.83
C ASN B 892 7.16 21.04 -52.57
N ASN B 893 6.78 19.75 -52.59
CA ASN B 893 5.46 19.36 -53.09
C ASN B 893 4.39 20.07 -52.28
N LYS B 894 3.26 20.34 -52.93
CA LYS B 894 2.20 21.10 -52.31
C LYS B 894 0.85 20.43 -52.58
N VAL B 895 0.17 20.05 -51.50
CA VAL B 895 -1.16 19.48 -51.59
C VAL B 895 -2.15 20.56 -51.14
N VAL B 896 -3.29 20.64 -51.81
CA VAL B 896 -4.33 21.58 -51.41
C VAL B 896 -5.67 20.86 -51.42
N VAL B 897 -6.26 20.74 -50.23
CA VAL B 897 -7.60 20.14 -50.05
C VAL B 897 -8.61 21.25 -49.84
N THR B 898 -9.70 21.21 -50.61
CA THR B 898 -10.69 22.27 -50.58
C THR B 898 -12.08 21.66 -50.55
N ARG B 899 -12.89 22.08 -49.59
CA ARG B 899 -14.28 21.64 -49.51
C ARG B 899 -15.07 22.40 -50.56
N LYS B 900 -15.98 21.69 -51.24
CA LYS B 900 -16.64 22.24 -52.43
C LYS B 900 -17.90 23.05 -52.13
N SER B 901 -18.28 23.15 -50.86
CA SER B 901 -19.35 24.07 -50.46
C SER B 901 -19.29 24.39 -48.97
N ASN B 902 -19.65 25.64 -48.63
CA ASN B 902 -19.78 26.09 -47.24
C ASN B 902 -21.17 25.74 -46.70
N ASP B 903 -22.08 25.36 -47.59
CA ASP B 903 -23.49 25.15 -47.25
C ASP B 903 -23.74 23.72 -46.74
N VAL B 904 -24.09 23.60 -45.47
CA VAL B 904 -24.32 22.29 -44.84
C VAL B 904 -25.46 21.50 -45.46
N ASN B 905 -26.45 22.20 -46.01
CA ASN B 905 -27.54 21.55 -46.72
C ASN B 905 -27.12 20.97 -48.08
N SER B 906 -26.07 21.53 -48.66
CA SER B 906 -25.55 21.07 -49.95
C SER B 906 -24.84 19.73 -49.80
N PRO B 907 -24.96 18.84 -50.80
CA PRO B 907 -24.17 17.61 -50.76
C PRO B 907 -22.68 17.86 -50.98
N GLN B 908 -22.36 19.00 -51.61
CA GLN B 908 -20.96 19.41 -51.89
C GLN B 908 -20.22 19.87 -50.65
N TYR B 909 -20.96 20.09 -49.58
CA TYR B 909 -20.38 20.28 -48.26
C TYR B 909 -19.58 19.04 -47.87
N ARG B 910 -20.07 17.87 -48.29
CA ARG B 910 -19.40 16.60 -47.97
C ARG B 910 -18.45 16.14 -49.08
N GLU B 911 -18.03 17.06 -49.94
CA GLU B 911 -17.11 16.71 -51.02
C GLU B 911 -15.90 17.62 -50.98
N ARG B 912 -14.79 17.12 -51.52
CA ARG B 912 -13.56 17.91 -51.59
C ARG B 912 -12.84 17.69 -52.91
N THR B 913 -11.99 18.64 -53.25
CA THR B 913 -11.02 18.46 -54.32
C THR B 913 -9.66 18.44 -53.66
N VAL B 914 -8.77 17.59 -54.15
CA VAL B 914 -7.40 17.62 -53.68
C VAL B 914 -6.52 17.87 -54.90
N THR B 915 -5.65 18.87 -54.83
CA THR B 915 -4.65 19.05 -55.89
C THR B 915 -3.26 18.80 -55.33
N LEU B 916 -2.47 18.05 -56.09
CA LEU B 916 -1.05 17.86 -55.80
C LEU B 916 -0.28 18.71 -56.81
N ASN B 917 0.40 19.74 -56.32
CA ASN B 917 1.19 20.61 -57.16
C ASN B 917 0.38 21.23 -58.31
N GLY B 918 -0.87 21.59 -58.02
CA GLY B 918 -1.74 22.22 -59.01
C GLY B 918 -2.63 21.24 -59.76
N ARG B 919 -2.27 19.96 -59.74
CA ARG B 919 -2.95 18.91 -60.49
C ARG B 919 -3.98 18.21 -59.63
N VAL B 920 -5.17 17.97 -60.17
CA VAL B 920 -6.27 17.36 -59.40
C VAL B 920 -6.08 15.84 -59.24
N ILE B 921 -6.03 15.37 -58.00
CA ILE B 921 -5.91 13.94 -57.67
C ILE B 921 -7.16 13.36 -56.98
N GLN B 922 -8.00 14.23 -56.42
CA GLN B 922 -9.35 13.85 -55.99
C GLN B 922 -10.33 14.97 -56.28
N ASP B 923 -11.55 14.57 -56.65
CA ASP B 923 -12.69 15.47 -56.78
C ASP B 923 -13.96 14.69 -56.48
N GLY B 924 -14.59 14.99 -55.36
CA GLY B 924 -15.84 14.33 -54.99
C GLY B 924 -15.61 12.87 -54.66
N SER B 925 -16.36 12.00 -55.31
CA SER B 925 -16.38 10.58 -54.96
C SER B 925 -15.22 9.77 -55.53
N ALA B 926 -14.43 10.34 -56.43
CA ALA B 926 -13.35 9.61 -57.05
C ALA B 926 -12.00 10.26 -56.78
N TYR B 927 -10.96 9.44 -56.69
CA TYR B 927 -9.58 9.93 -56.64
C TYR B 927 -8.64 9.08 -57.49
N LEU B 928 -7.55 9.70 -57.94
CA LEU B 928 -6.48 9.00 -58.63
C LEU B 928 -5.17 9.47 -58.03
N THR B 929 -4.76 8.83 -56.93
CA THR B 929 -3.62 9.27 -56.13
C THR B 929 -2.33 8.62 -56.53
N PRO B 930 -1.26 9.40 -56.59
CA PRO B 930 0.04 8.77 -56.65
C PRO B 930 0.30 8.07 -55.33
N TRP B 931 0.99 6.96 -55.37
CA TRP B 931 1.49 6.35 -54.16
C TRP B 931 2.90 5.88 -54.45
N ASN B 932 3.87 6.65 -54.01
CA ASN B 932 5.25 6.45 -54.43
C ASN B 932 6.09 5.91 -53.28
N TRP B 933 5.44 5.11 -52.43
CA TRP B 933 6.08 4.50 -51.27
C TRP B 933 5.73 3.04 -51.20
N ASP B 934 6.70 2.22 -50.81
CA ASP B 934 6.47 0.79 -50.64
C ASP B 934 5.77 0.54 -49.32
N ALA B 935 5.51 -0.72 -49.01
CA ALA B 935 4.78 -1.08 -47.79
C ALA B 935 5.40 -0.45 -46.53
N ASN B 936 6.72 -0.37 -46.46
CA ASN B 936 7.41 0.20 -45.28
C ASN B 936 7.72 1.69 -45.39
N GLY B 937 7.14 2.35 -46.39
CA GLY B 937 7.29 3.81 -46.54
C GLY B 937 8.51 4.32 -47.28
N LYS B 938 9.31 3.41 -47.84
CA LYS B 938 10.51 3.79 -48.59
C LYS B 938 10.12 4.23 -50.00
N LYS B 939 10.84 5.18 -50.57
CA LYS B 939 10.55 5.61 -51.94
C LYS B 939 10.61 4.44 -52.91
N LEU B 940 9.54 4.28 -53.66
CA LEU B 940 9.53 3.31 -54.74
C LEU B 940 10.43 3.78 -55.89
N SER B 941 11.16 2.82 -56.48
CA SER B 941 11.93 3.06 -57.68
C SER B 941 10.98 3.53 -58.79
N THR B 942 11.52 4.31 -59.72
CA THR B 942 10.76 4.84 -60.85
C THR B 942 9.82 3.80 -61.46
N ASP B 943 10.39 2.67 -61.89
CA ASP B 943 9.62 1.62 -62.55
C ASP B 943 8.45 1.03 -61.73
N LYS B 944 8.44 1.26 -60.40
CA LYS B 944 7.39 0.72 -59.51
C LYS B 944 6.41 1.77 -58.99
N GLU B 945 6.58 3.02 -59.44
CA GLU B 945 5.69 4.11 -59.05
C GLU B 945 4.32 3.81 -59.60
N LYS B 946 3.29 4.25 -58.89
CA LYS B 946 1.93 3.84 -59.22
C LYS B 946 0.89 4.87 -58.80
N MSE B 947 -0.34 4.61 -59.24
CA MSE B 947 -1.50 5.38 -58.81
C MSE B 947 -2.65 4.44 -58.49
O MSE B 947 -2.80 3.39 -59.11
CB MSE B 947 -1.92 6.37 -59.89
CG MSE B 947 -1.01 7.60 -59.99
SE MSE B 947 -1.13 8.60 -61.70
CE MSE B 947 0.10 10.10 -61.30
N TYR B 948 -3.46 4.82 -57.51
CA TYR B 948 -4.66 4.07 -57.17
C TYR B 948 -5.87 4.83 -57.63
N TYR B 949 -6.88 4.10 -58.08
CA TYR B 949 -8.15 4.68 -58.46
C TYR B 949 -9.24 4.03 -57.64
N PHE B 950 -10.13 4.85 -57.10
CA PHE B 950 -11.28 4.33 -56.39
C PHE B 950 -12.41 5.35 -56.51
N ASN B 951 -13.62 4.85 -56.74
CA ASN B 951 -14.76 5.70 -56.97
C ASN B 951 -15.98 5.09 -56.32
N THR B 952 -16.58 5.81 -55.38
CA THR B 952 -17.75 5.29 -54.65
C THR B 952 -19.05 5.29 -55.50
N GLN B 953 -19.02 5.86 -56.70
CA GLN B 953 -20.13 5.72 -57.64
C GLN B 953 -19.66 5.28 -59.02
N ALA B 954 -20.63 4.94 -59.86
CA ALA B 954 -20.37 4.67 -61.27
C ALA B 954 -20.20 6.01 -61.97
N GLY B 955 -19.66 5.96 -63.19
CA GLY B 955 -19.49 7.15 -64.02
C GLY B 955 -18.08 7.32 -64.54
N ALA B 956 -17.95 7.91 -65.72
CA ALA B 956 -16.65 8.26 -66.27
C ALA B 956 -16.02 9.39 -65.44
N THR B 957 -14.70 9.35 -65.30
CA THR B 957 -13.94 10.44 -64.67
C THR B 957 -12.68 10.66 -65.51
N THR B 958 -12.29 11.92 -65.71
CA THR B 958 -11.11 12.23 -66.50
C THR B 958 -10.05 12.89 -65.65
N TRP B 959 -8.81 12.50 -65.90
CA TRP B 959 -7.70 12.84 -65.04
C TRP B 959 -6.51 13.28 -65.85
N THR B 960 -5.90 14.40 -65.47
CA THR B 960 -4.68 14.86 -66.12
C THR B 960 -3.46 14.19 -65.51
N LEU B 961 -2.65 13.57 -66.35
CA LEU B 961 -1.44 12.89 -65.89
C LEU B 961 -0.33 13.91 -65.66
N PRO B 962 0.55 13.64 -64.68
CA PRO B 962 1.75 14.49 -64.57
C PRO B 962 2.66 14.27 -65.77
N SER B 963 3.61 15.19 -65.96
CA SER B 963 4.44 15.20 -67.18
C SER B 963 5.21 13.89 -67.40
N ASP B 964 5.65 13.26 -66.31
CA ASP B 964 6.42 12.02 -66.41
C ASP B 964 5.55 10.76 -66.65
N TRP B 965 4.23 10.89 -66.54
CA TRP B 965 3.31 9.83 -66.98
C TRP B 965 2.72 10.14 -68.34
N ALA B 966 2.70 11.43 -68.71
CA ALA B 966 1.89 11.91 -69.83
C ALA B 966 2.24 11.29 -71.19
N LYS B 967 3.53 11.17 -71.48
CA LYS B 967 3.99 10.63 -72.77
C LYS B 967 4.35 9.13 -72.68
N SER B 968 3.58 8.39 -71.87
CA SER B 968 3.95 7.03 -71.52
C SER B 968 2.83 6.05 -71.83
N LYS B 969 3.15 4.77 -71.79
CA LYS B 969 2.13 3.75 -71.80
C LYS B 969 1.62 3.63 -70.36
N VAL B 970 0.37 3.20 -70.21
CA VAL B 970 -0.34 3.20 -68.93
C VAL B 970 -1.23 1.96 -68.85
N TYR B 971 -1.06 1.18 -67.79
CA TYR B 971 -1.77 -0.09 -67.61
C TYR B 971 -2.61 -0.11 -66.33
N LEU B 972 -3.86 -0.49 -66.48
CA LEU B 972 -4.85 -0.52 -65.42
C LEU B 972 -4.99 -1.95 -64.95
N TYR B 973 -5.03 -2.14 -63.64
CA TYR B 973 -5.28 -3.44 -63.04
C TYR B 973 -6.41 -3.33 -62.03
N LYS B 974 -7.25 -4.36 -61.99
CA LYS B 974 -8.27 -4.50 -60.97
C LYS B 974 -7.67 -5.29 -59.80
N LEU B 975 -7.78 -4.74 -58.60
CA LEU B 975 -7.21 -5.36 -57.42
C LEU B 975 -8.26 -6.23 -56.74
N THR B 976 -7.96 -7.52 -56.66
CA THR B 976 -8.82 -8.52 -56.01
C THR B 976 -7.99 -9.27 -54.98
N ASP B 977 -8.59 -10.24 -54.29
CA ASP B 977 -7.82 -11.03 -53.31
C ASP B 977 -6.72 -11.89 -53.95
N GLN B 978 -6.68 -11.94 -55.29
CA GLN B 978 -5.62 -12.65 -56.01
C GLN B 978 -4.58 -11.69 -56.58
N GLY B 979 -4.72 -10.40 -56.26
CA GLY B 979 -3.77 -9.38 -56.69
C GLY B 979 -4.26 -8.63 -57.91
N LYS B 980 -3.31 -8.22 -58.74
CA LYS B 980 -3.60 -7.45 -59.94
C LYS B 980 -4.24 -8.35 -60.99
N THR B 981 -5.39 -7.95 -61.50
CA THR B 981 -6.09 -8.73 -62.52
C THR B 981 -6.59 -7.85 -63.67
N GLU B 982 -7.04 -8.50 -64.73
CA GLU B 982 -7.64 -7.82 -65.87
C GLU B 982 -6.77 -6.67 -66.39
N GLU B 983 -5.49 -6.96 -66.62
CA GLU B 983 -4.58 -5.99 -67.25
C GLU B 983 -5.26 -5.33 -68.44
N GLN B 984 -5.07 -4.03 -68.59
CA GLN B 984 -5.74 -3.27 -69.64
C GLN B 984 -4.91 -2.04 -69.97
N GLU B 985 -4.51 -1.87 -71.22
CA GLU B 985 -3.78 -0.67 -71.61
C GLU B 985 -4.79 0.45 -71.81
N LEU B 986 -4.54 1.60 -71.18
CA LEU B 986 -5.42 2.76 -71.34
C LEU B 986 -4.92 3.66 -72.46
N THR B 987 -5.81 4.51 -72.99
CA THR B 987 -5.42 5.46 -74.03
C THR B 987 -5.21 6.83 -73.43
N VAL B 988 -4.03 7.39 -73.65
CA VAL B 988 -3.68 8.72 -73.18
C VAL B 988 -3.99 9.71 -74.29
N LYS B 989 -4.68 10.80 -73.98
CA LYS B 989 -5.00 11.81 -74.99
C LYS B 989 -4.64 13.20 -74.51
N ASP B 990 -3.62 13.78 -75.15
CA ASP B 990 -2.95 14.99 -74.67
C ASP B 990 -2.90 15.03 -73.14
N GLY B 991 -2.12 14.11 -72.59
CA GLY B 991 -1.86 14.05 -71.16
C GLY B 991 -3.07 13.81 -70.27
N LYS B 992 -4.09 13.13 -70.80
CA LYS B 992 -5.29 12.80 -70.02
C LYS B 992 -5.77 11.37 -70.27
N ILE B 993 -6.35 10.78 -69.22
CA ILE B 993 -6.96 9.48 -69.33
C ILE B 993 -8.37 9.55 -68.78
N THR B 994 -9.24 8.66 -69.25
CA THR B 994 -10.59 8.57 -68.72
C THR B 994 -10.89 7.17 -68.20
N LEU B 995 -11.38 7.11 -66.97
CA LEU B 995 -11.66 5.84 -66.33
C LEU B 995 -13.15 5.72 -66.08
N ASP B 996 -13.77 4.75 -66.75
CA ASP B 996 -15.16 4.37 -66.49
C ASP B 996 -15.15 2.95 -65.99
N LEU B 997 -15.15 2.78 -64.67
CA LEU B 997 -14.91 1.47 -64.03
C LEU B 997 -15.99 1.14 -62.98
N LEU B 998 -15.83 0.02 -62.27
CA LEU B 998 -16.83 -0.43 -61.28
C LEU B 998 -16.75 0.39 -60.01
N ALA B 999 -17.90 0.86 -59.54
CA ALA B 999 -17.96 1.62 -58.28
C ALA B 999 -17.51 0.75 -57.08
N ASN B 1000 -16.82 1.36 -56.14
CA ASN B 1000 -16.38 0.70 -54.90
C ASN B 1000 -15.46 -0.50 -55.10
N GLN B 1001 -14.61 -0.40 -56.12
CA GLN B 1001 -13.63 -1.44 -56.43
C GLN B 1001 -12.29 -0.75 -56.65
N PRO B 1002 -11.24 -1.20 -55.94
CA PRO B 1002 -9.91 -0.62 -56.13
C PRO B 1002 -9.20 -1.04 -57.41
N TYR B 1003 -8.55 -0.08 -58.07
CA TYR B 1003 -7.67 -0.35 -59.21
C TYR B 1003 -6.30 0.29 -58.99
N VAL B 1004 -5.26 -0.27 -59.60
CA VAL B 1004 -3.93 0.37 -59.55
C VAL B 1004 -3.40 0.57 -60.97
N LEU B 1005 -2.81 1.74 -61.22
CA LEU B 1005 -2.21 2.04 -62.52
C LEU B 1005 -0.69 2.02 -62.44
N TYR B 1006 -0.07 1.47 -63.47
CA TYR B 1006 1.37 1.40 -63.58
C TYR B 1006 1.80 1.83 -64.97
N ARG B 1007 3.04 2.27 -65.07
CA ARG B 1007 3.59 2.77 -66.33
C ARG B 1007 4.10 1.66 -67.25
N SER B 1008 4.40 0.50 -66.67
CA SER B 1008 4.78 -0.70 -67.43
C SER B 1008 4.07 -1.91 -66.86
N LYS B 1009 3.92 -2.95 -67.67
CA LYS B 1009 3.14 -4.13 -67.33
C LYS B 1009 3.72 -4.86 -66.10
N GLN B 1010 2.89 -5.13 -65.10
CA GLN B 1010 3.33 -5.70 -63.83
C GLN B 1010 2.81 -7.10 -63.64
N THR B 1011 3.37 -7.83 -62.68
CA THR B 1011 2.92 -9.19 -62.36
C THR B 1011 2.84 -9.44 -60.86
N ASN B 1012 2.22 -10.57 -60.51
CA ASN B 1012 2.04 -10.97 -59.11
C ASN B 1012 3.08 -12.03 -58.71
N PRO B 1013 3.75 -11.83 -57.58
CA PRO B 1013 4.82 -12.74 -57.13
C PRO B 1013 4.27 -14.00 -56.49
N GLU B 1014 5.07 -15.04 -56.35
CA GLU B 1014 4.64 -16.22 -55.62
C GLU B 1014 4.47 -15.85 -54.12
N MSE B 1015 3.36 -16.27 -53.52
CA MSE B 1015 3.07 -15.93 -52.13
C MSE B 1015 3.62 -16.89 -51.12
O MSE B 1015 3.74 -16.55 -49.95
CB MSE B 1015 1.56 -15.82 -51.90
CG MSE B 1015 0.93 -14.68 -52.64
SE MSE B 1015 2.08 -13.09 -52.52
CE MSE B 1015 2.14 -12.86 -50.57
N SER B 1016 3.91 -18.11 -51.54
CA SER B 1016 4.50 -19.07 -50.64
C SER B 1016 3.53 -19.30 -49.46
N TRP B 1017 2.26 -19.51 -49.80
CA TRP B 1017 1.17 -19.63 -48.85
C TRP B 1017 1.41 -20.69 -47.78
N SER B 1018 1.03 -20.35 -46.54
CA SER B 1018 0.96 -21.25 -45.40
C SER B 1018 2.30 -21.85 -44.98
N GLU B 1019 3.38 -21.19 -45.34
CA GLU B 1019 4.74 -21.67 -45.03
C GLU B 1019 4.90 -21.96 -43.55
N GLY B 1020 5.57 -23.05 -43.22
CA GLY B 1020 5.75 -23.46 -41.85
C GLY B 1020 4.60 -24.25 -41.26
N MSE B 1021 3.51 -24.41 -42.00
CA MSE B 1021 2.31 -25.10 -41.48
C MSE B 1021 2.14 -26.50 -42.00
O MSE B 1021 1.09 -27.10 -41.83
CB MSE B 1021 1.06 -24.30 -41.84
CG MSE B 1021 1.09 -22.91 -41.24
SE MSE B 1021 -0.62 -22.00 -41.29
CE MSE B 1021 -1.67 -23.19 -40.10
N HIS B 1022 3.18 -27.02 -42.65
CA HIS B 1022 3.28 -28.40 -43.11
C HIS B 1022 2.37 -28.78 -44.29
N ILE B 1023 1.70 -27.78 -44.88
CA ILE B 1023 0.75 -28.00 -45.97
C ILE B 1023 0.71 -26.69 -46.78
N TYR B 1024 0.37 -26.79 -48.06
CA TYR B 1024 0.35 -25.61 -48.91
C TYR B 1024 -1.07 -25.06 -48.99
N ASP B 1025 -1.22 -23.76 -48.72
CA ASP B 1025 -2.51 -23.08 -48.84
C ASP B 1025 -3.60 -23.68 -47.96
N GLN B 1026 -3.21 -23.90 -46.71
CA GLN B 1026 -4.07 -24.31 -45.59
C GLN B 1026 -5.50 -23.78 -45.66
N GLY B 1027 -5.66 -22.52 -46.04
CA GLY B 1027 -6.97 -21.86 -46.08
C GLY B 1027 -7.54 -21.54 -47.45
N PHE B 1028 -7.00 -22.18 -48.48
CA PHE B 1028 -7.57 -22.10 -49.84
C PHE B 1028 -7.62 -20.69 -50.42
N ASN B 1029 -6.54 -19.95 -50.23
CA ASN B 1029 -6.46 -18.58 -50.72
C ASN B 1029 -5.74 -18.39 -52.05
N SER B 1030 -5.13 -19.46 -52.58
CA SER B 1030 -4.26 -19.35 -53.76
C SER B 1030 -5.01 -19.42 -55.10
N GLY B 1031 -6.34 -19.50 -55.06
CA GLY B 1031 -7.18 -19.52 -56.25
C GLY B 1031 -7.13 -20.81 -57.05
N THR B 1032 -6.57 -21.86 -56.49
CA THR B 1032 -6.27 -23.07 -57.24
C THR B 1032 -6.13 -24.29 -56.33
N LEU B 1033 -6.59 -25.44 -56.82
CA LEU B 1033 -6.41 -26.71 -56.13
C LEU B 1033 -5.32 -27.58 -56.77
N LYS B 1034 -4.47 -26.97 -57.61
CA LYS B 1034 -3.54 -27.74 -58.46
C LYS B 1034 -2.51 -28.52 -57.63
N HIS B 1035 -2.14 -28.00 -56.47
CA HIS B 1035 -1.20 -28.70 -55.58
C HIS B 1035 -1.80 -29.93 -54.87
N TRP B 1036 -3.11 -30.13 -54.97
CA TRP B 1036 -3.75 -31.32 -54.42
C TRP B 1036 -3.85 -32.41 -55.47
N THR B 1037 -3.49 -33.63 -55.11
CA THR B 1037 -3.80 -34.77 -55.96
C THR B 1037 -5.27 -35.10 -55.77
N ILE B 1038 -6.09 -34.77 -56.78
CA ILE B 1038 -7.51 -35.10 -56.75
C ILE B 1038 -7.69 -36.50 -57.32
N SER B 1039 -8.67 -37.20 -56.78
CA SER B 1039 -8.95 -38.56 -57.16
C SER B 1039 -10.46 -38.73 -57.18
N GLY B 1040 -11.00 -39.01 -58.36
CA GLY B 1040 -12.44 -38.96 -58.60
C GLY B 1040 -12.73 -37.85 -59.58
N ASP B 1041 -13.99 -37.43 -59.65
CA ASP B 1041 -14.38 -36.36 -60.57
C ASP B 1041 -13.96 -34.97 -60.03
N ALA B 1042 -12.84 -34.47 -60.54
CA ALA B 1042 -12.26 -33.20 -60.05
C ALA B 1042 -13.18 -31.99 -60.21
N SER B 1043 -14.20 -32.09 -61.07
CA SER B 1043 -15.17 -31.01 -61.24
C SER B 1043 -16.10 -30.86 -60.05
N LYS B 1044 -16.12 -31.88 -59.18
CA LYS B 1044 -16.99 -31.87 -58.01
C LYS B 1044 -16.35 -31.17 -56.80
N ALA B 1045 -15.07 -30.81 -56.92
CA ALA B 1045 -14.36 -30.03 -55.91
C ALA B 1045 -14.05 -28.64 -56.47
N GLU B 1046 -14.21 -27.62 -55.65
CA GLU B 1046 -13.78 -26.26 -56.03
C GLU B 1046 -13.82 -25.31 -54.85
N ILE B 1047 -13.08 -24.21 -54.98
CA ILE B 1047 -13.03 -23.22 -53.92
C ILE B 1047 -14.23 -22.30 -54.08
N VAL B 1048 -14.90 -21.97 -52.98
CA VAL B 1048 -16.03 -21.05 -53.03
C VAL B 1048 -15.94 -20.12 -51.84
N LYS B 1049 -16.66 -19.01 -51.91
CA LYS B 1049 -16.60 -18.04 -50.83
C LYS B 1049 -17.78 -18.19 -49.87
N SER B 1050 -17.50 -18.10 -48.58
CA SER B 1050 -18.56 -18.07 -47.60
C SER B 1050 -19.33 -16.77 -47.76
N GLN B 1051 -20.43 -16.63 -47.01
CA GLN B 1051 -21.12 -15.36 -46.89
C GLN B 1051 -20.23 -14.26 -46.33
N GLY B 1052 -19.07 -14.62 -45.78
CA GLY B 1052 -18.09 -13.64 -45.31
C GLY B 1052 -16.92 -13.40 -46.24
N ALA B 1053 -17.06 -13.75 -47.52
CA ALA B 1053 -16.00 -13.56 -48.52
C ALA B 1053 -14.77 -14.41 -48.22
N ASN B 1054 -14.96 -15.42 -47.37
CA ASN B 1054 -13.88 -16.24 -46.87
C ASN B 1054 -13.85 -17.50 -47.71
N ASP B 1055 -12.71 -17.79 -48.33
CA ASP B 1055 -12.56 -18.93 -49.25
C ASP B 1055 -12.59 -20.30 -48.53
N MSE B 1056 -13.26 -21.27 -49.16
CA MSE B 1056 -13.40 -22.63 -48.64
C MSE B 1056 -13.38 -23.63 -49.77
O MSE B 1056 -13.79 -23.31 -50.89
CB MSE B 1056 -14.73 -22.81 -47.96
CG MSE B 1056 -15.12 -21.74 -46.98
SE MSE B 1056 -16.97 -22.05 -46.40
CE MSE B 1056 -17.92 -21.40 -48.01
N LEU B 1057 -12.92 -24.85 -49.46
CA LEU B 1057 -13.12 -26.00 -50.34
C LEU B 1057 -14.55 -26.53 -50.19
N ARG B 1058 -15.17 -26.84 -51.32
CA ARG B 1058 -16.47 -27.47 -51.32
C ARG B 1058 -16.51 -28.68 -52.24
N ILE B 1059 -17.06 -29.79 -51.73
CA ILE B 1059 -17.35 -30.93 -52.56
C ILE B 1059 -18.86 -31.17 -52.57
N GLN B 1060 -19.46 -31.32 -53.76
CA GLN B 1060 -20.90 -31.59 -53.86
C GLN B 1060 -21.28 -32.29 -55.17
N GLY B 1061 -22.45 -32.91 -55.16
CA GLY B 1061 -23.01 -33.50 -56.37
C GLY B 1061 -22.19 -34.59 -57.01
N ASN B 1062 -21.41 -35.30 -56.20
CA ASN B 1062 -20.59 -36.39 -56.71
C ASN B 1062 -21.33 -37.71 -56.54
N LYS B 1063 -21.36 -38.51 -57.60
CA LYS B 1063 -22.00 -39.82 -57.55
C LYS B 1063 -20.99 -40.92 -57.16
N GLU B 1064 -19.72 -40.55 -57.10
CA GLU B 1064 -18.65 -41.42 -56.58
C GLU B 1064 -17.68 -40.66 -55.71
N LYS B 1065 -16.91 -41.39 -54.91
CA LYS B 1065 -16.00 -40.81 -53.93
C LYS B 1065 -15.06 -39.83 -54.62
N VAL B 1066 -14.87 -38.68 -53.97
CA VAL B 1066 -13.91 -37.68 -54.41
C VAL B 1066 -12.94 -37.47 -53.27
N SER B 1067 -11.65 -37.36 -53.57
CA SER B 1067 -10.70 -37.08 -52.50
C SER B 1067 -9.52 -36.28 -53.01
N LEU B 1068 -8.98 -35.44 -52.13
CA LEU B 1068 -7.86 -34.58 -52.46
C LEU B 1068 -6.74 -34.91 -51.50
N THR B 1069 -5.53 -35.07 -52.02
CA THR B 1069 -4.37 -35.40 -51.17
C THR B 1069 -3.14 -34.51 -51.36
N GLN B 1070 -2.52 -34.13 -50.26
CA GLN B 1070 -1.20 -33.47 -50.25
C GLN B 1070 -0.27 -34.19 -49.27
N LYS B 1071 1.03 -34.06 -49.49
CA LYS B 1071 2.00 -34.54 -48.51
C LYS B 1071 2.08 -33.52 -47.41
N LEU B 1072 2.20 -33.97 -46.17
CA LEU B 1072 2.56 -33.07 -45.09
C LEU B 1072 4.10 -32.80 -45.13
N THR B 1073 4.46 -31.53 -45.19
CA THR B 1073 5.85 -31.06 -45.25
C THR B 1073 6.50 -30.81 -43.88
N GLY B 1074 7.83 -30.88 -43.84
CA GLY B 1074 8.61 -30.34 -42.74
C GLY B 1074 8.33 -30.92 -41.38
N LEU B 1075 7.83 -32.16 -41.34
CA LEU B 1075 7.51 -32.84 -40.08
C LEU B 1075 8.77 -33.44 -39.47
N LYS B 1076 8.68 -33.72 -38.19
CA LYS B 1076 9.80 -34.16 -37.40
C LYS B 1076 9.66 -35.66 -37.25
N PRO B 1077 10.73 -36.41 -37.46
CA PRO B 1077 10.61 -37.85 -37.29
C PRO B 1077 10.29 -38.30 -35.85
N ASN B 1078 9.60 -39.44 -35.76
CA ASN B 1078 9.20 -40.05 -34.51
C ASN B 1078 8.59 -39.04 -33.56
N THR B 1079 7.61 -38.27 -34.05
CA THR B 1079 7.00 -37.21 -33.26
C THR B 1079 5.48 -37.26 -33.32
N LYS B 1080 4.84 -37.00 -32.18
CA LYS B 1080 3.41 -37.04 -32.06
C LYS B 1080 2.80 -35.72 -32.58
N TYR B 1081 1.75 -35.85 -33.39
CA TYR B 1081 1.12 -34.71 -34.04
C TYR B 1081 -0.39 -34.79 -33.88
N ALA B 1082 -1.02 -33.65 -34.12
CA ALA B 1082 -2.46 -33.56 -34.30
C ALA B 1082 -2.65 -32.77 -35.58
N VAL B 1083 -3.69 -33.09 -36.32
CA VAL B 1083 -4.11 -32.27 -37.44
C VAL B 1083 -5.63 -32.16 -37.39
N TYR B 1084 -6.15 -30.95 -37.60
CA TYR B 1084 -7.57 -30.77 -37.80
C TYR B 1084 -7.83 -30.02 -39.08
N VAL B 1085 -8.94 -30.37 -39.74
CA VAL B 1085 -9.56 -29.52 -40.75
C VAL B 1085 -10.88 -29.06 -40.17
N GLY B 1086 -11.24 -27.82 -40.43
CA GLY B 1086 -12.57 -27.32 -40.07
C GLY B 1086 -13.54 -27.85 -41.10
N VAL B 1087 -14.61 -28.49 -40.65
CA VAL B 1087 -15.59 -29.06 -41.58
C VAL B 1087 -17.02 -28.71 -41.17
N ASP B 1088 -17.80 -28.40 -42.21
CA ASP B 1088 -19.20 -28.10 -42.11
C ASP B 1088 -19.85 -28.93 -43.21
N ASN B 1089 -20.49 -30.02 -42.81
CA ASN B 1089 -21.05 -31.00 -43.74
C ASN B 1089 -22.58 -30.96 -43.80
N ARG B 1090 -23.13 -30.53 -44.93
CA ARG B 1090 -24.58 -30.46 -45.06
C ARG B 1090 -25.19 -31.76 -45.66
N SER B 1091 -24.33 -32.72 -46.00
CA SER B 1091 -24.73 -34.00 -46.57
C SER B 1091 -24.68 -35.06 -45.50
N ASN B 1092 -25.42 -36.15 -45.68
CA ASN B 1092 -25.27 -37.32 -44.81
C ASN B 1092 -24.06 -38.17 -45.23
N ALA B 1093 -23.56 -37.94 -46.45
CA ALA B 1093 -22.36 -38.63 -46.95
C ALA B 1093 -21.17 -38.46 -46.00
N LYS B 1094 -20.24 -39.42 -45.99
CA LYS B 1094 -19.08 -39.34 -45.11
C LYS B 1094 -18.07 -38.33 -45.63
N ALA B 1095 -17.70 -37.40 -44.77
CA ALA B 1095 -16.61 -36.46 -45.03
C ALA B 1095 -15.54 -36.82 -44.04
N SER B 1096 -14.34 -37.12 -44.55
CA SER B 1096 -13.26 -37.66 -43.72
C SER B 1096 -11.92 -36.99 -43.96
N ILE B 1097 -11.13 -36.96 -42.89
CA ILE B 1097 -9.72 -36.56 -42.95
C ILE B 1097 -8.90 -37.79 -42.62
N THR B 1098 -7.84 -38.02 -43.38
CA THR B 1098 -7.05 -39.24 -43.25
C THR B 1098 -5.57 -38.96 -43.37
N VAL B 1099 -4.79 -39.37 -42.38
CA VAL B 1099 -3.36 -39.24 -42.45
C VAL B 1099 -2.78 -40.62 -42.62
N ASN B 1100 -1.72 -40.69 -43.41
CA ASN B 1100 -1.00 -41.91 -43.65
C ASN B 1100 0.44 -41.59 -43.44
N THR B 1101 1.04 -42.19 -42.42
CA THR B 1101 2.39 -41.85 -42.00
C THR B 1101 3.43 -42.61 -42.81
N GLY B 1102 2.98 -43.56 -43.62
CA GLY B 1102 3.89 -44.49 -44.28
C GLY B 1102 3.92 -45.82 -43.55
N GLU B 1103 3.69 -45.78 -42.24
CA GLU B 1103 3.65 -46.98 -41.38
C GLU B 1103 2.24 -47.29 -40.85
N LYS B 1104 1.32 -46.33 -40.95
CA LYS B 1104 0.03 -46.43 -40.30
C LYS B 1104 -0.93 -45.44 -40.98
N GLU B 1105 -2.23 -45.68 -40.87
CA GLU B 1105 -3.23 -44.78 -41.45
C GLU B 1105 -4.31 -44.54 -40.45
N VAL B 1106 -4.50 -43.28 -40.05
CA VAL B 1106 -5.57 -42.91 -39.13
C VAL B 1106 -6.63 -42.15 -39.89
N THR B 1107 -7.89 -42.40 -39.57
CA THR B 1107 -9.02 -41.70 -40.23
C THR B 1107 -10.05 -41.19 -39.23
N THR B 1108 -10.70 -40.09 -39.57
CA THR B 1108 -11.79 -39.57 -38.77
C THR B 1108 -12.81 -39.04 -39.74
N TYR B 1109 -14.08 -39.15 -39.41
CA TYR B 1109 -15.10 -38.69 -40.34
C TYR B 1109 -16.32 -38.10 -39.68
N THR B 1110 -17.07 -37.39 -40.50
CA THR B 1110 -18.35 -36.85 -40.08
C THR B 1110 -19.42 -37.14 -41.13
N ASN B 1111 -20.64 -37.32 -40.66
CA ASN B 1111 -21.81 -37.24 -41.53
C ASN B 1111 -22.38 -35.83 -41.39
N LYS B 1112 -23.68 -35.66 -41.63
CA LYS B 1112 -24.29 -34.34 -41.55
C LYS B 1112 -23.95 -33.70 -40.23
N SER B 1113 -23.40 -32.49 -40.28
CA SER B 1113 -22.98 -31.79 -39.07
C SER B 1113 -24.19 -31.39 -38.28
N LEU B 1114 -24.10 -31.49 -36.95
CA LEU B 1114 -25.24 -31.22 -36.07
C LEU B 1114 -25.03 -30.16 -34.97
N ALA B 1115 -23.90 -29.44 -34.99
CA ALA B 1115 -23.61 -28.40 -33.99
C ALA B 1115 -23.28 -27.06 -34.66
N LEU B 1116 -24.13 -26.06 -34.47
CA LEU B 1116 -23.83 -24.71 -34.93
C LEU B 1116 -22.57 -24.21 -34.22
N ASN B 1117 -21.80 -23.34 -34.88
CA ASN B 1117 -20.56 -22.80 -34.31
C ASN B 1117 -20.81 -21.48 -33.64
N TYR B 1118 -20.50 -21.38 -32.35
CA TYR B 1118 -20.81 -20.20 -31.54
C TYR B 1118 -19.57 -19.49 -30.99
N VAL B 1119 -18.44 -19.64 -31.68
CA VAL B 1119 -17.19 -19.01 -31.22
C VAL B 1119 -17.02 -17.65 -31.90
N LYS B 1120 -17.17 -16.58 -31.13
CA LYS B 1120 -17.34 -15.25 -31.75
C LYS B 1120 -16.09 -14.84 -32.51
N ALA B 1121 -14.89 -15.11 -31.98
CA ALA B 1121 -13.69 -14.63 -32.66
C ALA B 1121 -13.36 -15.49 -33.88
N TYR B 1122 -14.07 -16.61 -34.05
CA TYR B 1122 -13.76 -17.57 -35.08
C TYR B 1122 -14.33 -17.14 -36.44
N ALA B 1123 -13.54 -17.39 -37.49
CA ALA B 1123 -13.86 -16.93 -38.83
C ALA B 1123 -15.17 -17.48 -39.30
N HIS B 1124 -15.42 -18.76 -39.00
CA HIS B 1124 -16.58 -19.47 -39.51
C HIS B 1124 -17.63 -19.73 -38.44
N ASN B 1125 -17.88 -18.73 -37.58
CA ASN B 1125 -19.04 -18.84 -36.70
C ASN B 1125 -20.34 -18.52 -37.47
N THR B 1126 -21.47 -18.68 -36.77
CA THR B 1126 -22.77 -18.72 -37.43
C THR B 1126 -23.48 -17.36 -37.49
N ARG B 1127 -22.75 -16.28 -37.28
CA ARG B 1127 -23.33 -14.99 -37.58
C ARG B 1127 -23.50 -14.87 -39.08
N ARG B 1128 -24.46 -14.06 -39.49
CA ARG B 1128 -24.74 -13.87 -40.89
C ARG B 1128 -23.53 -13.47 -41.70
N ASN B 1129 -22.82 -12.46 -41.22
CA ASN B 1129 -21.63 -11.97 -41.95
C ASN B 1129 -20.47 -12.98 -42.02
N ASN B 1130 -20.57 -14.09 -41.28
CA ASN B 1130 -19.59 -15.19 -41.34
C ASN B 1130 -20.14 -16.54 -41.79
N ALA B 1131 -21.47 -16.67 -41.92
CA ALA B 1131 -22.11 -17.93 -42.25
C ALA B 1131 -21.51 -18.60 -43.49
N THR B 1132 -21.48 -19.92 -43.46
CA THR B 1132 -21.01 -20.72 -44.61
C THR B 1132 -21.94 -20.56 -45.79
N VAL B 1133 -23.23 -20.81 -45.57
CA VAL B 1133 -24.23 -20.75 -46.61
C VAL B 1133 -25.59 -20.84 -45.92
N ASP B 1134 -26.59 -20.18 -46.51
CA ASP B 1134 -27.96 -20.14 -45.99
C ASP B 1134 -28.03 -19.60 -44.59
N ASP B 1135 -27.21 -18.61 -44.30
CA ASP B 1135 -27.23 -17.93 -43.01
C ASP B 1135 -26.97 -18.85 -41.80
N THR B 1136 -26.21 -19.92 -42.03
CA THR B 1136 -25.85 -20.83 -40.93
C THR B 1136 -24.41 -21.31 -41.13
N SER B 1137 -23.78 -21.75 -40.03
CA SER B 1137 -22.46 -22.36 -40.09
C SER B 1137 -22.38 -23.44 -39.02
N TYR B 1138 -22.03 -24.63 -39.46
CA TYR B 1138 -21.86 -25.74 -38.56
C TYR B 1138 -20.43 -26.16 -38.52
N PHE B 1139 -19.51 -25.28 -38.91
CA PHE B 1139 -18.06 -25.57 -38.87
C PHE B 1139 -17.59 -25.97 -37.46
N GLN B 1140 -17.00 -27.17 -37.37
CA GLN B 1140 -16.29 -27.63 -36.16
C GLN B 1140 -15.05 -28.40 -36.62
N ASN B 1141 -13.96 -28.30 -35.85
CA ASN B 1141 -12.66 -28.87 -36.20
C ASN B 1141 -12.70 -30.39 -36.10
N MSE B 1142 -12.27 -31.05 -37.17
CA MSE B 1142 -12.26 -32.52 -37.20
C MSE B 1142 -10.83 -32.95 -37.10
O MSE B 1142 -9.99 -32.47 -37.84
CB MSE B 1142 -12.84 -33.00 -38.52
CG MSE B 1142 -12.80 -34.50 -38.72
SE MSE B 1142 -14.12 -35.04 -40.09
CE MSE B 1142 -13.30 -34.37 -41.76
N TYR B 1143 -10.56 -33.88 -36.19
CA TYR B 1143 -9.19 -34.18 -35.79
C TYR B 1143 -8.73 -35.56 -36.21
N ALA B 1144 -7.42 -35.68 -36.37
CA ALA B 1144 -6.75 -36.97 -36.47
C ALA B 1144 -5.41 -36.84 -35.73
N PHE B 1145 -5.18 -37.72 -34.77
CA PHE B 1145 -3.95 -37.74 -34.02
C PHE B 1145 -3.08 -38.87 -34.54
N PHE B 1146 -1.78 -38.62 -34.71
CA PHE B 1146 -0.88 -39.59 -35.30
C PHE B 1146 0.56 -39.34 -34.88
N THR B 1147 1.43 -40.31 -35.18
CA THR B 1147 2.85 -40.23 -34.87
C THR B 1147 3.68 -40.56 -36.11
N THR B 1148 4.64 -39.70 -36.45
CA THR B 1148 5.54 -40.01 -37.55
C THR B 1148 6.49 -41.13 -37.11
N GLY B 1149 6.99 -41.87 -38.09
CA GLY B 1149 8.04 -42.83 -37.86
C GLY B 1149 9.35 -42.12 -38.13
N SER B 1150 10.40 -42.89 -38.40
CA SER B 1150 11.72 -42.29 -38.64
C SER B 1150 11.84 -41.72 -40.05
N ASP B 1151 10.85 -41.99 -40.90
CA ASP B 1151 10.86 -41.53 -42.27
C ASP B 1151 9.69 -40.57 -42.52
N VAL B 1152 10.00 -39.30 -42.75
CA VAL B 1152 8.97 -38.27 -42.87
C VAL B 1152 8.69 -37.85 -44.33
N SER B 1153 9.40 -38.45 -45.28
CA SER B 1153 9.30 -38.07 -46.70
C SER B 1153 7.97 -38.42 -47.41
N ASN B 1154 7.14 -39.25 -46.80
CA ASN B 1154 5.89 -39.65 -47.47
C ASN B 1154 4.72 -39.72 -46.51
N VAL B 1155 4.54 -38.66 -45.73
CA VAL B 1155 3.34 -38.51 -44.90
C VAL B 1155 2.34 -37.71 -45.73
N THR B 1156 1.14 -38.27 -45.93
CA THR B 1156 0.13 -37.58 -46.75
C THR B 1156 -1.13 -37.31 -45.93
N LEU B 1157 -1.84 -36.23 -46.28
CA LEU B 1157 -3.15 -35.92 -45.69
C LEU B 1157 -4.21 -35.96 -46.79
N THR B 1158 -5.36 -36.54 -46.50
CA THR B 1158 -6.41 -36.67 -47.50
C THR B 1158 -7.75 -36.25 -46.97
N LEU B 1159 -8.34 -35.27 -47.64
CA LEU B 1159 -9.71 -34.87 -47.42
C LEU B 1159 -10.53 -35.60 -48.46
N SER B 1160 -11.65 -36.20 -48.04
CA SER B 1160 -12.47 -36.99 -48.96
C SER B 1160 -13.96 -36.88 -48.64
N ARG B 1161 -14.77 -37.11 -49.67
CA ARG B 1161 -16.21 -37.17 -49.52
C ARG B 1161 -16.76 -38.31 -50.34
N GLU B 1162 -17.65 -39.07 -49.73
CA GLU B 1162 -18.32 -40.17 -50.42
C GLU B 1162 -19.51 -39.63 -51.20
N ALA B 1163 -20.24 -40.48 -51.91
CA ALA B 1163 -21.29 -39.99 -52.82
C ALA B 1163 -22.38 -39.23 -52.07
N GLY B 1164 -22.76 -38.08 -52.60
CA GLY B 1164 -23.83 -37.28 -52.02
C GLY B 1164 -24.21 -36.16 -52.96
N ASP B 1165 -25.39 -35.59 -52.76
CA ASP B 1165 -25.80 -34.43 -53.55
C ASP B 1165 -25.42 -33.14 -52.86
N GLU B 1166 -25.71 -33.04 -51.58
CA GLU B 1166 -25.45 -31.84 -50.83
C GLU B 1166 -23.96 -31.58 -50.65
N ALA B 1167 -23.61 -30.40 -50.14
CA ALA B 1167 -22.25 -29.95 -50.07
C ALA B 1167 -21.58 -30.30 -48.74
N THR B 1168 -20.27 -30.49 -48.79
CA THR B 1168 -19.42 -30.42 -47.62
C THR B 1168 -18.43 -29.30 -47.86
N TYR B 1169 -18.22 -28.47 -46.83
CA TYR B 1169 -17.30 -27.34 -46.89
C TYR B 1169 -16.14 -27.61 -45.94
N PHE B 1170 -14.91 -27.42 -46.42
CA PHE B 1170 -13.71 -27.49 -45.56
C PHE B 1170 -12.95 -26.16 -45.52
N ASP B 1171 -12.26 -25.88 -44.43
CA ASP B 1171 -11.28 -24.78 -44.40
C ASP B 1171 -10.30 -25.01 -43.28
N GLU B 1172 -9.10 -24.44 -43.42
CA GLU B 1172 -8.17 -24.26 -42.32
C GLU B 1172 -7.68 -25.62 -41.82
N ILE B 1173 -6.75 -26.21 -42.55
CA ILE B 1173 -6.07 -27.44 -42.13
C ILE B 1173 -4.87 -27.06 -41.28
N ARG B 1174 -4.87 -27.44 -40.01
CA ARG B 1174 -3.78 -27.08 -39.14
C ARG B 1174 -3.15 -28.32 -38.54
N THR B 1175 -1.82 -28.41 -38.65
CA THR B 1175 -1.05 -29.58 -38.23
C THR B 1175 -0.03 -29.13 -37.21
N PHE B 1176 0.02 -29.75 -36.04
CA PHE B 1176 0.93 -29.27 -35.04
C PHE B 1176 1.23 -30.32 -33.99
N GLU B 1177 2.39 -30.17 -33.37
CA GLU B 1177 2.83 -31.11 -32.33
C GLU B 1177 1.80 -31.16 -31.21
N ASN B 1178 1.54 -32.36 -30.69
CA ASN B 1178 0.58 -32.58 -29.60
C ASN B 1178 0.92 -33.87 -28.87
N ASN B 1179 0.84 -33.82 -27.55
CA ASN B 1179 1.32 -34.90 -26.69
C ASN B 1179 0.17 -35.45 -25.86
N SER B 1180 -1.02 -35.50 -26.44
CA SER B 1180 -2.17 -36.13 -25.78
C SER B 1180 -2.06 -37.63 -25.97
N SER B 1181 -2.83 -38.36 -25.17
CA SER B 1181 -2.90 -39.83 -25.28
C SER B 1181 -4.23 -40.35 -24.80
N MSE B 1182 -5.24 -40.15 -25.63
CA MSE B 1182 -6.61 -40.32 -25.21
C MSE B 1182 -7.22 -41.65 -25.58
O MSE B 1182 -8.33 -41.95 -25.15
CB MSE B 1182 -7.44 -39.22 -25.84
CG MSE B 1182 -6.92 -37.82 -25.59
SE MSE B 1182 -8.07 -36.48 -26.47
CE MSE B 1182 -7.61 -36.85 -28.36
N TYR B 1183 -6.51 -42.44 -26.39
CA TYR B 1183 -7.07 -43.63 -27.01
C TYR B 1183 -6.40 -44.87 -26.48
N GLY B 1184 -7.03 -45.51 -25.50
CA GLY B 1184 -6.41 -46.63 -24.81
C GLY B 1184 -5.04 -46.26 -24.28
N ASP B 1185 -4.93 -45.07 -23.70
CA ASP B 1185 -3.67 -44.54 -23.16
C ASP B 1185 -2.60 -44.38 -24.22
N LYS B 1186 -3.01 -44.14 -25.46
CA LYS B 1186 -2.06 -43.91 -26.56
C LYS B 1186 -2.48 -42.69 -27.38
N HIS B 1187 -1.54 -42.14 -28.11
CA HIS B 1187 -1.73 -40.87 -28.79
C HIS B 1187 -2.56 -41.01 -30.06
N ASP B 1188 -2.17 -41.94 -30.92
CA ASP B 1188 -2.77 -42.10 -32.24
C ASP B 1188 -4.26 -42.38 -32.16
N THR B 1189 -5.03 -41.73 -33.02
CA THR B 1189 -6.46 -42.02 -33.19
C THR B 1189 -6.67 -43.52 -33.28
N GLY B 1190 -7.51 -44.07 -32.41
CA GLY B 1190 -7.81 -45.48 -32.45
C GLY B 1190 -8.74 -46.03 -31.38
N LYS B 1191 -8.85 -47.35 -31.37
CA LYS B 1191 -9.70 -48.06 -30.43
C LYS B 1191 -9.11 -48.05 -29.02
N GLY B 1192 -9.97 -48.26 -28.03
CA GLY B 1192 -9.57 -48.24 -26.63
C GLY B 1192 -10.35 -47.21 -25.85
N THR B 1193 -10.36 -47.36 -24.53
CA THR B 1193 -11.07 -46.45 -23.66
C THR B 1193 -10.60 -45.04 -23.96
N PHE B 1194 -11.56 -44.13 -24.07
CA PHE B 1194 -11.30 -42.72 -24.27
C PHE B 1194 -11.07 -42.03 -22.95
N LYS B 1195 -10.01 -41.25 -22.82
CA LYS B 1195 -9.81 -40.42 -21.61
C LYS B 1195 -9.32 -39.01 -21.97
N GLN B 1196 -9.97 -38.00 -21.38
CA GLN B 1196 -9.51 -36.62 -21.47
C GLN B 1196 -9.23 -36.06 -20.08
N ASP B 1197 -7.96 -35.84 -19.78
CA ASP B 1197 -7.57 -35.16 -18.54
C ASP B 1197 -7.37 -33.66 -18.79
N PHE B 1198 -7.56 -33.24 -20.03
CA PHE B 1198 -7.43 -31.84 -20.44
C PHE B 1198 -6.02 -31.25 -20.35
N GLU B 1199 -5.03 -32.11 -20.13
CA GLU B 1199 -3.66 -31.65 -19.91
C GLU B 1199 -2.89 -31.48 -21.22
N ASN B 1200 -3.41 -32.00 -22.33
CA ASN B 1200 -2.73 -31.85 -23.62
C ASN B 1200 -3.68 -31.56 -24.78
N VAL B 1201 -4.57 -30.61 -24.56
CA VAL B 1201 -5.56 -30.24 -25.56
C VAL B 1201 -4.87 -29.43 -26.64
N ALA B 1202 -4.99 -29.89 -27.88
CA ALA B 1202 -4.44 -29.16 -29.01
C ALA B 1202 -5.07 -27.78 -29.10
N GLN B 1203 -6.40 -27.73 -29.07
CA GLN B 1203 -7.18 -26.50 -29.24
C GLN B 1203 -8.60 -26.73 -28.76
N GLY B 1204 -9.26 -25.72 -28.22
CA GLY B 1204 -10.66 -25.82 -27.87
C GLY B 1204 -10.99 -26.61 -26.62
N ILE B 1205 -12.20 -27.15 -26.54
CA ILE B 1205 -12.59 -27.94 -25.39
C ILE B 1205 -12.95 -29.37 -25.81
N PHE B 1206 -12.11 -29.93 -26.67
CA PHE B 1206 -12.28 -31.26 -27.25
C PHE B 1206 -12.38 -32.31 -26.14
N PRO B 1207 -13.29 -33.26 -26.29
CA PRO B 1207 -14.10 -33.60 -27.43
C PRO B 1207 -15.41 -32.84 -27.52
N PHE B 1208 -15.60 -31.84 -26.67
CA PHE B 1208 -16.82 -31.02 -26.74
C PHE B 1208 -16.61 -29.87 -27.72
N VAL B 1209 -17.73 -29.33 -28.21
CA VAL B 1209 -17.73 -28.04 -28.91
C VAL B 1209 -18.69 -27.14 -28.16
N VAL B 1210 -18.42 -25.83 -28.10
CA VAL B 1210 -19.35 -24.90 -27.42
C VAL B 1210 -20.75 -24.84 -28.04
N GLY B 1211 -21.72 -24.71 -27.15
CA GLY B 1211 -23.12 -24.69 -27.53
C GLY B 1211 -23.66 -23.29 -27.54
N GLY B 1212 -24.95 -23.18 -27.79
CA GLY B 1212 -25.58 -21.90 -28.04
C GLY B 1212 -26.07 -21.20 -26.79
N VAL B 1213 -25.64 -21.60 -25.60
CA VAL B 1213 -26.13 -20.96 -24.37
C VAL B 1213 -26.03 -19.41 -24.33
N GLU B 1214 -25.04 -18.82 -25.00
CA GLU B 1214 -24.92 -17.37 -25.08
C GLU B 1214 -24.94 -16.85 -26.51
N GLY B 1215 -25.46 -17.64 -27.43
CA GLY B 1215 -25.35 -17.30 -28.85
C GLY B 1215 -23.91 -17.28 -29.29
N VAL B 1216 -23.64 -16.64 -30.43
CA VAL B 1216 -22.29 -16.44 -30.91
C VAL B 1216 -21.69 -15.43 -29.96
N GLU B 1217 -20.64 -15.85 -29.27
CA GLU B 1217 -20.11 -15.06 -28.20
C GLU B 1217 -18.69 -15.50 -27.89
N ASP B 1218 -17.94 -14.56 -27.30
CA ASP B 1218 -16.72 -14.88 -26.58
C ASP B 1218 -17.13 -15.83 -25.40
N ASN B 1219 -17.17 -17.11 -25.73
CA ASN B 1219 -17.77 -18.13 -24.90
C ASN B 1219 -17.11 -18.20 -23.52
N ARG B 1220 -17.93 -18.34 -22.48
CA ARG B 1220 -17.41 -18.34 -21.11
C ARG B 1220 -17.15 -19.75 -20.58
N THR B 1221 -16.71 -20.62 -21.49
CA THR B 1221 -16.23 -21.93 -21.14
C THR B 1221 -14.86 -22.06 -21.75
N HIS B 1222 -13.90 -22.51 -20.97
CA HIS B 1222 -12.53 -22.56 -21.46
C HIS B 1222 -11.71 -23.48 -20.58
N LEU B 1223 -10.47 -23.73 -20.97
CA LEU B 1223 -9.56 -24.55 -20.18
C LEU B 1223 -8.91 -23.66 -19.11
N SER B 1224 -9.14 -24.03 -17.85
CA SER B 1224 -8.66 -23.26 -16.70
C SER B 1224 -7.30 -23.78 -16.26
N GLU B 1225 -6.44 -22.88 -15.81
CA GLU B 1225 -5.07 -23.24 -15.45
C GLU B 1225 -4.88 -23.12 -13.96
N LYS B 1226 -4.16 -24.07 -13.40
CA LYS B 1226 -3.90 -24.10 -11.97
C LYS B 1226 -2.83 -23.08 -11.64
N HIS B 1227 -3.10 -22.23 -10.65
CA HIS B 1227 -2.07 -21.44 -10.01
C HIS B 1227 -2.43 -21.39 -8.54
N ASP B 1228 -1.84 -22.32 -7.78
CA ASP B 1228 -2.20 -22.51 -6.39
C ASP B 1228 -1.53 -21.41 -5.59
N PRO B 1229 -2.17 -20.91 -4.51
CA PRO B 1229 -3.48 -21.18 -3.96
C PRO B 1229 -4.65 -20.45 -4.63
N TYR B 1230 -4.34 -19.48 -5.49
CA TYR B 1230 -5.33 -18.45 -5.88
C TYR B 1230 -6.50 -19.00 -6.65
N THR B 1231 -6.23 -19.99 -7.48
CA THR B 1231 -7.23 -20.58 -8.34
C THR B 1231 -8.02 -21.70 -7.67
N GLN B 1232 -7.63 -22.10 -6.46
CA GLN B 1232 -8.21 -23.28 -5.78
C GLN B 1232 -9.06 -22.90 -4.55
N ARG B 1233 -9.76 -23.90 -4.03
CA ARG B 1233 -10.58 -23.76 -2.83
C ARG B 1233 -9.88 -22.96 -1.75
N GLY B 1234 -10.61 -22.05 -1.11
CA GLY B 1234 -10.09 -21.37 0.07
C GLY B 1234 -9.57 -19.96 -0.12
N TRP B 1235 -8.90 -19.68 -1.25
CA TRP B 1235 -8.34 -18.35 -1.45
C TRP B 1235 -9.47 -17.37 -1.73
N ASN B 1236 -9.47 -16.26 -0.99
CA ASN B 1236 -10.51 -15.24 -1.10
C ASN B 1236 -11.90 -15.84 -0.93
N GLY B 1237 -11.98 -16.94 -0.18
CA GLY B 1237 -13.25 -17.59 0.11
C GLY B 1237 -13.80 -18.43 -1.04
N LYS B 1238 -12.95 -18.78 -1.98
CA LYS B 1238 -13.39 -19.50 -3.18
C LYS B 1238 -13.88 -20.87 -2.75
N LYS B 1239 -15.03 -21.28 -3.29
CA LYS B 1239 -15.71 -22.48 -2.83
C LYS B 1239 -15.40 -23.74 -3.65
N VAL B 1240 -14.94 -23.59 -4.88
CA VAL B 1240 -14.64 -24.75 -5.72
C VAL B 1240 -13.29 -24.57 -6.42
N ASP B 1241 -12.67 -25.67 -6.84
CA ASP B 1241 -11.38 -25.58 -7.53
C ASP B 1241 -11.57 -25.18 -8.98
N ASP B 1242 -10.68 -24.36 -9.51
CA ASP B 1242 -10.61 -24.14 -10.94
C ASP B 1242 -10.14 -25.40 -11.64
N VAL B 1243 -9.09 -26.00 -11.09
CA VAL B 1243 -8.48 -27.20 -11.64
C VAL B 1243 -8.68 -28.35 -10.67
N ILE B 1244 -9.32 -29.40 -11.14
CA ILE B 1244 -9.61 -30.58 -10.30
C ILE B 1244 -8.40 -31.51 -10.18
N GLU B 1245 -7.74 -31.81 -11.29
CA GLU B 1245 -6.52 -32.60 -11.28
C GLU B 1245 -5.56 -32.17 -12.36
N GLY B 1246 -4.27 -32.21 -12.04
CA GLY B 1246 -3.24 -31.77 -12.96
C GLY B 1246 -3.15 -30.25 -12.97
N ASN B 1247 -2.86 -29.69 -14.14
CA ASN B 1247 -2.80 -28.26 -14.33
C ASN B 1247 -3.99 -27.66 -15.04
N TRP B 1248 -4.83 -28.50 -15.60
CA TRP B 1248 -5.91 -28.02 -16.44
C TRP B 1248 -7.24 -28.73 -16.19
N SER B 1249 -8.31 -27.95 -16.24
CA SER B 1249 -9.66 -28.47 -16.23
C SER B 1249 -10.52 -27.66 -17.18
N LEU B 1250 -11.78 -28.08 -17.35
CA LEU B 1250 -12.72 -27.41 -18.24
C LEU B 1250 -13.69 -26.60 -17.42
N LYS B 1251 -13.53 -25.29 -17.41
CA LYS B 1251 -14.33 -24.42 -16.52
C LYS B 1251 -15.44 -23.66 -17.27
N THR B 1252 -16.65 -23.65 -16.72
CA THR B 1252 -17.68 -22.71 -17.16
C THR B 1252 -17.94 -21.69 -16.08
N ASN B 1253 -18.04 -20.44 -16.49
CA ASN B 1253 -18.10 -19.36 -15.53
C ASN B 1253 -19.40 -18.57 -15.63
N GLY B 1254 -20.25 -18.75 -14.63
CA GLY B 1254 -21.38 -17.87 -14.42
C GLY B 1254 -22.58 -18.11 -15.31
N LEU B 1255 -22.57 -19.20 -16.09
CA LEU B 1255 -23.68 -19.48 -17.02
C LEU B 1255 -24.83 -20.24 -16.35
N VAL B 1256 -25.44 -19.63 -15.32
CA VAL B 1256 -26.55 -20.28 -14.63
C VAL B 1256 -27.87 -19.65 -15.07
N SER B 1257 -28.91 -20.47 -15.07
CA SER B 1257 -30.30 -20.05 -15.33
C SER B 1257 -30.56 -19.64 -16.77
N ARG B 1258 -29.86 -20.28 -17.72
CA ARG B 1258 -30.00 -19.92 -19.13
C ARG B 1258 -30.91 -20.84 -19.94
N ARG B 1259 -31.28 -21.99 -19.40
CA ARG B 1259 -32.04 -22.98 -20.17
C ARG B 1259 -31.43 -23.21 -21.54
N ASN B 1260 -30.19 -23.71 -21.57
CA ASN B 1260 -29.58 -24.06 -22.84
C ASN B 1260 -28.28 -24.81 -22.69
N LEU B 1261 -27.81 -25.34 -23.80
CA LEU B 1261 -26.65 -26.23 -23.84
C LEU B 1261 -25.34 -25.46 -23.72
N VAL B 1262 -24.57 -25.71 -22.67
CA VAL B 1262 -23.25 -25.06 -22.51
C VAL B 1262 -22.24 -25.65 -23.51
N TYR B 1263 -22.14 -26.98 -23.53
CA TYR B 1263 -21.39 -27.64 -24.58
C TYR B 1263 -21.86 -29.07 -24.79
N GLN B 1264 -21.40 -29.67 -25.88
CA GLN B 1264 -21.76 -31.03 -26.25
C GLN B 1264 -20.68 -31.67 -27.08
N THR B 1265 -20.64 -33.00 -27.03
CA THR B 1265 -19.82 -33.77 -27.95
C THR B 1265 -20.51 -33.75 -29.30
N ILE B 1266 -19.76 -34.04 -30.35
CA ILE B 1266 -20.30 -34.25 -31.67
C ILE B 1266 -19.64 -35.52 -32.21
N PRO B 1267 -20.34 -36.24 -33.09
CA PRO B 1267 -19.86 -37.55 -33.50
C PRO B 1267 -18.43 -37.58 -34.04
N GLN B 1268 -18.02 -36.56 -34.78
CA GLN B 1268 -16.64 -36.49 -35.31
C GLN B 1268 -15.54 -36.44 -34.24
N ASN B 1269 -15.86 -35.93 -33.05
CA ASN B 1269 -14.93 -35.87 -31.91
C ASN B 1269 -15.05 -37.11 -31.02
N PHE B 1270 -16.26 -37.57 -30.82
CA PHE B 1270 -16.50 -38.86 -30.20
C PHE B 1270 -17.83 -39.38 -30.67
N ARG B 1271 -17.84 -40.59 -31.21
CA ARG B 1271 -19.05 -41.19 -31.74
C ARG B 1271 -19.56 -42.30 -30.81
N PHE B 1272 -20.78 -42.14 -30.33
CA PHE B 1272 -21.46 -43.20 -29.60
C PHE B 1272 -22.11 -44.11 -30.60
N GLU B 1273 -21.42 -45.19 -30.98
CA GLU B 1273 -21.86 -46.00 -32.12
C GLU B 1273 -23.21 -46.69 -31.94
N ALA B 1274 -23.92 -46.81 -33.07
CA ALA B 1274 -25.29 -47.32 -33.06
C ALA B 1274 -25.37 -48.66 -32.35
N GLY B 1275 -26.15 -48.69 -31.28
CA GLY B 1275 -26.47 -49.93 -30.57
C GLY B 1275 -25.53 -50.30 -29.44
N LYS B 1276 -24.40 -49.61 -29.35
CA LYS B 1276 -23.44 -49.88 -28.30
C LYS B 1276 -23.74 -49.00 -27.10
N THR B 1277 -23.41 -49.51 -25.92
CA THR B 1277 -23.58 -48.78 -24.67
C THR B 1277 -22.23 -48.43 -24.08
N TYR B 1278 -22.11 -47.23 -23.55
CA TYR B 1278 -20.84 -46.75 -23.00
C TYR B 1278 -21.01 -46.26 -21.58
N ARG B 1279 -19.94 -46.30 -20.79
CA ARG B 1279 -19.99 -45.72 -19.46
C ARG B 1279 -19.21 -44.42 -19.46
N VAL B 1280 -19.96 -43.31 -19.37
CA VAL B 1280 -19.40 -41.96 -19.33
C VAL B 1280 -19.19 -41.57 -17.87
N THR B 1281 -17.98 -41.11 -17.56
CA THR B 1281 -17.55 -40.86 -16.20
C THR B 1281 -16.68 -39.61 -16.16
N PHE B 1282 -16.89 -38.76 -15.17
CA PHE B 1282 -16.01 -37.60 -15.00
C PHE B 1282 -16.11 -37.04 -13.59
N GLU B 1283 -15.11 -36.24 -13.22
CA GLU B 1283 -15.10 -35.54 -11.95
C GLU B 1283 -15.51 -34.11 -12.22
N TYR B 1284 -16.21 -33.49 -11.28
CA TYR B 1284 -16.73 -32.13 -11.49
C TYR B 1284 -16.86 -31.33 -10.21
N GLU B 1285 -16.80 -30.01 -10.35
CA GLU B 1285 -17.12 -29.11 -9.25
C GLU B 1285 -18.29 -28.27 -9.72
N ALA B 1286 -19.22 -27.99 -8.80
CA ALA B 1286 -20.39 -27.15 -9.06
C ALA B 1286 -20.67 -26.37 -7.80
N GLY B 1287 -20.85 -25.06 -7.91
CA GLY B 1287 -21.01 -24.24 -6.72
C GLY B 1287 -22.45 -24.04 -6.27
N SER B 1288 -23.40 -24.65 -6.98
CA SER B 1288 -24.81 -24.60 -6.60
C SER B 1288 -25.51 -25.86 -6.99
N ASP B 1289 -26.54 -26.21 -6.22
CA ASP B 1289 -27.29 -27.41 -6.51
C ASP B 1289 -28.11 -27.21 -7.78
N ASN B 1290 -28.01 -28.18 -8.70
CA ASN B 1290 -28.89 -28.28 -9.86
C ASN B 1290 -28.93 -27.10 -10.82
N THR B 1291 -27.86 -26.31 -10.87
CA THR B 1291 -27.75 -25.23 -11.85
C THR B 1291 -27.25 -25.77 -13.18
N TYR B 1292 -26.40 -26.79 -13.14
CA TYR B 1292 -25.92 -27.45 -14.34
C TYR B 1292 -26.36 -28.90 -14.35
N ALA B 1293 -26.60 -29.46 -15.53
CA ALA B 1293 -27.06 -30.84 -15.66
C ALA B 1293 -26.32 -31.54 -16.77
N PHE B 1294 -26.09 -32.83 -16.59
CA PHE B 1294 -25.52 -33.71 -17.62
C PHE B 1294 -26.68 -34.16 -18.46
N VAL B 1295 -26.49 -34.14 -19.77
CA VAL B 1295 -27.58 -34.43 -20.69
C VAL B 1295 -27.12 -35.36 -21.79
N VAL B 1296 -28.01 -36.26 -22.19
CA VAL B 1296 -27.79 -37.11 -23.34
C VAL B 1296 -28.81 -36.68 -24.39
N GLY B 1297 -28.34 -36.40 -25.60
CA GLY B 1297 -29.19 -35.95 -26.69
C GLY B 1297 -28.83 -36.68 -27.96
N LYS B 1298 -29.48 -36.31 -29.06
CA LYS B 1298 -29.15 -36.86 -30.36
C LYS B 1298 -29.66 -35.94 -31.42
N GLY B 1299 -29.00 -35.95 -32.57
CA GLY B 1299 -29.36 -35.05 -33.66
C GLY B 1299 -28.93 -33.63 -33.39
N GLU B 1300 -29.51 -32.67 -34.11
CA GLU B 1300 -29.15 -31.26 -33.96
C GLU B 1300 -30.10 -30.63 -32.95
N PHE B 1301 -29.55 -30.22 -31.81
CA PHE B 1301 -30.35 -29.71 -30.71
C PHE B 1301 -31.18 -28.48 -31.07
N GLN B 1302 -32.47 -28.53 -30.75
CA GLN B 1302 -33.40 -27.43 -30.95
C GLN B 1302 -33.37 -26.94 -32.40
N SER B 1303 -33.50 -27.88 -33.33
CA SER B 1303 -33.50 -27.60 -34.76
C SER B 1303 -34.88 -27.77 -35.41
N GLY B 1304 -35.89 -28.09 -34.61
CA GLY B 1304 -37.24 -28.24 -35.14
C GLY B 1304 -37.45 -29.52 -35.93
N ARG B 1305 -36.91 -30.61 -35.40
CA ARG B 1305 -37.22 -31.95 -35.89
C ARG B 1305 -37.64 -32.83 -34.72
N ARG B 1306 -38.67 -33.65 -34.92
CA ARG B 1306 -39.07 -34.61 -33.90
C ARG B 1306 -37.86 -35.05 -33.06
N GLY B 1307 -37.87 -34.70 -31.78
CA GLY B 1307 -36.96 -35.30 -30.82
C GLY B 1307 -35.84 -34.44 -30.32
N THR B 1308 -35.65 -33.27 -30.92
CA THR B 1308 -34.48 -32.43 -30.63
C THR B 1308 -34.72 -31.35 -29.59
N GLN B 1309 -35.85 -31.39 -28.89
CA GLN B 1309 -36.14 -30.42 -27.83
C GLN B 1309 -35.50 -30.80 -26.48
N ALA B 1310 -35.50 -29.84 -25.56
CA ALA B 1310 -34.90 -30.02 -24.23
C ALA B 1310 -35.72 -30.98 -23.38
N SER B 1311 -37.04 -30.86 -23.46
CA SER B 1311 -37.94 -31.81 -22.80
C SER B 1311 -37.64 -33.24 -23.23
N ASN B 1312 -36.96 -33.38 -24.36
CA ASN B 1312 -36.67 -34.66 -24.94
C ASN B 1312 -35.30 -35.20 -24.57
N LEU B 1313 -34.43 -34.36 -24.01
CA LEU B 1313 -33.12 -34.81 -23.56
C LEU B 1313 -33.29 -35.64 -22.32
N GLU B 1314 -32.36 -36.58 -22.12
CA GLU B 1314 -32.19 -37.25 -20.85
C GLU B 1314 -31.36 -36.30 -20.00
N MSE B 1315 -31.88 -35.92 -18.84
CA MSE B 1315 -31.25 -34.87 -18.06
C MSE B 1315 -30.95 -35.29 -16.62
O MSE B 1315 -31.83 -35.77 -15.93
CB MSE B 1315 -32.17 -33.68 -18.03
CG MSE B 1315 -31.53 -32.41 -17.52
SE MSE B 1315 -32.54 -30.83 -18.14
CE MSE B 1315 -34.39 -31.36 -17.63
N HIS B 1316 -29.73 -35.07 -16.19
CA HIS B 1316 -29.29 -35.42 -14.85
C HIS B 1316 -28.71 -34.21 -14.14
N GLU B 1317 -29.51 -33.57 -13.30
CA GLU B 1317 -29.09 -32.34 -12.62
C GLU B 1317 -28.05 -32.70 -11.57
N LEU B 1318 -26.97 -31.95 -11.51
CA LEU B 1318 -25.84 -32.28 -10.63
C LEU B 1318 -25.90 -31.40 -9.38
N PRO B 1319 -25.68 -32.00 -8.20
CA PRO B 1319 -25.63 -31.23 -6.97
C PRO B 1319 -24.32 -30.48 -6.79
N ASN B 1320 -24.30 -29.56 -5.82
CA ASN B 1320 -23.09 -28.82 -5.53
C ASN B 1320 -22.07 -29.77 -4.96
N THR B 1321 -20.81 -29.36 -4.96
CA THR B 1321 -19.70 -30.23 -4.60
C THR B 1321 -18.87 -29.72 -3.42
N TRP B 1322 -19.35 -28.71 -2.70
CA TRP B 1322 -18.58 -28.17 -1.56
C TRP B 1322 -19.28 -28.18 -0.23
N THR B 1323 -20.60 -28.03 -0.19
CA THR B 1323 -21.35 -28.01 1.08
C THR B 1323 -21.06 -29.23 1.96
N ASP B 1324 -20.85 -30.39 1.33
CA ASP B 1324 -20.62 -31.66 2.03
C ASP B 1324 -19.49 -32.49 1.38
N SER B 1325 -18.45 -31.82 0.92
CA SER B 1325 -17.29 -32.49 0.34
C SER B 1325 -16.11 -31.52 0.21
N LYS B 1326 -14.90 -32.06 0.29
CA LYS B 1326 -13.69 -31.25 0.15
C LYS B 1326 -13.08 -31.32 -1.26
N LYS B 1327 -13.62 -32.19 -2.10
CA LYS B 1327 -13.10 -32.42 -3.45
C LYS B 1327 -14.23 -32.40 -4.44
N ALA B 1328 -13.86 -32.40 -5.72
CA ALA B 1328 -14.81 -32.66 -6.80
C ALA B 1328 -15.50 -34.03 -6.58
N LYS B 1329 -16.80 -34.06 -6.81
CA LYS B 1329 -17.56 -35.30 -6.81
C LYS B 1329 -17.38 -35.96 -8.17
N LYS B 1330 -17.86 -37.18 -8.29
CA LYS B 1330 -17.68 -37.98 -9.50
C LYS B 1330 -19.03 -38.47 -10.01
N ALA B 1331 -19.20 -38.45 -11.34
CA ALA B 1331 -20.47 -38.77 -11.96
C ALA B 1331 -20.31 -39.98 -12.89
N THR B 1332 -21.32 -40.84 -12.94
CA THR B 1332 -21.31 -42.02 -13.81
C THR B 1332 -22.66 -42.12 -14.52
N PHE B 1333 -22.61 -42.34 -15.82
CA PHE B 1333 -23.81 -42.46 -16.63
C PHE B 1333 -23.62 -43.51 -17.70
N LEU B 1334 -24.69 -44.25 -17.99
CA LEU B 1334 -24.69 -45.22 -19.07
C LEU B 1334 -25.44 -44.60 -20.23
N VAL B 1335 -24.78 -44.52 -21.38
CA VAL B 1335 -25.32 -43.91 -22.59
C VAL B 1335 -25.28 -44.92 -23.73
N THR B 1336 -26.41 -45.14 -24.39
CA THR B 1336 -26.45 -46.03 -25.54
C THR B 1336 -26.68 -45.27 -26.84
N GLY B 1337 -25.79 -45.50 -27.82
CA GLY B 1337 -25.87 -44.82 -29.11
C GLY B 1337 -27.15 -45.13 -29.90
N ALA B 1338 -27.86 -44.09 -30.29
CA ALA B 1338 -29.02 -44.23 -31.15
C ALA B 1338 -28.60 -44.85 -32.47
N GLU B 1339 -29.55 -45.51 -33.12
CA GLU B 1339 -29.30 -46.20 -34.39
C GLU B 1339 -28.91 -45.27 -35.52
N THR B 1340 -29.28 -43.99 -35.40
CA THR B 1340 -28.89 -42.97 -36.36
C THR B 1340 -27.42 -42.52 -36.21
N GLY B 1341 -26.67 -43.09 -35.27
CA GLY B 1341 -25.22 -42.79 -35.11
C GLY B 1341 -24.96 -41.33 -34.71
N ASP B 1342 -25.93 -40.82 -33.97
CA ASP B 1342 -26.39 -39.42 -33.94
C ASP B 1342 -26.19 -38.79 -32.56
N THR B 1343 -25.87 -39.64 -31.57
CA THR B 1343 -26.00 -39.33 -30.15
C THR B 1343 -24.85 -38.48 -29.68
N TRP B 1344 -25.12 -37.68 -28.66
CA TRP B 1344 -24.08 -36.89 -28.02
C TRP B 1344 -24.45 -36.64 -26.56
N VAL B 1345 -23.45 -36.26 -25.79
CA VAL B 1345 -23.66 -35.90 -24.39
C VAL B 1345 -23.08 -34.53 -24.19
N GLY B 1346 -23.49 -33.85 -23.13
CA GLY B 1346 -22.95 -32.54 -22.83
C GLY B 1346 -23.43 -32.02 -21.50
N ILE B 1347 -23.19 -30.73 -21.24
CA ILE B 1347 -23.69 -30.05 -20.05
C ILE B 1347 -24.70 -28.96 -20.44
N TYR B 1348 -25.79 -28.88 -19.66
CA TYR B 1348 -26.91 -27.98 -19.92
C TYR B 1348 -27.11 -27.04 -18.73
N SER B 1349 -27.38 -25.76 -19.00
CA SER B 1349 -27.66 -24.77 -17.94
C SER B 1349 -29.17 -24.78 -17.64
N THR B 1350 -29.55 -25.26 -16.46
CA THR B 1350 -30.96 -25.46 -16.16
C THR B 1350 -31.62 -24.12 -15.94
N GLY B 1351 -32.91 -24.14 -15.66
CA GLY B 1351 -33.62 -22.93 -15.29
C GLY B 1351 -33.59 -22.65 -13.80
N ASN B 1352 -32.92 -23.49 -13.02
CA ASN B 1352 -32.83 -23.30 -11.58
C ASN B 1352 -31.96 -22.11 -11.23
N ALA B 1353 -32.35 -21.40 -10.18
CA ALA B 1353 -31.54 -20.32 -9.62
C ALA B 1353 -30.31 -20.89 -8.93
N SER B 1354 -29.22 -20.11 -8.91
CA SER B 1354 -28.07 -20.47 -8.12
C SER B 1354 -28.32 -20.02 -6.68
N ASN B 1355 -27.36 -20.29 -5.80
CA ASN B 1355 -27.42 -19.87 -4.41
C ASN B 1355 -26.07 -19.33 -4.00
N THR B 1356 -25.99 -18.00 -3.88
CA THR B 1356 -24.73 -17.30 -3.64
C THR B 1356 -24.47 -17.08 -2.15
N ARG B 1357 -25.31 -17.64 -1.31
CA ARG B 1357 -25.07 -17.71 0.14
C ARG B 1357 -24.86 -16.34 0.79
N GLY B 1358 -25.61 -15.34 0.32
CA GLY B 1358 -25.52 -14.01 0.89
C GLY B 1358 -24.42 -13.14 0.31
N ASP B 1359 -23.56 -13.69 -0.53
CA ASP B 1359 -22.57 -12.88 -1.23
C ASP B 1359 -23.20 -12.20 -2.42
N SER B 1360 -22.44 -11.30 -3.02
CA SER B 1360 -22.88 -10.59 -4.22
C SER B 1360 -21.67 -9.93 -4.92
N GLY B 1361 -21.95 -9.25 -6.03
CA GLY B 1361 -20.92 -8.57 -6.79
C GLY B 1361 -19.80 -9.54 -7.10
N GLY B 1362 -18.58 -9.03 -7.10
CA GLY B 1362 -17.43 -9.83 -7.47
C GLY B 1362 -17.18 -10.97 -6.52
N ASN B 1363 -17.35 -10.73 -5.22
CA ASN B 1363 -17.26 -11.79 -4.24
C ASN B 1363 -18.07 -12.98 -4.73
N ALA B 1364 -19.34 -12.73 -5.08
CA ALA B 1364 -20.21 -13.78 -5.62
C ALA B 1364 -19.59 -14.43 -6.85
N ASN B 1365 -19.19 -13.63 -7.83
CA ASN B 1365 -18.65 -14.21 -9.06
C ASN B 1365 -17.33 -14.93 -8.87
N PHE B 1366 -16.45 -14.37 -8.06
CA PHE B 1366 -15.15 -14.97 -7.84
C PHE B 1366 -15.24 -16.34 -7.19
N ARG B 1367 -16.23 -16.52 -6.32
CA ARG B 1367 -16.26 -17.68 -5.43
C ARG B 1367 -16.86 -18.95 -6.03
N GLY B 1368 -17.46 -18.82 -7.20
CA GLY B 1368 -17.84 -20.00 -7.98
C GLY B 1368 -19.20 -20.60 -7.72
N TYR B 1369 -20.02 -19.95 -6.89
CA TYR B 1369 -21.41 -20.35 -6.70
C TYR B 1369 -22.07 -20.59 -8.07
N ASN B 1370 -21.73 -19.76 -9.05
CA ASN B 1370 -22.30 -19.88 -10.39
C ASN B 1370 -21.45 -20.62 -11.43
N ASP B 1371 -20.43 -21.34 -10.97
CA ASP B 1371 -19.46 -22.00 -11.84
C ASP B 1371 -19.67 -23.52 -11.94
N PHE B 1372 -19.04 -24.10 -12.96
CA PHE B 1372 -19.05 -25.54 -13.17
C PHE B 1372 -17.72 -25.95 -13.80
N MSE B 1373 -17.08 -26.96 -13.21
CA MSE B 1373 -15.79 -27.42 -13.68
C MSE B 1373 -15.86 -28.90 -13.98
O MSE B 1373 -16.53 -29.63 -13.28
CB MSE B 1373 -14.73 -27.21 -12.60
CG MSE B 1373 -14.20 -25.79 -12.50
SE MSE B 1373 -15.45 -24.57 -11.63
CE MSE B 1373 -14.25 -23.23 -10.82
N MSE B 1374 -15.15 -29.35 -15.00
CA MSE B 1374 -15.06 -30.75 -15.31
C MSE B 1374 -13.62 -31.17 -15.53
O MSE B 1374 -12.81 -30.36 -15.97
CB MSE B 1374 -15.83 -31.03 -16.59
CG MSE B 1374 -16.01 -32.51 -16.87
SE MSE B 1374 -16.92 -32.85 -18.58
CE MSE B 1374 -18.73 -32.19 -18.17
N ASP B 1375 -13.31 -32.42 -15.21
CA ASP B 1375 -11.99 -32.97 -15.46
C ASP B 1375 -12.09 -34.50 -15.48
N ASN B 1376 -11.06 -35.13 -16.02
CA ASN B 1376 -10.92 -36.59 -16.04
C ASN B 1376 -12.15 -37.31 -16.62
N LEU B 1377 -12.51 -36.87 -17.82
CA LEU B 1377 -13.49 -37.56 -18.64
C LEU B 1377 -13.01 -38.94 -19.02
N GLN B 1378 -13.92 -39.91 -18.90
CA GLN B 1378 -13.70 -41.25 -19.39
C GLN B 1378 -14.97 -41.81 -20.04
N ILE B 1379 -14.85 -42.31 -21.27
CA ILE B 1379 -15.94 -42.97 -21.97
C ILE B 1379 -15.43 -44.34 -22.37
N GLU B 1380 -16.14 -45.38 -21.98
CA GLU B 1380 -15.66 -46.76 -22.12
C GLU B 1380 -16.82 -47.64 -22.57
N GLU B 1381 -16.62 -48.37 -23.67
CA GLU B 1381 -17.66 -49.25 -24.19
C GLU B 1381 -17.81 -50.42 -23.23
N ILE B 1382 -19.03 -50.87 -23.00
CA ILE B 1382 -19.29 -51.93 -22.04
C ILE B 1382 -20.45 -52.82 -22.51
N THR B 1383 -20.61 -53.97 -21.86
CA THR B 1383 -21.71 -54.88 -22.15
C THR B 1383 -22.81 -54.62 -21.15
N LEU B 1384 -23.93 -54.09 -21.64
CA LEU B 1384 -25.02 -53.66 -20.77
C LEU B 1384 -25.74 -54.89 -20.20
N THR B 1385 -25.97 -54.88 -18.89
CA THR B 1385 -26.81 -55.88 -18.24
C THR B 1385 -27.96 -55.13 -17.58
N GLY B 1386 -29.10 -55.78 -17.41
CA GLY B 1386 -30.24 -55.16 -16.76
C GLY B 1386 -29.93 -54.66 -15.35
N LYS B 1387 -29.25 -55.48 -14.55
CA LYS B 1387 -28.91 -55.09 -13.18
C LYS B 1387 -28.09 -53.81 -13.18
N MSE B 1388 -27.06 -53.80 -14.02
CA MSE B 1388 -26.23 -52.63 -14.24
C MSE B 1388 -27.01 -51.35 -14.54
O MSE B 1388 -26.64 -50.27 -14.05
CB MSE B 1388 -25.34 -52.96 -15.41
CG MSE B 1388 -24.40 -51.89 -15.80
SE MSE B 1388 -23.10 -52.75 -16.92
CE MSE B 1388 -22.18 -53.85 -15.54
N LEU B 1389 -28.08 -51.46 -15.32
CA LEU B 1389 -28.99 -50.34 -15.56
C LEU B 1389 -29.73 -49.91 -14.28
N THR B 1390 -30.31 -50.88 -13.57
CA THR B 1390 -31.13 -50.55 -12.41
C THR B 1390 -30.27 -49.90 -11.32
N GLU B 1391 -29.01 -50.28 -11.24
CA GLU B 1391 -28.08 -49.71 -10.26
C GLU B 1391 -27.73 -48.27 -10.58
N ASN B 1392 -27.41 -48.01 -11.84
CA ASN B 1392 -27.14 -46.65 -12.31
C ASN B 1392 -28.36 -45.77 -12.11
N ALA B 1393 -29.53 -46.31 -12.46
CA ALA B 1393 -30.81 -45.63 -12.27
C ALA B 1393 -31.02 -45.24 -10.81
N LEU B 1394 -30.78 -46.19 -9.91
CA LEU B 1394 -30.90 -45.93 -8.48
C LEU B 1394 -30.10 -44.70 -8.09
N LYS B 1395 -28.83 -44.68 -8.45
CA LYS B 1395 -27.95 -43.56 -8.08
C LYS B 1395 -28.45 -42.24 -8.65
N ASN B 1396 -28.98 -42.29 -9.86
CA ASN B 1396 -29.51 -41.10 -10.54
C ASN B 1396 -30.86 -40.60 -9.99
N TYR B 1397 -31.63 -41.47 -9.35
CA TYR B 1397 -32.93 -41.05 -8.78
C TYR B 1397 -32.91 -40.72 -7.29
N LEU B 1398 -31.86 -41.14 -6.58
CA LEU B 1398 -31.75 -40.82 -5.15
C LEU B 1398 -31.82 -39.33 -4.85
N PRO B 1399 -31.08 -38.49 -5.60
CA PRO B 1399 -31.14 -37.04 -5.32
C PRO B 1399 -32.56 -36.45 -5.29
N THR B 1400 -33.41 -36.82 -6.24
CA THR B 1400 -34.83 -36.44 -6.23
C THR B 1400 -35.53 -36.81 -4.92
N VAL B 1401 -35.26 -38.03 -4.47
CA VAL B 1401 -35.95 -38.63 -3.33
C VAL B 1401 -35.54 -37.95 -2.02
N ALA B 1402 -34.40 -37.24 -2.00
CA ALA B 1402 -33.94 -36.54 -0.81
C ALA B 1402 -34.50 -35.11 -0.66
N MSE B 1403 -35.69 -34.84 -1.21
CA MSE B 1403 -36.21 -33.47 -1.29
C MSE B 1403 -37.59 -33.21 -0.70
O MSE B 1403 -38.55 -33.93 -0.99
CB MSE B 1403 -36.23 -33.03 -2.73
CG MSE B 1403 -34.86 -32.94 -3.34
SE MSE B 1403 -34.90 -31.80 -4.92
CE MSE B 1403 -35.31 -30.04 -4.08
N THR B 1404 -37.71 -32.13 0.07
CA THR B 1404 -38.95 -31.77 0.75
C THR B 1404 -40.02 -31.15 -0.16
N ASN B 1405 -39.64 -30.70 -1.35
CA ASN B 1405 -40.47 -29.78 -2.14
C ASN B 1405 -41.82 -30.32 -2.68
N TYR B 1406 -41.95 -31.64 -2.81
CA TYR B 1406 -43.20 -32.25 -3.28
C TYR B 1406 -44.07 -32.71 -2.11
N THR B 1407 -45.30 -33.11 -2.41
CA THR B 1407 -46.24 -33.56 -1.37
C THR B 1407 -45.88 -34.97 -0.91
N LYS B 1408 -46.53 -35.43 0.16
CA LYS B 1408 -46.21 -36.73 0.75
C LYS B 1408 -46.67 -37.90 -0.14
N GLU B 1409 -47.90 -37.85 -0.63
CA GLU B 1409 -48.44 -38.89 -1.49
C GLU B 1409 -47.69 -38.97 -2.82
N SER B 1410 -47.26 -37.80 -3.29
CA SER B 1410 -46.46 -37.70 -4.52
C SER B 1410 -45.07 -38.34 -4.33
N MSE B 1411 -44.42 -37.99 -3.22
CA MSE B 1411 -43.09 -38.49 -2.92
C MSE B 1411 -43.08 -40.00 -2.66
O MSE B 1411 -42.41 -40.75 -3.36
CB MSE B 1411 -42.52 -37.73 -1.70
CG MSE B 1411 -41.10 -38.13 -1.27
SE MSE B 1411 -39.70 -38.03 -2.67
CE MSE B 1411 -39.74 -36.11 -3.10
N ASP B 1412 -43.85 -40.44 -1.67
CA ASP B 1412 -43.84 -41.84 -1.23
C ASP B 1412 -44.01 -42.86 -2.37
N ALA B 1413 -44.80 -42.52 -3.39
CA ALA B 1413 -44.97 -43.35 -4.58
C ALA B 1413 -43.63 -43.61 -5.27
N LEU B 1414 -42.83 -42.56 -5.41
CA LEU B 1414 -41.50 -42.66 -6.01
C LEU B 1414 -40.58 -43.51 -5.10
N LYS B 1415 -40.51 -43.17 -3.81
CA LYS B 1415 -39.70 -43.90 -2.83
C LYS B 1415 -39.81 -45.42 -3.02
N GLU B 1416 -41.00 -45.96 -2.77
CA GLU B 1416 -41.23 -47.41 -2.80
C GLU B 1416 -40.81 -48.00 -4.15
N ALA B 1417 -41.06 -47.26 -5.23
CA ALA B 1417 -40.62 -47.65 -6.56
C ALA B 1417 -39.09 -47.80 -6.63
N VAL B 1418 -38.39 -46.86 -5.99
CA VAL B 1418 -36.92 -46.81 -6.03
C VAL B 1418 -36.25 -47.83 -5.08
N PHE B 1419 -36.85 -48.10 -3.93
CA PHE B 1419 -36.40 -49.21 -3.09
C PHE B 1419 -36.49 -50.51 -3.90
N ASN B 1420 -37.63 -50.72 -4.55
CA ASN B 1420 -37.85 -51.93 -5.34
C ASN B 1420 -36.86 -52.07 -6.49
N LEU B 1421 -36.33 -50.94 -6.94
CA LEU B 1421 -35.24 -50.90 -7.93
C LEU B 1421 -33.94 -51.45 -7.35
N SER B 1422 -33.64 -51.07 -6.12
CA SER B 1422 -32.42 -51.50 -5.46
C SER B 1422 -32.39 -53.00 -5.17
N GLN B 1423 -33.55 -53.63 -5.17
CA GLN B 1423 -33.67 -55.07 -4.96
C GLN B 1423 -34.10 -55.81 -6.22
N ALA B 1424 -33.69 -55.31 -7.38
CA ALA B 1424 -34.00 -55.99 -8.64
C ALA B 1424 -33.16 -57.25 -8.76
N ASP B 1425 -33.74 -58.30 -9.32
CA ASP B 1425 -33.02 -59.56 -9.50
C ASP B 1425 -31.65 -59.31 -10.11
N ASP B 1426 -30.64 -60.01 -9.62
CA ASP B 1426 -29.27 -59.88 -10.15
C ASP B 1426 -29.21 -60.12 -11.65
N ASP B 1427 -30.20 -60.83 -12.20
CA ASP B 1427 -30.24 -61.12 -13.63
C ASP B 1427 -31.51 -60.57 -14.31
N ILE B 1428 -31.95 -59.37 -13.94
CA ILE B 1428 -33.01 -58.69 -14.69
C ILE B 1428 -32.53 -58.58 -16.12
N SER B 1429 -33.45 -58.70 -17.07
CA SER B 1429 -33.12 -58.48 -18.47
C SER B 1429 -33.09 -56.97 -18.73
N VAL B 1430 -32.31 -56.56 -19.73
CA VAL B 1430 -32.25 -55.14 -20.10
C VAL B 1430 -33.65 -54.58 -20.38
N GLU B 1431 -34.54 -55.43 -20.90
CA GLU B 1431 -35.94 -55.05 -21.15
C GLU B 1431 -36.69 -54.66 -19.89
N GLU B 1432 -36.75 -55.60 -18.95
CA GLU B 1432 -37.41 -55.42 -17.67
C GLU B 1432 -36.82 -54.24 -16.90
N ALA B 1433 -35.50 -54.12 -16.94
CA ALA B 1433 -34.82 -52.99 -16.33
C ALA B 1433 -35.38 -51.70 -16.91
N ARG B 1434 -35.21 -51.51 -18.22
CA ARG B 1434 -35.79 -50.37 -18.92
C ARG B 1434 -37.27 -50.19 -18.58
N ALA B 1435 -38.01 -51.29 -18.49
CA ALA B 1435 -39.42 -51.27 -18.10
C ALA B 1435 -39.59 -50.55 -16.75
N GLU B 1436 -38.94 -51.07 -15.71
CA GLU B 1436 -39.11 -50.50 -14.36
C GLU B 1436 -38.57 -49.07 -14.27
N ILE B 1437 -37.41 -48.82 -14.88
CA ILE B 1437 -36.81 -47.48 -14.83
C ILE B 1437 -37.72 -46.45 -15.52
N ALA B 1438 -38.38 -46.88 -16.60
CA ALA B 1438 -39.37 -46.06 -17.32
C ALA B 1438 -40.53 -45.69 -16.41
N LYS B 1439 -40.96 -46.64 -15.59
CA LYS B 1439 -42.08 -46.43 -14.67
C LYS B 1439 -41.74 -45.49 -13.51
N ILE B 1440 -40.47 -45.39 -13.15
CA ILE B 1440 -40.04 -44.41 -12.12
C ILE B 1440 -40.04 -43.01 -12.72
N GLU B 1441 -39.55 -42.87 -13.93
CA GLU B 1441 -39.66 -41.60 -14.66
C GLU B 1441 -41.12 -41.16 -14.72
N ALA B 1442 -42.02 -42.14 -14.92
CA ALA B 1442 -43.45 -41.91 -14.82
C ALA B 1442 -43.78 -41.25 -13.48
N LEU B 1443 -43.48 -41.96 -12.39
CA LEU B 1443 -43.76 -41.48 -11.03
C LEU B 1443 -42.97 -40.23 -10.63
N LYS B 1444 -41.93 -39.91 -11.39
CA LYS B 1444 -41.18 -38.68 -11.20
C LYS B 1444 -41.98 -37.49 -11.76
N ASN B 1445 -42.52 -37.67 -12.96
CA ASN B 1445 -43.36 -36.66 -13.60
C ASN B 1445 -44.81 -36.70 -13.11
CA CA C . -7.36 -33.00 31.37
CA CA D . 21.94 30.88 37.08
NA NA E . 21.02 18.36 33.11
C1 GOL F . 3.19 3.09 19.25
O1 GOL F . 3.16 1.67 19.27
C2 GOL F . 4.05 3.68 20.38
O2 GOL F . 4.34 5.03 20.08
C3 GOL F . 3.32 3.55 21.74
O3 GOL F . 4.14 3.14 22.82
CA CA G . 2.14 33.37 -42.37
CA CA H . -6.86 -32.39 -15.56
NA NA I . -9.10 -18.91 -16.91
C1 GOL J . -16.38 -1.23 -35.93
O1 GOL J . -16.32 -0.21 -36.91
C2 GOL J . -15.45 -2.41 -36.26
O2 GOL J . -14.10 -2.11 -35.90
C3 GOL J . -15.91 -3.70 -35.53
O3 GOL J . -15.68 -4.85 -36.31
#